data_5DBU
#
_entry.id   5DBU
#
_cell.length_a   192.816
_cell.length_b   107.134
_cell.length_c   180.966
_cell.angle_alpha   90.00
_cell.angle_beta   110.50
_cell.angle_gamma   90.00
#
_symmetry.space_group_name_H-M   'C 1 2 1'
#
loop_
_entity.id
_entity.type
_entity.pdbx_description
1 polymer 'Deoxyribose-phosphate aldolase'
2 water water
#
_entity_poly.entity_id   1
_entity_poly.type   'polypeptide(L)'
_entity_poly.pdbx_seq_one_letter_code
;GSHMKLNKYIDHTILKPETTQEQVEKILAEAKEYDFASVCVNPTWVALAAESLKDSDVKVCTVIGFPLGANTPAVKAFET
KDAISNGADEIDMVINIGALKTGNYDLVLEDIKAVVAASGDKLVKVIIEACLLTDDEKVKACQLSQEAGADYVKTSTGFS
TGGATVADVALMRKTVGPDMGVKASGGARSYEDAIAFIEAGASRIGASSGVAIMNGAQADGDY
;
_entity_poly.pdbx_strand_id   A,B,C,D,E,F,G,H,I,J,K,L,M
#
# COMPACT_ATOMS: atom_id res chain seq x y z
N MET A 4 9.39 37.09 -51.31
CA MET A 4 9.55 35.64 -51.32
C MET A 4 11.00 35.17 -51.30
N LYS A 5 11.19 33.88 -51.52
CA LYS A 5 12.50 33.24 -51.47
C LYS A 5 12.71 32.43 -52.73
N LEU A 6 13.93 31.96 -52.98
CA LEU A 6 14.20 31.19 -54.22
C LEU A 6 15.14 29.97 -54.23
N ASN A 7 16.37 30.15 -53.78
CA ASN A 7 17.35 29.06 -53.77
C ASN A 7 18.10 29.19 -52.48
N LYS A 8 17.58 30.07 -51.64
CA LYS A 8 18.18 30.34 -50.36
C LYS A 8 17.54 29.34 -49.42
N TYR A 9 17.04 28.26 -50.03
CA TYR A 9 16.53 27.10 -49.32
C TYR A 9 17.57 26.00 -49.35
N ILE A 10 18.72 26.23 -49.99
CA ILE A 10 19.62 25.13 -50.28
C ILE A 10 20.95 25.22 -49.57
N ASP A 11 21.26 24.16 -48.82
CA ASP A 11 22.56 23.90 -48.22
C ASP A 11 23.30 22.90 -49.08
N HIS A 12 24.36 23.39 -49.73
CA HIS A 12 25.15 22.61 -50.64
C HIS A 12 26.10 21.73 -49.83
N THR A 13 25.87 20.43 -49.89
CA THR A 13 26.45 19.49 -48.96
C THR A 13 27.44 18.49 -49.54
N ILE A 14 28.58 18.35 -48.89
CA ILE A 14 29.55 17.33 -49.25
C ILE A 14 30.10 16.75 -47.94
N LEU A 15 29.79 15.49 -47.67
CA LEU A 15 30.17 14.91 -46.37
C LEU A 15 30.78 13.53 -46.37
N LYS A 16 31.06 12.95 -47.53
CA LYS A 16 31.65 11.60 -47.58
C LYS A 16 32.99 11.69 -46.88
N PRO A 17 33.37 10.62 -46.16
CA PRO A 17 34.60 10.64 -45.37
C PRO A 17 35.85 10.79 -46.24
N GLU A 18 35.79 10.32 -47.50
CA GLU A 18 36.94 10.34 -48.39
C GLU A 18 36.98 11.61 -49.26
N THR A 19 36.16 12.61 -48.92
CA THR A 19 36.10 13.85 -49.68
C THR A 19 37.41 14.63 -49.55
N THR A 20 37.98 15.01 -50.68
CA THR A 20 39.24 15.75 -50.73
C THR A 20 39.05 17.26 -50.87
N GLN A 21 40.12 18.02 -50.69
CA GLN A 21 40.05 19.48 -50.72
C GLN A 21 39.58 20.04 -52.06
N GLU A 22 40.00 19.43 -53.16
CA GLU A 22 39.59 19.92 -54.47
C GLU A 22 38.08 19.76 -54.63
N GLN A 23 37.54 18.68 -54.07
CA GLN A 23 36.09 18.46 -54.10
C GLN A 23 35.34 19.51 -53.29
N VAL A 24 35.85 19.78 -52.09
CA VAL A 24 35.28 20.78 -51.22
C VAL A 24 35.29 22.13 -51.93
N GLU A 25 36.40 22.42 -52.59
CA GLU A 25 36.60 23.69 -53.30
C GLU A 25 35.68 23.81 -54.50
N LYS A 26 35.38 22.68 -55.14
CA LYS A 26 34.43 22.73 -56.23
C LYS A 26 33.05 22.98 -55.63
N ILE A 27 32.79 22.45 -54.44
CA ILE A 27 31.52 22.75 -53.79
C ILE A 27 31.39 24.23 -53.44
N LEU A 28 32.48 24.82 -52.93
CA LEU A 28 32.48 26.23 -52.58
C LEU A 28 32.28 27.10 -53.82
N ALA A 29 32.94 26.71 -54.91
CA ALA A 29 32.78 27.41 -56.17
C ALA A 29 31.31 27.43 -56.59
N GLU A 30 30.69 26.25 -56.60
CA GLU A 30 29.29 26.12 -57.00
C GLU A 30 28.35 26.93 -56.10
N ALA A 31 28.69 26.96 -54.81
CA ALA A 31 27.91 27.71 -53.85
C ALA A 31 27.96 29.21 -54.10
N LYS A 32 29.16 29.73 -54.38
CA LYS A 32 29.25 31.15 -54.70
C LYS A 32 28.55 31.43 -56.02
N GLU A 33 28.64 30.49 -56.95
CA GLU A 33 28.06 30.71 -58.27
C GLU A 33 26.53 30.79 -58.19
N TYR A 34 25.86 29.85 -57.54
CA TYR A 34 24.41 29.96 -57.49
C TYR A 34 23.89 30.58 -56.20
N ASP A 35 24.69 31.45 -55.59
CA ASP A 35 24.42 32.04 -54.28
C ASP A 35 23.50 31.18 -53.39
N PHE A 36 24.03 30.04 -52.94
CA PHE A 36 23.24 29.16 -52.08
C PHE A 36 23.14 29.68 -50.66
N ALA A 37 22.24 29.08 -49.87
CA ALA A 37 22.07 29.47 -48.49
C ALA A 37 23.37 29.20 -47.74
N SER A 38 23.92 28.00 -47.91
CA SER A 38 25.19 27.64 -47.26
C SER A 38 25.87 26.45 -47.93
N VAL A 39 27.11 26.17 -47.51
CA VAL A 39 27.72 24.87 -47.75
C VAL A 39 27.77 24.11 -46.44
N CYS A 40 27.59 22.80 -46.54
CA CYS A 40 27.70 21.95 -45.37
C CYS A 40 28.88 21.02 -45.57
N VAL A 41 29.86 21.16 -44.69
CA VAL A 41 31.03 20.31 -44.74
C VAL A 41 31.34 19.81 -43.34
N ASN A 42 32.12 18.75 -43.26
CA ASN A 42 32.59 18.27 -41.96
C ASN A 42 33.53 19.31 -41.33
N PRO A 43 33.67 19.28 -40.01
CA PRO A 43 34.48 20.27 -39.28
C PRO A 43 35.86 20.55 -39.90
N THR A 44 36.50 19.50 -40.41
CA THR A 44 37.86 19.61 -40.91
C THR A 44 37.97 20.62 -42.07
N TRP A 45 36.84 20.96 -42.69
CA TRP A 45 36.87 21.91 -43.80
C TRP A 45 36.30 23.28 -43.45
N VAL A 46 35.74 23.45 -42.25
CA VAL A 46 35.07 24.71 -41.92
C VAL A 46 35.98 25.92 -42.18
N ALA A 47 37.19 25.92 -41.61
CA ALA A 47 38.14 27.01 -41.81
C ALA A 47 38.31 27.29 -43.28
N LEU A 48 38.61 26.24 -44.04
CA LEU A 48 38.85 26.40 -45.46
C LEU A 48 37.63 27.03 -46.12
N ALA A 49 36.45 26.56 -45.73
CA ALA A 49 35.21 27.06 -46.31
C ALA A 49 35.02 28.53 -45.96
N ALA A 50 35.32 28.87 -44.71
CA ALA A 50 35.12 30.22 -44.21
C ALA A 50 35.88 31.20 -45.08
N GLU A 51 37.15 30.91 -45.30
CA GLU A 51 38.02 31.83 -46.00
C GLU A 51 37.65 31.88 -47.48
N SER A 52 37.00 30.83 -47.97
CA SER A 52 36.56 30.86 -49.36
C SER A 52 35.23 31.59 -49.50
N LEU A 53 34.46 31.62 -48.41
CA LEU A 53 33.08 32.11 -48.48
C LEU A 53 32.88 33.49 -47.83
N LYS A 54 33.94 34.06 -47.28
CA LYS A 54 33.94 35.47 -46.90
C LYS A 54 33.68 36.23 -48.19
N ASP A 55 33.02 37.38 -48.09
CA ASP A 55 32.72 38.24 -49.24
C ASP A 55 31.60 37.61 -50.06
N SER A 56 30.79 36.80 -49.41
CA SER A 56 29.58 36.24 -50.02
C SER A 56 28.51 36.11 -48.94
N ASP A 57 27.26 35.93 -49.34
CA ASP A 57 26.20 35.81 -48.33
C ASP A 57 25.96 34.32 -48.04
N VAL A 58 26.92 33.50 -48.46
CA VAL A 58 26.83 32.05 -48.30
C VAL A 58 27.46 31.65 -46.99
N LYS A 59 26.62 31.19 -46.05
CA LYS A 59 27.08 30.89 -44.71
C LYS A 59 27.84 29.57 -44.68
N VAL A 60 28.54 29.32 -43.57
CA VAL A 60 29.28 28.07 -43.44
C VAL A 60 28.57 27.18 -42.44
N CYS A 61 28.20 25.99 -42.89
CA CYS A 61 27.45 25.07 -42.05
C CYS A 61 28.28 23.82 -41.80
N THR A 62 28.23 23.31 -40.58
CA THR A 62 28.94 22.08 -40.29
C THR A 62 28.06 21.18 -39.45
N VAL A 63 28.53 19.96 -39.22
CA VAL A 63 27.72 18.95 -38.56
C VAL A 63 28.40 18.50 -37.29
N ILE A 64 27.61 18.26 -36.24
CA ILE A 64 28.13 17.96 -34.90
C ILE A 64 27.67 16.60 -34.37
N GLY A 65 28.62 15.82 -33.83
CA GLY A 65 28.33 14.48 -33.36
C GLY A 65 27.78 13.64 -34.49
N PHE A 66 28.38 13.80 -35.66
CA PHE A 66 27.84 13.31 -36.92
C PHE A 66 28.52 12.03 -37.39
N PRO A 67 27.73 11.08 -37.94
CA PRO A 67 26.28 11.10 -38.08
C PRO A 67 25.55 10.23 -37.07
N LEU A 68 26.22 9.73 -36.04
CA LEU A 68 25.63 8.75 -35.13
C LEU A 68 25.02 9.39 -33.87
N GLY A 69 25.46 10.61 -33.55
CA GLY A 69 24.95 11.36 -32.42
C GLY A 69 25.12 10.69 -31.08
N ALA A 70 26.11 9.80 -30.99
CA ALA A 70 26.31 9.00 -29.77
C ALA A 70 27.52 9.47 -28.99
N ASN A 71 27.87 10.73 -29.17
CA ASN A 71 28.94 11.34 -28.38
C ASN A 71 28.35 11.93 -27.10
N THR A 72 29.20 12.20 -26.12
CA THR A 72 28.73 12.80 -24.86
C THR A 72 28.37 14.27 -25.09
N PRO A 73 27.47 14.81 -24.25
CA PRO A 73 27.08 16.22 -24.40
C PRO A 73 28.27 17.20 -24.29
N ALA A 74 29.21 16.92 -23.38
CA ALA A 74 30.37 17.78 -23.24
C ALA A 74 31.15 17.85 -24.55
N VAL A 75 31.36 16.69 -25.16
CA VAL A 75 32.13 16.60 -26.39
C VAL A 75 31.42 17.34 -27.53
N LYS A 76 30.10 17.21 -27.56
CA LYS A 76 29.31 17.92 -28.56
C LYS A 76 29.43 19.42 -28.38
N ALA A 77 29.42 19.86 -27.12
CA ALA A 77 29.55 21.27 -26.81
C ALA A 77 30.91 21.82 -27.25
N PHE A 78 31.96 21.08 -26.94
CA PHE A 78 33.31 21.54 -27.29
C PHE A 78 33.50 21.56 -28.80
N GLU A 79 32.92 20.58 -29.51
CA GLU A 79 33.03 20.55 -30.96
C GLU A 79 32.24 21.71 -31.59
N THR A 80 31.13 22.12 -30.98
CA THR A 80 30.39 23.27 -31.49
C THR A 80 31.18 24.56 -31.24
N LYS A 81 31.85 24.65 -30.10
CA LYS A 81 32.62 25.86 -29.80
C LYS A 81 33.83 25.94 -30.71
N ASP A 82 34.37 24.77 -31.04
CA ASP A 82 35.51 24.70 -31.93
C ASP A 82 35.15 24.98 -33.37
N ALA A 83 33.99 24.50 -33.80
CA ALA A 83 33.57 24.73 -35.17
C ALA A 83 33.27 26.18 -35.36
N ILE A 84 32.65 26.78 -34.35
CA ILE A 84 32.28 28.19 -34.47
C ILE A 84 33.52 29.06 -34.45
N SER A 85 34.48 28.72 -33.60
CA SER A 85 35.71 29.49 -33.54
C SER A 85 36.53 29.32 -34.82
N ASN A 86 36.18 28.35 -35.65
CA ASN A 86 36.88 28.13 -36.92
C ASN A 86 36.23 28.80 -38.13
N GLY A 87 35.11 29.49 -37.93
CA GLY A 87 34.35 30.02 -39.06
C GLY A 87 32.90 29.63 -39.29
N ALA A 88 32.39 28.68 -38.52
CA ALA A 88 31.04 28.19 -38.74
C ALA A 88 29.97 29.23 -38.41
N ASP A 89 28.91 29.25 -39.20
CA ASP A 89 27.78 30.13 -38.91
C ASP A 89 26.52 29.33 -38.60
N GLU A 90 26.58 28.00 -38.79
CA GLU A 90 25.45 27.12 -38.51
C GLU A 90 25.92 25.74 -38.06
N ILE A 91 25.13 25.14 -37.17
CA ILE A 91 25.51 23.92 -36.52
C ILE A 91 24.41 22.88 -36.66
N ASP A 92 24.67 21.76 -37.33
CA ASP A 92 23.67 20.69 -37.34
C ASP A 92 24.13 19.54 -36.45
N MET A 93 23.51 19.42 -35.28
CA MET A 93 23.89 18.35 -34.38
C MET A 93 22.99 17.16 -34.63
N VAL A 94 23.50 15.96 -34.34
CA VAL A 94 22.65 14.78 -34.37
C VAL A 94 22.16 14.48 -32.96
N ILE A 95 20.86 14.30 -32.83
CA ILE A 95 20.24 13.94 -31.57
C ILE A 95 20.84 12.62 -31.06
N ASN A 96 20.85 12.44 -29.74
CA ASN A 96 21.30 11.17 -29.19
C ASN A 96 20.21 10.14 -29.39
N ILE A 97 20.21 9.51 -30.56
CA ILE A 97 19.19 8.57 -30.95
C ILE A 97 19.06 7.41 -29.95
N GLY A 98 20.18 6.88 -29.49
CA GLY A 98 20.13 5.77 -28.55
C GLY A 98 19.40 6.11 -27.27
N ALA A 99 19.69 7.30 -26.74
CA ALA A 99 19.06 7.77 -25.53
C ALA A 99 17.56 7.96 -25.77
N LEU A 100 17.20 8.54 -26.92
CA LEU A 100 15.79 8.76 -27.24
C LEU A 100 15.05 7.44 -27.36
N LYS A 101 15.75 6.42 -27.86
CA LYS A 101 15.17 5.09 -28.03
C LYS A 101 15.01 4.32 -26.71
N THR A 102 15.91 4.57 -25.77
CA THR A 102 15.81 3.97 -24.44
C THR A 102 14.61 4.54 -23.68
N GLY A 103 14.45 5.86 -23.78
CA GLY A 103 13.46 6.61 -23.03
C GLY A 103 14.08 7.70 -22.18
N ASN A 104 15.31 8.04 -22.52
CA ASN A 104 16.14 8.89 -21.68
C ASN A 104 15.98 10.37 -22.01
N TYR A 105 14.74 10.81 -22.19
CA TYR A 105 14.44 12.19 -22.57
C TYR A 105 15.30 13.22 -21.83
N ASP A 106 15.61 12.96 -20.56
CA ASP A 106 16.47 13.87 -19.79
C ASP A 106 17.82 14.05 -20.47
N LEU A 107 18.45 12.94 -20.84
CA LEU A 107 19.78 13.00 -21.45
C LEU A 107 19.69 13.60 -22.84
N VAL A 108 18.65 13.25 -23.58
CA VAL A 108 18.46 13.82 -24.91
C VAL A 108 18.38 15.34 -24.84
N LEU A 109 17.62 15.85 -23.88
CA LEU A 109 17.42 17.28 -23.72
C LEU A 109 18.69 17.98 -23.23
N GLU A 110 19.37 17.36 -22.26
CA GLU A 110 20.66 17.83 -21.74
C GLU A 110 21.68 17.95 -22.88
N ASP A 111 21.62 16.96 -23.78
CA ASP A 111 22.45 16.84 -24.96
C ASP A 111 22.29 18.04 -25.89
N ILE A 112 21.06 18.31 -26.32
CA ILE A 112 20.80 19.42 -27.22
C ILE A 112 21.12 20.76 -26.55
N LYS A 113 20.77 20.88 -25.27
CA LYS A 113 20.99 22.12 -24.54
C LYS A 113 22.46 22.44 -24.37
N ALA A 114 23.32 21.42 -24.23
CA ALA A 114 24.76 21.68 -24.16
C ALA A 114 25.26 22.34 -25.46
N VAL A 115 24.74 21.85 -26.59
CA VAL A 115 25.13 22.36 -27.90
C VAL A 115 24.61 23.77 -28.09
N VAL A 116 23.37 24.01 -27.68
CA VAL A 116 22.78 25.34 -27.79
C VAL A 116 23.49 26.34 -26.86
N ALA A 117 23.89 25.86 -25.70
CA ALA A 117 24.60 26.70 -24.74
C ALA A 117 25.96 27.09 -25.28
N ALA A 118 26.57 26.21 -26.08
CA ALA A 118 27.86 26.56 -26.66
C ALA A 118 27.72 27.23 -28.02
N SER A 119 26.48 27.30 -28.51
CA SER A 119 26.14 27.86 -29.82
C SER A 119 26.61 29.30 -30.03
N GLY A 120 26.49 30.13 -29.00
CA GLY A 120 26.72 31.56 -29.14
C GLY A 120 25.53 32.27 -29.78
N ASP A 121 25.77 33.07 -30.81
CA ASP A 121 24.65 33.67 -31.54
C ASP A 121 24.38 32.94 -32.85
N LYS A 122 24.61 31.64 -32.84
CA LYS A 122 24.73 30.93 -34.12
C LYS A 122 23.53 30.02 -34.30
N LEU A 123 23.20 29.72 -35.55
CA LEU A 123 22.02 28.93 -35.85
C LEU A 123 22.27 27.44 -35.51
N VAL A 124 21.33 26.80 -34.80
CA VAL A 124 21.49 25.39 -34.47
C VAL A 124 20.38 24.51 -35.04
N LYS A 125 20.74 23.53 -35.86
CA LYS A 125 19.76 22.57 -36.33
C LYS A 125 19.96 21.22 -35.63
N VAL A 126 18.85 20.56 -35.30
CA VAL A 126 18.92 19.24 -34.69
C VAL A 126 18.42 18.20 -35.68
N ILE A 127 19.32 17.27 -36.01
CA ILE A 127 18.98 16.16 -36.88
C ILE A 127 18.34 15.05 -36.06
N ILE A 128 17.13 14.67 -36.42
CA ILE A 128 16.40 13.63 -35.69
C ILE A 128 16.68 12.27 -36.32
N GLU A 129 16.79 12.27 -37.65
CA GLU A 129 17.01 11.09 -38.47
C GLU A 129 15.77 10.25 -38.42
N ALA A 130 14.68 10.86 -38.86
CA ALA A 130 13.36 10.25 -38.88
C ALA A 130 13.25 8.78 -39.30
N CYS A 131 14.24 8.23 -40.00
CA CYS A 131 14.07 6.88 -40.55
C CYS A 131 14.32 5.78 -39.50
N LEU A 132 14.94 6.14 -38.38
CA LEU A 132 15.12 5.19 -37.29
C LEU A 132 14.06 5.32 -36.19
N LEU A 133 13.09 6.20 -36.39
CA LEU A 133 12.12 6.50 -35.35
C LEU A 133 10.71 6.07 -35.68
N THR A 134 9.88 5.87 -34.66
CA THR A 134 8.43 5.81 -34.85
C THR A 134 7.91 7.22 -35.08
N ASP A 135 6.65 7.33 -35.52
CA ASP A 135 6.05 8.64 -35.74
C ASP A 135 6.05 9.45 -34.44
N ASP A 136 5.65 8.77 -33.37
CA ASP A 136 5.62 9.36 -32.04
C ASP A 136 7.01 9.82 -31.59
N GLU A 137 8.03 9.07 -31.96
CA GLU A 137 9.40 9.47 -31.62
C GLU A 137 9.88 10.67 -32.44
N LYS A 138 9.37 10.83 -33.66
CA LYS A 138 9.64 12.02 -34.45
C LYS A 138 9.05 13.22 -33.73
N VAL A 139 7.79 13.10 -33.35
CA VAL A 139 7.14 14.17 -32.61
C VAL A 139 7.91 14.51 -31.33
N LYS A 140 8.28 13.49 -30.58
CA LYS A 140 8.94 13.73 -29.31
C LYS A 140 10.31 14.36 -29.53
N ALA A 141 11.00 13.96 -30.59
CA ALA A 141 12.28 14.55 -30.94
C ALA A 141 12.15 16.04 -31.28
N CYS A 142 11.13 16.38 -32.06
CA CYS A 142 10.95 17.79 -32.42
C CYS A 142 10.64 18.60 -31.18
N GLN A 143 9.74 18.08 -30.34
CA GLN A 143 9.40 18.78 -29.10
C GLN A 143 10.61 18.96 -28.20
N LEU A 144 11.43 17.93 -28.10
CA LEU A 144 12.62 18.01 -27.26
C LEU A 144 13.64 18.99 -27.81
N SER A 145 13.75 19.07 -29.12
CA SER A 145 14.71 19.98 -29.70
C SER A 145 14.25 21.41 -29.54
N GLN A 146 12.93 21.59 -29.49
CA GLN A 146 12.42 22.94 -29.39
C GLN A 146 12.40 23.38 -27.93
N GLU A 147 12.31 22.42 -27.02
CA GLU A 147 12.32 22.74 -25.60
C GLU A 147 13.71 23.20 -25.21
N ALA A 148 14.73 22.48 -25.71
CA ALA A 148 16.12 22.91 -25.61
C ALA A 148 16.43 24.26 -26.28
N GLY A 149 15.42 24.84 -26.92
CA GLY A 149 15.58 26.13 -27.57
C GLY A 149 16.54 26.10 -28.74
N ALA A 150 16.28 25.23 -29.72
CA ALA A 150 17.05 25.23 -30.95
C ALA A 150 16.26 25.90 -32.07
N ASP A 151 16.86 25.99 -33.24
CA ASP A 151 16.39 26.94 -34.25
C ASP A 151 15.78 26.20 -35.42
N TYR A 152 16.19 24.95 -35.56
CA TYR A 152 15.74 24.06 -36.62
C TYR A 152 15.65 22.62 -36.17
N VAL A 153 14.85 21.84 -36.91
CA VAL A 153 14.86 20.38 -36.82
C VAL A 153 15.11 19.84 -38.22
N LYS A 154 15.99 18.84 -38.33
CA LYS A 154 16.41 18.33 -39.63
C LYS A 154 16.06 16.85 -39.73
N THR A 155 15.64 16.40 -40.90
CA THR A 155 15.10 15.05 -40.99
C THR A 155 16.13 13.93 -41.05
N SER A 156 17.35 14.19 -41.45
CA SER A 156 18.23 13.08 -41.81
C SER A 156 19.70 13.41 -41.79
N THR A 157 20.55 12.41 -41.54
CA THR A 157 21.98 12.63 -41.71
C THR A 157 22.45 12.20 -43.09
N GLY A 158 21.54 11.74 -43.93
CA GLY A 158 21.92 11.08 -45.17
C GLY A 158 22.95 9.94 -45.11
N PHE A 159 23.18 9.41 -43.92
CA PHE A 159 24.10 8.28 -43.74
C PHE A 159 23.38 7.07 -43.15
N SER A 160 22.06 7.11 -43.16
CA SER A 160 21.24 5.99 -42.70
C SER A 160 20.35 5.44 -43.82
N THR A 161 19.32 4.68 -43.44
CA THR A 161 18.57 3.91 -44.42
C THR A 161 17.65 4.76 -45.31
N GLY A 162 17.20 5.89 -44.77
CA GLY A 162 16.28 6.74 -45.51
C GLY A 162 16.54 8.22 -45.32
N GLY A 163 16.02 9.02 -46.23
CA GLY A 163 16.14 10.46 -46.12
C GLY A 163 14.78 11.06 -45.85
N ALA A 164 14.62 12.33 -46.21
CA ALA A 164 13.38 13.04 -45.96
C ALA A 164 12.24 12.44 -46.76
N THR A 165 11.11 12.28 -46.09
CA THR A 165 9.87 11.91 -46.78
C THR A 165 8.96 13.09 -46.57
N VAL A 166 8.03 13.29 -47.50
CA VAL A 166 7.15 14.43 -47.39
C VAL A 166 6.29 14.31 -46.12
N ALA A 167 5.84 13.11 -45.80
CA ALA A 167 5.01 12.90 -44.62
C ALA A 167 5.74 13.27 -43.34
N ASP A 168 7.02 12.91 -43.25
CA ASP A 168 7.83 13.25 -42.09
C ASP A 168 8.06 14.77 -42.00
N VAL A 169 8.31 15.41 -43.14
CA VAL A 169 8.48 16.85 -43.13
C VAL A 169 7.21 17.51 -42.62
N ALA A 170 6.07 17.05 -43.12
CA ALA A 170 4.77 17.60 -42.69
C ALA A 170 4.54 17.41 -41.20
N LEU A 171 4.81 16.21 -40.70
CA LEU A 171 4.62 15.91 -39.29
C LEU A 171 5.50 16.78 -38.42
N MET A 172 6.75 16.96 -38.85
CA MET A 172 7.66 17.80 -38.11
C MET A 172 7.16 19.25 -38.10
N ARG A 173 6.68 19.74 -39.23
CA ARG A 173 6.15 21.11 -39.30
C ARG A 173 4.88 21.32 -38.44
N LYS A 174 3.96 20.35 -38.47
CA LYS A 174 2.78 20.40 -37.62
C LYS A 174 3.19 20.41 -36.16
N THR A 175 4.22 19.64 -35.84
CA THR A 175 4.66 19.50 -34.47
C THR A 175 5.33 20.75 -33.95
N VAL A 176 6.21 21.34 -34.75
CA VAL A 176 7.12 22.33 -34.23
C VAL A 176 6.67 23.74 -34.49
N GLY A 177 5.69 23.89 -35.36
CA GLY A 177 5.13 25.19 -35.59
C GLY A 177 5.81 25.87 -36.73
N PRO A 178 5.30 27.13 -37.06
CA PRO A 178 5.93 27.73 -38.23
C PRO A 178 7.02 28.71 -37.90
N ASP A 179 7.45 28.77 -36.65
CA ASP A 179 8.46 29.74 -36.28
C ASP A 179 9.81 29.12 -35.97
N MET A 180 9.85 27.81 -35.93
CA MET A 180 11.09 27.05 -35.88
C MET A 180 11.19 26.39 -37.25
N GLY A 181 12.40 26.15 -37.76
CA GLY A 181 12.46 25.68 -39.13
C GLY A 181 12.48 24.17 -39.27
N VAL A 182 12.32 23.68 -40.49
CA VAL A 182 12.44 22.24 -40.73
C VAL A 182 13.20 22.09 -42.04
N LYS A 183 14.31 21.37 -41.96
CA LYS A 183 15.17 21.16 -43.11
C LYS A 183 15.02 19.75 -43.63
N ALA A 184 14.64 19.62 -44.90
CA ALA A 184 14.57 18.31 -45.52
C ALA A 184 15.96 17.99 -46.02
N SER A 185 16.57 16.96 -45.44
CA SER A 185 17.95 16.64 -45.79
C SER A 185 18.25 15.23 -46.28
N GLY A 186 17.51 14.74 -47.26
CA GLY A 186 17.83 13.43 -47.78
C GLY A 186 17.19 13.06 -49.10
N GLY A 187 18.01 12.49 -49.98
CA GLY A 187 17.57 12.01 -51.28
C GLY A 187 16.62 12.88 -52.07
N ALA A 188 16.65 14.19 -51.88
CA ALA A 188 16.00 15.05 -52.84
C ALA A 188 17.03 15.48 -53.87
N ARG A 189 16.86 15.02 -55.09
CA ARG A 189 17.84 15.23 -56.12
C ARG A 189 17.32 15.88 -57.37
N SER A 190 16.15 16.48 -57.31
CA SER A 190 15.61 17.06 -58.52
C SER A 190 14.65 18.17 -58.07
N TYR A 191 14.30 19.05 -59.01
CA TYR A 191 13.56 20.26 -58.69
C TYR A 191 12.21 20.00 -58.06
N GLU A 192 11.51 18.99 -58.56
CA GLU A 192 10.16 18.73 -58.08
C GLU A 192 10.22 18.16 -56.67
N ASP A 193 11.35 17.55 -56.32
CA ASP A 193 11.59 17.00 -54.99
C ASP A 193 11.65 18.16 -54.01
N ALA A 194 12.39 19.18 -54.44
CA ALA A 194 12.59 20.36 -53.64
C ALA A 194 11.28 21.09 -53.41
N ILE A 195 10.51 21.33 -54.47
CA ILE A 195 9.26 22.04 -54.28
C ILE A 195 8.27 21.16 -53.49
N ALA A 196 8.36 19.84 -53.67
CA ALA A 196 7.53 18.91 -52.91
C ALA A 196 7.79 19.06 -51.42
N PHE A 197 9.07 19.21 -51.06
CA PHE A 197 9.47 19.43 -49.68
C PHE A 197 9.12 20.82 -49.17
N ILE A 198 9.18 21.82 -50.03
CA ILE A 198 8.88 23.19 -49.64
C ILE A 198 7.37 23.35 -49.40
N GLU A 199 6.58 22.73 -50.29
CA GLU A 199 5.13 22.72 -50.18
C GLU A 199 4.69 21.84 -48.99
N ALA A 200 5.61 21.03 -48.52
CA ALA A 200 5.36 20.18 -47.38
C ALA A 200 5.57 20.89 -46.09
N GLY A 201 6.43 21.89 -46.09
CA GLY A 201 6.62 22.69 -44.90
C GLY A 201 8.05 23.06 -44.64
N ALA A 202 8.89 22.76 -45.60
CA ALA A 202 10.32 22.90 -45.43
C ALA A 202 10.86 24.27 -45.78
N SER A 203 11.47 24.94 -44.80
CA SER A 203 12.27 26.14 -45.02
C SER A 203 13.71 25.95 -45.53
N ARG A 204 14.31 24.80 -45.27
CA ARG A 204 15.64 24.53 -45.81
C ARG A 204 15.74 23.12 -46.43
N ILE A 205 16.71 22.97 -47.31
CA ILE A 205 16.97 21.70 -47.97
C ILE A 205 18.45 21.39 -47.94
N GLY A 206 18.84 20.20 -47.50
CA GLY A 206 20.23 19.81 -47.60
C GLY A 206 20.30 19.01 -48.87
N ALA A 207 21.33 19.26 -49.69
CA ALA A 207 21.65 18.36 -50.81
C ALA A 207 22.95 18.71 -51.50
N SER A 208 23.49 17.70 -52.17
CA SER A 208 24.59 17.84 -53.12
C SER A 208 24.09 18.22 -54.53
N SER A 209 22.80 18.49 -54.69
CA SER A 209 22.32 18.80 -56.03
C SER A 209 21.72 20.20 -56.13
N GLY A 210 22.51 21.17 -55.69
CA GLY A 210 22.36 22.55 -56.09
C GLY A 210 21.83 22.81 -57.48
N VAL A 211 22.35 22.09 -58.45
CA VAL A 211 21.91 22.26 -59.83
C VAL A 211 20.57 21.51 -60.04
N ALA A 212 19.50 22.16 -59.59
CA ALA A 212 18.16 21.57 -59.56
C ALA A 212 17.21 22.46 -60.37
N ILE A 213 16.81 21.97 -61.56
CA ILE A 213 16.34 22.73 -62.74
C ILE A 213 17.26 23.89 -63.13
N MET A 214 17.98 24.41 -62.15
CA MET A 214 18.96 25.46 -62.34
C MET A 214 20.32 24.89 -62.76
N MET B 4 41.20 -23.69 -27.44
CA MET B 4 42.48 -23.47 -28.11
C MET B 4 42.85 -22.00 -28.58
N LYS B 5 42.09 -20.89 -28.41
CA LYS B 5 40.86 -20.56 -27.67
C LYS B 5 40.72 -19.02 -27.65
N LEU B 6 39.86 -18.47 -28.51
CA LEU B 6 39.91 -17.05 -28.95
C LEU B 6 39.24 -15.93 -28.15
N ASN B 7 38.79 -16.19 -26.93
CA ASN B 7 38.03 -15.13 -26.25
C ASN B 7 38.85 -13.86 -26.02
N LYS B 8 40.15 -13.99 -25.78
CA LYS B 8 40.95 -12.79 -25.53
C LYS B 8 41.46 -12.12 -26.80
N TYR B 9 40.87 -12.46 -27.95
CA TYR B 9 41.16 -11.74 -29.19
C TYR B 9 40.01 -10.84 -29.59
N ILE B 10 38.98 -10.81 -28.76
CA ILE B 10 37.69 -10.28 -29.19
C ILE B 10 37.26 -9.03 -28.46
N ASP B 11 36.96 -8.00 -29.25
CA ASP B 11 36.28 -6.80 -28.75
C ASP B 11 34.79 -6.94 -29.09
N HIS B 12 33.98 -7.16 -28.07
CA HIS B 12 32.56 -7.39 -28.28
C HIS B 12 31.92 -6.05 -28.52
N THR B 13 31.47 -5.87 -29.77
CA THR B 13 31.14 -4.56 -30.30
C THR B 13 29.67 -4.35 -30.63
N ILE B 14 29.16 -3.18 -30.23
CA ILE B 14 27.85 -2.71 -30.64
C ILE B 14 27.96 -1.18 -30.87
N LEU B 15 27.76 -0.73 -32.11
CA LEU B 15 28.00 0.68 -32.40
C LEU B 15 26.91 1.38 -33.20
N LYS B 16 25.83 0.67 -33.51
CA LYS B 16 24.77 1.25 -34.33
C LYS B 16 24.10 2.42 -33.61
N PRO B 17 23.65 3.43 -34.38
CA PRO B 17 23.15 4.68 -33.79
C PRO B 17 21.92 4.47 -32.92
N GLU B 18 21.11 3.47 -33.25
CA GLU B 18 19.84 3.23 -32.58
C GLU B 18 19.98 2.26 -31.40
N THR B 19 21.21 1.99 -31.00
CA THR B 19 21.45 1.03 -29.92
C THR B 19 20.90 1.54 -28.58
N THR B 20 20.10 0.71 -27.92
CA THR B 20 19.50 1.03 -26.63
C THR B 20 20.31 0.48 -25.46
N GLN B 21 19.98 0.94 -24.25
CA GLN B 21 20.71 0.52 -23.06
C GLN B 21 20.60 -0.98 -22.83
N GLU B 22 19.44 -1.55 -23.11
CA GLU B 22 19.27 -2.98 -22.90
C GLU B 22 20.20 -3.80 -23.79
N GLN B 23 20.39 -3.33 -25.02
CA GLN B 23 21.29 -4.00 -25.95
C GLN B 23 22.75 -3.94 -25.49
N VAL B 24 23.20 -2.76 -25.04
CA VAL B 24 24.55 -2.62 -24.51
C VAL B 24 24.72 -3.48 -23.25
N GLU B 25 23.70 -3.53 -22.40
CA GLU B 25 23.79 -4.31 -21.17
C GLU B 25 23.86 -5.79 -21.48
N LYS B 26 23.22 -6.19 -22.58
CA LYS B 26 23.34 -7.58 -22.98
C LYS B 26 24.75 -7.84 -23.53
N ILE B 27 25.30 -6.87 -24.25
CA ILE B 27 26.67 -7.00 -24.76
C ILE B 27 27.66 -7.11 -23.58
N LEU B 28 27.43 -6.31 -22.54
CA LEU B 28 28.25 -6.35 -21.35
C LEU B 28 28.12 -7.71 -20.64
N ALA B 29 26.89 -8.21 -20.55
CA ALA B 29 26.65 -9.50 -19.93
C ALA B 29 27.43 -10.60 -20.65
N GLU B 30 27.31 -10.65 -21.97
CA GLU B 30 28.00 -11.67 -22.75
C GLU B 30 29.52 -11.52 -22.64
N ALA B 31 30.00 -10.27 -22.53
CA ALA B 31 31.43 -10.02 -22.39
C ALA B 31 31.95 -10.57 -21.07
N LYS B 32 31.18 -10.39 -19.99
CA LYS B 32 31.57 -10.96 -18.71
C LYS B 32 31.51 -12.48 -18.81
N GLU B 33 30.53 -12.96 -19.56
CA GLU B 33 30.31 -14.40 -19.65
C GLU B 33 31.43 -15.15 -20.35
N TYR B 34 31.86 -14.69 -21.53
CA TYR B 34 32.89 -15.46 -22.23
C TYR B 34 34.30 -14.89 -22.01
N ASP B 35 34.44 -14.09 -20.95
CA ASP B 35 35.66 -13.32 -20.67
C ASP B 35 36.33 -12.77 -21.94
N PHE B 36 35.67 -11.83 -22.60
CA PHE B 36 36.21 -11.23 -23.81
C PHE B 36 37.32 -10.23 -23.46
N ALA B 37 38.05 -9.79 -24.49
CA ALA B 37 39.13 -8.82 -24.29
C ALA B 37 38.58 -7.50 -23.79
N SER B 38 37.55 -7.00 -24.48
CA SER B 38 36.90 -5.74 -24.11
C SER B 38 35.51 -5.63 -24.76
N VAL B 39 34.76 -4.61 -24.39
CA VAL B 39 33.59 -4.21 -25.16
C VAL B 39 33.88 -2.92 -25.89
N CYS B 40 33.30 -2.77 -27.07
CA CYS B 40 33.44 -1.53 -27.83
C CYS B 40 32.09 -0.84 -28.02
N VAL B 41 31.93 0.34 -27.41
CA VAL B 41 30.70 1.08 -27.52
C VAL B 41 30.99 2.55 -27.81
N ASN B 42 29.98 3.27 -28.28
CA ASN B 42 30.09 4.71 -28.47
C ASN B 42 30.26 5.44 -27.14
N PRO B 43 30.86 6.63 -27.14
CA PRO B 43 31.16 7.37 -25.91
C PRO B 43 29.98 7.48 -24.92
N THR B 44 28.76 7.62 -25.40
CA THR B 44 27.62 7.83 -24.49
C THR B 44 27.39 6.63 -23.53
N TRP B 45 27.95 5.48 -23.88
CA TRP B 45 27.75 4.28 -23.07
C TRP B 45 28.99 3.92 -22.25
N VAL B 46 30.07 4.67 -22.43
CA VAL B 46 31.30 4.35 -21.72
C VAL B 46 31.08 4.30 -20.19
N ALA B 47 30.50 5.32 -19.57
CA ALA B 47 30.27 5.30 -18.12
C ALA B 47 29.60 4.01 -17.66
N LEU B 48 28.48 3.69 -18.30
CA LEU B 48 27.71 2.50 -17.94
C LEU B 48 28.56 1.23 -18.07
N ALA B 49 29.30 1.13 -19.18
CA ALA B 49 30.12 -0.05 -19.45
C ALA B 49 31.21 -0.18 -18.41
N ALA B 50 31.77 0.97 -18.06
CA ALA B 50 32.85 1.09 -17.10
C ALA B 50 32.36 0.52 -15.77
N GLU B 51 31.19 0.96 -15.34
CA GLU B 51 30.67 0.54 -14.05
C GLU B 51 30.18 -0.91 -14.07
N SER B 52 29.83 -1.39 -15.24
CA SER B 52 29.41 -2.79 -15.33
C SER B 52 30.60 -3.72 -15.38
N LEU B 53 31.73 -3.23 -15.86
CA LEU B 53 32.89 -4.07 -16.16
C LEU B 53 33.93 -3.92 -15.07
N LYS B 54 33.56 -3.11 -14.09
CA LYS B 54 34.24 -3.04 -12.82
C LYS B 54 34.29 -4.44 -12.23
N ASP B 55 35.43 -4.83 -11.67
CA ASP B 55 35.60 -6.15 -11.06
C ASP B 55 35.67 -7.24 -12.11
N SER B 56 36.15 -6.90 -13.31
CA SER B 56 36.27 -7.92 -14.35
C SER B 56 37.51 -7.77 -15.21
N ASP B 57 37.78 -8.82 -16.00
CA ASP B 57 38.93 -8.88 -16.87
C ASP B 57 38.64 -8.31 -18.26
N VAL B 58 37.47 -7.66 -18.38
CA VAL B 58 37.00 -7.05 -19.62
C VAL B 58 37.21 -5.54 -19.64
N LYS B 59 38.08 -5.05 -20.50
CA LYS B 59 38.36 -3.61 -20.58
C LYS B 59 37.27 -2.85 -21.36
N VAL B 60 37.29 -1.53 -21.28
CA VAL B 60 36.28 -0.75 -21.98
C VAL B 60 36.90 -0.03 -23.16
N CYS B 61 36.35 -0.27 -24.35
CA CYS B 61 36.86 0.34 -25.56
C CYS B 61 35.79 1.24 -26.13
N THR B 62 36.18 2.42 -26.61
CA THR B 62 35.23 3.32 -27.27
C THR B 62 35.87 3.92 -28.52
N VAL B 63 35.09 4.66 -29.30
CA VAL B 63 35.59 5.16 -30.56
C VAL B 63 35.56 6.69 -30.67
N ILE B 64 36.58 7.24 -31.31
CA ILE B 64 36.77 8.68 -31.40
C ILE B 64 36.80 9.12 -32.87
N GLY B 65 36.08 10.19 -33.18
CA GLY B 65 35.91 10.68 -34.54
C GLY B 65 35.26 9.64 -35.43
N PHE B 66 34.26 8.96 -34.86
CA PHE B 66 33.68 7.77 -35.45
C PHE B 66 32.35 8.09 -36.10
N PRO B 67 32.11 7.52 -37.29
CA PRO B 67 33.03 6.69 -38.07
C PRO B 67 33.69 7.40 -39.27
N LEU B 68 33.58 8.71 -39.39
CA LEU B 68 34.07 9.40 -40.59
C LEU B 68 35.46 9.98 -40.43
N GLY B 69 35.87 10.19 -39.17
CA GLY B 69 37.17 10.72 -38.84
C GLY B 69 37.44 12.12 -39.37
N ALA B 70 36.38 12.88 -39.62
CA ALA B 70 36.52 14.21 -40.24
C ALA B 70 36.35 15.35 -39.24
N ASN B 71 36.62 15.07 -37.97
CA ASN B 71 36.61 16.09 -36.95
C ASN B 71 37.99 16.75 -36.84
N THR B 72 38.06 17.90 -36.16
CA THR B 72 39.32 18.59 -35.92
C THR B 72 40.18 17.86 -34.89
N PRO B 73 41.50 18.04 -34.93
CA PRO B 73 42.36 17.38 -33.93
C PRO B 73 42.01 17.75 -32.49
N ALA B 74 41.65 19.02 -32.26
CA ALA B 74 41.30 19.48 -30.93
C ALA B 74 40.12 18.71 -30.34
N VAL B 75 39.08 18.53 -31.15
CA VAL B 75 37.91 17.84 -30.68
C VAL B 75 38.21 16.34 -30.47
N LYS B 76 39.02 15.74 -31.34
CA LYS B 76 39.39 14.33 -31.15
C LYS B 76 40.16 14.11 -29.84
N ALA B 77 41.10 15.01 -29.55
CA ALA B 77 41.88 14.95 -28.30
C ALA B 77 40.94 15.11 -27.11
N PHE B 78 40.02 16.06 -27.22
CA PHE B 78 39.07 16.28 -26.15
C PHE B 78 38.15 15.09 -25.91
N GLU B 79 37.70 14.46 -27.00
CA GLU B 79 36.80 13.33 -26.91
C GLU B 79 37.51 12.14 -26.30
N THR B 80 38.80 12.00 -26.59
CA THR B 80 39.57 10.93 -25.99
C THR B 80 39.75 11.19 -24.51
N LYS B 81 39.98 12.46 -24.16
CA LYS B 81 40.25 12.78 -22.77
C LYS B 81 38.98 12.63 -21.94
N ASP B 82 37.84 12.91 -22.57
CA ASP B 82 36.54 12.72 -21.96
C ASP B 82 36.16 11.25 -21.83
N ALA B 83 36.54 10.46 -22.83
CA ALA B 83 36.20 9.06 -22.79
C ALA B 83 36.99 8.38 -21.69
N ILE B 84 38.24 8.76 -21.55
CA ILE B 84 39.08 8.17 -20.51
C ILE B 84 38.61 8.66 -19.14
N SER B 85 38.21 9.92 -19.09
CA SER B 85 37.67 10.47 -17.86
C SER B 85 36.33 9.83 -17.47
N ASN B 86 35.70 9.11 -18.40
CA ASN B 86 34.43 8.44 -18.11
C ASN B 86 34.59 6.97 -17.72
N GLY B 87 35.82 6.45 -17.79
CA GLY B 87 36.02 5.01 -17.72
C GLY B 87 36.71 4.24 -18.84
N ALA B 88 37.06 4.90 -19.93
CA ALA B 88 37.67 4.19 -21.05
C ALA B 88 39.07 3.64 -20.76
N ASP B 89 39.36 2.46 -21.30
CA ASP B 89 40.68 1.83 -21.16
C ASP B 89 41.40 1.71 -22.50
N GLU B 90 40.63 1.82 -23.60
CA GLU B 90 41.17 1.74 -24.96
C GLU B 90 40.40 2.64 -25.91
N ILE B 91 41.11 3.20 -26.86
CA ILE B 91 40.57 4.20 -27.76
C ILE B 91 40.81 3.85 -29.23
N ASP B 92 39.73 3.66 -29.98
CA ASP B 92 39.87 3.50 -31.42
C ASP B 92 39.47 4.78 -32.10
N MET B 93 40.45 5.51 -32.60
CA MET B 93 40.18 6.75 -33.32
C MET B 93 40.12 6.47 -34.81
N VAL B 94 39.36 7.28 -35.53
CA VAL B 94 39.37 7.17 -36.99
C VAL B 94 40.33 8.19 -37.59
N ILE B 95 41.20 7.71 -38.47
CA ILE B 95 42.10 8.57 -39.23
C ILE B 95 41.34 9.59 -40.07
N ASN B 96 41.96 10.72 -40.34
CA ASN B 96 41.37 11.71 -41.23
C ASN B 96 41.50 11.24 -42.66
N ILE B 97 40.55 10.41 -43.09
CA ILE B 97 40.59 9.78 -44.41
C ILE B 97 40.69 10.81 -45.55
N GLY B 98 39.91 11.88 -45.43
CA GLY B 98 39.93 12.96 -46.43
C GLY B 98 41.29 13.65 -46.56
N ALA B 99 41.95 13.90 -45.43
CA ALA B 99 43.27 14.51 -45.45
C ALA B 99 44.30 13.58 -46.07
N LEU B 100 44.22 12.30 -45.70
CA LEU B 100 45.13 11.29 -46.24
C LEU B 100 44.92 11.19 -47.75
N LYS B 101 43.69 11.39 -48.18
CA LYS B 101 43.36 11.34 -49.60
C LYS B 101 43.80 12.59 -50.34
N THR B 102 43.81 13.73 -49.65
CA THR B 102 44.28 14.95 -50.29
C THR B 102 45.78 14.85 -50.51
N GLY B 103 46.49 14.41 -49.48
CA GLY B 103 47.94 14.42 -49.47
C GLY B 103 48.49 15.21 -48.31
N ASN B 104 47.64 15.41 -47.31
CA ASN B 104 47.89 16.28 -46.19
C ASN B 104 48.52 15.51 -45.04
N TYR B 105 49.50 14.66 -45.33
CA TYR B 105 50.12 13.82 -44.32
C TYR B 105 50.44 14.54 -43.00
N ASP B 106 50.78 15.82 -43.08
CA ASP B 106 51.03 16.61 -41.88
C ASP B 106 49.81 16.69 -40.96
N LEU B 107 48.62 16.94 -41.51
CA LEU B 107 47.40 17.06 -40.71
C LEU B 107 46.99 15.71 -40.13
N VAL B 108 47.16 14.65 -40.93
CA VAL B 108 46.91 13.29 -40.48
C VAL B 108 47.75 12.96 -39.25
N LEU B 109 49.04 13.29 -39.34
CA LEU B 109 50.00 12.99 -38.29
C LEU B 109 49.70 13.85 -37.05
N GLU B 110 49.37 15.12 -37.29
CA GLU B 110 48.97 16.04 -36.23
C GLU B 110 47.74 15.53 -35.46
N ASP B 111 46.80 14.97 -36.22
CA ASP B 111 45.53 14.40 -35.75
C ASP B 111 45.79 13.23 -34.79
N ILE B 112 46.49 12.22 -35.33
CA ILE B 112 46.78 11.02 -34.55
C ILE B 112 47.64 11.37 -33.34
N LYS B 113 48.57 12.31 -33.52
CA LYS B 113 49.46 12.70 -32.43
C LYS B 113 48.68 13.41 -31.32
N ALA B 114 47.66 14.19 -31.69
CA ALA B 114 46.80 14.86 -30.71
C ALA B 114 46.04 13.83 -29.87
N VAL B 115 45.56 12.80 -30.56
CA VAL B 115 44.78 11.78 -29.86
C VAL B 115 45.68 10.99 -28.92
N VAL B 116 46.88 10.65 -29.37
CA VAL B 116 47.85 9.93 -28.54
C VAL B 116 48.30 10.80 -27.38
N ALA B 117 48.38 12.10 -27.60
CA ALA B 117 48.78 13.01 -26.54
C ALA B 117 47.72 13.05 -25.45
N ALA B 118 46.45 12.92 -25.80
CA ALA B 118 45.44 12.92 -24.74
C ALA B 118 45.14 11.50 -24.27
N SER B 119 45.78 10.52 -24.91
CA SER B 119 45.66 9.11 -24.57
C SER B 119 46.02 8.83 -23.12
N GLY B 120 47.15 9.39 -22.69
CA GLY B 120 47.73 9.09 -21.39
C GLY B 120 48.43 7.74 -21.44
N ASP B 121 48.10 6.86 -20.50
CA ASP B 121 48.77 5.56 -20.47
C ASP B 121 47.91 4.53 -21.15
N LYS B 122 47.11 4.98 -22.11
CA LYS B 122 46.00 4.15 -22.60
C LYS B 122 46.30 3.72 -24.01
N LEU B 123 45.78 2.55 -24.36
CA LEU B 123 46.03 1.95 -25.66
C LEU B 123 45.23 2.68 -26.73
N VAL B 124 45.89 3.04 -27.82
CA VAL B 124 45.22 3.74 -28.90
C VAL B 124 45.26 2.94 -30.20
N LYS B 125 44.09 2.66 -30.77
CA LYS B 125 44.05 2.03 -32.08
C LYS B 125 43.65 3.06 -33.12
N VAL B 126 44.26 2.99 -34.30
CA VAL B 126 43.89 3.90 -35.37
C VAL B 126 43.17 3.16 -36.50
N ILE B 127 41.94 3.56 -36.75
CA ILE B 127 41.17 2.99 -37.84
C ILE B 127 41.55 3.67 -39.14
N ILE B 128 42.06 2.91 -40.11
CA ILE B 128 42.52 3.47 -41.37
C ILE B 128 41.42 3.45 -42.43
N GLU B 129 40.51 2.48 -42.34
CA GLU B 129 39.36 2.37 -43.25
C GLU B 129 39.87 1.92 -44.60
N ALA B 130 40.60 0.81 -44.60
CA ALA B 130 41.23 0.29 -45.81
C ALA B 130 40.32 0.07 -47.03
N CYS B 131 39.01 0.25 -46.90
CA CYS B 131 38.13 -0.04 -48.03
C CYS B 131 38.08 1.17 -48.93
N LEU B 132 38.45 2.33 -48.38
CA LEU B 132 38.50 3.57 -49.14
C LEU B 132 39.90 3.91 -49.65
N LEU B 133 40.88 3.05 -49.39
CA LEU B 133 42.26 3.37 -49.75
C LEU B 133 42.86 2.42 -50.79
N THR B 134 43.84 2.94 -51.53
CA THR B 134 44.73 2.13 -52.35
C THR B 134 45.71 1.40 -51.43
N ASP B 135 46.43 0.41 -51.96
CA ASP B 135 47.39 -0.33 -51.14
C ASP B 135 48.46 0.59 -50.54
N ASP B 136 49.00 1.49 -51.36
CA ASP B 136 49.98 2.45 -50.90
C ASP B 136 49.45 3.35 -49.77
N GLU B 137 48.17 3.70 -49.84
CA GLU B 137 47.54 4.52 -48.82
C GLU B 137 47.30 3.75 -47.53
N LYS B 138 47.03 2.45 -47.64
CA LYS B 138 46.92 1.62 -46.45
C LYS B 138 48.27 1.59 -45.75
N VAL B 139 49.32 1.32 -46.53
CA VAL B 139 50.68 1.33 -45.99
C VAL B 139 51.00 2.68 -45.33
N LYS B 140 50.73 3.78 -46.04
CA LYS B 140 51.08 5.11 -45.57
C LYS B 140 50.33 5.46 -44.29
N ALA B 141 49.07 5.04 -44.24
CA ALA B 141 48.27 5.24 -43.06
C ALA B 141 48.91 4.52 -41.88
N CYS B 142 49.34 3.28 -42.11
CA CYS B 142 49.95 2.51 -41.03
C CYS B 142 51.27 3.14 -40.56
N GLN B 143 52.10 3.57 -41.50
CA GLN B 143 53.37 4.20 -41.17
C GLN B 143 53.15 5.48 -40.36
N LEU B 144 52.17 6.27 -40.78
CA LEU B 144 51.87 7.52 -40.09
C LEU B 144 51.30 7.29 -38.70
N SER B 145 50.51 6.22 -38.55
CA SER B 145 49.95 5.90 -37.26
C SER B 145 50.98 5.33 -36.33
N GLN B 146 52.03 4.75 -36.89
CA GLN B 146 53.03 4.15 -36.03
C GLN B 146 54.04 5.19 -35.61
N GLU B 147 54.27 6.20 -36.46
CA GLU B 147 55.23 7.22 -36.09
C GLU B 147 54.67 8.13 -35.03
N ALA B 148 53.39 8.50 -35.16
CA ALA B 148 52.67 9.19 -34.10
C ALA B 148 52.62 8.41 -32.78
N GLY B 149 53.16 7.20 -32.79
CA GLY B 149 53.24 6.36 -31.62
C GLY B 149 51.92 5.89 -31.03
N ALA B 150 51.09 5.26 -31.84
CA ALA B 150 49.90 4.62 -31.33
C ALA B 150 50.19 3.13 -31.23
N ASP B 151 49.22 2.34 -30.78
CA ASP B 151 49.55 1.01 -30.31
C ASP B 151 49.00 0.00 -31.29
N TYR B 152 48.00 0.42 -32.06
CA TYR B 152 47.32 -0.46 -32.99
C TYR B 152 46.94 0.23 -34.27
N VAL B 153 46.70 -0.57 -35.30
CA VAL B 153 46.02 -0.10 -36.50
C VAL B 153 44.83 -1.04 -36.71
N LYS B 154 43.68 -0.47 -37.06
CA LYS B 154 42.44 -1.22 -37.19
C LYS B 154 41.95 -1.05 -38.62
N THR B 155 41.35 -2.08 -39.20
CA THR B 155 41.05 -2.03 -40.63
C THR B 155 39.82 -1.22 -41.03
N SER B 156 38.83 -1.12 -40.16
CA SER B 156 37.52 -0.67 -40.60
C SER B 156 36.69 -0.08 -39.47
N THR B 157 35.79 0.83 -39.84
CA THR B 157 34.81 1.34 -38.89
C THR B 157 33.52 0.55 -38.92
N GLY B 158 33.48 -0.51 -39.71
CA GLY B 158 32.23 -1.19 -40.01
C GLY B 158 31.06 -0.33 -40.50
N PHE B 159 31.33 0.92 -40.88
CA PHE B 159 30.25 1.77 -41.38
C PHE B 159 30.49 2.25 -42.82
N SER B 160 31.43 1.61 -43.52
CA SER B 160 31.69 1.95 -44.91
C SER B 160 31.43 0.77 -45.85
N THR B 161 31.98 0.81 -47.06
CA THR B 161 31.61 -0.17 -48.08
C THR B 161 32.18 -1.55 -47.83
N GLY B 162 33.31 -1.63 -47.13
CA GLY B 162 33.95 -2.90 -46.90
C GLY B 162 34.56 -3.03 -45.53
N GLY B 163 34.82 -4.26 -45.11
CA GLY B 163 35.47 -4.53 -43.85
C GLY B 163 36.85 -5.16 -44.00
N ALA B 164 37.30 -5.89 -42.99
CA ALA B 164 38.62 -6.49 -43.04
C ALA B 164 38.73 -7.59 -44.09
N THR B 165 39.81 -7.55 -44.85
CA THR B 165 40.18 -8.62 -45.76
C THR B 165 41.51 -9.18 -45.28
N VAL B 166 41.78 -10.46 -45.55
CA VAL B 166 43.03 -11.05 -45.09
C VAL B 166 44.24 -10.35 -45.71
N ALA B 167 44.11 -9.96 -46.98
CA ALA B 167 45.20 -9.28 -47.67
C ALA B 167 45.56 -7.96 -47.00
N ASP B 168 44.53 -7.22 -46.57
CA ASP B 168 44.73 -5.93 -45.91
C ASP B 168 45.40 -6.10 -44.56
N VAL B 169 44.96 -7.09 -43.79
CA VAL B 169 45.55 -7.37 -42.49
C VAL B 169 47.01 -7.75 -42.64
N ALA B 170 47.28 -8.65 -43.59
CA ALA B 170 48.64 -9.12 -43.82
C ALA B 170 49.54 -7.94 -44.19
N LEU B 171 49.03 -7.11 -45.08
CA LEU B 171 49.80 -5.96 -45.53
C LEU B 171 50.09 -5.06 -44.35
N MET B 172 49.09 -4.83 -43.52
CA MET B 172 49.25 -3.96 -42.36
C MET B 172 50.29 -4.50 -41.36
N ARG B 173 50.24 -5.80 -41.06
CA ARG B 173 51.22 -6.37 -40.15
C ARG B 173 52.62 -6.28 -40.72
N LYS B 174 52.73 -6.49 -42.03
CA LYS B 174 54.02 -6.35 -42.70
C LYS B 174 54.53 -4.93 -42.52
N THR B 175 53.63 -3.95 -42.57
CA THR B 175 54.04 -2.55 -42.47
C THR B 175 54.46 -2.12 -41.05
N VAL B 176 53.75 -2.58 -40.06
CA VAL B 176 53.98 -2.11 -38.70
C VAL B 176 54.90 -2.96 -37.87
N GLY B 177 55.50 -3.97 -38.46
CA GLY B 177 56.42 -4.80 -37.73
C GLY B 177 55.59 -5.58 -36.74
N PRO B 178 56.27 -6.47 -35.91
CA PRO B 178 55.39 -7.36 -35.17
C PRO B 178 55.14 -6.95 -33.75
N ASP B 179 55.39 -5.71 -33.39
CA ASP B 179 55.16 -5.30 -32.01
C ASP B 179 54.18 -4.15 -31.89
N MET B 180 53.61 -3.74 -33.00
CA MET B 180 52.48 -2.86 -32.94
C MET B 180 51.34 -3.77 -33.26
N GLY B 181 50.14 -3.44 -32.84
CA GLY B 181 49.04 -4.35 -33.02
C GLY B 181 48.25 -4.15 -34.30
N VAL B 182 47.44 -5.14 -34.64
CA VAL B 182 46.60 -5.10 -35.83
C VAL B 182 45.23 -5.68 -35.51
N LYS B 183 44.20 -4.86 -35.65
CA LYS B 183 42.86 -5.30 -35.35
C LYS B 183 42.04 -5.45 -36.64
N ALA B 184 41.54 -6.67 -36.86
CA ALA B 184 40.64 -6.96 -37.97
C ALA B 184 39.21 -6.72 -37.51
N SER B 185 38.55 -5.77 -38.14
CA SER B 185 37.19 -5.36 -37.78
C SER B 185 36.24 -5.47 -38.96
N GLY B 186 35.12 -6.16 -38.76
CA GLY B 186 34.11 -6.26 -39.80
C GLY B 186 34.52 -7.35 -40.76
N GLY B 187 34.57 -8.57 -40.24
CA GLY B 187 34.93 -9.75 -41.00
C GLY B 187 33.70 -10.62 -41.18
N ALA B 188 33.27 -11.42 -40.20
CA ALA B 188 33.89 -11.76 -38.90
C ALA B 188 32.90 -12.68 -38.22
N ARG B 189 32.30 -13.58 -38.99
CA ARG B 189 30.94 -14.03 -38.70
C ARG B 189 31.00 -15.44 -38.18
N SER B 190 32.19 -16.01 -38.29
CA SER B 190 32.44 -17.41 -37.99
C SER B 190 33.73 -17.63 -37.23
N TYR B 191 33.90 -18.83 -36.69
CA TYR B 191 35.14 -19.23 -36.04
C TYR B 191 36.29 -19.22 -37.05
N GLU B 192 36.02 -19.75 -38.23
CA GLU B 192 37.06 -19.83 -39.26
C GLU B 192 37.37 -18.47 -39.83
N ASP B 193 36.43 -17.54 -39.75
CA ASP B 193 36.71 -16.18 -40.19
C ASP B 193 37.75 -15.58 -39.27
N ALA B 194 37.53 -15.78 -37.97
CA ALA B 194 38.39 -15.23 -36.96
C ALA B 194 39.80 -15.80 -37.05
N ILE B 195 39.93 -17.12 -37.08
CA ILE B 195 41.27 -17.67 -37.13
C ILE B 195 41.93 -17.29 -38.47
N ALA B 196 41.12 -17.12 -39.52
CA ALA B 196 41.66 -16.65 -40.80
C ALA B 196 42.32 -15.28 -40.65
N PHE B 197 41.68 -14.39 -39.91
CA PHE B 197 42.24 -13.05 -39.69
C PHE B 197 43.46 -13.08 -38.76
N ILE B 198 43.43 -13.99 -37.80
CA ILE B 198 44.50 -14.09 -36.83
C ILE B 198 45.78 -14.64 -37.47
N GLU B 199 45.59 -15.62 -38.34
CA GLU B 199 46.72 -16.23 -39.04
C GLU B 199 47.32 -15.28 -40.08
N ALA B 200 46.55 -14.28 -40.52
CA ALA B 200 47.05 -13.28 -41.45
C ALA B 200 47.82 -12.17 -40.72
N GLY B 201 47.54 -12.01 -39.43
CA GLY B 201 48.49 -11.41 -38.52
C GLY B 201 47.84 -10.47 -37.52
N ALA B 202 46.54 -10.68 -37.28
CA ALA B 202 45.79 -9.82 -36.36
C ALA B 202 46.02 -10.32 -34.95
N SER B 203 46.45 -9.40 -34.09
CA SER B 203 46.35 -9.53 -32.64
C SER B 203 44.95 -9.28 -32.04
N ARG B 204 44.06 -8.59 -32.76
CA ARG B 204 42.69 -8.41 -32.27
C ARG B 204 41.62 -8.50 -33.34
N ILE B 205 40.39 -8.68 -32.91
CA ILE B 205 39.30 -8.86 -33.82
C ILE B 205 38.12 -8.11 -33.28
N GLY B 206 37.43 -7.42 -34.15
CA GLY B 206 36.25 -6.71 -33.74
C GLY B 206 35.11 -7.36 -34.43
N ALA B 207 34.03 -7.60 -33.72
CA ALA B 207 32.87 -8.19 -34.34
C ALA B 207 31.75 -8.12 -33.37
N SER B 208 30.59 -8.52 -33.81
CA SER B 208 29.44 -8.50 -32.95
C SER B 208 29.06 -9.91 -32.74
N SER B 209 29.76 -10.81 -33.39
CA SER B 209 29.38 -12.21 -33.28
C SER B 209 30.36 -12.97 -32.40
N GLY B 210 30.98 -12.27 -31.44
CA GLY B 210 31.78 -12.87 -30.39
C GLY B 210 31.36 -14.27 -29.95
N VAL B 211 30.06 -14.50 -29.83
CA VAL B 211 29.54 -15.82 -29.42
C VAL B 211 29.74 -16.84 -30.55
N ALA B 212 30.99 -17.20 -30.73
CA ALA B 212 31.47 -18.07 -31.80
C ALA B 212 32.99 -18.26 -31.67
N ILE B 213 33.45 -19.02 -30.67
CA ILE B 213 32.63 -19.43 -29.52
C ILE B 213 33.12 -18.80 -28.21
N MET C 4 8.23 -14.17 2.75
CA MET C 4 8.45 -13.47 3.99
C MET C 4 9.20 -12.14 3.84
N LYS C 5 10.18 -12.07 2.93
CA LYS C 5 10.76 -10.77 2.59
C LYS C 5 10.44 -10.24 1.21
N LEU C 6 10.43 -8.94 1.11
CA LEU C 6 9.86 -8.21 0.00
C LEU C 6 10.06 -8.86 -1.33
N ASN C 7 11.30 -9.08 -1.67
CA ASN C 7 11.68 -9.62 -2.96
C ASN C 7 10.80 -10.80 -3.36
N LYS C 8 10.35 -11.57 -2.37
CA LYS C 8 9.52 -12.72 -2.71
C LYS C 8 8.02 -12.41 -2.77
N TYR C 9 7.67 -11.12 -2.85
CA TYR C 9 6.30 -10.68 -3.11
C TYR C 9 6.16 -10.13 -4.53
N ILE C 10 7.24 -10.17 -5.30
CA ILE C 10 7.29 -9.40 -6.53
C ILE C 10 7.37 -10.26 -7.80
N ASP C 11 6.41 -10.01 -8.69
CA ASP C 11 6.47 -10.53 -10.05
C ASP C 11 7.02 -9.42 -10.94
N HIS C 12 8.24 -9.62 -11.41
CA HIS C 12 8.94 -8.64 -12.23
C HIS C 12 8.38 -8.74 -13.65
N THR C 13 7.64 -7.71 -14.07
CA THR C 13 6.81 -7.79 -15.26
C THR C 13 7.23 -6.88 -16.41
N ILE C 14 7.23 -7.44 -17.60
CA ILE C 14 7.34 -6.65 -18.80
C ILE C 14 6.42 -7.29 -19.87
N LEU C 15 5.37 -6.54 -20.24
CA LEU C 15 4.31 -7.08 -21.10
C LEU C 15 3.91 -6.23 -22.29
N LYS C 16 4.59 -5.12 -22.53
CA LYS C 16 4.25 -4.26 -23.64
C LYS C 16 4.45 -5.00 -24.95
N PRO C 17 3.60 -4.73 -25.95
CA PRO C 17 3.65 -5.49 -27.19
C PRO C 17 4.96 -5.31 -27.96
N GLU C 18 5.60 -4.16 -27.80
CA GLU C 18 6.80 -3.89 -28.58
C GLU C 18 8.08 -4.31 -27.83
N THR C 19 7.92 -5.07 -26.75
CA THR C 19 9.05 -5.53 -25.97
C THR C 19 9.92 -6.51 -26.77
N THR C 20 11.22 -6.21 -26.83
CA THR C 20 12.19 -7.05 -27.52
C THR C 20 12.92 -8.00 -26.59
N GLN C 21 13.65 -8.93 -27.17
CA GLN C 21 14.35 -9.97 -26.40
C GLN C 21 15.38 -9.40 -25.43
N GLU C 22 16.09 -8.36 -25.83
CA GLU C 22 17.11 -7.78 -24.94
C GLU C 22 16.49 -7.19 -23.66
N GLN C 23 15.31 -6.57 -23.80
CA GLN C 23 14.58 -6.02 -22.66
C GLN C 23 14.13 -7.13 -21.70
N VAL C 24 13.59 -8.21 -22.29
CA VAL C 24 13.17 -9.36 -21.51
C VAL C 24 14.35 -9.96 -20.76
N GLU C 25 15.48 -10.05 -21.44
CA GLU C 25 16.68 -10.63 -20.84
C GLU C 25 17.22 -9.76 -19.71
N LYS C 26 17.06 -8.44 -19.82
CA LYS C 26 17.49 -7.59 -18.71
C LYS C 26 16.55 -7.80 -17.54
N ILE C 27 15.27 -8.01 -17.83
CA ILE C 27 14.32 -8.30 -16.75
C ILE C 27 14.74 -9.61 -16.03
N LEU C 28 15.15 -10.63 -16.79
CA LEU C 28 15.60 -11.89 -16.19
C LEU C 28 16.85 -11.70 -15.33
N ALA C 29 17.80 -10.91 -15.83
CA ALA C 29 19.01 -10.59 -15.08
C ALA C 29 18.65 -9.96 -13.73
N GLU C 30 17.77 -8.96 -13.76
CA GLU C 30 17.35 -8.30 -12.53
C GLU C 30 16.63 -9.25 -11.57
N ALA C 31 15.84 -10.17 -12.13
CA ALA C 31 15.11 -11.11 -11.29
C ALA C 31 16.06 -12.03 -10.54
N LYS C 32 17.08 -12.52 -11.24
CA LYS C 32 18.07 -13.36 -10.59
C LYS C 32 18.83 -12.55 -9.57
N GLU C 33 19.07 -11.28 -9.88
CA GLU C 33 19.88 -10.47 -8.99
C GLU C 33 19.17 -10.28 -7.67
N TYR C 34 17.90 -9.88 -7.68
CA TYR C 34 17.25 -9.68 -6.39
C TYR C 34 16.38 -10.87 -5.95
N ASP C 35 16.73 -12.07 -6.41
CA ASP C 35 15.94 -13.29 -6.24
C ASP C 35 14.45 -13.01 -5.99
N PHE C 36 13.78 -12.51 -7.03
CA PHE C 36 12.35 -12.20 -6.97
C PHE C 36 11.52 -13.48 -6.98
N ALA C 37 10.22 -13.34 -6.71
CA ALA C 37 9.32 -14.48 -6.73
C ALA C 37 9.25 -15.06 -8.13
N SER C 38 9.01 -14.18 -9.12
CA SER C 38 8.91 -14.61 -10.51
C SER C 38 9.11 -13.47 -11.49
N VAL C 39 9.22 -13.83 -12.76
CA VAL C 39 9.08 -12.84 -13.85
C VAL C 39 7.75 -13.07 -14.53
N CYS C 40 7.12 -11.99 -14.98
CA CYS C 40 5.90 -12.12 -15.76
C CYS C 40 6.10 -11.59 -17.18
N VAL C 41 5.99 -12.49 -18.16
CA VAL C 41 6.16 -12.10 -19.55
C VAL C 41 5.05 -12.67 -20.40
N ASN C 42 4.86 -12.09 -21.59
CA ASN C 42 3.89 -12.64 -22.53
C ASN C 42 4.36 -14.03 -22.95
N PRO C 43 3.40 -14.89 -23.38
CA PRO C 43 3.66 -16.28 -23.75
C PRO C 43 4.86 -16.47 -24.68
N THR C 44 5.04 -15.54 -25.61
CA THR C 44 6.08 -15.69 -26.63
C THR C 44 7.48 -15.75 -26.00
N TRP C 45 7.61 -15.30 -24.76
CA TRP C 45 8.91 -15.32 -24.11
C TRP C 45 9.06 -16.45 -23.10
N VAL C 46 7.98 -17.21 -22.85
CA VAL C 46 7.99 -18.23 -21.81
C VAL C 46 9.22 -19.16 -21.89
N ALA C 47 9.41 -19.78 -23.05
CA ALA C 47 10.54 -20.68 -23.27
C ALA C 47 11.84 -20.04 -22.82
N LEU C 48 12.11 -18.84 -23.32
CA LEU C 48 13.37 -18.16 -23.06
C LEU C 48 13.56 -18.00 -21.56
N ALA C 49 12.50 -17.53 -20.91
CA ALA C 49 12.56 -17.22 -19.48
C ALA C 49 12.88 -18.49 -18.74
N ALA C 50 12.22 -19.56 -19.18
CA ALA C 50 12.35 -20.84 -18.52
C ALA C 50 13.81 -21.25 -18.49
N GLU C 51 14.49 -21.24 -19.64
CA GLU C 51 15.83 -21.77 -19.62
C GLU C 51 16.79 -20.76 -19.02
N SER C 52 16.38 -19.50 -18.96
CA SER C 52 17.25 -18.54 -18.31
C SER C 52 17.09 -18.69 -16.81
N LEU C 53 15.93 -19.21 -16.37
CA LEU C 53 15.60 -19.18 -14.95
C LEU C 53 15.70 -20.54 -14.26
N LYS C 54 16.03 -21.58 -15.01
CA LYS C 54 16.39 -22.86 -14.42
C LYS C 54 17.60 -22.59 -13.52
N ASP C 55 17.77 -23.36 -12.44
CA ASP C 55 18.90 -23.22 -11.52
C ASP C 55 18.76 -21.96 -10.66
N SER C 56 17.52 -21.52 -10.44
CA SER C 56 17.22 -20.38 -9.58
C SER C 56 15.90 -20.62 -8.84
N ASP C 57 15.63 -19.80 -7.83
CA ASP C 57 14.36 -19.89 -7.11
C ASP C 57 13.29 -18.96 -7.71
N VAL C 58 13.55 -18.48 -8.93
CA VAL C 58 12.66 -17.56 -9.63
C VAL C 58 11.74 -18.27 -10.64
N LYS C 59 10.42 -18.19 -10.42
CA LYS C 59 9.47 -18.85 -11.30
C LYS C 59 9.14 -18.04 -12.56
N VAL C 60 8.53 -18.70 -13.53
CA VAL C 60 8.13 -18.01 -14.74
C VAL C 60 6.61 -17.93 -14.75
N CYS C 61 6.14 -16.70 -14.92
CA CYS C 61 4.72 -16.39 -14.89
C CYS C 61 4.31 -15.87 -16.26
N THR C 62 3.15 -16.27 -16.76
CA THR C 62 2.70 -15.72 -18.04
C THR C 62 1.22 -15.37 -17.97
N VAL C 63 0.70 -14.78 -19.04
CA VAL C 63 -0.65 -14.27 -19.04
C VAL C 63 -1.48 -14.93 -20.10
N ILE C 64 -2.75 -15.20 -19.78
CA ILE C 64 -3.64 -15.92 -20.69
C ILE C 64 -4.90 -15.11 -21.00
N GLY C 65 -5.28 -15.06 -22.28
CA GLY C 65 -6.39 -14.24 -22.70
C GLY C 65 -6.11 -12.79 -22.34
N PHE C 66 -4.88 -12.38 -22.59
CA PHE C 66 -4.36 -11.11 -22.08
C PHE C 66 -4.32 -10.04 -23.16
N PRO C 67 -4.73 -8.81 -22.84
CA PRO C 67 -5.30 -8.30 -21.58
C PRO C 67 -6.81 -8.09 -21.62
N LEU C 68 -7.51 -8.58 -22.64
CA LEU C 68 -8.95 -8.29 -22.75
C LEU C 68 -9.82 -9.42 -22.19
N GLY C 69 -9.26 -10.63 -22.10
CA GLY C 69 -9.99 -11.75 -21.54
C GLY C 69 -11.25 -12.09 -22.30
N ALA C 70 -11.29 -11.77 -23.60
CA ALA C 70 -12.49 -11.96 -24.43
C ALA C 70 -12.38 -13.12 -25.42
N ASN C 71 -11.53 -14.10 -25.10
CA ASN C 71 -11.40 -15.33 -25.88
C ASN C 71 -12.33 -16.44 -25.36
N THR C 72 -12.54 -17.47 -26.16
CA THR C 72 -13.33 -18.62 -25.72
C THR C 72 -12.54 -19.46 -24.69
N PRO C 73 -13.25 -20.19 -23.81
CA PRO C 73 -12.59 -21.04 -22.81
C PRO C 73 -11.66 -22.10 -23.42
N ALA C 74 -12.04 -22.66 -24.55
CA ALA C 74 -11.21 -23.67 -25.21
C ALA C 74 -9.84 -23.08 -25.51
N VAL C 75 -9.83 -21.85 -26.04
CA VAL C 75 -8.61 -21.15 -26.41
C VAL C 75 -7.78 -20.76 -25.17
N LYS C 76 -8.45 -20.32 -24.12
CA LYS C 76 -7.74 -19.96 -22.91
C LYS C 76 -7.04 -21.19 -22.31
N ALA C 77 -7.77 -22.30 -22.28
CA ALA C 77 -7.24 -23.56 -21.77
C ALA C 77 -6.07 -24.05 -22.62
N PHE C 78 -6.23 -23.98 -23.93
CA PHE C 78 -5.18 -24.44 -24.83
C PHE C 78 -3.93 -23.59 -24.68
N GLU C 79 -4.12 -22.29 -24.50
CA GLU C 79 -3.00 -21.37 -24.34
C GLU C 79 -2.33 -21.73 -23.01
N THR C 80 -3.11 -22.21 -22.05
CA THR C 80 -2.55 -22.64 -20.78
C THR C 80 -1.71 -23.94 -20.89
N LYS C 81 -2.16 -24.91 -21.68
CA LYS C 81 -1.39 -26.14 -21.78
C LYS C 81 -0.14 -25.85 -22.56
N ASP C 82 -0.25 -24.88 -23.46
CA ASP C 82 0.88 -24.50 -24.28
C ASP C 82 1.92 -23.71 -23.50
N ALA C 83 1.46 -22.83 -22.62
CA ALA C 83 2.38 -22.04 -21.79
C ALA C 83 3.09 -22.94 -20.83
N ILE C 84 2.36 -23.92 -20.29
CA ILE C 84 2.99 -24.83 -19.35
C ILE C 84 3.96 -25.77 -20.03
N SER C 85 3.61 -26.25 -21.21
CA SER C 85 4.53 -27.13 -21.95
C SER C 85 5.76 -26.34 -22.39
N ASN C 86 5.69 -25.02 -22.29
CA ASN C 86 6.82 -24.17 -22.63
C ASN C 86 7.68 -23.77 -21.45
N GLY C 87 7.28 -24.20 -20.26
CA GLY C 87 8.06 -23.85 -19.09
C GLY C 87 7.40 -23.06 -17.99
N ALA C 88 6.18 -22.58 -18.21
CA ALA C 88 5.50 -21.73 -17.24
C ALA C 88 5.16 -22.47 -15.94
N ASP C 89 5.30 -21.77 -14.80
CA ASP C 89 4.95 -22.35 -13.51
C ASP C 89 3.78 -21.64 -12.87
N GLU C 90 3.32 -20.57 -13.52
CA GLU C 90 2.18 -19.78 -13.05
C GLU C 90 1.42 -19.14 -14.20
N ILE C 91 0.12 -19.02 -14.02
CA ILE C 91 -0.79 -18.57 -15.06
C ILE C 91 -1.63 -17.40 -14.55
N ASP C 92 -1.51 -16.22 -15.18
CA ASP C 92 -2.46 -15.14 -14.91
C ASP C 92 -3.42 -14.99 -16.09
N MET C 93 -4.66 -15.44 -15.90
CA MET C 93 -5.69 -15.33 -16.93
C MET C 93 -6.48 -14.06 -16.71
N VAL C 94 -7.03 -13.49 -17.79
CA VAL C 94 -7.95 -12.37 -17.62
C VAL C 94 -9.39 -12.89 -17.63
N ILE C 95 -10.17 -12.49 -16.64
CA ILE C 95 -11.58 -12.85 -16.59
C ILE C 95 -12.35 -12.37 -17.83
N ASN C 96 -13.43 -13.07 -18.18
CA ASN C 96 -14.28 -12.59 -19.26
C ASN C 96 -15.11 -11.43 -18.73
N ILE C 97 -14.53 -10.24 -18.81
CA ILE C 97 -15.13 -9.02 -18.27
C ILE C 97 -16.48 -8.75 -18.90
N GLY C 98 -16.55 -8.94 -20.22
CA GLY C 98 -17.76 -8.69 -20.97
C GLY C 98 -18.90 -9.58 -20.51
N ALA C 99 -18.61 -10.85 -20.30
CA ALA C 99 -19.64 -11.75 -19.84
C ALA C 99 -20.09 -11.36 -18.44
N LEU C 100 -19.14 -11.02 -17.58
CA LEU C 100 -19.46 -10.69 -16.20
C LEU C 100 -20.35 -9.46 -16.15
N LYS C 101 -20.11 -8.52 -17.06
CA LYS C 101 -20.92 -7.32 -17.10
C LYS C 101 -22.29 -7.59 -17.71
N THR C 102 -22.35 -8.55 -18.62
CA THR C 102 -23.63 -8.95 -19.21
C THR C 102 -24.51 -9.55 -18.13
N GLY C 103 -23.92 -10.40 -17.29
CA GLY C 103 -24.69 -11.19 -16.34
C GLY C 103 -24.45 -12.68 -16.44
N ASN C 104 -23.59 -13.08 -17.36
CA ASN C 104 -23.43 -14.48 -17.75
C ASN C 104 -22.48 -15.25 -16.84
N TYR C 105 -22.77 -15.19 -15.55
CA TYR C 105 -21.96 -15.84 -14.52
C TYR C 105 -21.56 -17.26 -14.87
N ASP C 106 -22.47 -17.98 -15.53
CA ASP C 106 -22.19 -19.35 -15.98
C ASP C 106 -21.00 -19.38 -16.91
N LEU C 107 -20.94 -18.43 -17.84
CA LEU C 107 -19.85 -18.37 -18.81
C LEU C 107 -18.52 -17.94 -18.22
N VAL C 108 -18.57 -16.97 -17.31
CA VAL C 108 -17.39 -16.54 -16.58
C VAL C 108 -16.78 -17.74 -15.85
N LEU C 109 -17.66 -18.47 -15.19
CA LEU C 109 -17.26 -19.62 -14.40
C LEU C 109 -16.76 -20.78 -15.28
N GLU C 110 -17.46 -21.06 -16.38
CA GLU C 110 -17.03 -22.11 -17.32
C GLU C 110 -15.63 -21.80 -17.85
N ASP C 111 -15.45 -20.53 -18.18
CA ASP C 111 -14.22 -19.97 -18.73
C ASP C 111 -13.08 -20.23 -17.74
N ILE C 112 -13.22 -19.77 -16.50
CA ILE C 112 -12.14 -20.00 -15.53
C ILE C 112 -11.92 -21.48 -15.24
N LYS C 113 -13.00 -22.25 -15.18
CA LYS C 113 -12.87 -23.64 -14.81
C LYS C 113 -12.04 -24.39 -15.86
N ALA C 114 -12.18 -24.02 -17.13
CA ALA C 114 -11.38 -24.65 -18.19
C ALA C 114 -9.87 -24.44 -18.01
N VAL C 115 -9.48 -23.22 -17.61
CA VAL C 115 -8.04 -22.95 -17.43
C VAL C 115 -7.51 -23.59 -16.15
N VAL C 116 -8.27 -23.57 -15.07
CA VAL C 116 -7.74 -24.22 -13.86
C VAL C 116 -7.64 -25.71 -14.18
N ALA C 117 -8.55 -26.21 -14.99
CA ALA C 117 -8.50 -27.61 -15.38
C ALA C 117 -7.30 -27.93 -16.27
N ALA C 118 -6.86 -26.96 -17.08
CA ALA C 118 -5.72 -27.25 -17.93
C ALA C 118 -4.40 -26.85 -17.28
N SER C 119 -4.49 -26.12 -16.17
CA SER C 119 -3.32 -25.70 -15.40
C SER C 119 -2.49 -26.89 -14.93
N GLY C 120 -3.19 -27.97 -14.64
CA GLY C 120 -2.60 -29.13 -14.00
C GLY C 120 -2.46 -28.77 -12.54
N ASP C 121 -1.27 -29.02 -11.97
CA ASP C 121 -0.93 -28.51 -10.65
C ASP C 121 -0.03 -27.28 -10.66
N LYS C 122 -0.30 -26.34 -11.57
CA LYS C 122 0.43 -25.08 -11.57
C LYS C 122 -0.50 -23.98 -11.05
N LEU C 123 0.07 -22.94 -10.49
CA LEU C 123 -0.69 -21.91 -9.81
C LEU C 123 -1.46 -21.04 -10.81
N VAL C 124 -2.74 -20.76 -10.56
CA VAL C 124 -3.53 -19.93 -11.46
C VAL C 124 -4.08 -18.67 -10.82
N LYS C 125 -3.72 -17.51 -11.39
CA LYS C 125 -4.30 -16.26 -10.93
C LYS C 125 -5.35 -15.75 -11.92
N VAL C 126 -6.44 -15.18 -11.40
CA VAL C 126 -7.46 -14.60 -12.25
C VAL C 126 -7.45 -13.08 -12.15
N ILE C 127 -7.18 -12.43 -13.28
CA ILE C 127 -7.21 -10.97 -13.33
C ILE C 127 -8.65 -10.50 -13.52
N ILE C 128 -9.14 -9.70 -12.58
CA ILE C 128 -10.54 -9.26 -12.63
C ILE C 128 -10.68 -7.92 -13.33
N GLU C 129 -9.63 -7.10 -13.29
CA GLU C 129 -9.63 -5.79 -13.94
C GLU C 129 -10.53 -4.88 -13.13
N ALA C 130 -10.28 -4.79 -11.83
CA ALA C 130 -11.12 -4.00 -10.94
C ALA C 130 -11.42 -2.56 -11.35
N CYS C 131 -10.79 -2.05 -12.40
CA CYS C 131 -11.01 -0.65 -12.77
C CYS C 131 -12.24 -0.51 -13.68
N LEU C 132 -12.67 -1.61 -14.29
CA LEU C 132 -13.89 -1.61 -15.10
C LEU C 132 -15.11 -2.13 -14.33
N LEU C 133 -14.94 -2.44 -13.05
CA LEU C 133 -16.03 -2.99 -12.27
C LEU C 133 -16.51 -2.07 -11.17
N THR C 134 -17.79 -2.21 -10.83
CA THR C 134 -18.35 -1.67 -9.59
C THR C 134 -17.86 -2.54 -8.45
N ASP C 135 -18.05 -2.10 -7.22
CA ASP C 135 -17.58 -2.89 -6.08
C ASP C 135 -18.21 -4.28 -6.04
N ASP C 136 -19.52 -4.33 -6.22
CA ASP C 136 -20.22 -5.62 -6.20
C ASP C 136 -19.72 -6.56 -7.28
N GLU C 137 -19.37 -6.02 -8.44
CA GLU C 137 -18.88 -6.86 -9.53
C GLU C 137 -17.50 -7.37 -9.19
N LYS C 138 -16.74 -6.59 -8.42
CA LYS C 138 -15.46 -7.04 -7.90
C LYS C 138 -15.69 -8.23 -6.99
N VAL C 139 -16.65 -8.07 -6.08
CA VAL C 139 -16.99 -9.18 -5.20
C VAL C 139 -17.38 -10.43 -5.99
N LYS C 140 -18.30 -10.30 -6.94
CA LYS C 140 -18.82 -11.44 -7.67
C LYS C 140 -17.72 -12.09 -8.52
N ALA C 141 -16.82 -11.26 -9.03
CA ALA C 141 -15.66 -11.74 -9.79
C ALA C 141 -14.72 -12.57 -8.90
N CYS C 142 -14.47 -12.08 -7.70
CA CYS C 142 -13.59 -12.82 -6.80
C CYS C 142 -14.25 -14.13 -6.38
N GLN C 143 -15.54 -14.09 -6.03
CA GLN C 143 -16.26 -15.30 -5.63
C GLN C 143 -16.30 -16.31 -6.75
N LEU C 144 -16.53 -15.86 -7.99
CA LEU C 144 -16.57 -16.78 -9.11
C LEU C 144 -15.19 -17.37 -9.37
N SER C 145 -14.15 -16.58 -9.16
CA SER C 145 -12.80 -17.12 -9.33
C SER C 145 -12.46 -18.08 -8.18
N GLN C 146 -13.15 -17.95 -7.05
CA GLN C 146 -12.84 -18.84 -5.94
C GLN C 146 -13.63 -20.14 -6.03
N GLU C 147 -14.82 -20.05 -6.61
CA GLU C 147 -15.66 -21.21 -6.84
C GLU C 147 -15.12 -22.07 -7.97
N ALA C 148 -14.64 -21.42 -9.02
CA ALA C 148 -13.95 -22.07 -10.14
C ALA C 148 -12.68 -22.83 -9.75
N GLY C 149 -12.32 -22.77 -8.48
CA GLY C 149 -11.12 -23.42 -7.97
C GLY C 149 -9.83 -22.81 -8.50
N ALA C 150 -9.65 -21.51 -8.28
CA ALA C 150 -8.40 -20.84 -8.62
C ALA C 150 -7.51 -20.71 -7.39
N ASP C 151 -6.33 -20.12 -7.55
CA ASP C 151 -5.39 -20.00 -6.44
C ASP C 151 -5.17 -18.56 -6.03
N TYR C 152 -5.42 -17.64 -6.96
CA TYR C 152 -5.23 -16.20 -6.74
C TYR C 152 -6.29 -15.35 -7.45
N VAL C 153 -6.45 -14.12 -6.98
CA VAL C 153 -7.16 -13.10 -7.73
C VAL C 153 -6.23 -11.92 -7.91
N LYS C 154 -6.19 -11.36 -9.10
CA LYS C 154 -5.27 -10.28 -9.46
C LYS C 154 -6.08 -9.05 -9.85
N THR C 155 -5.61 -7.86 -9.46
CA THR C 155 -6.45 -6.68 -9.64
C THR C 155 -6.49 -6.06 -11.04
N SER C 156 -5.48 -6.30 -11.88
CA SER C 156 -5.36 -5.49 -13.10
C SER C 156 -4.51 -6.12 -14.18
N THR C 157 -4.78 -5.78 -15.44
CA THR C 157 -3.91 -6.24 -16.50
C THR C 157 -2.84 -5.20 -16.80
N GLY C 158 -2.85 -4.12 -16.02
CA GLY C 158 -2.09 -2.93 -16.33
C GLY C 158 -2.27 -2.34 -17.74
N PHE C 159 -3.31 -2.76 -18.45
CA PHE C 159 -3.57 -2.24 -19.80
C PHE C 159 -4.94 -1.56 -19.93
N SER C 160 -5.57 -1.27 -18.80
CA SER C 160 -6.83 -0.55 -18.82
C SER C 160 -6.64 0.77 -18.06
N THR C 161 -7.74 1.41 -17.64
CA THR C 161 -7.68 2.78 -17.12
C THR C 161 -7.08 2.91 -15.71
N GLY C 162 -7.16 1.85 -14.92
CA GLY C 162 -6.68 1.89 -13.56
C GLY C 162 -5.95 0.62 -13.11
N GLY C 163 -5.16 0.76 -12.05
CA GLY C 163 -4.44 -0.38 -11.49
C GLY C 163 -4.91 -0.75 -10.10
N ALA C 164 -4.03 -1.37 -9.33
CA ALA C 164 -4.37 -1.79 -7.98
C ALA C 164 -4.63 -0.59 -7.10
N THR C 165 -5.71 -0.65 -6.32
CA THR C 165 -5.98 0.33 -5.28
C THR C 165 -6.00 -0.39 -3.93
N VAL C 166 -5.68 0.34 -2.87
CA VAL C 166 -5.65 -0.27 -1.53
C VAL C 166 -7.04 -0.77 -1.12
N ALA C 167 -8.06 0.04 -1.43
CA ALA C 167 -9.42 -0.32 -1.06
C ALA C 167 -9.83 -1.62 -1.76
N ASP C 168 -9.45 -1.73 -3.02
CA ASP C 168 -9.76 -2.90 -3.82
C ASP C 168 -9.05 -4.14 -3.30
N VAL C 169 -7.77 -4.03 -2.93
CA VAL C 169 -7.05 -5.18 -2.39
C VAL C 169 -7.71 -5.65 -1.09
N ALA C 170 -8.06 -4.71 -0.22
CA ALA C 170 -8.70 -5.09 1.04
C ALA C 170 -10.00 -5.83 0.77
N LEU C 171 -10.79 -5.27 -0.15
CA LEU C 171 -12.07 -5.88 -0.50
C LEU C 171 -11.90 -7.29 -1.07
N MET C 172 -10.92 -7.45 -1.95
CA MET C 172 -10.69 -8.74 -2.56
C MET C 172 -10.26 -9.78 -1.52
N ARG C 173 -9.36 -9.42 -0.61
CA ARG C 173 -8.95 -10.40 0.40
C ARG C 173 -10.11 -10.75 1.34
N LYS C 174 -10.89 -9.74 1.72
CA LYS C 174 -12.06 -9.96 2.57
C LYS C 174 -13.06 -10.91 1.90
N THR C 175 -13.23 -10.77 0.60
CA THR C 175 -14.20 -11.58 -0.13
C THR C 175 -13.69 -13.01 -0.27
N VAL C 176 -12.41 -13.15 -0.59
CA VAL C 176 -11.93 -14.43 -1.02
C VAL C 176 -11.23 -15.19 0.14
N GLY C 177 -11.56 -14.78 1.35
CA GLY C 177 -10.93 -15.32 2.53
C GLY C 177 -9.43 -15.09 2.67
N PRO C 178 -8.82 -15.80 3.63
CA PRO C 178 -7.40 -15.65 4.02
C PRO C 178 -6.42 -16.57 3.29
N ASP C 179 -6.87 -17.70 2.76
CA ASP C 179 -5.97 -18.68 2.14
C ASP C 179 -5.68 -18.49 0.64
N MET C 180 -6.71 -18.23 -0.16
CA MET C 180 -6.50 -17.91 -1.58
C MET C 180 -5.71 -16.60 -1.70
N GLY C 181 -4.97 -16.45 -2.80
CA GLY C 181 -4.08 -15.30 -2.87
C GLY C 181 -4.68 -14.05 -3.48
N VAL C 182 -3.98 -12.94 -3.30
CA VAL C 182 -4.41 -11.65 -3.83
C VAL C 182 -3.18 -10.92 -4.34
N LYS C 183 -3.16 -10.64 -5.64
CA LYS C 183 -2.04 -9.95 -6.27
C LYS C 183 -2.42 -8.53 -6.67
N ALA C 184 -1.70 -7.55 -6.15
CA ALA C 184 -1.91 -6.16 -6.53
C ALA C 184 -1.04 -5.88 -7.75
N SER C 185 -1.67 -5.54 -8.87
CA SER C 185 -0.93 -5.33 -10.10
C SER C 185 -1.17 -3.93 -10.64
N GLY C 186 -0.08 -3.18 -10.80
CA GLY C 186 -0.13 -1.83 -11.32
C GLY C 186 -0.21 -0.90 -10.14
N GLY C 187 0.35 0.30 -10.25
CA GLY C 187 0.25 1.19 -9.11
C GLY C 187 1.44 1.23 -8.18
N ALA C 188 2.25 0.17 -8.17
CA ALA C 188 3.39 0.19 -7.27
C ALA C 188 4.63 0.77 -7.93
N ARG C 189 5.03 1.94 -7.48
CA ARG C 189 6.17 2.63 -8.03
C ARG C 189 7.26 2.89 -7.01
N SER C 190 7.04 2.48 -5.78
CA SER C 190 7.88 2.83 -4.64
C SER C 190 7.80 1.76 -3.58
N TYR C 191 8.69 1.85 -2.59
CA TYR C 191 8.66 0.94 -1.45
C TYR C 191 7.35 1.15 -0.69
N GLU C 192 6.96 2.42 -0.58
CA GLU C 192 5.79 2.81 0.20
C GLU C 192 4.50 2.25 -0.38
N ASP C 193 4.42 2.31 -1.70
CA ASP C 193 3.25 1.86 -2.44
C ASP C 193 3.07 0.36 -2.26
N ALA C 194 4.17 -0.37 -2.35
CA ALA C 194 4.15 -1.80 -2.20
C ALA C 194 3.72 -2.24 -0.80
N ILE C 195 4.34 -1.69 0.23
CA ILE C 195 3.99 -2.14 1.57
C ILE C 195 2.55 -1.74 1.92
N ALA C 196 2.05 -0.64 1.38
CA ALA C 196 0.65 -0.29 1.61
C ALA C 196 -0.25 -1.41 1.09
N PHE C 197 0.10 -1.96 -0.07
CA PHE C 197 -0.66 -3.05 -0.68
C PHE C 197 -0.54 -4.33 0.12
N ILE C 198 0.64 -4.56 0.70
CA ILE C 198 0.86 -5.79 1.49
C ILE C 198 0.07 -5.72 2.80
N GLU C 199 0.05 -4.54 3.40
CA GLU C 199 -0.71 -4.31 4.61
C GLU C 199 -2.20 -4.28 4.33
N ALA C 200 -2.55 -4.04 3.07
CA ALA C 200 -3.94 -4.05 2.64
C ALA C 200 -4.39 -5.47 2.35
N GLY C 201 -3.42 -6.33 2.03
CA GLY C 201 -3.57 -7.77 2.21
C GLY C 201 -3.08 -8.53 0.98
N ALA C 202 -2.13 -7.95 0.25
CA ALA C 202 -1.64 -8.56 -0.98
C ALA C 202 -0.59 -9.63 -0.72
N SER C 203 -0.86 -10.82 -1.22
CA SER C 203 0.08 -11.94 -1.22
C SER C 203 1.19 -11.82 -2.28
N ARG C 204 0.89 -11.15 -3.39
CA ARG C 204 1.90 -10.86 -4.41
C ARG C 204 1.75 -9.44 -4.94
N ILE C 205 2.81 -8.92 -5.55
CA ILE C 205 2.79 -7.60 -6.17
C ILE C 205 3.36 -7.53 -7.59
N GLY C 206 2.57 -7.00 -8.52
CA GLY C 206 3.06 -6.66 -9.84
C GLY C 206 3.29 -5.16 -9.79
N ALA C 207 4.39 -4.63 -10.32
CA ALA C 207 5.16 -5.18 -11.43
C ALA C 207 6.18 -4.12 -11.78
N SER C 208 7.30 -4.51 -12.35
CA SER C 208 8.29 -3.55 -12.81
C SER C 208 8.73 -2.61 -11.72
N SER C 209 9.84 -1.92 -11.95
CA SER C 209 10.31 -0.98 -10.95
C SER C 209 10.53 -1.77 -9.68
N GLY C 210 10.90 -3.01 -9.82
CA GLY C 210 11.10 -3.87 -8.68
C GLY C 210 12.25 -3.39 -7.86
N VAL C 211 12.93 -2.37 -8.33
CA VAL C 211 13.93 -1.75 -7.49
C VAL C 211 13.22 -0.69 -6.69
N ALA C 212 12.07 -1.09 -6.19
CA ALA C 212 11.35 -0.38 -5.18
C ALA C 212 12.05 -0.96 -4.01
N ILE C 213 12.66 -2.09 -4.27
CA ILE C 213 13.42 -2.78 -3.25
C ILE C 213 14.76 -2.05 -3.07
N MET C 214 14.82 -0.82 -3.57
CA MET C 214 15.98 0.07 -3.48
C MET C 214 17.28 -0.66 -3.84
N MET D 4 -17.47 -1.57 -55.81
CA MET D 4 -17.76 -0.18 -55.50
C MET D 4 -18.35 -0.13 -54.09
N LYS D 5 -19.42 0.67 -53.94
CA LYS D 5 -20.33 0.75 -52.77
C LYS D 5 -19.63 0.94 -51.42
N LEU D 6 -20.04 1.97 -50.69
CA LEU D 6 -19.28 2.45 -49.53
C LEU D 6 -19.42 1.52 -48.34
N ASN D 7 -20.66 1.13 -48.05
CA ASN D 7 -20.94 0.30 -46.90
C ASN D 7 -20.15 -1.00 -46.91
N LYS D 8 -19.82 -1.50 -48.10
CA LYS D 8 -19.10 -2.76 -48.16
C LYS D 8 -17.58 -2.55 -48.08
N TYR D 9 -17.18 -1.38 -47.57
CA TYR D 9 -15.78 -1.14 -47.22
C TYR D 9 -15.62 -1.16 -45.72
N ILE D 10 -16.71 -1.43 -45.01
CA ILE D 10 -16.71 -1.15 -43.58
C ILE D 10 -16.86 -2.36 -42.67
N ASP D 11 -15.90 -2.52 -41.77
CA ASP D 11 -16.01 -3.48 -40.68
C ASP D 11 -16.46 -2.73 -39.41
N HIS D 12 -17.72 -3.02 -39.06
CA HIS D 12 -18.42 -2.41 -37.94
C HIS D 12 -17.95 -3.05 -36.66
N THR D 13 -17.22 -2.29 -35.87
CA THR D 13 -16.38 -2.84 -34.81
C THR D 13 -16.76 -2.51 -33.37
N ILE D 14 -16.74 -3.53 -32.51
CA ILE D 14 -16.87 -3.33 -31.08
C ILE D 14 -15.91 -4.34 -30.43
N LEU D 15 -14.87 -3.84 -29.78
CA LEU D 15 -13.84 -4.73 -29.23
C LEU D 15 -13.39 -4.41 -27.81
N LYS D 16 -14.01 -3.43 -27.19
CA LYS D 16 -13.60 -3.04 -25.85
C LYS D 16 -13.88 -4.19 -24.89
N PRO D 17 -13.04 -4.37 -23.86
CA PRO D 17 -13.17 -5.53 -22.97
C PRO D 17 -14.50 -5.56 -22.21
N GLU D 18 -15.09 -4.41 -21.95
CA GLU D 18 -16.31 -4.33 -21.13
C GLU D 18 -17.61 -4.33 -21.95
N THR D 19 -17.52 -4.57 -23.26
CA THR D 19 -18.72 -4.52 -24.09
C THR D 19 -19.67 -5.66 -23.73
N THR D 20 -20.94 -5.31 -23.54
CA THR D 20 -21.96 -6.27 -23.16
C THR D 20 -22.71 -6.84 -24.36
N GLN D 21 -23.50 -7.87 -24.12
CA GLN D 21 -24.21 -8.54 -25.21
C GLN D 21 -25.14 -7.61 -25.97
N GLU D 22 -25.79 -6.70 -25.23
CA GLU D 22 -26.71 -5.76 -25.83
C GLU D 22 -25.99 -4.82 -26.79
N GLN D 23 -24.77 -4.43 -26.43
CA GLN D 23 -23.96 -3.54 -27.26
C GLN D 23 -23.57 -4.21 -28.58
N VAL D 24 -23.16 -5.47 -28.49
CA VAL D 24 -22.88 -6.26 -29.68
C VAL D 24 -24.15 -6.39 -30.53
N GLU D 25 -25.29 -6.60 -29.88
CA GLU D 25 -26.53 -6.80 -30.62
C GLU D 25 -26.97 -5.52 -31.34
N LYS D 26 -26.65 -4.37 -30.76
CA LYS D 26 -26.95 -3.12 -31.43
C LYS D 26 -26.01 -3.00 -32.62
N ILE D 27 -24.76 -3.44 -32.45
CA ILE D 27 -23.81 -3.43 -33.56
C ILE D 27 -24.25 -4.30 -34.74
N LEU D 28 -24.76 -5.49 -34.43
CA LEU D 28 -25.26 -6.42 -35.44
C LEU D 28 -26.48 -5.86 -36.15
N ALA D 29 -27.36 -5.24 -35.36
CA ALA D 29 -28.54 -4.58 -35.93
C ALA D 29 -28.13 -3.49 -36.95
N GLU D 30 -27.22 -2.59 -36.55
CA GLU D 30 -26.76 -1.53 -37.44
C GLU D 30 -26.06 -2.13 -38.67
N ALA D 31 -25.37 -3.25 -38.47
CA ALA D 31 -24.69 -3.89 -39.58
C ALA D 31 -25.68 -4.40 -40.62
N LYS D 32 -26.78 -4.99 -40.16
CA LYS D 32 -27.81 -5.45 -41.08
C LYS D 32 -28.50 -4.27 -41.78
N GLU D 33 -28.70 -3.18 -41.03
CA GLU D 33 -29.43 -2.05 -41.57
C GLU D 33 -28.69 -1.38 -42.74
N TYR D 34 -27.40 -1.09 -42.58
CA TYR D 34 -26.69 -0.45 -43.66
C TYR D 34 -25.86 -1.41 -44.52
N ASP D 35 -26.33 -2.66 -44.64
CA ASP D 35 -25.60 -3.76 -45.30
C ASP D 35 -24.06 -3.60 -45.30
N PHE D 36 -23.44 -3.68 -44.14
CA PHE D 36 -21.99 -3.50 -44.03
C PHE D 36 -21.21 -4.70 -44.54
N ALA D 37 -19.89 -4.53 -44.66
CA ALA D 37 -19.01 -5.62 -45.10
C ALA D 37 -19.05 -6.73 -44.07
N SER D 38 -18.82 -6.37 -42.82
CA SER D 38 -18.85 -7.35 -41.75
C SER D 38 -19.02 -6.65 -40.42
N VAL D 39 -19.24 -7.46 -39.37
CA VAL D 39 -19.05 -6.99 -38.01
C VAL D 39 -17.75 -7.62 -37.57
N CYS D 40 -16.97 -6.90 -36.77
CA CYS D 40 -15.75 -7.47 -36.23
C CYS D 40 -15.89 -7.46 -34.70
N VAL D 41 -15.87 -8.65 -34.10
CA VAL D 41 -16.01 -8.78 -32.64
C VAL D 41 -14.97 -9.74 -32.05
N ASN D 42 -14.77 -9.69 -30.74
CA ASN D 42 -13.86 -10.63 -30.07
C ASN D 42 -14.40 -12.05 -30.17
N PRO D 43 -13.51 -13.06 -30.09
CA PRO D 43 -13.95 -14.45 -30.27
C PRO D 43 -15.20 -14.85 -29.49
N THR D 44 -15.34 -14.34 -28.27
CA THR D 44 -16.47 -14.72 -27.42
C THR D 44 -17.86 -14.37 -28.00
N TRP D 45 -17.92 -13.45 -28.96
CA TRP D 45 -19.21 -13.05 -29.53
C TRP D 45 -19.41 -13.66 -30.93
N VAL D 46 -18.39 -14.37 -31.44
CA VAL D 46 -18.46 -14.89 -32.80
C VAL D 46 -19.75 -15.69 -33.04
N ALA D 47 -20.00 -16.67 -32.18
CA ALA D 47 -21.20 -17.49 -32.28
C ALA D 47 -22.44 -16.62 -32.40
N LEU D 48 -22.62 -15.69 -31.47
CA LEU D 48 -23.83 -14.86 -31.46
C LEU D 48 -23.91 -14.12 -32.80
N ALA D 49 -22.79 -13.58 -33.23
CA ALA D 49 -22.77 -12.78 -34.45
C ALA D 49 -23.19 -13.66 -35.62
N ALA D 50 -22.65 -14.88 -35.64
CA ALA D 50 -22.92 -15.80 -36.73
C ALA D 50 -24.42 -16.01 -36.81
N GLU D 51 -25.05 -16.30 -35.67
CA GLU D 51 -26.44 -16.66 -35.72
C GLU D 51 -27.31 -15.45 -35.96
N SER D 52 -26.77 -14.27 -35.66
CA SER D 52 -27.55 -13.09 -35.94
C SER D 52 -27.41 -12.74 -37.41
N LEU D 53 -26.31 -13.17 -38.02
CA LEU D 53 -25.99 -12.67 -39.35
C LEU D 53 -26.19 -13.71 -40.46
N LYS D 54 -26.63 -14.90 -40.10
CA LYS D 54 -27.13 -15.82 -41.11
C LYS D 54 -28.29 -15.12 -41.81
N ASP D 55 -28.47 -15.40 -43.10
CA ASP D 55 -29.54 -14.85 -43.92
C ASP D 55 -29.27 -13.40 -44.31
N SER D 56 -28.02 -12.97 -44.27
CA SER D 56 -27.66 -11.60 -44.67
C SER D 56 -26.31 -11.61 -45.36
N ASP D 57 -25.99 -10.49 -46.01
CA ASP D 57 -24.73 -10.39 -46.75
C ASP D 57 -23.57 -9.85 -45.92
N VAL D 58 -23.78 -9.80 -44.61
CA VAL D 58 -22.81 -9.28 -43.65
C VAL D 58 -21.99 -10.41 -43.03
N LYS D 59 -20.68 -10.42 -43.27
CA LYS D 59 -19.80 -11.47 -42.76
C LYS D 59 -19.38 -11.26 -41.29
N VAL D 60 -18.78 -12.29 -40.70
CA VAL D 60 -18.35 -12.21 -39.31
C VAL D 60 -16.83 -12.11 -39.20
N CYS D 61 -16.36 -11.07 -38.52
CA CYS D 61 -14.93 -10.84 -38.34
C CYS D 61 -14.58 -10.97 -36.88
N THR D 62 -13.43 -11.59 -36.62
CA THR D 62 -12.93 -11.68 -35.25
C THR D 62 -11.44 -11.43 -35.20
N VAL D 63 -10.90 -11.34 -34.00
CA VAL D 63 -9.49 -11.00 -33.83
C VAL D 63 -8.72 -12.12 -33.13
N ILE D 64 -7.49 -12.31 -33.58
CA ILE D 64 -6.64 -13.38 -33.12
C ILE D 64 -5.37 -12.81 -32.53
N GLY D 65 -5.00 -13.31 -31.35
CA GLY D 65 -3.83 -12.84 -30.64
C GLY D 65 -3.92 -11.35 -30.36
N PHE D 66 -5.11 -10.91 -29.98
CA PHE D 66 -5.47 -9.50 -29.96
C PHE D 66 -5.45 -8.90 -28.55
N PRO D 67 -4.95 -7.66 -28.41
CA PRO D 67 -4.34 -6.82 -29.43
C PRO D 67 -2.80 -6.74 -29.36
N LEU D 68 -2.15 -7.59 -28.57
CA LEU D 68 -0.70 -7.46 -28.35
C LEU D 68 0.14 -8.36 -29.23
N GLY D 69 -0.48 -9.39 -29.80
CA GLY D 69 0.18 -10.28 -30.73
C GLY D 69 1.36 -11.02 -30.15
N ALA D 70 1.38 -11.18 -28.83
CA ALA D 70 2.51 -11.81 -28.15
C ALA D 70 2.17 -13.23 -27.71
N ASN D 71 1.23 -13.87 -28.40
CA ASN D 71 0.95 -15.28 -28.13
C ASN D 71 1.85 -16.17 -29.00
N THR D 72 1.95 -17.44 -28.63
CA THR D 72 2.70 -18.38 -29.44
C THR D 72 1.90 -18.69 -30.71
N PRO D 73 2.60 -19.09 -31.77
CA PRO D 73 1.94 -19.46 -33.05
C PRO D 73 0.89 -20.57 -32.92
N ALA D 74 1.15 -21.59 -32.10
CA ALA D 74 0.20 -22.67 -31.91
C ALA D 74 -1.13 -22.12 -31.35
N VAL D 75 -1.04 -21.22 -30.38
CA VAL D 75 -2.23 -20.65 -29.77
C VAL D 75 -3.00 -19.77 -30.76
N LYS D 76 -2.28 -19.00 -31.55
CA LYS D 76 -2.91 -18.15 -32.54
C LYS D 76 -3.66 -19.01 -33.57
N ALA D 77 -3.00 -20.09 -34.00
CA ALA D 77 -3.61 -21.03 -34.95
C ALA D 77 -4.83 -21.75 -34.37
N PHE D 78 -4.74 -22.21 -33.13
CA PHE D 78 -5.84 -22.90 -32.47
C PHE D 78 -7.01 -21.94 -32.28
N GLU D 79 -6.72 -20.69 -32.00
CA GLU D 79 -7.77 -19.69 -31.85
C GLU D 79 -8.42 -19.41 -33.20
N THR D 80 -7.64 -19.49 -34.28
CA THR D 80 -8.21 -19.28 -35.59
C THR D 80 -9.16 -20.43 -35.94
N LYS D 81 -8.75 -21.63 -35.58
CA LYS D 81 -9.55 -22.82 -35.85
C LYS D 81 -10.78 -22.87 -34.99
N ASP D 82 -10.66 -22.31 -33.79
CA ASP D 82 -11.78 -22.18 -32.87
C ASP D 82 -12.79 -21.14 -33.29
N ALA D 83 -12.31 -20.01 -33.77
CA ALA D 83 -13.19 -18.94 -34.19
C ALA D 83 -13.94 -19.35 -35.43
N ILE D 84 -13.24 -20.05 -36.32
CA ILE D 84 -13.87 -20.52 -37.53
C ILE D 84 -14.87 -21.60 -37.19
N SER D 85 -14.55 -22.43 -36.21
CA SER D 85 -15.50 -23.46 -35.75
C SER D 85 -16.72 -22.84 -35.09
N ASN D 86 -16.62 -21.57 -34.72
CA ASN D 86 -17.74 -20.90 -34.06
C ASN D 86 -18.62 -20.08 -35.00
N GLY D 87 -18.23 -19.95 -36.28
CA GLY D 87 -18.88 -18.96 -37.11
C GLY D 87 -18.10 -17.86 -37.79
N ALA D 88 -16.80 -17.73 -37.54
CA ALA D 88 -16.05 -16.64 -38.15
C ALA D 88 -15.86 -16.82 -39.66
N ASP D 89 -15.91 -15.71 -40.40
CA ASP D 89 -15.67 -15.75 -41.85
C ASP D 89 -14.42 -15.00 -42.24
N GLU D 90 -13.85 -14.29 -41.27
CA GLU D 90 -12.63 -13.52 -41.48
C GLU D 90 -11.83 -13.45 -40.19
N ILE D 91 -10.51 -13.38 -40.35
CA ILE D 91 -9.59 -13.44 -39.24
C ILE D 91 -8.65 -12.24 -39.24
N ASP D 92 -8.69 -11.40 -38.22
CA ASP D 92 -7.65 -10.39 -38.13
C ASP D 92 -6.69 -10.72 -36.99
N MET D 93 -5.49 -11.18 -37.33
CA MET D 93 -4.47 -11.51 -36.35
C MET D 93 -3.53 -10.33 -36.12
N VAL D 94 -2.94 -10.26 -34.93
CA VAL D 94 -1.92 -9.26 -34.67
C VAL D 94 -0.54 -9.88 -34.92
N ILE D 95 0.28 -9.19 -35.71
CA ILE D 95 1.66 -9.62 -35.95
C ILE D 95 2.40 -9.64 -34.61
N ASN D 96 3.44 -10.47 -34.50
CA ASN D 96 4.27 -10.50 -33.29
C ASN D 96 5.18 -9.27 -33.27
N ILE D 97 4.66 -8.17 -32.75
CA ILE D 97 5.35 -6.88 -32.80
C ILE D 97 6.73 -6.94 -32.15
N GLY D 98 6.80 -7.57 -30.98
CA GLY D 98 8.03 -7.71 -30.24
C GLY D 98 9.10 -8.48 -31.00
N ALA D 99 8.70 -9.56 -31.66
CA ALA D 99 9.64 -10.36 -32.46
C ALA D 99 10.15 -9.54 -33.62
N LEU D 100 9.25 -8.78 -34.24
CA LEU D 100 9.60 -7.96 -35.39
C LEU D 100 10.57 -6.87 -34.97
N LYS D 101 10.40 -6.37 -33.75
CA LYS D 101 11.27 -5.32 -33.24
C LYS D 101 12.61 -5.92 -32.83
N THR D 102 12.60 -7.19 -32.43
CA THR D 102 13.81 -7.95 -32.09
C THR D 102 14.71 -8.19 -33.31
N GLY D 103 14.08 -8.61 -34.41
CA GLY D 103 14.77 -8.94 -35.64
C GLY D 103 14.50 -10.38 -36.00
N ASN D 104 13.46 -10.94 -35.41
CA ASN D 104 13.21 -12.38 -35.48
C ASN D 104 12.30 -12.72 -36.66
N TYR D 105 12.57 -12.15 -37.83
CA TYR D 105 11.70 -12.35 -39.01
C TYR D 105 11.22 -13.79 -39.20
N ASP D 106 12.05 -14.76 -38.85
CA ASP D 106 11.67 -16.18 -38.93
C ASP D 106 10.44 -16.47 -38.06
N LEU D 107 10.44 -15.97 -36.84
CA LEU D 107 9.33 -16.22 -35.92
C LEU D 107 8.08 -15.47 -36.34
N VAL D 108 8.23 -14.24 -36.81
CA VAL D 108 7.11 -13.46 -37.30
C VAL D 108 6.42 -14.17 -38.46
N LEU D 109 7.23 -14.66 -39.38
CA LEU D 109 6.71 -15.31 -40.57
C LEU D 109 6.07 -16.65 -40.20
N GLU D 110 6.73 -17.40 -39.33
CA GLU D 110 6.18 -18.67 -38.84
C GLU D 110 4.83 -18.44 -38.17
N ASP D 111 4.77 -17.34 -37.41
CA ASP D 111 3.60 -16.90 -36.65
C ASP D 111 2.43 -16.70 -37.57
N ILE D 112 2.61 -15.88 -38.60
CA ILE D 112 1.54 -15.66 -39.57
C ILE D 112 1.17 -16.94 -40.34
N LYS D 113 2.17 -17.73 -40.71
CA LYS D 113 1.90 -18.92 -41.54
C LYS D 113 1.03 -19.92 -40.81
N ALA D 114 1.19 -20.00 -39.48
CA ALA D 114 0.34 -20.89 -38.69
C ALA D 114 -1.13 -20.48 -38.80
N VAL D 115 -1.36 -19.18 -38.78
CA VAL D 115 -2.72 -18.66 -38.82
C VAL D 115 -3.32 -18.88 -40.18
N VAL D 116 -2.55 -18.63 -41.24
CA VAL D 116 -3.12 -18.86 -42.57
C VAL D 116 -3.35 -20.35 -42.81
N ALA D 117 -2.51 -21.21 -42.26
CA ALA D 117 -2.74 -22.63 -42.40
C ALA D 117 -4.00 -23.07 -41.66
N ALA D 118 -4.35 -22.38 -40.56
CA ALA D 118 -5.59 -22.77 -39.87
C ALA D 118 -6.80 -21.97 -40.37
N SER D 119 -6.54 -21.02 -41.28
CA SER D 119 -7.59 -20.24 -41.92
C SER D 119 -8.49 -21.14 -42.76
N GLY D 120 -7.85 -21.96 -43.59
CA GLY D 120 -8.57 -22.71 -44.59
C GLY D 120 -8.91 -21.80 -45.76
N ASP D 121 -10.20 -21.69 -46.05
CA ASP D 121 -10.67 -20.90 -47.17
C ASP D 121 -11.08 -19.49 -46.75
N LYS D 122 -10.64 -19.08 -45.57
CA LYS D 122 -11.20 -17.88 -44.95
C LYS D 122 -10.19 -16.76 -45.01
N LEU D 123 -10.69 -15.54 -45.03
CA LEU D 123 -9.84 -14.37 -45.24
C LEU D 123 -9.02 -14.04 -43.98
N VAL D 124 -7.73 -13.80 -44.15
CA VAL D 124 -6.85 -13.46 -43.03
C VAL D 124 -6.20 -12.09 -43.17
N LYS D 125 -6.44 -11.20 -42.21
CA LYS D 125 -5.78 -9.90 -42.16
C LYS D 125 -4.67 -9.90 -41.11
N VAL D 126 -3.57 -9.24 -41.43
CA VAL D 126 -2.49 -9.12 -40.46
C VAL D 126 -2.38 -7.68 -39.96
N ILE D 127 -2.57 -7.48 -38.67
CA ILE D 127 -2.44 -6.16 -38.08
C ILE D 127 -0.97 -5.90 -37.76
N ILE D 128 -0.44 -4.83 -38.34
CA ILE D 128 0.99 -4.56 -38.20
C ILE D 128 1.23 -3.69 -36.99
N GLU D 129 0.28 -2.79 -36.70
CA GLU D 129 0.35 -1.91 -35.53
C GLU D 129 1.42 -0.85 -35.83
N ALA D 130 1.27 -0.20 -36.97
CA ALA D 130 2.23 0.78 -37.48
C ALA D 130 2.66 1.95 -36.57
N CYS D 131 2.02 2.14 -35.43
CA CYS D 131 2.36 3.28 -34.61
C CYS D 131 3.54 2.91 -33.72
N LEU D 132 3.81 1.62 -33.63
CA LEU D 132 4.97 1.13 -32.89
C LEU D 132 6.15 0.83 -33.83
N LEU D 133 5.98 1.11 -35.12
CA LEU D 133 7.04 0.76 -36.09
C LEU D 133 7.65 1.97 -36.78
N THR D 134 8.91 1.83 -37.20
CA THR D 134 9.52 2.75 -38.15
C THR D 134 8.95 2.43 -39.53
N ASP D 135 9.17 3.33 -40.49
CA ASP D 135 8.70 3.10 -41.85
C ASP D 135 9.27 1.81 -42.43
N ASP D 136 10.55 1.57 -42.17
CA ASP D 136 11.20 0.34 -42.61
C ASP D 136 10.53 -0.90 -42.03
N GLU D 137 10.12 -0.80 -40.76
CA GLU D 137 9.47 -1.92 -40.11
C GLU D 137 8.04 -2.08 -40.61
N LYS D 138 7.40 -0.99 -41.00
CA LYS D 138 6.09 -1.10 -41.64
C LYS D 138 6.20 -1.86 -42.97
N VAL D 139 7.15 -1.43 -43.80
CA VAL D 139 7.41 -2.13 -45.05
C VAL D 139 7.72 -3.60 -44.79
N LYS D 140 8.60 -3.88 -43.84
CA LYS D 140 9.00 -5.25 -43.60
C LYS D 140 7.85 -6.10 -43.09
N ALA D 141 7.01 -5.51 -42.24
CA ALA D 141 5.85 -6.21 -41.72
C ALA D 141 4.92 -6.57 -42.87
N CYS D 142 4.72 -5.62 -43.77
CA CYS D 142 3.84 -5.87 -44.91
C CYS D 142 4.38 -6.97 -45.82
N GLN D 143 5.68 -6.92 -46.11
CA GLN D 143 6.32 -7.93 -46.95
C GLN D 143 6.22 -9.32 -46.32
N LEU D 144 6.43 -9.38 -45.01
CA LEU D 144 6.37 -10.65 -44.30
C LEU D 144 4.94 -11.19 -44.27
N SER D 145 3.97 -10.30 -44.18
CA SER D 145 2.58 -10.72 -44.20
C SER D 145 2.20 -11.17 -45.59
N GLN D 146 2.91 -10.66 -46.59
CA GLN D 146 2.56 -11.03 -47.94
C GLN D 146 3.26 -12.30 -48.37
N GLU D 147 4.43 -12.57 -47.82
CA GLU D 147 5.10 -13.80 -48.18
C GLU D 147 4.45 -14.99 -47.48
N ALA D 148 4.09 -14.80 -46.21
CA ALA D 148 3.30 -15.78 -45.47
C ALA D 148 1.96 -16.12 -46.14
N GLY D 149 1.63 -15.40 -47.22
CA GLY D 149 0.43 -15.61 -47.99
C GLY D 149 -0.84 -15.30 -47.20
N ALA D 150 -0.93 -14.10 -46.65
CA ALA D 150 -2.18 -13.66 -46.04
C ALA D 150 -2.89 -12.73 -47.00
N ASP D 151 -4.07 -12.25 -46.64
CA ASP D 151 -4.98 -11.71 -47.65
C ASP D 151 -5.11 -10.20 -47.47
N TYR D 152 -4.78 -9.71 -46.28
CA TYR D 152 -4.83 -8.28 -45.96
C TYR D 152 -3.69 -7.85 -45.04
N VAL D 153 -3.41 -6.55 -45.05
CA VAL D 153 -2.56 -5.95 -44.04
C VAL D 153 -3.40 -4.85 -43.41
N LYS D 154 -3.37 -4.77 -42.08
CA LYS D 154 -4.21 -3.85 -41.34
C LYS D 154 -3.32 -2.90 -40.55
N THR D 155 -3.73 -1.65 -40.43
CA THR D 155 -2.84 -0.66 -39.84
C THR D 155 -2.73 -0.67 -38.32
N SER D 156 -3.80 -1.08 -37.63
CA SER D 156 -3.87 -0.81 -36.20
C SER D 156 -4.86 -1.68 -35.46
N THR D 157 -4.60 -1.89 -34.17
CA THR D 157 -5.54 -2.58 -33.30
C THR D 157 -6.48 -1.63 -32.58
N GLY D 158 -6.35 -0.34 -32.83
CA GLY D 158 -6.98 0.67 -32.01
C GLY D 158 -6.76 0.60 -30.50
N PHE D 159 -5.78 -0.17 -30.04
CA PHE D 159 -5.53 -0.24 -28.61
C PHE D 159 -4.11 0.21 -28.25
N SER D 160 -3.43 0.88 -29.18
CA SER D 160 -2.12 1.42 -28.92
C SER D 160 -2.17 2.94 -29.06
N THR D 161 -1.01 3.59 -29.20
CA THR D 161 -0.93 5.05 -29.12
C THR D 161 -1.49 5.79 -30.33
N GLY D 162 -1.50 5.15 -31.49
CA GLY D 162 -1.97 5.79 -32.71
C GLY D 162 -2.75 4.87 -33.63
N GLY D 163 -3.52 5.44 -34.54
CA GLY D 163 -4.29 4.68 -35.49
C GLY D 163 -3.81 4.84 -36.92
N ALA D 164 -4.72 4.68 -37.88
CA ALA D 164 -4.38 4.80 -39.31
C ALA D 164 -4.00 6.23 -39.67
N THR D 165 -2.91 6.38 -40.42
CA THR D 165 -2.55 7.68 -41.00
C THR D 165 -2.53 7.52 -42.52
N VAL D 166 -2.79 8.61 -43.24
CA VAL D 166 -2.86 8.54 -44.70
C VAL D 166 -1.50 8.10 -45.25
N ALA D 167 -0.44 8.57 -44.62
CA ALA D 167 0.92 8.21 -45.03
C ALA D 167 1.16 6.71 -44.90
N ASP D 168 0.70 6.14 -43.79
CA ASP D 168 0.88 4.71 -43.54
C ASP D 168 0.08 3.89 -44.54
N VAL D 169 -1.15 4.30 -44.79
CA VAL D 169 -1.99 3.57 -45.75
C VAL D 169 -1.36 3.58 -47.14
N ALA D 170 -0.88 4.75 -47.54
CA ALA D 170 -0.25 4.91 -48.85
C ALA D 170 0.98 4.01 -48.95
N LEU D 171 1.81 4.06 -47.91
CA LEU D 171 3.03 3.28 -47.89
C LEU D 171 2.73 1.78 -47.94
N MET D 172 1.74 1.34 -47.16
CA MET D 172 1.37 -0.07 -47.16
C MET D 172 0.85 -0.50 -48.52
N ARG D 173 0.02 0.32 -49.16
CA ARG D 173 -0.46 -0.02 -50.50
C ARG D 173 0.67 -0.05 -51.53
N LYS D 174 1.60 0.89 -51.45
CA LYS D 174 2.74 0.87 -52.36
C LYS D 174 3.57 -0.40 -52.15
N THR D 175 3.72 -0.82 -50.89
CA THR D 175 4.55 -1.96 -50.55
C THR D 175 3.93 -3.28 -50.95
N VAL D 176 2.67 -3.46 -50.66
CA VAL D 176 2.06 -4.77 -50.80
C VAL D 176 1.42 -4.98 -52.15
N GLY D 177 1.89 -4.27 -53.15
CA GLY D 177 1.31 -4.39 -54.46
C GLY D 177 -0.15 -4.08 -54.35
N PRO D 178 -0.95 -4.42 -55.44
CA PRO D 178 -2.32 -3.99 -55.32
C PRO D 178 -3.31 -5.14 -55.29
N ASP D 179 -2.87 -6.38 -55.29
CA ASP D 179 -3.83 -7.47 -55.32
C ASP D 179 -4.09 -8.07 -53.97
N MET D 180 -3.43 -7.51 -52.98
CA MET D 180 -3.65 -7.86 -51.61
C MET D 180 -4.45 -6.71 -51.04
N GLY D 181 -5.25 -6.97 -50.02
CA GLY D 181 -6.01 -5.88 -49.46
C GLY D 181 -5.30 -5.08 -48.39
N VAL D 182 -5.88 -3.91 -48.08
CA VAL D 182 -5.34 -2.99 -47.09
C VAL D 182 -6.47 -2.41 -46.25
N LYS D 183 -6.46 -2.67 -44.95
CA LYS D 183 -7.52 -2.15 -44.08
C LYS D 183 -6.99 -1.07 -43.15
N ALA D 184 -7.59 0.12 -43.27
CA ALA D 184 -7.31 1.23 -42.36
C ALA D 184 -8.29 1.25 -41.20
N SER D 185 -7.80 1.04 -39.99
CA SER D 185 -8.64 1.12 -38.80
C SER D 185 -7.99 2.09 -37.82
N GLY D 186 -8.77 2.80 -37.02
CA GLY D 186 -8.16 3.63 -35.99
C GLY D 186 -8.54 5.09 -35.85
N GLY D 187 -8.64 5.81 -36.96
CA GLY D 187 -8.97 7.22 -36.87
C GLY D 187 -10.09 7.69 -37.77
N ALA D 188 -10.88 6.78 -38.32
CA ALA D 188 -11.94 7.24 -39.20
C ALA D 188 -13.19 7.43 -38.39
N ARG D 189 -13.61 8.68 -38.26
CA ARG D 189 -14.76 9.02 -37.44
C ARG D 189 -15.67 9.91 -38.24
N SER D 190 -15.47 9.88 -39.56
CA SER D 190 -16.16 10.78 -40.46
C SER D 190 -16.16 10.26 -41.89
N TYR D 191 -17.05 10.80 -42.71
CA TYR D 191 -17.13 10.42 -44.12
C TYR D 191 -15.84 10.78 -44.88
N GLU D 192 -15.34 11.98 -44.65
CA GLU D 192 -14.12 12.42 -45.35
C GLU D 192 -12.85 11.77 -44.81
N ASP D 193 -12.86 11.39 -43.54
CA ASP D 193 -11.73 10.67 -42.95
C ASP D 193 -11.61 9.35 -43.67
N ALA D 194 -12.78 8.75 -43.91
CA ALA D 194 -12.88 7.49 -44.60
C ALA D 194 -12.44 7.60 -46.06
N ILE D 195 -12.97 8.57 -46.81
CA ILE D 195 -12.64 8.66 -48.23
C ILE D 195 -11.17 9.03 -48.43
N ALA D 196 -10.59 9.77 -47.50
CA ALA D 196 -9.15 10.05 -47.56
C ALA D 196 -8.36 8.73 -47.51
N PHE D 197 -8.81 7.83 -46.64
CA PHE D 197 -8.19 6.52 -46.47
C PHE D 197 -8.40 5.66 -47.71
N ILE D 198 -9.54 5.83 -48.35
CA ILE D 198 -9.85 5.06 -49.54
C ILE D 198 -8.99 5.55 -50.72
N GLU D 199 -8.83 6.87 -50.85
CA GLU D 199 -7.99 7.44 -51.89
C GLU D 199 -6.50 7.21 -51.64
N ALA D 200 -6.17 6.93 -50.39
CA ALA D 200 -4.81 6.64 -50.06
C ALA D 200 -4.52 5.23 -50.49
N GLY D 201 -5.51 4.36 -50.44
CA GLY D 201 -5.33 3.03 -50.98
C GLY D 201 -5.99 1.91 -50.23
N ALA D 202 -6.96 2.22 -49.40
CA ALA D 202 -7.57 1.22 -48.58
C ALA D 202 -8.68 0.51 -49.26
N SER D 203 -8.61 -0.81 -49.34
CA SER D 203 -9.74 -1.62 -49.74
C SER D 203 -10.78 -1.84 -48.61
N ARG D 204 -10.38 -1.79 -47.35
CA ARG D 204 -11.40 -1.82 -46.29
C ARG D 204 -11.12 -0.79 -45.18
N ILE D 205 -12.15 -0.49 -44.39
CA ILE D 205 -12.05 0.42 -43.26
C ILE D 205 -12.65 -0.18 -42.01
N GLY D 206 -11.87 -0.20 -40.93
CA GLY D 206 -12.35 -0.64 -39.64
C GLY D 206 -12.77 0.55 -38.81
N ALA D 207 -13.91 0.43 -38.11
CA ALA D 207 -14.42 1.55 -37.32
C ALA D 207 -15.74 1.26 -36.63
N SER D 208 -16.02 2.06 -35.60
CA SER D 208 -17.31 2.14 -34.96
C SER D 208 -18.27 3.19 -35.55
N SER D 209 -18.23 3.46 -36.85
CA SER D 209 -19.06 4.54 -37.40
C SER D 209 -20.07 4.23 -38.52
N GLY D 210 -21.07 3.39 -38.24
CA GLY D 210 -22.37 3.45 -38.90
C GLY D 210 -23.01 4.85 -39.03
N VAL D 211 -22.22 5.82 -39.47
CA VAL D 211 -22.63 7.22 -39.62
C VAL D 211 -21.88 7.75 -40.85
N ALA D 212 -20.81 7.05 -41.21
CA ALA D 212 -19.99 7.40 -42.36
C ALA D 212 -20.91 7.28 -43.58
N ILE D 213 -21.96 6.45 -43.44
CA ILE D 213 -22.89 6.23 -44.53
C ILE D 213 -24.01 7.31 -44.49
N MET D 214 -23.72 8.41 -43.83
CA MET D 214 -24.57 9.58 -43.95
C MET D 214 -23.60 10.67 -44.37
N ASN D 215 -22.99 10.41 -45.53
CA ASN D 215 -22.03 11.26 -46.24
C ASN D 215 -21.48 12.46 -45.46
N LEU E 6 -52.11 -13.06 -26.54
CA LEU E 6 -51.25 -13.05 -25.35
C LEU E 6 -50.23 -11.92 -25.38
N ASN E 7 -49.64 -11.71 -26.54
CA ASN E 7 -48.64 -10.68 -26.74
C ASN E 7 -49.21 -9.28 -26.53
N LYS E 8 -50.49 -9.08 -26.87
CA LYS E 8 -51.04 -7.74 -26.76
C LYS E 8 -51.55 -7.52 -25.36
N TYR E 9 -51.05 -8.32 -24.43
CA TYR E 9 -51.29 -8.10 -23.02
C TYR E 9 -50.06 -7.54 -22.36
N ILE E 10 -49.01 -7.33 -23.14
CA ILE E 10 -47.71 -7.15 -22.53
C ILE E 10 -47.08 -5.78 -22.69
N ASP E 11 -46.77 -5.18 -21.55
CA ASP E 11 -45.94 -4.00 -21.49
C ASP E 11 -44.53 -4.51 -21.20
N HIS E 12 -43.68 -4.42 -22.22
CA HIS E 12 -42.32 -4.89 -22.18
C HIS E 12 -41.47 -3.84 -21.46
N THR E 13 -41.01 -4.20 -20.26
CA THR E 13 -40.52 -3.22 -19.30
C THR E 13 -39.02 -3.28 -18.91
N ILE E 14 -38.38 -2.12 -18.91
CA ILE E 14 -37.05 -1.98 -18.35
C ILE E 14 -36.95 -0.65 -17.59
N LEU E 15 -36.74 -0.72 -16.29
CA LEU E 15 -36.77 0.50 -15.49
C LEU E 15 -35.62 0.65 -14.48
N LYS E 16 -34.65 -0.25 -14.51
CA LYS E 16 -33.56 -0.15 -13.56
C LYS E 16 -32.72 1.10 -13.82
N PRO E 17 -32.18 1.70 -12.75
CA PRO E 17 -31.49 2.99 -12.84
C PRO E 17 -30.26 2.98 -13.73
N GLU E 18 -29.61 1.82 -13.81
CA GLU E 18 -28.34 1.68 -14.50
C GLU E 18 -28.55 1.33 -15.97
N THR E 19 -29.79 1.43 -16.42
CA THR E 19 -30.13 1.06 -17.78
C THR E 19 -29.45 1.97 -18.78
N THR E 20 -28.74 1.35 -19.73
CA THR E 20 -28.03 2.09 -20.78
C THR E 20 -28.88 2.14 -22.04
N GLN E 21 -28.47 2.96 -23.00
CA GLN E 21 -29.25 3.14 -24.21
C GLN E 21 -29.42 1.85 -25.01
N GLU E 22 -28.36 1.05 -25.07
CA GLU E 22 -28.41 -0.19 -25.85
C GLU E 22 -29.44 -1.20 -25.30
N GLN E 23 -29.57 -1.25 -23.98
CA GLN E 23 -30.53 -2.14 -23.35
C GLN E 23 -31.96 -1.75 -23.76
N VAL E 24 -32.24 -0.46 -23.70
CA VAL E 24 -33.53 0.04 -24.13
C VAL E 24 -33.75 -0.29 -25.59
N GLU E 25 -32.70 -0.17 -26.40
CA GLU E 25 -32.81 -0.35 -27.85
C GLU E 25 -33.20 -1.79 -28.16
N LYS E 26 -32.70 -2.68 -27.30
CA LYS E 26 -33.03 -4.09 -27.34
C LYS E 26 -34.47 -4.36 -26.91
N ILE E 27 -34.94 -3.62 -25.91
CA ILE E 27 -36.35 -3.77 -25.48
C ILE E 27 -37.27 -3.36 -26.64
N LEU E 28 -36.89 -2.30 -27.34
CA LEU E 28 -37.65 -1.83 -28.48
C LEU E 28 -37.67 -2.85 -29.62
N ALA E 29 -36.51 -3.41 -29.89
CA ALA E 29 -36.40 -4.44 -30.93
C ALA E 29 -37.31 -5.63 -30.61
N GLU E 30 -37.20 -6.14 -29.39
CA GLU E 30 -38.03 -7.29 -29.00
C GLU E 30 -39.52 -6.95 -29.07
N ALA E 31 -39.87 -5.72 -28.72
CA ALA E 31 -41.27 -5.30 -28.75
C ALA E 31 -41.80 -5.28 -30.17
N LYS E 32 -41.01 -4.78 -31.11
CA LYS E 32 -41.42 -4.83 -32.51
C LYS E 32 -41.52 -6.26 -33.00
N GLU E 33 -40.63 -7.12 -32.52
CA GLU E 33 -40.62 -8.50 -32.97
C GLU E 33 -41.85 -9.30 -32.52
N TYR E 34 -42.22 -9.22 -31.25
CA TYR E 34 -43.36 -10.02 -30.82
C TYR E 34 -44.67 -9.25 -30.77
N ASP E 35 -44.76 -8.24 -31.64
CA ASP E 35 -45.82 -7.23 -31.62
C ASP E 35 -46.47 -7.08 -30.25
N PHE E 36 -45.72 -6.57 -29.27
CA PHE E 36 -46.22 -6.39 -27.91
C PHE E 36 -47.17 -5.20 -27.81
N ALA E 37 -47.87 -5.09 -26.68
CA ALA E 37 -48.81 -4.00 -26.47
C ALA E 37 -48.09 -2.65 -26.42
N SER E 38 -47.03 -2.58 -25.62
CA SER E 38 -46.26 -1.37 -25.50
C SER E 38 -44.87 -1.67 -24.97
N VAL E 39 -44.04 -0.63 -24.99
CA VAL E 39 -42.78 -0.62 -24.27
C VAL E 39 -42.99 0.29 -23.06
N CYS E 40 -42.39 -0.08 -21.93
CA CYS E 40 -42.43 0.74 -20.74
C CYS E 40 -41.03 1.15 -20.33
N VAL E 41 -40.74 2.45 -20.38
CA VAL E 41 -39.44 2.95 -19.98
C VAL E 41 -39.56 4.19 -19.10
N ASN E 42 -38.49 4.54 -18.39
CA ASN E 42 -38.48 5.81 -17.65
C ASN E 42 -38.49 6.99 -18.62
N PRO E 43 -39.02 8.15 -18.18
CA PRO E 43 -39.16 9.34 -19.03
C PRO E 43 -37.95 9.68 -19.89
N THR E 44 -36.74 9.47 -19.35
CA THR E 44 -35.54 9.86 -20.06
C THR E 44 -35.38 9.14 -21.40
N TRP E 45 -36.09 8.03 -21.59
CA TRP E 45 -35.96 7.28 -22.84
C TRP E 45 -37.18 7.42 -23.75
N VAL E 46 -38.23 8.11 -23.27
CA VAL E 46 -39.47 8.24 -24.02
C VAL E 46 -39.24 8.74 -25.45
N ALA E 47 -38.52 9.85 -25.55
CA ALA E 47 -38.17 10.41 -26.85
C ALA E 47 -37.56 9.34 -27.73
N LEU E 48 -36.51 8.70 -27.23
CA LEU E 48 -35.79 7.68 -27.98
C LEU E 48 -36.76 6.59 -28.39
N ALA E 49 -37.65 6.23 -27.46
CA ALA E 49 -38.60 5.17 -27.73
C ALA E 49 -39.55 5.58 -28.85
N ALA E 50 -40.00 6.83 -28.80
CA ALA E 50 -41.00 7.31 -29.74
C ALA E 50 -40.56 7.17 -31.21
N GLU E 51 -39.37 7.64 -31.54
CA GLU E 51 -38.95 7.63 -32.93
C GLU E 51 -38.60 6.22 -33.34
N SER E 52 -38.35 5.37 -32.36
CA SER E 52 -38.09 3.99 -32.69
C SER E 52 -39.39 3.25 -32.92
N LEU E 53 -40.47 3.71 -32.29
CA LEU E 53 -41.71 2.94 -32.31
C LEU E 53 -42.76 3.60 -33.21
N LYS E 54 -42.40 4.73 -33.81
CA LYS E 54 -43.21 5.28 -34.90
C LYS E 54 -43.22 4.17 -35.94
N ASP E 55 -44.34 4.03 -36.64
CA ASP E 55 -44.51 3.02 -37.70
C ASP E 55 -44.72 1.61 -37.14
N SER E 56 -45.21 1.52 -35.91
CA SER E 56 -45.58 0.22 -35.32
C SER E 56 -46.80 0.38 -34.42
N ASP E 57 -47.42 -0.74 -34.05
CA ASP E 57 -48.59 -0.73 -33.19
C ASP E 57 -48.18 -0.82 -31.72
N VAL E 58 -46.90 -0.56 -31.46
CA VAL E 58 -46.36 -0.61 -30.11
C VAL E 58 -46.32 0.80 -29.51
N LYS E 59 -47.16 1.04 -28.50
CA LYS E 59 -47.23 2.37 -27.91
C LYS E 59 -46.06 2.57 -26.96
N VAL E 60 -45.85 3.81 -26.55
CA VAL E 60 -44.78 4.11 -25.62
C VAL E 60 -45.41 4.44 -24.28
N CYS E 61 -44.93 3.73 -23.25
CA CYS E 61 -45.46 3.83 -21.90
C CYS E 61 -44.40 4.40 -20.99
N THR E 62 -44.79 5.26 -20.06
CA THR E 62 -43.78 5.72 -19.13
C THR E 62 -44.34 5.79 -17.72
N VAL E 63 -43.48 6.10 -16.75
CA VAL E 63 -43.91 6.08 -15.37
C VAL E 63 -43.74 7.47 -14.76
N ILE E 64 -44.70 7.85 -13.91
CA ILE E 64 -44.74 9.20 -13.33
C ILE E 64 -44.74 9.18 -11.81
N GLY E 65 -43.89 10.02 -11.21
CA GLY E 65 -43.69 9.99 -9.76
C GLY E 65 -43.17 8.64 -9.32
N PHE E 66 -42.23 8.10 -10.08
CA PHE E 66 -41.84 6.69 -9.96
C PHE E 66 -40.52 6.55 -9.24
N PRO E 67 -40.40 5.52 -8.38
CA PRO E 67 -41.44 4.55 -8.00
C PRO E 67 -42.07 4.79 -6.62
N LEU E 68 -41.84 5.93 -5.99
CA LEU E 68 -42.32 6.14 -4.62
C LEU E 68 -43.64 6.88 -4.55
N GLY E 69 -43.96 7.60 -5.62
CA GLY E 69 -45.20 8.36 -5.68
C GLY E 69 -45.33 9.46 -4.65
N ALA E 70 -44.19 9.96 -4.16
CA ALA E 70 -44.15 10.94 -3.08
C ALA E 70 -43.82 12.35 -3.59
N ASN E 71 -44.14 12.60 -4.86
CA ASN E 71 -44.01 13.92 -5.43
C ASN E 71 -45.29 14.74 -5.24
N THR E 72 -45.20 16.05 -5.39
CA THR E 72 -46.39 16.90 -5.30
C THR E 72 -47.22 16.74 -6.56
N PRO E 73 -48.53 17.02 -6.46
CA PRO E 73 -49.40 16.92 -7.64
C PRO E 73 -48.90 17.76 -8.81
N ALA E 74 -48.36 18.93 -8.52
CA ALA E 74 -47.83 19.80 -9.57
C ALA E 74 -46.72 19.12 -10.35
N VAL E 75 -45.82 18.47 -9.62
CA VAL E 75 -44.67 17.81 -10.24
C VAL E 75 -45.11 16.59 -11.05
N LYS E 76 -46.07 15.82 -10.53
CA LYS E 76 -46.58 14.66 -11.25
C LYS E 76 -47.29 15.08 -12.53
N ALA E 77 -48.08 16.15 -12.44
CA ALA E 77 -48.77 16.66 -13.62
C ALA E 77 -47.77 17.15 -14.67
N PHE E 78 -46.76 17.90 -14.21
CA PHE E 78 -45.78 18.48 -15.11
C PHE E 78 -45.01 17.37 -15.79
N GLU E 79 -44.71 16.32 -15.03
CA GLU E 79 -43.98 15.18 -15.55
C GLU E 79 -44.84 14.46 -16.56
N THR E 80 -46.16 14.52 -16.33
CA THR E 80 -47.09 13.89 -17.26
C THR E 80 -47.15 14.59 -18.62
N LYS E 81 -47.25 15.92 -18.64
CA LYS E 81 -47.31 16.53 -19.95
C LYS E 81 -45.92 16.62 -20.59
N ASP E 82 -44.88 16.60 -19.77
CA ASP E 82 -43.53 16.58 -20.32
C ASP E 82 -43.27 15.22 -20.97
N ALA E 83 -43.80 14.16 -20.37
CA ALA E 83 -43.65 12.82 -20.95
C ALA E 83 -44.48 12.72 -22.22
N ILE E 84 -45.65 13.35 -22.21
CA ILE E 84 -46.53 13.28 -23.37
C ILE E 84 -45.99 14.05 -24.56
N SER E 85 -45.40 15.21 -24.29
CA SER E 85 -44.80 16.01 -25.35
C SER E 85 -43.56 15.34 -25.94
N ASN E 86 -43.01 14.35 -25.24
CA ASN E 86 -41.81 13.66 -25.72
C ASN E 86 -42.11 12.46 -26.59
N GLY E 87 -43.40 12.13 -26.73
CA GLY E 87 -43.79 10.90 -27.41
C GLY E 87 -44.59 9.85 -26.67
N ALA E 88 -44.81 10.01 -25.37
CA ALA E 88 -45.51 8.98 -24.60
C ALA E 88 -46.97 8.87 -24.99
N ASP E 89 -47.46 7.62 -25.02
CA ASP E 89 -48.85 7.32 -25.34
C ASP E 89 -49.63 6.77 -24.15
N GLU E 90 -48.91 6.41 -23.09
CA GLU E 90 -49.51 5.91 -21.86
C GLU E 90 -48.69 6.25 -20.62
N ILE E 91 -49.40 6.48 -19.52
CA ILE E 91 -48.83 6.98 -18.27
C ILE E 91 -49.16 6.07 -17.09
N ASP E 92 -48.14 5.48 -16.47
CA ASP E 92 -48.35 4.78 -15.20
C ASP E 92 -47.79 5.61 -14.07
N MET E 93 -48.68 6.22 -13.29
CA MET E 93 -48.26 7.02 -12.16
C MET E 93 -48.24 6.19 -10.90
N VAL E 94 -47.41 6.57 -9.95
CA VAL E 94 -47.46 5.94 -8.65
C VAL E 94 -48.32 6.78 -7.74
N ILE E 95 -49.28 6.12 -7.09
CA ILE E 95 -50.15 6.76 -6.10
C ILE E 95 -49.32 7.32 -4.94
N ASN E 96 -49.83 8.35 -4.29
CA ASN E 96 -49.20 8.82 -3.09
C ASN E 96 -49.51 7.84 -1.99
N ILE E 97 -48.66 6.82 -1.87
CA ILE E 97 -48.85 5.74 -0.91
C ILE E 97 -48.92 6.26 0.53
N GLY E 98 -48.02 7.19 0.86
CA GLY E 98 -47.93 7.75 2.19
C GLY E 98 -49.20 8.49 2.59
N ALA E 99 -49.73 9.26 1.66
CA ALA E 99 -50.94 10.01 1.92
C ALA E 99 -52.09 9.04 2.14
N LEU E 100 -52.17 8.00 1.32
CA LEU E 100 -53.25 7.02 1.48
C LEU E 100 -53.14 6.31 2.84
N LYS E 101 -51.92 6.05 3.30
CA LYS E 101 -51.76 5.35 4.57
C LYS E 101 -52.04 6.27 5.77
N THR E 102 -51.79 7.56 5.60
CA THR E 102 -52.10 8.55 6.61
C THR E 102 -53.62 8.68 6.79
N GLY E 103 -54.31 8.72 5.65
CA GLY E 103 -55.76 8.73 5.59
C GLY E 103 -56.18 9.97 4.84
N ASN E 104 -55.24 10.53 4.10
CA ASN E 104 -55.42 11.83 3.46
C ASN E 104 -56.03 11.64 2.06
N TYR E 105 -57.13 10.90 2.04
CA TYR E 105 -57.82 10.58 0.81
C TYR E 105 -58.00 11.74 -0.17
N ASP E 106 -58.24 12.93 0.37
CA ASP E 106 -58.40 14.13 -0.44
C ASP E 106 -57.16 14.42 -1.29
N LEU E 107 -55.98 14.31 -0.67
CA LEU E 107 -54.73 14.57 -1.39
C LEU E 107 -54.46 13.46 -2.39
N VAL E 108 -54.78 12.21 -2.04
CA VAL E 108 -54.65 11.10 -2.98
C VAL E 108 -55.44 11.38 -4.26
N LEU E 109 -56.67 11.83 -4.06
CA LEU E 109 -57.56 12.10 -5.17
C LEU E 109 -57.06 13.29 -5.99
N GLU E 110 -56.64 14.37 -5.29
CA GLU E 110 -56.10 15.57 -5.95
C GLU E 110 -54.89 15.24 -6.82
N ASP E 111 -54.04 14.35 -6.30
CA ASP E 111 -52.85 13.85 -6.98
C ASP E 111 -53.21 13.14 -8.29
N ILE E 112 -54.07 12.13 -8.17
CA ILE E 112 -54.41 11.38 -9.37
C ILE E 112 -55.11 12.28 -10.39
N LYS E 113 -56.02 13.12 -9.92
CA LYS E 113 -56.81 13.98 -10.81
C LYS E 113 -55.94 14.98 -11.52
N ALA E 114 -54.92 15.46 -10.81
CA ALA E 114 -53.95 16.37 -11.38
C ALA E 114 -53.24 15.68 -12.54
N VAL E 115 -52.93 14.39 -12.36
CA VAL E 115 -52.23 13.65 -13.43
C VAL E 115 -53.17 13.37 -14.61
N VAL E 116 -54.41 13.00 -14.30
CA VAL E 116 -55.41 12.70 -15.32
C VAL E 116 -55.77 13.94 -16.14
N ALA E 117 -55.75 15.11 -15.51
CA ALA E 117 -56.03 16.34 -16.24
C ALA E 117 -54.95 16.64 -17.28
N ALA E 118 -53.71 16.24 -17.01
CA ALA E 118 -52.67 16.47 -18.00
C ALA E 118 -52.56 15.27 -18.90
N SER E 119 -53.34 14.23 -18.58
CA SER E 119 -53.39 13.03 -19.40
C SER E 119 -53.79 13.39 -20.82
N GLY E 120 -54.91 14.11 -20.92
CA GLY E 120 -55.50 14.38 -22.22
C GLY E 120 -56.23 13.17 -22.75
N ASP E 121 -55.84 12.75 -23.94
CA ASP E 121 -56.44 11.57 -24.55
C ASP E 121 -55.59 10.34 -24.27
N LYS E 122 -54.77 10.42 -23.24
CA LYS E 122 -53.72 9.44 -23.05
C LYS E 122 -54.08 8.58 -21.85
N LEU E 123 -53.88 7.28 -22.00
CA LEU E 123 -54.33 6.30 -21.01
C LEU E 123 -53.51 6.40 -19.73
N VAL E 124 -54.19 6.45 -18.59
CA VAL E 124 -53.51 6.56 -17.30
C VAL E 124 -53.77 5.38 -16.41
N LYS E 125 -52.70 4.72 -15.99
CA LYS E 125 -52.77 3.65 -15.02
C LYS E 125 -52.32 4.14 -13.65
N VAL E 126 -52.99 3.70 -12.60
CA VAL E 126 -52.58 4.07 -11.26
C VAL E 126 -51.98 2.88 -10.53
N ILE E 127 -50.70 2.99 -10.20
CA ILE E 127 -50.04 1.95 -9.43
C ILE E 127 -50.34 2.15 -7.95
N ILE E 128 -50.91 1.14 -7.31
CA ILE E 128 -51.32 1.24 -5.92
C ILE E 128 -50.22 0.75 -4.99
N GLU E 129 -49.45 -0.23 -5.47
CA GLU E 129 -48.33 -0.82 -4.73
C GLU E 129 -48.91 -1.71 -3.65
N ALA E 130 -49.78 -2.60 -4.09
CA ALA E 130 -50.52 -3.54 -3.25
C ALA E 130 -49.76 -4.17 -2.07
N CYS E 131 -48.45 -4.35 -2.20
CA CYS E 131 -47.74 -5.10 -1.19
C CYS E 131 -47.51 -4.24 0.03
N LEU E 132 -47.67 -2.93 -0.09
CA LEU E 132 -47.57 -2.10 1.09
C LEU E 132 -48.95 -1.78 1.66
N LEU E 133 -50.01 -2.32 1.07
CA LEU E 133 -51.35 -1.98 1.55
C LEU E 133 -52.10 -3.16 2.12
N THR E 134 -53.02 -2.88 3.03
CA THR E 134 -54.00 -3.88 3.45
C THR E 134 -55.01 -4.08 2.32
N ASP E 135 -55.83 -5.14 2.38
CA ASP E 135 -56.84 -5.36 1.35
C ASP E 135 -57.77 -4.16 1.26
N ASP E 136 -58.17 -3.62 2.41
CA ASP E 136 -59.05 -2.45 2.45
C ASP E 136 -58.45 -1.24 1.76
N GLU E 137 -57.14 -1.07 1.92
CA GLU E 137 -56.42 0.03 1.30
C GLU E 137 -56.28 -0.21 -0.20
N LYS E 138 -56.23 -1.47 -0.59
CA LYS E 138 -56.25 -1.82 -2.00
C LYS E 138 -57.58 -1.39 -2.63
N VAL E 139 -58.67 -1.79 -1.98
CA VAL E 139 -60.00 -1.40 -2.44
C VAL E 139 -60.12 0.11 -2.52
N LYS E 140 -59.69 0.81 -1.48
CA LYS E 140 -59.78 2.27 -1.43
C LYS E 140 -58.91 2.94 -2.48
N ALA E 141 -57.73 2.39 -2.73
CA ALA E 141 -56.85 2.94 -3.74
C ALA E 141 -57.50 2.82 -5.11
N CYS E 142 -58.10 1.66 -5.37
CA CYS E 142 -58.76 1.44 -6.65
C CYS E 142 -59.97 2.34 -6.84
N GLN E 143 -60.78 2.49 -5.79
CA GLN E 143 -61.95 3.36 -5.86
C GLN E 143 -61.52 4.80 -6.11
N LEU E 144 -60.45 5.22 -5.44
CA LEU E 144 -59.98 6.57 -5.60
C LEU E 144 -59.47 6.78 -7.01
N SER E 145 -58.86 5.75 -7.59
CA SER E 145 -58.39 5.91 -8.95
C SER E 145 -59.53 5.93 -9.94
N GLN E 146 -60.66 5.33 -9.57
CA GLN E 146 -61.75 5.30 -10.53
C GLN E 146 -62.57 6.57 -10.44
N GLU E 147 -62.57 7.16 -9.26
CA GLU E 147 -63.28 8.41 -9.07
C GLU E 147 -62.56 9.56 -9.74
N ALA E 148 -61.23 9.56 -9.64
CA ALA E 148 -60.38 10.48 -10.39
C ALA E 148 -60.47 10.35 -11.91
N GLY E 149 -61.19 9.33 -12.38
CA GLY E 149 -61.32 9.06 -13.79
C GLY E 149 -60.02 8.63 -14.45
N ALA E 150 -59.41 7.58 -13.93
CA ALA E 150 -58.25 7.00 -14.58
C ALA E 150 -58.71 5.78 -15.36
N ASP E 151 -57.79 5.12 -16.04
CA ASP E 151 -58.21 4.19 -17.07
C ASP E 151 -57.87 2.77 -16.64
N TYR E 152 -56.86 2.66 -15.77
CA TYR E 152 -56.35 1.40 -15.26
C TYR E 152 -55.91 1.53 -13.81
N VAL E 153 -55.86 0.40 -13.13
CA VAL E 153 -55.19 0.33 -11.86
C VAL E 153 -54.11 -0.74 -12.02
N LYS E 154 -52.93 -0.46 -11.52
CA LYS E 154 -51.77 -1.33 -11.69
C LYS E 154 -51.32 -1.80 -10.32
N THR E 155 -50.88 -3.04 -10.23
CA THR E 155 -50.61 -3.62 -8.92
C THR E 155 -49.29 -3.24 -8.26
N SER E 156 -48.27 -2.86 -9.03
CA SER E 156 -46.91 -2.86 -8.50
C SER E 156 -45.93 -1.94 -9.24
N THR E 157 -44.93 -1.41 -8.54
CA THR E 157 -43.89 -0.68 -9.24
C THR E 157 -42.70 -1.56 -9.55
N GLY E 158 -42.78 -2.83 -9.18
CA GLY E 158 -41.62 -3.70 -9.18
C GLY E 158 -40.36 -3.24 -8.46
N PHE E 159 -40.48 -2.21 -7.62
CA PHE E 159 -39.33 -1.72 -6.86
C PHE E 159 -39.58 -1.81 -5.36
N SER E 160 -40.61 -2.55 -4.96
CA SER E 160 -40.85 -2.78 -3.54
C SER E 160 -40.80 -4.28 -3.22
N THR E 161 -41.33 -4.70 -2.08
CA THR E 161 -41.09 -6.06 -1.60
C THR E 161 -41.89 -7.13 -2.34
N GLY E 162 -43.01 -6.74 -2.96
CA GLY E 162 -43.87 -7.70 -3.62
C GLY E 162 -44.41 -7.24 -4.96
N GLY E 163 -44.86 -8.22 -5.75
CA GLY E 163 -45.46 -7.95 -7.04
C GLY E 163 -46.93 -8.31 -7.10
N ALA E 164 -47.38 -8.64 -8.31
CA ALA E 164 -48.77 -9.00 -8.53
C ALA E 164 -49.09 -10.35 -7.86
N THR E 165 -50.21 -10.42 -7.17
CA THR E 165 -50.74 -11.69 -6.70
C THR E 165 -52.13 -11.85 -7.29
N VAL E 166 -52.55 -13.09 -7.51
CA VAL E 166 -53.84 -13.34 -8.14
C VAL E 166 -55.01 -12.81 -7.31
N ALA E 167 -54.89 -12.93 -5.98
CA ALA E 167 -55.93 -12.43 -5.08
C ALA E 167 -56.11 -10.92 -5.24
N ASP E 168 -54.97 -10.25 -5.44
CA ASP E 168 -54.96 -8.80 -5.63
C ASP E 168 -55.58 -8.41 -6.97
N VAL E 169 -55.23 -9.11 -8.03
CA VAL E 169 -55.80 -8.82 -9.35
C VAL E 169 -57.32 -9.03 -9.31
N ALA E 170 -57.76 -10.12 -8.71
CA ALA E 170 -59.18 -10.40 -8.54
C ALA E 170 -59.87 -9.33 -7.69
N LEU E 171 -59.23 -8.90 -6.61
CA LEU E 171 -59.80 -7.86 -5.77
C LEU E 171 -59.97 -6.53 -6.49
N MET E 172 -58.92 -6.15 -7.21
CA MET E 172 -58.93 -4.90 -7.95
C MET E 172 -59.99 -4.95 -9.03
N ARG E 173 -60.04 -6.07 -9.75
CA ARG E 173 -61.05 -6.25 -10.79
C ARG E 173 -62.45 -6.25 -10.22
N LYS E 174 -62.62 -6.89 -9.07
CA LYS E 174 -63.92 -6.90 -8.44
C LYS E 174 -64.35 -5.49 -8.09
N THR E 175 -63.46 -4.62 -7.68
CA THR E 175 -63.95 -3.32 -7.35
C THR E 175 -64.05 -2.37 -8.52
N VAL E 176 -63.18 -2.48 -9.51
CA VAL E 176 -63.24 -1.55 -10.62
C VAL E 176 -64.18 -1.92 -11.73
N GLY E 177 -65.00 -2.92 -11.52
CA GLY E 177 -65.94 -3.31 -12.54
C GLY E 177 -65.22 -3.70 -13.79
N PRO E 178 -65.97 -3.69 -14.98
CA PRO E 178 -65.28 -4.27 -16.12
C PRO E 178 -64.82 -3.34 -17.19
N ASP E 179 -65.10 -2.06 -17.08
CA ASP E 179 -64.65 -1.12 -18.12
C ASP E 179 -63.48 -0.19 -17.76
N MET E 180 -62.91 -0.36 -16.57
CA MET E 180 -61.64 0.29 -16.29
C MET E 180 -60.63 -0.88 -16.28
N GLY E 181 -59.36 -0.67 -16.59
CA GLY E 181 -58.49 -1.84 -16.70
C GLY E 181 -57.71 -2.27 -15.46
N VAL E 182 -57.02 -3.40 -15.55
CA VAL E 182 -56.21 -3.87 -14.42
C VAL E 182 -54.88 -4.47 -14.89
N LYS E 183 -53.76 -3.85 -14.50
CA LYS E 183 -52.48 -4.38 -14.94
C LYS E 183 -51.73 -5.05 -13.80
N ALA E 184 -51.42 -6.31 -14.04
CA ALA E 184 -50.58 -7.10 -13.16
C ALA E 184 -49.15 -6.91 -13.58
N SER E 185 -48.37 -6.29 -12.70
CA SER E 185 -46.96 -6.06 -12.95
C SER E 185 -46.20 -6.71 -11.81
N GLY E 186 -44.98 -7.13 -12.06
CA GLY E 186 -44.15 -7.72 -11.03
C GLY E 186 -44.35 -9.22 -10.89
N GLY E 187 -43.26 -9.96 -11.09
CA GLY E 187 -43.29 -11.40 -10.94
C GLY E 187 -44.22 -12.21 -11.81
N ALA E 188 -44.46 -11.79 -13.04
CA ALA E 188 -44.87 -12.74 -14.07
C ALA E 188 -43.63 -13.11 -14.85
N ARG E 189 -43.22 -14.38 -14.82
CA ARG E 189 -42.03 -14.74 -15.57
C ARG E 189 -42.21 -15.97 -16.45
N SER E 190 -43.46 -16.35 -16.72
CA SER E 190 -43.72 -17.54 -17.52
C SER E 190 -45.13 -17.45 -18.10
N TYR E 191 -45.41 -18.31 -19.06
CA TYR E 191 -46.71 -18.33 -19.72
C TYR E 191 -47.84 -18.58 -18.72
N GLU E 192 -47.62 -19.54 -17.81
CA GLU E 192 -48.65 -19.90 -16.85
C GLU E 192 -48.88 -18.86 -15.77
N ASP E 193 -47.87 -18.04 -15.50
CA ASP E 193 -48.02 -16.91 -14.58
C ASP E 193 -48.96 -15.88 -15.18
N ALA E 194 -48.71 -15.59 -16.45
CA ALA E 194 -49.47 -14.60 -17.19
C ALA E 194 -50.92 -15.03 -17.27
N ILE E 195 -51.13 -16.30 -17.63
CA ILE E 195 -52.50 -16.78 -17.77
C ILE E 195 -53.23 -16.84 -16.42
N ALA E 196 -52.51 -17.11 -15.34
CA ALA E 196 -53.12 -17.04 -14.01
C ALA E 196 -53.59 -15.61 -13.74
N PHE E 197 -52.79 -14.64 -14.12
CA PHE E 197 -53.16 -13.23 -13.89
C PHE E 197 -54.32 -12.79 -14.74
N ILE E 198 -54.38 -13.30 -15.97
CA ILE E 198 -55.44 -12.94 -16.89
C ILE E 198 -56.76 -13.57 -16.47
N GLU E 199 -56.71 -14.83 -16.04
CA GLU E 199 -57.90 -15.53 -15.57
C GLU E 199 -58.35 -14.95 -14.23
N ALA E 200 -57.49 -14.16 -13.62
CA ALA E 200 -57.86 -13.53 -12.37
C ALA E 200 -58.55 -12.23 -12.61
N GLY E 201 -58.21 -11.55 -13.68
CA GLY E 201 -58.91 -10.33 -14.01
C GLY E 201 -58.04 -9.28 -14.65
N ALA E 202 -56.92 -9.69 -15.18
CA ALA E 202 -56.00 -8.76 -15.75
C ALA E 202 -56.18 -8.60 -17.23
N SER E 203 -56.41 -7.37 -17.64
CA SER E 203 -56.31 -6.96 -19.04
C SER E 203 -54.89 -6.65 -19.52
N ARG E 204 -53.98 -6.29 -18.62
CA ARG E 204 -52.60 -6.06 -19.04
C ARG E 204 -51.57 -6.75 -18.13
N ILE E 205 -50.35 -6.94 -18.64
CA ILE E 205 -49.26 -7.56 -17.87
C ILE E 205 -48.03 -6.68 -17.97
N GLY E 206 -47.48 -6.27 -16.82
CA GLY E 206 -46.23 -5.54 -16.86
C GLY E 206 -45.12 -6.54 -16.61
N ALA E 207 -44.05 -6.55 -17.38
CA ALA E 207 -42.99 -7.48 -17.08
C ALA E 207 -41.84 -7.50 -18.07
N SER E 208 -40.75 -8.14 -17.69
CA SER E 208 -39.53 -8.10 -18.47
C SER E 208 -39.26 -9.39 -19.20
N SER E 209 -39.97 -10.42 -18.85
CA SER E 209 -39.72 -11.71 -19.39
C SER E 209 -40.64 -11.96 -20.55
N GLY E 210 -40.63 -11.09 -21.55
CA GLY E 210 -41.81 -11.12 -22.40
C GLY E 210 -41.81 -12.39 -23.22
N VAL E 211 -41.21 -13.45 -22.67
CA VAL E 211 -41.10 -14.71 -23.38
C VAL E 211 -41.17 -15.96 -22.45
N ALA E 212 -42.32 -16.46 -21.94
CA ALA E 212 -43.69 -15.90 -21.77
C ALA E 212 -44.50 -15.73 -23.04
N ILE E 213 -44.11 -16.43 -24.09
CA ILE E 213 -44.50 -16.15 -25.46
C ILE E 213 -43.79 -17.30 -26.17
N MET E 214 -42.84 -17.89 -25.42
CA MET E 214 -42.11 -19.11 -25.76
C MET E 214 -41.19 -18.94 -26.97
N LYS F 5 -20.29 17.57 19.46
CA LYS F 5 -19.58 18.22 18.37
C LYS F 5 -20.42 18.01 17.10
N LEU F 6 -20.57 16.74 16.74
CA LEU F 6 -21.40 16.33 15.63
C LEU F 6 -22.86 16.24 16.04
N ASN F 7 -23.73 16.44 15.05
CA ASN F 7 -25.19 16.46 15.12
C ASN F 7 -25.50 17.43 13.99
N LYS F 8 -24.60 18.40 13.79
CA LYS F 8 -24.73 19.35 12.69
C LYS F 8 -24.09 18.79 11.44
N TYR F 9 -23.72 17.51 11.51
CA TYR F 9 -23.22 16.84 10.34
C TYR F 9 -24.28 15.85 9.90
N ILE F 10 -25.43 15.90 10.58
CA ILE F 10 -26.45 14.87 10.43
C ILE F 10 -27.74 15.39 9.78
N ASP F 11 -28.12 14.73 8.69
CA ASP F 11 -29.41 14.91 8.06
C ASP F 11 -30.31 13.76 8.50
N HIS F 12 -31.30 14.09 9.30
CA HIS F 12 -32.22 13.09 9.84
C HIS F 12 -33.21 12.72 8.74
N THR F 13 -33.09 11.51 8.21
CA THR F 13 -33.79 11.19 6.95
C THR F 13 -34.91 10.13 7.07
N ILE F 14 -36.04 10.40 6.41
CA ILE F 14 -37.07 9.38 6.22
C ILE F 14 -37.67 9.52 4.81
N LEU F 15 -37.48 8.47 4.01
CA LEU F 15 -37.87 8.54 2.61
C LEU F 15 -38.66 7.33 2.11
N LYS F 16 -39.04 6.44 3.01
CA LYS F 16 -39.79 5.25 2.61
C LYS F 16 -41.14 5.65 2.02
N PRO F 17 -41.59 4.91 1.01
CA PRO F 17 -42.83 5.25 0.30
C PRO F 17 -44.07 5.16 1.20
N GLU F 18 -44.02 4.29 2.20
CA GLU F 18 -45.18 4.04 3.06
C GLU F 18 -45.18 4.93 4.29
N THR F 19 -44.31 5.94 4.30
CA THR F 19 -44.16 6.83 5.45
C THR F 19 -45.41 7.68 5.68
N THR F 20 -45.89 7.67 6.93
CA THR F 20 -47.08 8.43 7.34
C THR F 20 -46.73 9.80 7.90
N GLN F 21 -47.75 10.64 8.08
CA GLN F 21 -47.53 11.98 8.60
C GLN F 21 -46.99 11.95 10.03
N GLU F 22 -47.50 11.01 10.81
CA GLU F 22 -47.07 10.86 12.20
C GLU F 22 -45.58 10.50 12.26
N GLN F 23 -45.14 9.66 11.34
CA GLN F 23 -43.74 9.25 11.28
C GLN F 23 -42.82 10.43 10.93
N VAL F 24 -43.25 11.20 9.93
CA VAL F 24 -42.51 12.39 9.54
C VAL F 24 -42.42 13.34 10.73
N GLU F 25 -43.52 13.49 11.44
CA GLU F 25 -43.57 14.40 12.57
C GLU F 25 -42.70 13.94 13.73
N LYS F 26 -42.55 12.63 13.94
CA LYS F 26 -41.62 12.24 14.98
C LYS F 26 -40.20 12.53 14.54
N ILE F 27 -39.90 12.34 13.26
CA ILE F 27 -38.58 12.73 12.80
C ILE F 27 -38.33 14.24 12.95
N LEU F 28 -39.36 15.06 12.76
CA LEU F 28 -39.20 16.49 12.97
C LEU F 28 -38.92 16.79 14.46
N ALA F 29 -39.65 16.11 15.33
CA ALA F 29 -39.48 16.24 16.78
C ALA F 29 -38.05 15.93 17.21
N GLU F 30 -37.52 14.78 16.77
CA GLU F 30 -36.15 14.37 17.13
C GLU F 30 -35.12 15.37 16.60
N ALA F 31 -35.37 15.90 15.40
CA ALA F 31 -34.48 16.88 14.78
C ALA F 31 -34.43 18.17 15.58
N LYS F 32 -35.57 18.63 16.08
CA LYS F 32 -35.54 19.81 16.96
C LYS F 32 -34.83 19.49 18.27
N GLU F 33 -35.06 18.28 18.77
CA GLU F 33 -34.52 17.88 20.06
C GLU F 33 -33.00 17.77 20.06
N TYR F 34 -32.42 17.05 19.11
CA TYR F 34 -30.96 16.93 19.08
C TYR F 34 -30.41 17.94 18.10
N ASP F 35 -31.12 19.06 17.96
CA ASP F 35 -30.85 20.10 16.94
C ASP F 35 -29.84 19.66 15.87
N PHE F 36 -30.31 18.77 14.98
CA PHE F 36 -29.57 18.21 13.84
C PHE F 36 -29.41 19.27 12.75
N ALA F 37 -28.58 18.98 11.75
CA ALA F 37 -28.38 19.90 10.64
C ALA F 37 -29.68 20.11 9.86
N SER F 38 -30.34 19.01 9.50
CA SER F 38 -31.58 19.06 8.75
C SER F 38 -32.44 17.80 8.83
N VAL F 39 -33.67 17.89 8.33
CA VAL F 39 -34.45 16.70 8.00
C VAL F 39 -34.51 16.58 6.49
N CYS F 40 -34.47 15.34 5.99
CA CYS F 40 -34.65 15.10 4.57
C CYS F 40 -35.90 14.26 4.36
N VAL F 41 -36.87 14.83 3.67
CA VAL F 41 -38.14 14.18 3.39
C VAL F 41 -38.48 14.24 1.91
N ASN F 42 -39.42 13.41 1.49
CA ASN F 42 -39.92 13.47 0.13
C ASN F 42 -40.66 14.79 -0.09
N PRO F 43 -40.74 15.26 -1.35
CA PRO F 43 -41.38 16.55 -1.67
C PRO F 43 -42.73 16.77 -1.02
N THR F 44 -43.53 15.71 -0.96
CA THR F 44 -44.91 15.80 -0.50
C THR F 44 -44.99 16.23 0.98
N TRP F 45 -43.91 16.08 1.73
CA TRP F 45 -43.90 16.45 3.15
C TRP F 45 -43.13 17.75 3.44
N VAL F 46 -42.47 18.31 2.42
CA VAL F 46 -41.62 19.47 2.63
C VAL F 46 -42.33 20.61 3.37
N ALA F 47 -43.50 21.01 2.85
CA ALA F 47 -44.30 22.05 3.47
C ALA F 47 -44.50 21.78 4.96
N LEU F 48 -44.94 20.57 5.28
CA LEU F 48 -45.22 20.23 6.66
C LEU F 48 -43.97 20.46 7.49
N ALA F 49 -42.83 20.04 6.96
CA ALA F 49 -41.58 20.17 7.67
C ALA F 49 -41.23 21.64 7.90
N ALA F 50 -41.44 22.45 6.86
CA ALA F 50 -41.03 23.86 6.92
C ALA F 50 -41.67 24.60 8.10
N GLU F 51 -43.00 24.56 8.20
CA GLU F 51 -43.66 25.32 9.26
C GLU F 51 -43.50 24.55 10.58
N SER F 52 -43.09 23.29 10.49
CA SER F 52 -42.81 22.60 11.72
C SER F 52 -41.43 23.01 12.19
N LEU F 53 -40.55 23.41 11.26
CA LEU F 53 -39.15 23.69 11.60
C LEU F 53 -38.81 25.15 11.60
N LYS F 54 -39.83 25.95 11.30
CA LYS F 54 -39.76 27.41 11.48
C LYS F 54 -39.40 27.80 12.92
N ASP F 55 -38.59 28.85 13.06
CA ASP F 55 -38.17 29.37 14.36
C ASP F 55 -37.16 28.44 14.97
N SER F 56 -36.43 27.70 14.11
CA SER F 56 -35.41 26.81 14.62
C SER F 56 -34.17 26.75 13.71
N ASP F 57 -33.11 26.15 14.27
CA ASP F 57 -31.80 26.04 13.62
C ASP F 57 -31.65 24.78 12.76
N VAL F 58 -32.76 24.08 12.56
CA VAL F 58 -32.81 22.89 11.72
C VAL F 58 -33.41 23.18 10.34
N LYS F 59 -32.58 23.15 9.31
CA LYS F 59 -33.02 23.41 7.94
C LYS F 59 -33.72 22.16 7.42
N VAL F 60 -34.47 22.25 6.34
CA VAL F 60 -35.10 21.04 5.82
C VAL F 60 -34.68 20.74 4.39
N CYS F 61 -34.33 19.48 4.17
CA CYS F 61 -33.81 18.94 2.92
C CYS F 61 -34.79 18.02 2.19
N THR F 62 -34.83 18.08 0.85
CA THR F 62 -35.67 17.13 0.12
C THR F 62 -34.93 16.58 -1.09
N VAL F 63 -35.56 15.62 -1.77
CA VAL F 63 -34.90 14.91 -2.86
C VAL F 63 -35.62 15.05 -4.20
N ILE F 64 -34.81 15.15 -5.25
CA ILE F 64 -35.29 15.42 -6.60
C ILE F 64 -34.86 14.35 -7.60
N GLY F 65 -35.83 13.92 -8.42
CA GLY F 65 -35.63 12.83 -9.35
C GLY F 65 -35.23 11.60 -8.57
N PHE F 66 -35.91 11.39 -7.44
CA PHE F 66 -35.51 10.42 -6.44
C PHE F 66 -36.38 9.16 -6.45
N PRO F 67 -35.77 7.98 -6.31
CA PRO F 67 -34.34 7.66 -6.20
C PRO F 67 -33.65 7.13 -7.46
N LEU F 68 -34.28 7.21 -8.63
CA LEU F 68 -33.70 6.59 -9.80
C LEU F 68 -32.95 7.56 -10.69
N GLY F 69 -33.28 8.84 -10.56
CA GLY F 69 -32.62 9.86 -11.37
C GLY F 69 -32.86 9.70 -12.86
N ALA F 70 -33.96 9.09 -13.24
CA ALA F 70 -34.21 8.82 -14.66
C ALA F 70 -35.28 9.75 -15.25
N ASN F 71 -35.46 10.91 -14.63
CA ASN F 71 -36.39 11.89 -15.17
C ASN F 71 -35.71 12.86 -16.15
N THR F 72 -36.50 13.57 -16.95
CA THR F 72 -35.93 14.56 -17.85
C THR F 72 -35.47 15.77 -17.02
N PRO F 73 -34.45 16.49 -17.52
CA PRO F 73 -33.94 17.68 -16.83
C PRO F 73 -35.02 18.74 -16.59
N ALA F 74 -35.93 18.92 -17.54
CA ALA F 74 -37.01 19.87 -17.37
C ALA F 74 -37.84 19.51 -16.13
N VAL F 75 -38.13 18.22 -15.98
CA VAL F 75 -38.94 17.74 -14.87
C VAL F 75 -38.21 17.88 -13.53
N LYS F 76 -36.91 17.61 -13.53
CA LYS F 76 -36.10 17.74 -12.32
C LYS F 76 -36.05 19.21 -11.86
N ALA F 77 -35.87 20.10 -12.83
CA ALA F 77 -35.85 21.53 -12.56
C ALA F 77 -37.20 22.00 -12.02
N PHE F 78 -38.27 21.56 -12.66
CA PHE F 78 -39.59 21.99 -12.24
C PHE F 78 -39.85 21.47 -10.82
N GLU F 79 -39.37 20.26 -10.53
CA GLU F 79 -39.57 19.69 -9.20
C GLU F 79 -38.80 20.47 -8.15
N THR F 80 -37.62 20.98 -8.50
CA THR F 80 -36.86 21.80 -7.54
C THR F 80 -37.50 23.17 -7.32
N LYS F 81 -38.01 23.77 -8.39
CA LYS F 81 -38.60 25.09 -8.25
C LYS F 81 -39.91 24.95 -7.49
N ASP F 82 -40.53 23.77 -7.62
CA ASP F 82 -41.73 23.46 -6.85
C ASP F 82 -41.44 23.14 -5.38
N ALA F 83 -40.33 22.45 -5.12
CA ALA F 83 -39.97 22.08 -3.76
C ALA F 83 -39.65 23.33 -2.96
N ILE F 84 -38.98 24.25 -3.64
CA ILE F 84 -38.63 25.53 -3.03
C ILE F 84 -39.83 26.47 -2.91
N SER F 85 -40.74 26.46 -3.88
CA SER F 85 -41.93 27.28 -3.75
C SER F 85 -42.78 26.72 -2.61
N ASN F 86 -42.45 25.52 -2.15
CA ASN F 86 -43.15 24.92 -1.02
C ASN F 86 -42.40 25.28 0.23
N GLY F 87 -41.30 25.98 0.04
CA GLY F 87 -40.72 26.73 1.13
C GLY F 87 -39.35 26.29 1.53
N ALA F 88 -39.30 25.16 2.21
CA ALA F 88 -38.06 24.68 2.75
C ALA F 88 -37.09 24.26 1.66
N ASP F 89 -35.86 24.72 1.85
CA ASP F 89 -34.83 24.64 0.86
C ASP F 89 -33.58 23.86 1.32
N GLU F 90 -33.47 22.59 0.86
CA GLU F 90 -32.18 21.98 0.49
C GLU F 90 -32.48 20.89 -0.53
N ILE F 91 -31.62 20.70 -1.52
CA ILE F 91 -31.96 19.81 -2.63
C ILE F 91 -30.92 18.74 -2.88
N ASP F 92 -31.31 17.48 -2.72
CA ASP F 92 -30.46 16.37 -3.15
C ASP F 92 -31.06 15.76 -4.40
N MET F 93 -30.42 15.99 -5.54
CA MET F 93 -30.91 15.41 -6.78
C MET F 93 -30.21 14.09 -7.01
N VAL F 94 -30.87 13.17 -7.72
CA VAL F 94 -30.18 11.96 -8.12
C VAL F 94 -29.64 12.16 -9.53
N ILE F 95 -28.37 11.81 -9.73
CA ILE F 95 -27.76 11.89 -11.04
C ILE F 95 -28.50 10.99 -12.04
N ASN F 96 -28.47 11.37 -13.31
CA ASN F 96 -29.05 10.51 -14.35
C ASN F 96 -28.09 9.37 -14.60
N ILE F 97 -28.20 8.33 -13.79
CA ILE F 97 -27.25 7.22 -13.81
C ILE F 97 -27.14 6.57 -15.17
N GLY F 98 -28.29 6.30 -15.79
CA GLY F 98 -28.32 5.63 -17.07
C GLY F 98 -27.59 6.40 -18.16
N ALA F 99 -27.78 7.71 -18.19
CA ALA F 99 -27.08 8.51 -19.19
C ALA F 99 -25.59 8.42 -18.94
N LEU F 100 -25.20 8.50 -17.67
CA LEU F 100 -23.77 8.46 -17.33
C LEU F 100 -23.15 7.11 -17.68
N LYS F 101 -23.92 6.04 -17.51
CA LYS F 101 -23.42 4.70 -17.77
C LYS F 101 -23.40 4.48 -19.29
N THR F 102 -24.29 5.16 -20.01
CA THR F 102 -24.30 5.10 -21.46
C THR F 102 -23.07 5.73 -22.06
N GLY F 103 -22.71 6.90 -21.53
CA GLY F 103 -21.64 7.71 -22.08
C GLY F 103 -22.15 9.07 -22.46
N ASN F 104 -23.30 9.43 -21.91
CA ASN F 104 -24.00 10.64 -22.31
C ASN F 104 -23.65 11.82 -21.41
N TYR F 105 -22.36 12.01 -21.12
CA TYR F 105 -21.90 13.08 -20.24
C TYR F 105 -22.59 14.43 -20.47
N ASP F 106 -22.92 14.74 -21.72
CA ASP F 106 -23.64 15.97 -22.01
C ASP F 106 -24.97 16.03 -21.28
N LEU F 107 -25.71 14.93 -21.32
CA LEU F 107 -27.01 14.89 -20.69
C LEU F 107 -26.88 14.91 -19.17
N VAL F 108 -25.88 14.24 -18.62
CA VAL F 108 -25.65 14.29 -17.18
C VAL F 108 -25.37 15.73 -16.68
N LEU F 109 -24.47 16.42 -17.38
CA LEU F 109 -24.07 17.76 -16.98
C LEU F 109 -25.21 18.74 -17.17
N GLU F 110 -25.87 18.62 -18.31
CA GLU F 110 -27.03 19.43 -18.61
C GLU F 110 -28.10 19.21 -17.54
N ASP F 111 -28.24 17.96 -17.11
CA ASP F 111 -29.21 17.57 -16.09
C ASP F 111 -28.95 18.29 -14.76
N ILE F 112 -27.75 18.13 -14.23
CA ILE F 112 -27.42 18.77 -12.96
C ILE F 112 -27.51 20.30 -13.06
N LYS F 113 -27.07 20.84 -14.19
CA LYS F 113 -27.11 22.29 -14.40
C LYS F 113 -28.54 22.79 -14.46
N ALA F 114 -29.43 21.97 -14.97
CA ALA F 114 -30.81 22.39 -15.11
C ALA F 114 -31.39 22.70 -13.77
N VAL F 115 -30.92 22.01 -12.75
CA VAL F 115 -31.47 22.16 -11.43
C VAL F 115 -30.80 23.28 -10.68
N VAL F 116 -29.51 23.47 -10.89
CA VAL F 116 -28.81 24.52 -10.19
C VAL F 116 -29.46 25.81 -10.62
N ALA F 117 -29.78 25.86 -11.90
CA ALA F 117 -30.43 27.02 -12.43
C ALA F 117 -31.59 27.23 -11.51
N ALA F 118 -32.81 26.98 -11.96
CA ALA F 118 -33.99 27.10 -11.14
C ALA F 118 -33.75 26.46 -9.80
N SER F 119 -32.83 27.04 -9.08
CA SER F 119 -32.44 26.47 -7.80
C SER F 119 -32.49 27.55 -6.75
N GLY F 120 -31.61 27.39 -5.78
CA GLY F 120 -31.23 28.45 -4.87
C GLY F 120 -30.26 29.31 -5.66
N ASP F 121 -29.53 30.21 -5.02
CA ASP F 121 -29.71 30.57 -3.63
C ASP F 121 -29.27 29.46 -2.74
N LYS F 122 -28.55 28.50 -3.32
CA LYS F 122 -28.19 27.31 -2.62
C LYS F 122 -29.48 26.54 -2.44
N LEU F 123 -29.39 25.27 -2.06
CA LEU F 123 -28.14 24.57 -1.80
C LEU F 123 -28.40 23.16 -2.30
N VAL F 124 -27.44 22.57 -3.03
CA VAL F 124 -27.74 21.37 -3.81
C VAL F 124 -26.70 20.25 -3.78
N LYS F 125 -27.11 19.05 -3.41
CA LYS F 125 -26.21 17.92 -3.41
C LYS F 125 -26.55 16.95 -4.52
N VAL F 126 -25.55 16.32 -5.09
CA VAL F 126 -25.75 15.40 -6.19
C VAL F 126 -25.45 13.98 -5.73
N ILE F 127 -26.48 13.15 -5.80
CA ILE F 127 -26.33 11.75 -5.49
C ILE F 127 -25.80 11.04 -6.73
N ILE F 128 -24.64 10.43 -6.57
CA ILE F 128 -23.97 9.80 -7.69
C ILE F 128 -24.40 8.33 -7.72
N GLU F 129 -24.67 7.75 -6.54
CA GLU F 129 -25.10 6.36 -6.42
C GLU F 129 -23.90 5.45 -6.65
N ALA F 130 -22.83 5.71 -5.90
CA ALA F 130 -21.56 5.00 -6.08
C ALA F 130 -21.58 3.46 -6.07
N CYS F 131 -22.72 2.84 -5.79
CA CYS F 131 -22.69 1.38 -5.74
C CYS F 131 -22.88 0.83 -7.15
N LEU F 132 -23.40 1.67 -8.04
CA LEU F 132 -23.63 1.29 -9.43
C LEU F 132 -22.55 1.73 -10.39
N LEU F 133 -21.53 2.39 -9.89
CA LEU F 133 -20.49 2.94 -10.75
C LEU F 133 -19.13 2.30 -10.46
N THR F 134 -18.27 2.32 -11.47
CA THR F 134 -16.86 2.05 -11.27
C THR F 134 -16.21 3.27 -10.59
N ASP F 135 -14.99 3.13 -10.06
CA ASP F 135 -14.31 4.25 -9.40
C ASP F 135 -14.14 5.41 -10.36
N ASP F 136 -13.79 5.09 -11.60
CA ASP F 136 -13.64 6.08 -12.65
C ASP F 136 -14.94 6.85 -12.87
N GLU F 137 -16.05 6.14 -12.79
CA GLU F 137 -17.37 6.76 -12.97
C GLU F 137 -17.77 7.60 -11.76
N LYS F 138 -17.29 7.22 -10.58
CA LYS F 138 -17.48 8.04 -9.39
C LYS F 138 -16.76 9.37 -9.59
N VAL F 139 -15.49 9.29 -10.00
CA VAL F 139 -14.69 10.47 -10.28
C VAL F 139 -15.37 11.37 -11.32
N LYS F 140 -15.79 10.77 -12.42
CA LYS F 140 -16.42 11.54 -13.51
C LYS F 140 -17.75 12.13 -13.07
N ALA F 141 -18.46 11.40 -12.22
CA ALA F 141 -19.73 11.88 -11.69
C ALA F 141 -19.50 13.14 -10.85
N CYS F 142 -18.46 13.12 -10.00
CA CYS F 142 -18.15 14.29 -9.17
C CYS F 142 -17.70 15.50 -9.99
N GLN F 143 -16.79 15.26 -10.93
CA GLN F 143 -16.28 16.32 -11.79
C GLN F 143 -17.42 16.96 -12.56
N LEU F 144 -18.32 16.11 -13.07
CA LEU F 144 -19.47 16.61 -13.82
C LEU F 144 -20.44 17.33 -12.90
N SER F 145 -20.52 16.85 -11.66
CA SER F 145 -21.46 17.41 -10.70
C SER F 145 -21.07 18.81 -10.26
N GLN F 146 -19.78 19.14 -10.33
CA GLN F 146 -19.38 20.50 -9.95
C GLN F 146 -18.98 21.36 -11.14
N GLU F 147 -18.70 20.76 -12.29
CA GLU F 147 -18.45 21.57 -13.47
C GLU F 147 -19.80 22.20 -13.75
N ALA F 148 -20.84 21.41 -13.53
CA ALA F 148 -22.21 21.89 -13.50
C ALA F 148 -22.49 22.96 -12.44
N GLY F 149 -21.52 23.22 -11.58
CA GLY F 149 -21.66 24.21 -10.52
C GLY F 149 -22.71 23.86 -9.47
N ALA F 150 -22.56 22.70 -8.85
CA ALA F 150 -23.40 22.34 -7.70
C ALA F 150 -22.59 22.52 -6.43
N ASP F 151 -23.18 22.21 -5.28
CA ASP F 151 -22.59 22.60 -4.00
C ASP F 151 -22.05 21.40 -3.25
N TYR F 152 -22.58 20.19 -3.54
CA TYR F 152 -21.76 18.95 -3.54
C TYR F 152 -22.40 17.59 -3.83
N VAL F 153 -21.75 16.55 -3.31
CA VAL F 153 -21.97 15.17 -3.73
C VAL F 153 -22.35 14.25 -2.59
N LYS F 154 -23.29 13.35 -2.87
CA LYS F 154 -23.84 12.43 -1.89
C LYS F 154 -23.56 11.03 -2.41
N THR F 155 -23.25 10.07 -1.53
CA THR F 155 -22.81 8.78 -2.03
C THR F 155 -23.92 7.84 -2.50
N SER F 156 -25.13 8.04 -2.02
CA SER F 156 -26.17 7.03 -2.20
C SER F 156 -27.56 7.58 -1.96
N THR F 157 -28.55 6.93 -2.58
CA THR F 157 -29.95 7.24 -2.29
C THR F 157 -30.50 6.33 -1.21
N GLY F 158 -29.66 5.46 -0.67
CA GLY F 158 -30.10 4.35 0.17
C GLY F 158 -31.22 3.47 -0.37
N PHE F 159 -31.48 3.54 -1.67
CA PHE F 159 -32.51 2.71 -2.29
C PHE F 159 -31.94 1.75 -3.31
N SER F 160 -30.62 1.60 -3.31
CA SER F 160 -29.95 0.68 -4.22
C SER F 160 -29.18 -0.39 -3.44
N THR F 161 -28.24 -1.07 -4.08
CA THR F 161 -27.62 -2.24 -3.44
C THR F 161 -26.64 -1.87 -2.33
N GLY F 162 -26.06 -0.68 -2.41
CA GLY F 162 -25.06 -0.29 -1.42
C GLY F 162 -25.09 1.15 -0.98
N GLY F 163 -24.47 1.39 0.17
CA GLY F 163 -24.38 2.73 0.72
C GLY F 163 -22.96 3.28 0.72
N ALA F 164 -22.70 4.23 1.62
CA ALA F 164 -21.39 4.85 1.67
C ALA F 164 -20.31 3.88 2.10
N THR F 165 -19.18 3.91 1.40
CA THR F 165 -18.00 3.20 1.86
C THR F 165 -16.92 4.23 2.11
N VAL F 166 -16.00 3.93 3.03
CA VAL F 166 -14.95 4.87 3.42
C VAL F 166 -14.06 5.21 2.22
N ALA F 167 -13.75 4.21 1.41
CA ALA F 167 -12.96 4.40 0.19
C ALA F 167 -13.67 5.33 -0.78
N ASP F 168 -14.99 5.16 -0.89
CA ASP F 168 -15.79 5.99 -1.76
C ASP F 168 -15.75 7.43 -1.26
N VAL F 169 -15.91 7.61 0.04
CA VAL F 169 -15.88 8.95 0.63
C VAL F 169 -14.52 9.60 0.36
N ALA F 170 -13.46 8.81 0.55
CA ALA F 170 -12.10 9.31 0.34
C ALA F 170 -11.87 9.77 -1.09
N LEU F 171 -12.25 8.93 -2.06
CA LEU F 171 -12.09 9.24 -3.47
C LEU F 171 -12.94 10.42 -3.91
N MET F 172 -14.17 10.46 -3.43
CA MET F 172 -15.06 11.55 -3.77
C MET F 172 -14.44 12.84 -3.27
N ARG F 173 -13.87 12.79 -2.07
CA ARG F 173 -13.17 13.95 -1.53
C ARG F 173 -11.90 14.34 -2.32
N LYS F 174 -11.06 13.37 -2.69
CA LYS F 174 -9.88 13.68 -3.50
C LYS F 174 -10.23 14.31 -4.84
N THR F 175 -11.34 13.87 -5.44
CA THR F 175 -11.72 14.35 -6.79
C THR F 175 -12.11 15.82 -6.76
N VAL F 176 -12.79 16.23 -5.71
CA VAL F 176 -13.25 17.62 -5.59
C VAL F 176 -12.27 18.39 -4.71
N GLY F 177 -11.52 17.66 -3.88
CA GLY F 177 -10.63 18.30 -2.93
C GLY F 177 -11.48 18.87 -1.82
N PRO F 178 -10.91 19.78 -1.00
CA PRO F 178 -11.78 20.28 0.06
C PRO F 178 -12.63 21.41 -0.48
N ASP F 179 -12.67 22.59 0.15
CA ASP F 179 -13.65 23.65 -0.14
C ASP F 179 -14.83 23.20 -1.04
N MET F 180 -15.50 22.14 -0.54
CA MET F 180 -16.78 21.56 -0.99
C MET F 180 -17.04 20.24 -0.26
N GLY F 181 -18.30 19.89 -0.06
CA GLY F 181 -18.60 18.71 0.73
C GLY F 181 -18.81 17.38 0.04
N VAL F 182 -18.95 16.33 0.83
CA VAL F 182 -19.27 15.01 0.35
C VAL F 182 -20.18 14.50 1.46
N LYS F 183 -21.36 14.06 1.09
CA LYS F 183 -22.30 13.63 2.11
C LYS F 183 -22.23 12.15 2.11
N ALA F 184 -21.93 11.54 3.23
CA ALA F 184 -21.96 10.12 3.23
C ALA F 184 -23.35 9.72 3.50
N SER F 185 -24.13 9.55 2.45
CA SER F 185 -25.42 8.94 2.57
C SER F 185 -25.13 7.51 2.28
N GLY F 186 -25.71 6.62 3.05
CA GLY F 186 -25.45 5.22 2.87
C GLY F 186 -26.00 4.49 4.05
N GLY F 187 -25.10 4.01 4.88
CA GLY F 187 -25.49 3.67 6.21
C GLY F 187 -25.50 5.04 6.84
N ALA F 188 -24.84 5.15 7.99
CA ALA F 188 -24.39 3.97 8.69
C ALA F 188 -24.88 4.16 10.11
N ARG F 189 -24.78 3.16 10.96
CA ARG F 189 -25.80 3.01 11.99
C ARG F 189 -25.22 3.06 13.39
N SER F 190 -24.06 3.69 13.48
CA SER F 190 -23.34 3.75 14.74
C SER F 190 -22.38 4.93 14.76
N TYR F 191 -21.91 5.24 15.97
CA TYR F 191 -20.96 6.31 16.19
C TYR F 191 -19.65 6.02 15.46
N GLU F 192 -19.25 4.73 15.46
CA GLU F 192 -17.97 4.35 14.88
C GLU F 192 -17.97 4.48 13.36
N ASP F 193 -19.14 4.21 12.79
CA ASP F 193 -19.37 4.30 11.36
C ASP F 193 -19.38 5.76 10.89
N ALA F 194 -20.06 6.59 11.68
CA ALA F 194 -20.16 8.01 11.42
C ALA F 194 -18.76 8.60 11.46
N ILE F 195 -18.00 8.20 12.48
CA ILE F 195 -16.65 8.71 12.65
C ILE F 195 -15.74 8.24 11.53
N ALA F 196 -15.99 7.01 11.06
CA ALA F 196 -15.25 6.49 9.92
C ALA F 196 -15.49 7.36 8.68
N PHE F 197 -16.72 7.81 8.49
CA PHE F 197 -17.06 8.64 7.32
C PHE F 197 -16.50 10.06 7.38
N ILE F 198 -16.48 10.65 8.58
CA ILE F 198 -15.98 12.00 8.73
C ILE F 198 -14.45 11.99 8.60
N GLU F 199 -13.84 10.99 9.20
CA GLU F 199 -12.40 10.87 9.16
C GLU F 199 -11.93 10.59 7.76
N ALA F 200 -12.87 10.55 6.82
CA ALA F 200 -12.53 10.19 5.47
C ALA F 200 -12.81 11.30 4.51
N GLY F 201 -13.61 12.27 4.90
CA GLY F 201 -13.72 13.44 4.08
C GLY F 201 -15.04 14.15 3.98
N ALA F 202 -16.08 13.61 4.58
CA ALA F 202 -17.36 14.31 4.59
C ALA F 202 -17.55 14.74 6.01
N SER F 203 -18.14 15.89 6.31
CA SER F 203 -18.67 16.96 5.48
C SER F 203 -20.17 16.95 5.56
N ARG F 204 -20.72 15.80 5.91
CA ARG F 204 -22.14 15.62 6.18
C ARG F 204 -22.51 14.16 6.13
N ILE F 205 -23.52 13.79 6.88
CA ILE F 205 -24.03 12.43 6.87
C ILE F 205 -25.54 12.40 6.77
N GLY F 206 -26.09 11.70 5.78
CA GLY F 206 -27.53 11.51 5.70
C GLY F 206 -27.77 10.17 6.34
N ALA F 207 -28.81 10.09 7.17
CA ALA F 207 -29.25 8.81 7.75
C ALA F 207 -30.33 8.92 8.81
N SER F 208 -30.93 7.76 9.08
CA SER F 208 -31.72 7.54 10.28
C SER F 208 -30.72 7.26 11.42
N SER F 209 -31.19 6.69 12.52
CA SER F 209 -30.35 6.36 13.70
C SER F 209 -29.50 7.50 14.25
N GLY F 210 -29.59 8.69 13.66
CA GLY F 210 -29.15 9.94 14.25
C GLY F 210 -29.19 10.09 15.77
N VAL F 211 -30.36 9.87 16.35
CA VAL F 211 -30.52 9.66 17.79
C VAL F 211 -29.44 8.74 18.34
N ALA F 212 -29.43 7.49 17.88
CA ALA F 212 -28.56 6.46 18.42
C ALA F 212 -27.07 6.81 18.32
N ILE F 213 -26.73 7.81 17.51
CA ILE F 213 -25.34 8.24 17.38
C ILE F 213 -24.99 9.28 18.45
N MET F 214 -25.73 9.26 19.56
CA MET F 214 -25.44 10.14 20.69
C MET F 214 -25.25 9.38 21.99
N MET G 4 -69.86 29.00 29.10
CA MET G 4 -69.01 28.46 28.05
C MET G 4 -67.72 27.94 28.65
N LYS G 5 -67.85 27.07 29.64
CA LYS G 5 -66.68 26.78 30.47
C LYS G 5 -65.35 26.98 29.76
N LEU G 6 -65.42 27.12 28.44
CA LEU G 6 -64.25 27.36 27.59
C LEU G 6 -62.95 26.74 28.09
N ASN G 7 -63.03 25.50 28.58
CA ASN G 7 -61.86 24.83 29.08
C ASN G 7 -61.68 23.45 28.47
N LYS G 8 -60.56 22.85 28.81
CA LYS G 8 -60.20 21.60 28.23
C LYS G 8 -59.88 20.48 29.18
N TYR G 9 -60.92 19.98 29.83
CA TYR G 9 -60.82 18.79 30.68
C TYR G 9 -61.13 17.59 29.77
N ILE G 10 -60.20 17.37 28.86
CA ILE G 10 -60.35 16.48 27.71
C ILE G 10 -59.43 15.26 27.82
N ASP G 11 -60.01 14.09 27.58
CA ASP G 11 -59.19 12.91 27.43
C ASP G 11 -58.95 12.66 25.95
N HIS G 12 -57.74 12.92 25.49
CA HIS G 12 -57.42 12.74 24.09
C HIS G 12 -57.20 11.26 23.84
N THR G 13 -58.10 10.64 23.09
CA THR G 13 -58.16 9.18 23.06
C THR G 13 -57.70 8.58 21.73
N ILE G 14 -56.86 7.56 21.83
CA ILE G 14 -56.51 6.74 20.68
C ILE G 14 -56.41 5.29 21.16
N LEU G 15 -57.33 4.47 20.66
CA LEU G 15 -57.46 3.11 21.17
C LEU G 15 -57.59 2.05 20.08
N LYS G 16 -57.45 2.45 18.83
CA LYS G 16 -57.61 1.52 17.73
C LYS G 16 -56.53 0.45 17.78
N PRO G 17 -56.88 -0.79 17.41
CA PRO G 17 -55.98 -1.94 17.55
C PRO G 17 -54.71 -1.82 16.71
N GLU G 18 -54.79 -1.09 15.60
CA GLU G 18 -53.66 -0.98 14.69
C GLU G 18 -52.80 0.23 15.01
N THR G 19 -53.07 0.88 16.14
CA THR G 19 -52.36 2.11 16.47
C THR G 19 -50.88 1.86 16.72
N THR G 20 -50.04 2.64 16.05
CA THR G 20 -48.59 2.52 16.15
C THR G 20 -47.98 3.47 17.18
N GLN G 21 -46.72 3.23 17.50
CA GLN G 21 -46.02 4.00 18.50
C GLN G 21 -45.91 5.48 18.09
N GLU G 22 -45.70 5.76 16.81
CA GLU G 22 -45.60 7.13 16.32
C GLU G 22 -46.90 7.91 16.49
N GLN G 23 -48.02 7.23 16.24
CA GLN G 23 -49.35 7.83 16.37
C GLN G 23 -49.63 8.18 17.82
N VAL G 24 -49.30 7.25 18.71
CA VAL G 24 -49.44 7.47 20.14
C VAL G 24 -48.60 8.67 20.56
N GLU G 25 -47.40 8.75 20.00
CA GLU G 25 -46.48 9.82 20.32
C GLU G 25 -46.98 11.18 19.81
N LYS G 26 -47.70 11.18 18.70
CA LYS G 26 -48.34 12.41 18.25
C LYS G 26 -49.50 12.80 19.15
N ILE G 27 -50.21 11.80 19.64
CA ILE G 27 -51.30 12.08 20.59
C ILE G 27 -50.73 12.73 21.86
N LEU G 28 -49.60 12.21 22.32
CA LEU G 28 -48.92 12.75 23.49
C LEU G 28 -48.41 14.17 23.22
N ALA G 29 -47.84 14.38 22.04
CA ALA G 29 -47.37 15.71 21.66
C ALA G 29 -48.51 16.74 21.66
N GLU G 30 -49.62 16.43 21.01
CA GLU G 30 -50.77 17.34 20.98
C GLU G 30 -51.36 17.56 22.38
N ALA G 31 -51.33 16.50 23.19
CA ALA G 31 -51.83 16.56 24.56
C ALA G 31 -50.98 17.51 25.43
N LYS G 32 -49.67 17.47 25.25
CA LYS G 32 -48.82 18.40 25.99
C LYS G 32 -49.08 19.85 25.58
N GLU G 33 -49.37 20.07 24.31
CA GLU G 33 -49.57 21.42 23.81
C GLU G 33 -50.81 22.04 24.45
N TYR G 34 -51.93 21.33 24.40
CA TYR G 34 -53.16 21.81 25.02
C TYR G 34 -53.33 21.11 26.38
N ASP G 35 -53.30 21.82 27.49
CA ASP G 35 -53.30 21.11 28.78
C ASP G 35 -54.59 20.29 28.95
N PHE G 36 -54.66 19.16 28.24
CA PHE G 36 -55.83 18.28 28.31
C PHE G 36 -55.87 17.55 29.64
N ALA G 37 -57.02 16.94 29.94
CA ALA G 37 -57.20 16.20 31.18
C ALA G 37 -56.29 14.99 31.20
N SER G 38 -56.30 14.21 30.12
CA SER G 38 -55.42 13.04 30.03
C SER G 38 -55.24 12.56 28.60
N VAL G 39 -54.34 11.61 28.41
CA VAL G 39 -54.36 10.84 27.18
C VAL G 39 -54.94 9.48 27.52
N CYS G 40 -55.73 8.93 26.62
CA CYS G 40 -56.28 7.60 26.82
C CYS G 40 -55.72 6.69 25.74
N VAL G 41 -54.96 5.71 26.20
CA VAL G 41 -54.32 4.73 25.34
C VAL G 41 -54.51 3.31 25.88
N ASN G 42 -54.32 2.33 25.00
CA ASN G 42 -54.36 0.93 25.39
C ASN G 42 -53.21 0.56 26.35
N PRO G 43 -53.40 -0.50 27.15
CA PRO G 43 -52.40 -0.93 28.14
C PRO G 43 -50.97 -1.01 27.62
N THR G 44 -50.79 -1.45 26.38
CA THR G 44 -49.47 -1.67 25.81
C THR G 44 -48.62 -0.39 25.69
N TRP G 45 -49.29 0.75 25.68
CA TRP G 45 -48.60 2.03 25.47
C TRP G 45 -48.46 2.85 26.72
N VAL G 46 -49.04 2.38 27.82
CA VAL G 46 -49.03 3.16 29.05
C VAL G 46 -47.59 3.54 29.41
N ALA G 47 -46.70 2.54 29.45
CA ALA G 47 -45.28 2.70 29.77
C ALA G 47 -44.66 3.84 28.98
N LEU G 48 -44.84 3.82 27.68
CA LEU G 48 -44.29 4.87 26.84
C LEU G 48 -44.92 6.21 27.25
N ALA G 49 -46.23 6.21 27.45
CA ALA G 49 -46.96 7.45 27.69
C ALA G 49 -46.61 8.20 28.99
N ALA G 50 -46.55 7.48 30.11
CA ALA G 50 -46.26 8.13 31.39
C ALA G 50 -44.90 8.79 31.34
N GLU G 51 -43.89 8.06 30.86
CA GLU G 51 -42.55 8.63 30.85
C GLU G 51 -42.50 9.69 29.75
N SER G 52 -43.44 9.72 28.82
CA SER G 52 -43.43 10.87 27.92
C SER G 52 -44.08 12.07 28.62
N LEU G 53 -44.91 11.80 29.63
CA LEU G 53 -45.73 12.82 30.30
C LEU G 53 -45.24 13.17 31.71
N LYS G 54 -44.17 12.51 32.14
CA LYS G 54 -43.39 12.81 33.35
C LYS G 54 -43.50 14.23 33.93
N ASP G 55 -43.01 15.20 33.18
CA ASP G 55 -42.96 16.60 33.61
C ASP G 55 -44.18 17.39 33.18
N SER G 56 -45.36 16.78 33.17
CA SER G 56 -46.53 17.54 32.79
C SER G 56 -47.79 17.26 33.59
N ASP G 57 -48.77 18.13 33.36
CA ASP G 57 -50.06 18.10 34.06
C ASP G 57 -51.13 17.21 33.45
N VAL G 58 -50.75 16.42 32.45
CA VAL G 58 -51.74 15.68 31.69
C VAL G 58 -52.23 14.36 32.28
N LYS G 59 -51.34 13.52 32.77
CA LYS G 59 -51.79 12.29 33.41
C LYS G 59 -52.27 11.25 32.38
N VAL G 60 -51.98 10.00 32.65
CA VAL G 60 -52.22 8.93 31.71
C VAL G 60 -53.39 8.06 32.08
N CYS G 61 -54.32 7.94 31.16
CA CYS G 61 -55.54 7.18 31.36
C CYS G 61 -55.42 5.95 30.49
N THR G 62 -55.86 4.80 31.00
CA THR G 62 -55.83 3.60 30.21
C THR G 62 -57.13 2.84 30.39
N VAL G 63 -57.30 1.77 29.64
CA VAL G 63 -58.56 1.07 29.63
C VAL G 63 -58.42 -0.41 30.03
N ILE G 64 -59.41 -0.91 30.78
CA ILE G 64 -59.35 -2.25 31.36
C ILE G 64 -60.54 -3.12 30.96
N GLY G 65 -60.26 -4.37 30.57
CA GLY G 65 -61.28 -5.29 30.08
C GLY G 65 -61.98 -4.74 28.84
N PHE G 66 -61.18 -4.20 27.94
CA PHE G 66 -61.66 -3.38 26.83
C PHE G 66 -61.66 -4.15 25.52
N PRO G 67 -62.69 -3.97 24.68
CA PRO G 67 -63.86 -3.15 24.99
C PRO G 67 -65.11 -3.95 25.33
N LEU G 68 -64.97 -5.25 25.54
CA LEU G 68 -66.16 -6.08 25.70
C LEU G 68 -66.53 -6.31 27.15
N GLY G 69 -65.56 -6.14 28.05
CA GLY G 69 -65.82 -6.29 29.47
C GLY G 69 -66.24 -7.70 29.84
N ALA G 70 -65.81 -8.66 29.05
CA ALA G 70 -66.23 -10.05 29.25
C ALA G 70 -65.11 -10.89 29.87
N ASN G 71 -64.23 -10.23 30.59
CA ASN G 71 -63.18 -10.92 31.33
C ASN G 71 -63.64 -11.29 32.73
N THR G 72 -62.93 -12.21 33.38
CA THR G 72 -63.23 -12.55 34.77
C THR G 72 -62.78 -11.41 35.68
N PRO G 73 -63.42 -11.29 36.84
CA PRO G 73 -63.01 -10.24 37.78
C PRO G 73 -61.53 -10.35 38.17
N ALA G 74 -61.03 -11.57 38.29
CA ALA G 74 -59.64 -11.80 38.66
C ALA G 74 -58.65 -11.16 37.69
N VAL G 75 -58.87 -11.38 36.39
CA VAL G 75 -57.98 -10.83 35.37
C VAL G 75 -58.14 -9.31 35.23
N LYS G 76 -59.36 -8.81 35.37
CA LYS G 76 -59.58 -7.37 35.31
C LYS G 76 -58.82 -6.69 36.45
N ALA G 77 -58.87 -7.34 37.61
CA ALA G 77 -58.14 -6.88 38.78
C ALA G 77 -56.64 -6.91 38.53
N PHE G 78 -56.16 -8.01 37.94
CA PHE G 78 -54.73 -8.15 37.68
C PHE G 78 -54.25 -7.10 36.69
N GLU G 79 -55.07 -6.83 35.69
CA GLU G 79 -54.75 -5.86 34.66
C GLU G 79 -54.76 -4.47 35.27
N THR G 80 -55.62 -4.27 36.27
CA THR G 80 -55.71 -3.00 36.96
C THR G 80 -54.49 -2.77 37.85
N LYS G 81 -54.07 -3.82 38.56
CA LYS G 81 -52.92 -3.75 39.46
C LYS G 81 -51.65 -3.68 38.64
N ASP G 82 -51.77 -4.06 37.38
CA ASP G 82 -50.68 -3.86 36.46
C ASP G 82 -50.60 -2.35 36.17
N ALA G 83 -51.04 -1.54 37.15
CA ALA G 83 -50.88 -0.08 37.18
C ALA G 83 -49.43 0.28 37.45
N ILE G 84 -48.66 -0.78 37.73
CA ILE G 84 -47.22 -0.67 37.98
C ILE G 84 -46.64 -0.26 36.66
N SER G 85 -47.32 -0.74 35.62
CA SER G 85 -47.02 -0.39 34.25
C SER G 85 -46.91 1.12 34.30
N ASN G 86 -45.73 1.64 34.02
CA ASN G 86 -45.45 3.06 33.92
C ASN G 86 -46.52 3.90 33.23
N GLY G 87 -47.38 4.62 33.94
CA GLY G 87 -47.61 4.56 35.35
C GLY G 87 -49.02 5.05 35.26
N ALA G 88 -49.96 4.13 35.02
CA ALA G 88 -51.34 4.57 34.82
C ALA G 88 -51.84 5.15 36.13
N ASP G 89 -52.42 6.34 36.04
CA ASP G 89 -52.98 6.99 37.21
C ASP G 89 -54.49 7.20 37.06
N GLU G 90 -55.06 6.71 35.96
CA GLU G 90 -56.50 6.76 35.80
C GLU G 90 -56.98 5.54 35.00
N ILE G 91 -58.12 4.97 35.39
CA ILE G 91 -58.58 3.68 34.87
C ILE G 91 -60.00 3.69 34.33
N ASP G 92 -60.20 3.37 33.05
CA ASP G 92 -61.56 3.18 32.55
C ASP G 92 -61.86 1.70 32.30
N MET G 93 -62.66 1.11 33.18
CA MET G 93 -63.07 -0.30 33.00
C MET G 93 -64.42 -0.45 32.31
N VAL G 94 -64.61 -1.57 31.63
CA VAL G 94 -65.92 -1.92 31.08
C VAL G 94 -66.69 -2.85 32.01
N ILE G 95 -67.94 -2.51 32.29
CA ILE G 95 -68.84 -3.39 33.05
C ILE G 95 -68.99 -4.74 32.34
N ASN G 96 -69.27 -5.77 33.12
CA ASN G 96 -69.57 -7.05 32.54
C ASN G 96 -71.00 -6.94 31.95
N ILE G 97 -71.09 -6.46 30.71
CA ILE G 97 -72.38 -6.19 30.06
C ILE G 97 -73.28 -7.42 29.99
N GLY G 98 -72.68 -8.56 29.65
CA GLY G 98 -73.42 -9.81 29.56
C GLY G 98 -74.06 -10.19 30.89
N ALA G 99 -73.33 -10.01 31.98
CA ALA G 99 -73.88 -10.31 33.31
C ALA G 99 -75.01 -9.37 33.67
N LEU G 100 -74.83 -8.07 33.41
CA LEU G 100 -75.84 -7.08 33.76
C LEU G 100 -77.13 -7.40 32.99
N LYS G 101 -76.96 -7.93 31.79
CA LYS G 101 -78.11 -8.24 30.95
C LYS G 101 -78.87 -9.53 31.35
N THR G 102 -78.21 -10.49 32.01
CA THR G 102 -78.91 -11.73 32.38
C THR G 102 -80.04 -11.71 33.43
N GLY G 103 -79.96 -11.00 34.56
CA GLY G 103 -78.86 -10.17 35.01
C GLY G 103 -78.36 -10.60 36.39
N ASN G 104 -77.04 -10.65 36.53
CA ASN G 104 -76.42 -11.08 37.77
C ASN G 104 -76.54 -10.05 38.89
N TYR G 105 -76.10 -8.84 38.61
CA TYR G 105 -76.14 -7.76 39.60
C TYR G 105 -75.09 -7.99 40.68
N ASP G 106 -74.76 -9.26 40.92
CA ASP G 106 -73.76 -9.63 41.91
C ASP G 106 -72.39 -9.77 41.25
N LEU G 107 -72.32 -10.62 40.23
CA LEU G 107 -71.07 -10.83 39.51
C LEU G 107 -70.59 -9.49 38.93
N VAL G 108 -71.53 -8.64 38.50
CA VAL G 108 -71.19 -7.29 38.04
C VAL G 108 -70.52 -6.46 39.15
N LEU G 109 -71.12 -6.51 40.34
CA LEU G 109 -70.62 -5.74 41.47
C LEU G 109 -69.30 -6.31 41.96
N GLU G 110 -69.20 -7.63 42.03
CA GLU G 110 -67.95 -8.30 42.38
C GLU G 110 -66.86 -7.89 41.41
N ASP G 111 -67.24 -7.82 40.14
CA ASP G 111 -66.34 -7.45 39.06
C ASP G 111 -65.76 -6.05 39.29
N ILE G 112 -66.64 -5.07 39.46
CA ILE G 112 -66.22 -3.68 39.67
C ILE G 112 -65.41 -3.53 40.97
N LYS G 113 -65.81 -4.26 42.01
CA LYS G 113 -65.17 -4.20 43.32
C LYS G 113 -63.76 -4.74 43.29
N ALA G 114 -63.54 -5.79 42.51
CA ALA G 114 -62.20 -6.33 42.35
C ALA G 114 -61.29 -5.30 41.72
N VAL G 115 -61.82 -4.57 40.74
CA VAL G 115 -61.03 -3.60 40.01
C VAL G 115 -60.71 -2.39 40.87
N VAL G 116 -61.71 -1.88 41.59
CA VAL G 116 -61.46 -0.72 42.43
C VAL G 116 -60.60 -1.08 43.65
N ALA G 117 -60.74 -2.29 44.18
CA ALA G 117 -59.90 -2.73 45.27
C ALA G 117 -58.47 -2.91 44.79
N ALA G 118 -58.32 -3.27 43.51
CA ALA G 118 -56.98 -3.46 42.97
C ALA G 118 -56.54 -2.12 42.41
N SER G 119 -57.39 -1.12 42.50
CA SER G 119 -57.03 0.20 41.98
C SER G 119 -56.27 1.10 42.94
N GLY G 120 -56.16 2.36 42.57
CA GLY G 120 -55.59 3.37 43.43
C GLY G 120 -56.51 3.53 44.62
N ASP G 121 -56.61 4.72 45.17
CA ASP G 121 -55.69 5.80 44.91
C ASP G 121 -55.83 6.47 43.57
N LYS G 122 -56.49 5.82 42.63
CA LYS G 122 -56.55 6.37 41.29
C LYS G 122 -57.96 6.51 40.81
N LEU G 123 -58.24 7.54 40.02
CA LEU G 123 -59.62 7.76 39.59
C LEU G 123 -60.06 6.57 38.71
N VAL G 124 -61.21 6.00 39.00
CA VAL G 124 -61.69 4.86 38.22
C VAL G 124 -63.00 5.15 37.51
N LYS G 125 -62.98 5.04 36.19
CA LYS G 125 -64.21 5.20 35.44
C LYS G 125 -64.74 3.85 35.06
N VAL G 126 -66.05 3.69 35.16
CA VAL G 126 -66.64 2.42 34.78
C VAL G 126 -67.49 2.61 33.55
N ILE G 127 -67.10 1.99 32.45
CA ILE G 127 -67.85 2.15 31.23
C ILE G 127 -69.06 1.23 31.16
N ILE G 128 -70.23 1.86 31.14
CA ILE G 128 -71.48 1.13 30.94
C ILE G 128 -71.55 1.34 29.43
N GLU G 129 -72.49 0.80 28.69
CA GLU G 129 -72.37 1.21 27.31
C GLU G 129 -73.62 1.90 26.74
N ALA G 130 -74.74 1.78 27.43
CA ALA G 130 -75.93 2.55 27.05
C ALA G 130 -76.39 2.43 25.61
N CYS G 131 -75.84 1.48 24.85
CA CYS G 131 -76.26 1.30 23.46
C CYS G 131 -76.84 -0.09 23.39
N LEU G 132 -76.36 -0.91 24.32
CA LEU G 132 -76.81 -2.27 24.47
C LEU G 132 -77.78 -2.38 25.64
N LEU G 133 -78.06 -1.25 26.28
CA LEU G 133 -78.90 -1.26 27.46
C LEU G 133 -80.20 -0.47 27.31
N THR G 134 -81.22 -0.88 28.05
CA THR G 134 -82.42 -0.07 28.25
C THR G 134 -82.09 1.05 29.25
N ASP G 135 -82.97 2.04 29.36
CA ASP G 135 -82.79 3.12 30.33
C ASP G 135 -82.72 2.56 31.74
N ASP G 136 -83.59 1.61 32.04
CA ASP G 136 -83.61 0.98 33.36
C ASP G 136 -82.27 0.33 33.68
N GLU G 137 -81.69 -0.31 32.67
CA GLU G 137 -80.40 -0.98 32.83
C GLU G 137 -79.24 0.01 32.88
N LYS G 138 -79.38 1.15 32.21
CA LYS G 138 -78.38 2.20 32.35
C LYS G 138 -78.36 2.67 33.79
N VAL G 139 -79.55 2.98 34.32
CA VAL G 139 -79.69 3.40 35.71
C VAL G 139 -79.11 2.36 36.64
N LYS G 140 -79.47 1.10 36.41
CA LYS G 140 -78.99 0.04 37.27
C LYS G 140 -77.49 -0.12 37.15
N ALA G 141 -76.90 0.24 36.03
CA ALA G 141 -75.46 0.12 35.93
C ALA G 141 -74.79 1.17 36.75
N CYS G 142 -75.03 2.42 36.39
CA CYS G 142 -74.49 3.55 37.10
C CYS G 142 -74.61 3.36 38.58
N GLN G 143 -75.80 2.95 39.00
CA GLN G 143 -76.04 2.79 40.39
C GLN G 143 -75.39 1.52 40.79
N LEU G 144 -75.47 0.53 39.92
CA LEU G 144 -74.87 -0.74 40.25
C LEU G 144 -73.45 -0.53 40.61
N SER G 145 -72.87 0.57 40.14
CA SER G 145 -71.66 1.07 40.71
C SER G 145 -72.21 1.62 41.98
N GLN G 146 -72.53 0.71 42.87
CA GLN G 146 -73.29 0.97 44.07
C GLN G 146 -72.41 0.75 45.30
N GLU G 147 -71.34 1.49 45.41
CA GLU G 147 -70.58 1.97 44.29
C GLU G 147 -69.20 1.36 44.42
N ALA G 148 -69.23 0.09 44.85
CA ALA G 148 -68.08 -0.77 45.15
C ALA G 148 -66.84 0.02 45.34
N GLY G 149 -66.72 1.00 44.46
CA GLY G 149 -65.66 1.95 44.50
C GLY G 149 -66.33 3.15 43.92
N ALA G 150 -65.58 4.20 43.66
CA ALA G 150 -66.13 5.38 43.03
C ALA G 150 -65.82 5.09 41.59
N ASP G 151 -65.53 6.04 40.69
CA ASP G 151 -65.54 7.48 40.87
C ASP G 151 -66.24 8.05 39.67
N TYR G 152 -66.24 7.29 38.61
CA TYR G 152 -66.90 7.70 37.38
C TYR G 152 -67.76 6.62 36.73
N VAL G 153 -68.67 7.08 35.87
CA VAL G 153 -69.37 6.21 34.95
C VAL G 153 -69.13 6.75 33.54
N LYS G 154 -68.86 5.89 32.57
CA LYS G 154 -68.53 6.35 31.24
C LYS G 154 -69.52 5.82 30.21
N THR G 155 -69.98 6.73 29.35
CA THR G 155 -70.97 6.40 28.34
C THR G 155 -70.32 5.97 27.04
N SER G 156 -70.56 4.72 26.68
CA SER G 156 -69.92 4.06 25.56
C SER G 156 -68.39 3.96 25.53
N THR G 157 -67.94 2.85 24.94
CA THR G 157 -66.58 2.67 24.48
C THR G 157 -66.70 3.04 23.01
N GLY G 158 -65.63 3.45 22.37
CA GLY G 158 -65.80 3.93 21.01
C GLY G 158 -65.98 2.77 20.03
N PHE G 159 -66.27 1.58 20.56
CA PHE G 159 -66.26 0.36 19.76
C PHE G 159 -67.57 -0.41 19.61
N SER G 160 -68.70 0.20 19.97
CA SER G 160 -70.00 -0.45 19.75
C SER G 160 -70.87 0.38 18.81
N THR G 161 -72.18 0.13 18.83
CA THR G 161 -73.09 0.70 17.83
C THR G 161 -73.36 2.19 18.03
N GLY G 162 -73.21 2.66 19.26
CA GLY G 162 -73.48 4.06 19.54
C GLY G 162 -72.48 4.69 20.49
N GLY G 163 -72.45 6.02 20.50
CA GLY G 163 -71.62 6.78 21.40
C GLY G 163 -72.48 7.55 22.39
N ALA G 164 -71.94 8.64 22.91
CA ALA G 164 -72.64 9.47 23.88
C ALA G 164 -73.85 10.17 23.26
N THR G 165 -74.98 10.13 23.96
CA THR G 165 -76.13 10.96 23.62
C THR G 165 -76.40 11.85 24.82
N VAL G 166 -76.97 13.03 24.57
CA VAL G 166 -77.24 13.99 25.63
C VAL G 166 -78.23 13.42 26.64
N ALA G 167 -79.22 12.68 26.15
CA ALA G 167 -80.22 12.08 27.03
C ALA G 167 -79.61 11.04 27.97
N ASP G 168 -78.74 10.20 27.43
CA ASP G 168 -78.13 9.15 28.23
C ASP G 168 -77.22 9.73 29.30
N VAL G 169 -76.38 10.69 28.90
CA VAL G 169 -75.49 11.30 29.87
C VAL G 169 -76.30 12.02 30.94
N ALA G 170 -77.36 12.72 30.54
CA ALA G 170 -78.21 13.43 31.50
C ALA G 170 -78.81 12.47 32.50
N LEU G 171 -79.30 11.34 32.01
CA LEU G 171 -79.88 10.33 32.87
C LEU G 171 -78.83 9.82 33.86
N MET G 172 -77.62 9.60 33.36
CA MET G 172 -76.53 9.09 34.18
C MET G 172 -76.18 10.05 35.31
N ARG G 173 -76.10 11.35 35.01
CA ARG G 173 -75.87 12.30 36.10
C ARG G 173 -77.07 12.33 37.04
N LYS G 174 -78.28 12.25 36.51
CA LYS G 174 -79.47 12.28 37.36
C LYS G 174 -79.44 11.16 38.41
N THR G 175 -78.92 9.99 38.06
CA THR G 175 -78.91 8.90 39.05
C THR G 175 -77.90 9.17 40.16
N VAL G 176 -76.70 9.66 39.84
CA VAL G 176 -75.72 9.84 40.89
C VAL G 176 -75.63 11.31 41.31
N GLY G 177 -75.00 11.59 42.44
CA GLY G 177 -74.96 12.96 42.92
C GLY G 177 -73.90 13.70 42.14
N PRO G 178 -73.53 14.89 42.61
CA PRO G 178 -72.52 15.70 41.93
C PRO G 178 -71.14 15.24 42.35
N ASP G 179 -71.11 14.49 43.45
CA ASP G 179 -69.89 13.96 44.04
C ASP G 179 -69.30 12.83 43.19
N MET G 180 -70.02 12.49 42.12
CA MET G 180 -69.62 11.55 41.08
C MET G 180 -69.28 12.22 39.75
N GLY G 181 -68.47 11.54 38.95
CA GLY G 181 -67.93 12.17 37.76
C GLY G 181 -68.71 12.17 36.46
N VAL G 182 -68.91 11.02 35.83
CA VAL G 182 -69.60 10.90 34.52
C VAL G 182 -68.75 11.46 33.37
N LYS G 183 -68.35 10.57 32.46
CA LYS G 183 -67.55 10.94 31.30
C LYS G 183 -68.33 10.77 30.01
N ALA G 184 -68.45 11.81 29.20
CA ALA G 184 -69.10 11.66 27.90
C ALA G 184 -68.07 11.27 26.84
N SER G 185 -68.18 10.07 26.32
CA SER G 185 -67.21 9.58 25.33
C SER G 185 -67.84 9.05 24.04
N GLY G 186 -67.45 9.62 22.90
CA GLY G 186 -67.94 9.14 21.63
C GLY G 186 -68.42 10.18 20.64
N GLY G 187 -69.72 10.42 20.58
CA GLY G 187 -70.27 11.39 19.64
C GLY G 187 -69.78 12.83 19.69
N ALA G 188 -68.46 13.03 19.68
CA ALA G 188 -67.87 14.37 19.74
C ALA G 188 -66.37 14.28 19.43
N ARG G 189 -65.80 14.95 18.41
CA ARG G 189 -66.42 15.69 17.28
C ARG G 189 -67.03 17.05 17.63
N SER G 190 -66.57 18.06 16.88
CA SER G 190 -66.91 19.50 17.02
C SER G 190 -66.83 20.13 18.43
N TYR G 191 -66.75 21.46 18.45
CA TYR G 191 -66.74 22.25 19.68
C TYR G 191 -68.07 22.22 20.43
N GLU G 192 -69.15 22.32 19.67
CA GLU G 192 -70.50 22.45 20.22
C GLU G 192 -71.04 21.18 20.85
N ASP G 193 -70.57 20.04 20.37
CA ASP G 193 -70.97 18.74 20.90
C ASP G 193 -70.46 18.60 22.32
N ALA G 194 -69.22 19.04 22.52
CA ALA G 194 -68.59 18.96 23.83
C ALA G 194 -69.37 19.78 24.83
N ILE G 195 -69.64 21.05 24.51
CA ILE G 195 -70.37 21.90 25.45
C ILE G 195 -71.81 21.42 25.61
N ALA G 196 -72.34 20.72 24.62
CA ALA G 196 -73.64 20.15 24.79
C ALA G 196 -73.55 19.13 25.88
N PHE G 197 -72.48 18.37 25.86
CA PHE G 197 -72.28 17.31 26.82
C PHE G 197 -71.86 17.89 28.13
N ILE G 198 -71.30 19.09 28.06
CA ILE G 198 -70.89 19.77 29.26
C ILE G 198 -72.13 20.37 29.87
N GLU G 199 -73.13 20.66 29.05
CA GLU G 199 -74.29 21.35 29.53
C GLU G 199 -75.17 20.42 30.34
N ALA G 200 -75.08 19.14 30.06
CA ALA G 200 -75.62 18.14 30.95
C ALA G 200 -74.40 17.80 31.76
N GLY G 201 -74.47 16.87 32.67
CA GLY G 201 -73.30 16.50 33.44
C GLY G 201 -72.15 16.23 32.52
N ALA G 202 -70.93 16.32 33.01
CA ALA G 202 -69.77 16.18 32.15
C ALA G 202 -68.46 16.49 32.85
N SER G 203 -68.18 15.87 33.96
CA SER G 203 -66.88 16.16 34.53
C SER G 203 -65.72 15.73 33.61
N ARG G 204 -65.95 14.79 32.69
CA ARG G 204 -64.93 14.48 31.67
C ARG G 204 -65.49 14.21 30.26
N ILE G 205 -64.62 14.34 29.25
CA ILE G 205 -64.97 14.02 27.87
C ILE G 205 -63.89 13.17 27.16
N GLY G 206 -64.27 12.04 26.58
CA GLY G 206 -63.33 11.29 25.76
C GLY G 206 -63.59 11.63 24.30
N ALA G 207 -62.55 11.90 23.54
CA ALA G 207 -62.74 12.19 22.15
C ALA G 207 -61.44 12.03 21.43
N SER G 208 -61.50 12.01 20.11
CA SER G 208 -60.31 11.92 19.30
C SER G 208 -60.08 13.25 18.60
N SER G 209 -61.08 14.12 18.65
CA SER G 209 -61.00 15.41 18.03
C SER G 209 -60.59 16.43 19.07
N GLY G 210 -59.73 16.03 19.98
CA GLY G 210 -59.27 16.94 21.00
C GLY G 210 -58.91 18.33 20.54
N VAL G 211 -58.95 18.55 19.23
CA VAL G 211 -58.63 19.85 18.70
C VAL G 211 -59.91 20.53 18.29
N ALA G 212 -60.83 20.62 19.24
CA ALA G 212 -62.11 21.26 19.03
C ALA G 212 -61.90 22.66 19.51
N ILE G 213 -61.05 23.34 18.75
CA ILE G 213 -60.58 24.68 19.03
C ILE G 213 -60.43 24.83 20.54
N MET H 4 -61.35 -35.95 7.61
CA MET H 4 -62.08 -35.60 8.84
C MET H 4 -63.49 -35.12 8.46
N LYS H 5 -64.34 -34.86 9.45
CA LYS H 5 -65.76 -34.69 9.18
C LYS H 5 -66.22 -33.32 9.62
N LEU H 6 -67.15 -32.76 8.85
CA LEU H 6 -67.40 -31.32 8.79
C LEU H 6 -67.61 -30.65 10.14
N ASN H 7 -68.44 -31.28 10.97
CA ASN H 7 -68.76 -30.73 12.29
C ASN H 7 -67.53 -30.59 13.16
N LYS H 8 -66.55 -31.48 12.98
CA LYS H 8 -65.36 -31.40 13.82
C LYS H 8 -64.30 -30.45 13.23
N TYR H 9 -64.75 -29.57 12.33
CA TYR H 9 -63.93 -28.45 11.86
C TYR H 9 -64.42 -27.17 12.50
N ILE H 10 -65.43 -27.28 13.37
CA ILE H 10 -66.19 -26.10 13.76
C ILE H 10 -66.06 -25.69 15.23
N ASP H 11 -65.67 -24.43 15.43
CA ASP H 11 -65.74 -23.78 16.72
C ASP H 11 -67.00 -22.91 16.74
N HIS H 12 -67.97 -23.35 17.53
CA HIS H 12 -69.25 -22.69 17.64
C HIS H 12 -69.13 -21.46 18.54
N THR H 13 -69.25 -20.28 17.95
CA THR H 13 -68.83 -19.06 18.63
C THR H 13 -69.92 -18.03 19.00
N ILE H 14 -69.83 -17.52 20.23
CA ILE H 14 -70.61 -16.36 20.60
C ILE H 14 -69.72 -15.50 21.47
N LEU H 15 -69.42 -14.29 21.00
CA LEU H 15 -68.46 -13.44 21.71
C LEU H 15 -68.96 -12.01 21.85
N LYS H 16 -70.19 -11.75 21.42
CA LYS H 16 -70.75 -10.41 21.45
C LYS H 16 -70.88 -9.96 22.90
N PRO H 17 -70.66 -8.66 23.17
CA PRO H 17 -70.59 -8.16 24.55
C PRO H 17 -71.90 -8.31 25.33
N GLU H 18 -73.03 -8.29 24.63
CA GLU H 18 -74.34 -8.33 25.28
C GLU H 18 -74.90 -9.75 25.45
N THR H 19 -74.06 -10.76 25.23
CA THR H 19 -74.51 -12.15 25.30
C THR H 19 -74.93 -12.56 26.72
N THR H 20 -76.14 -13.11 26.81
CA THR H 20 -76.69 -13.55 28.10
C THR H 20 -76.44 -15.03 28.29
N GLN H 21 -76.67 -15.52 29.52
CA GLN H 21 -76.40 -16.92 29.83
C GLN H 21 -77.22 -17.89 29.00
N GLU H 22 -78.49 -17.56 28.76
CA GLU H 22 -79.36 -18.45 27.99
C GLU H 22 -78.86 -18.65 26.56
N GLN H 23 -78.30 -17.60 25.97
CA GLN H 23 -77.72 -17.71 24.63
C GLN H 23 -76.51 -18.65 24.64
N VAL H 24 -75.66 -18.50 25.64
CA VAL H 24 -74.52 -19.40 25.79
C VAL H 24 -75.00 -20.84 25.96
N GLU H 25 -76.05 -21.04 26.75
CA GLU H 25 -76.58 -22.36 27.02
C GLU H 25 -77.21 -22.98 25.76
N LYS H 26 -77.75 -22.15 24.89
CA LYS H 26 -78.26 -22.69 23.63
C LYS H 26 -77.10 -23.09 22.76
N ILE H 27 -76.01 -22.32 22.81
CA ILE H 27 -74.83 -22.73 22.06
C ILE H 27 -74.26 -24.05 22.55
N LEU H 28 -74.23 -24.23 23.86
CA LEU H 28 -73.72 -25.47 24.41
C LEU H 28 -74.63 -26.62 23.96
N ALA H 29 -75.93 -26.40 24.03
CA ALA H 29 -76.88 -27.42 23.57
C ALA H 29 -76.63 -27.79 22.10
N GLU H 30 -76.53 -26.79 21.23
CA GLU H 30 -76.31 -27.03 19.80
C GLU H 30 -74.97 -27.72 19.51
N ALA H 31 -73.95 -27.38 20.29
CA ALA H 31 -72.64 -27.99 20.13
C ALA H 31 -72.69 -29.48 20.49
N LYS H 32 -73.37 -29.79 21.59
CA LYS H 32 -73.54 -31.16 22.01
C LYS H 32 -74.37 -31.90 20.97
N GLU H 33 -75.30 -31.18 20.38
CA GLU H 33 -76.22 -31.75 19.41
C GLU H 33 -75.52 -32.14 18.09
N TYR H 34 -74.74 -31.24 17.49
CA TYR H 34 -74.08 -31.59 16.24
C TYR H 34 -72.61 -32.01 16.40
N ASP H 35 -72.28 -32.59 17.56
CA ASP H 35 -70.90 -32.90 17.97
C ASP H 35 -69.83 -32.02 17.31
N PHE H 36 -69.82 -30.73 17.64
CA PHE H 36 -68.85 -29.80 17.08
C PHE H 36 -67.50 -29.96 17.75
N ALA H 37 -66.47 -29.35 17.17
CA ALA H 37 -65.13 -29.40 17.74
C ALA H 37 -65.08 -28.69 19.09
N SER H 38 -65.64 -27.48 19.14
CA SER H 38 -65.61 -26.71 20.39
C SER H 38 -66.70 -25.66 20.44
N VAL H 39 -66.84 -25.06 21.61
CA VAL H 39 -67.57 -23.80 21.74
C VAL H 39 -66.53 -22.71 22.00
N CYS H 40 -66.78 -21.52 21.46
CA CYS H 40 -65.89 -20.41 21.72
C CYS H 40 -66.68 -19.34 22.48
N VAL H 41 -66.28 -19.11 23.73
CA VAL H 41 -66.93 -18.11 24.56
C VAL H 41 -65.90 -17.24 25.27
N ASN H 42 -66.32 -16.07 25.71
CA ASN H 42 -65.50 -15.18 26.52
C ASN H 42 -65.23 -15.81 27.89
N PRO H 43 -64.13 -15.41 28.56
CA PRO H 43 -63.74 -15.99 29.85
C PRO H 43 -64.87 -16.14 30.88
N THR H 44 -65.79 -15.18 30.98
CA THR H 44 -66.84 -15.25 32.02
C THR H 44 -67.72 -16.47 31.85
N TRP H 45 -67.70 -17.06 30.66
CA TRP H 45 -68.56 -18.21 30.43
C TRP H 45 -67.79 -19.53 30.43
N VAL H 46 -66.46 -19.49 30.51
CA VAL H 46 -65.69 -20.74 30.47
C VAL H 46 -66.15 -21.68 31.58
N ALA H 47 -66.26 -21.18 32.82
CA ALA H 47 -66.71 -21.99 33.94
C ALA H 47 -68.01 -22.71 33.59
N LEU H 48 -69.02 -21.96 33.18
CA LEU H 48 -70.34 -22.53 32.87
C LEU H 48 -70.30 -23.55 31.73
N ALA H 49 -69.58 -23.20 30.66
CA ALA H 49 -69.48 -24.03 29.47
C ALA H 49 -68.76 -25.34 29.78
N ALA H 50 -67.75 -25.24 30.63
CA ALA H 50 -66.94 -26.38 31.01
C ALA H 50 -67.83 -27.45 31.59
N GLU H 51 -68.64 -27.09 32.57
CA GLU H 51 -69.47 -28.08 33.26
C GLU H 51 -70.70 -28.49 32.44
N SER H 52 -71.07 -27.72 31.46
CA SER H 52 -72.15 -28.14 30.58
C SER H 52 -71.59 -29.15 29.58
N LEU H 53 -70.28 -29.08 29.37
CA LEU H 53 -69.61 -29.87 28.34
C LEU H 53 -68.77 -31.05 28.86
N LYS H 54 -68.67 -31.20 30.18
CA LYS H 54 -68.10 -32.40 30.78
C LYS H 54 -69.02 -33.50 30.29
N ASP H 55 -68.47 -34.67 29.96
CA ASP H 55 -69.20 -35.83 29.41
C ASP H 55 -69.48 -35.71 27.91
N SER H 56 -68.69 -34.89 27.22
CA SER H 56 -68.79 -34.80 25.77
C SER H 56 -67.41 -34.57 25.13
N ASP H 57 -67.36 -34.78 23.82
CA ASP H 57 -66.14 -34.66 23.02
C ASP H 57 -65.97 -33.26 22.47
N VAL H 58 -66.75 -32.33 23.03
CA VAL H 58 -66.74 -30.91 22.68
C VAL H 58 -65.88 -30.12 23.64
N LYS H 59 -64.75 -29.61 23.14
CA LYS H 59 -63.80 -28.89 23.97
C LYS H 59 -64.29 -27.46 24.19
N VAL H 60 -63.75 -26.75 25.18
CA VAL H 60 -64.19 -25.38 25.38
C VAL H 60 -63.04 -24.45 25.02
N CYS H 61 -63.33 -23.47 24.19
CA CYS H 61 -62.32 -22.56 23.66
C CYS H 61 -62.59 -21.15 24.18
N THR H 62 -61.55 -20.40 24.50
CA THR H 62 -61.75 -19.01 24.93
C THR H 62 -60.73 -18.08 24.27
N VAL H 63 -60.92 -16.79 24.47
CA VAL H 63 -60.11 -15.79 23.79
C VAL H 63 -59.39 -14.93 24.81
N ILE H 64 -58.16 -14.54 24.51
CA ILE H 64 -57.32 -13.79 25.45
C ILE H 64 -56.85 -12.49 24.81
N GLY H 65 -56.94 -11.39 25.55
CA GLY H 65 -56.59 -10.09 25.02
C GLY H 65 -57.45 -9.76 23.81
N PHE H 66 -58.74 -10.06 23.94
CA PHE H 66 -59.66 -10.06 22.82
C PHE H 66 -60.54 -8.82 22.85
N PRO H 67 -60.83 -8.22 21.69
CA PRO H 67 -60.32 -8.62 20.37
C PRO H 67 -59.23 -7.70 19.81
N LEU H 68 -58.70 -6.80 20.63
CA LEU H 68 -57.76 -5.80 20.13
C LEU H 68 -56.29 -6.19 20.31
N GLY H 69 -56.02 -7.13 21.22
CA GLY H 69 -54.68 -7.64 21.48
C GLY H 69 -53.66 -6.62 21.98
N ALA H 70 -54.15 -5.55 22.60
CA ALA H 70 -53.28 -4.45 23.03
C ALA H 70 -53.03 -4.47 24.54
N ASN H 71 -53.16 -5.66 25.13
CA ASN H 71 -52.86 -5.87 26.54
C ASN H 71 -51.36 -6.21 26.69
N THR H 72 -50.84 -6.09 27.91
CA THR H 72 -49.44 -6.44 28.17
C THR H 72 -49.23 -7.96 28.18
N PRO H 73 -48.00 -8.40 27.89
CA PRO H 73 -47.70 -9.85 27.92
C PRO H 73 -48.05 -10.49 29.26
N ALA H 74 -47.79 -9.76 30.36
CA ALA H 74 -48.09 -10.25 31.69
C ALA H 74 -49.58 -10.53 31.90
N VAL H 75 -50.43 -9.55 31.53
CA VAL H 75 -51.86 -9.71 31.73
C VAL H 75 -52.42 -10.77 30.79
N LYS H 76 -51.89 -10.87 29.57
CA LYS H 76 -52.33 -11.91 28.66
C LYS H 76 -52.00 -13.29 29.23
N ALA H 77 -50.79 -13.42 29.76
CA ALA H 77 -50.35 -14.67 30.34
C ALA H 77 -51.24 -15.04 31.52
N PHE H 78 -51.51 -14.05 32.38
CA PHE H 78 -52.35 -14.33 33.54
C PHE H 78 -53.79 -14.69 33.14
N GLU H 79 -54.32 -14.05 32.11
CA GLU H 79 -55.69 -14.34 31.68
C GLU H 79 -55.72 -15.76 31.14
N THR H 80 -54.62 -16.20 30.53
CA THR H 80 -54.55 -17.57 30.04
C THR H 80 -54.51 -18.56 31.22
N LYS H 81 -53.76 -18.21 32.27
CA LYS H 81 -53.65 -19.11 33.40
C LYS H 81 -54.96 -19.20 34.16
N ASP H 82 -55.69 -18.09 34.15
CA ASP H 82 -57.00 -18.01 34.77
C ASP H 82 -58.05 -18.76 33.98
N ALA H 83 -57.95 -18.70 32.66
CA ALA H 83 -58.90 -19.39 31.80
C ALA H 83 -58.73 -20.90 31.93
N ILE H 84 -57.47 -21.34 32.02
CA ILE H 84 -57.20 -22.76 32.18
C ILE H 84 -57.62 -23.21 33.56
N SER H 85 -57.39 -22.34 34.54
CA SER H 85 -57.76 -22.64 35.90
C SER H 85 -59.28 -22.74 36.03
N ASN H 86 -60.00 -22.25 35.02
CA ASN H 86 -61.46 -22.30 35.02
C ASN H 86 -62.15 -23.41 34.19
N GLY H 87 -61.38 -24.23 33.46
CA GLY H 87 -61.98 -25.17 32.51
C GLY H 87 -61.67 -25.17 31.02
N ALA H 88 -60.89 -24.19 30.55
CA ALA H 88 -60.59 -24.05 29.13
C ALA H 88 -59.68 -25.18 28.59
N ASP H 89 -59.94 -25.62 27.36
CA ASP H 89 -59.07 -26.62 26.74
C ASP H 89 -58.28 -26.02 25.60
N GLU H 90 -58.67 -24.81 25.18
CA GLU H 90 -58.00 -24.12 24.07
C GLU H 90 -58.02 -22.60 24.23
N ILE H 91 -56.95 -21.95 23.76
CA ILE H 91 -56.75 -20.52 23.97
C ILE H 91 -56.51 -19.82 22.62
N ASP H 92 -57.38 -18.89 22.24
CA ASP H 92 -57.13 -18.04 21.06
C ASP H 92 -56.73 -16.63 21.49
N MET H 93 -55.45 -16.31 21.37
CA MET H 93 -54.97 -15.00 21.75
C MET H 93 -54.94 -14.07 20.55
N VAL H 94 -55.06 -12.77 20.80
CA VAL H 94 -54.88 -11.81 19.73
C VAL H 94 -53.46 -11.30 19.73
N ILE H 95 -52.83 -11.34 18.56
CA ILE H 95 -51.49 -10.79 18.39
C ILE H 95 -51.48 -9.31 18.79
N ASN H 96 -50.33 -8.82 19.22
CA ASN H 96 -50.18 -7.40 19.50
C ASN H 96 -50.02 -6.66 18.17
N ILE H 97 -51.15 -6.34 17.58
CA ILE H 97 -51.21 -5.72 16.26
C ILE H 97 -50.44 -4.41 16.20
N GLY H 98 -50.57 -3.61 17.24
CA GLY H 98 -49.86 -2.33 17.30
C GLY H 98 -48.37 -2.55 17.26
N ALA H 99 -47.93 -3.55 18.02
CA ALA H 99 -46.51 -3.85 18.07
C ALA H 99 -46.01 -4.35 16.72
N LEU H 100 -46.77 -5.26 16.11
CA LEU H 100 -46.40 -5.86 14.84
C LEU H 100 -46.32 -4.79 13.75
N LYS H 101 -47.19 -3.81 13.85
CA LYS H 101 -47.24 -2.69 12.90
C LYS H 101 -46.10 -1.71 13.10
N THR H 102 -45.67 -1.53 14.35
CA THR H 102 -44.54 -0.64 14.61
C THR H 102 -43.24 -1.22 14.07
N GLY H 103 -43.02 -2.51 14.29
CA GLY H 103 -41.73 -3.10 13.99
C GLY H 103 -41.06 -3.70 15.19
N ASN H 104 -41.79 -3.86 16.26
CA ASN H 104 -41.23 -4.30 17.50
C ASN H 104 -41.55 -5.76 17.54
N TYR H 105 -40.94 -6.47 16.61
CA TYR H 105 -41.20 -7.88 16.51
C TYR H 105 -40.80 -8.55 17.79
N ASP H 106 -40.02 -7.86 18.61
CA ASP H 106 -39.54 -8.45 19.85
C ASP H 106 -40.63 -8.57 20.86
N LEU H 107 -41.41 -7.51 20.99
CA LEU H 107 -42.54 -7.49 21.90
C LEU H 107 -43.57 -8.48 21.47
N VAL H 108 -43.84 -8.52 20.18
CA VAL H 108 -44.81 -9.48 19.66
C VAL H 108 -44.45 -10.89 20.09
N LEU H 109 -43.18 -11.24 19.93
CA LEU H 109 -42.71 -12.58 20.21
C LEU H 109 -42.76 -12.86 21.72
N GLU H 110 -42.34 -11.88 22.53
CA GLU H 110 -42.43 -11.98 23.97
C GLU H 110 -43.88 -12.19 24.41
N ASP H 111 -44.78 -11.47 23.76
CA ASP H 111 -46.21 -11.55 24.02
C ASP H 111 -46.72 -12.98 23.81
N ILE H 112 -46.50 -13.48 22.59
CA ILE H 112 -46.98 -14.81 22.29
C ILE H 112 -46.31 -15.83 23.21
N LYS H 113 -45.01 -15.67 23.47
CA LYS H 113 -44.30 -16.63 24.30
C LYS H 113 -44.81 -16.63 25.74
N ALA H 114 -45.18 -15.46 26.26
CA ALA H 114 -45.75 -15.38 27.58
C ALA H 114 -47.05 -16.18 27.64
N VAL H 115 -47.86 -16.03 26.59
CA VAL H 115 -49.15 -16.71 26.56
C VAL H 115 -48.98 -18.23 26.41
N VAL H 116 -48.07 -18.66 25.54
CA VAL H 116 -47.80 -20.08 25.34
C VAL H 116 -47.15 -20.69 26.59
N ALA H 117 -46.33 -19.90 27.28
CA ALA H 117 -45.67 -20.35 28.50
C ALA H 117 -46.71 -20.60 29.57
N ALA H 118 -47.78 -19.82 29.55
CA ALA H 118 -48.81 -20.06 30.54
C ALA H 118 -49.85 -21.03 30.00
N SER H 119 -49.73 -21.38 28.72
CA SER H 119 -50.66 -22.31 28.06
C SER H 119 -50.64 -23.67 28.74
N GLY H 120 -49.46 -24.17 29.04
CA GLY H 120 -49.32 -25.51 29.57
C GLY H 120 -49.49 -26.52 28.46
N ASP H 121 -50.38 -27.48 28.65
CA ASP H 121 -50.58 -28.48 27.62
C ASP H 121 -51.80 -28.13 26.79
N LYS H 122 -52.08 -26.84 26.67
CA LYS H 122 -53.35 -26.46 26.10
C LYS H 122 -53.04 -25.83 24.75
N LEU H 123 -53.97 -25.99 23.82
CA LEU H 123 -53.77 -25.56 22.45
C LEU H 123 -53.83 -24.04 22.38
N VAL H 124 -52.89 -23.41 21.69
CA VAL H 124 -52.91 -21.95 21.52
C VAL H 124 -53.05 -21.53 20.07
N LYS H 125 -54.10 -20.76 19.78
CA LYS H 125 -54.25 -20.20 18.44
C LYS H 125 -53.88 -18.72 18.48
N VAL H 126 -53.18 -18.23 17.47
CA VAL H 126 -52.88 -16.80 17.40
C VAL H 126 -53.67 -16.13 16.29
N ILE H 127 -54.51 -15.19 16.71
CA ILE H 127 -55.29 -14.36 15.82
C ILE H 127 -54.38 -13.27 15.30
N ILE H 128 -54.18 -13.23 13.99
CA ILE H 128 -53.26 -12.25 13.43
C ILE H 128 -54.03 -11.02 13.03
N GLU H 129 -55.32 -11.18 12.76
CA GLU H 129 -56.23 -10.08 12.40
C GLU H 129 -55.86 -9.64 10.98
N ALA H 130 -55.86 -10.61 10.06
CA ALA H 130 -55.42 -10.39 8.69
C ALA H 130 -55.99 -9.19 7.92
N CYS H 131 -57.03 -8.53 8.44
CA CYS H 131 -57.65 -7.46 7.68
C CYS H 131 -56.91 -6.14 7.89
N LEU H 132 -56.16 -6.05 8.98
CA LEU H 132 -55.40 -4.84 9.29
C LEU H 132 -53.95 -4.94 8.86
N LEU H 133 -53.55 -6.07 8.27
CA LEU H 133 -52.16 -6.28 7.90
C LEU H 133 -51.97 -6.38 6.40
N THR H 134 -50.78 -6.01 5.92
CA THR H 134 -50.35 -6.29 4.56
C THR H 134 -50.03 -7.77 4.46
N ASP H 135 -49.82 -8.29 3.24
CA ASP H 135 -49.51 -9.69 3.06
C ASP H 135 -48.23 -10.08 3.80
N ASP H 136 -47.22 -9.22 3.69
CA ASP H 136 -45.96 -9.42 4.38
C ASP H 136 -46.10 -9.43 5.90
N GLU H 137 -46.99 -8.59 6.41
CA GLU H 137 -47.20 -8.56 7.85
C GLU H 137 -47.97 -9.79 8.31
N LYS H 138 -48.82 -10.33 7.45
CA LYS H 138 -49.51 -11.58 7.75
C LYS H 138 -48.48 -12.70 7.87
N VAL H 139 -47.61 -12.78 6.87
CA VAL H 139 -46.53 -13.77 6.90
C VAL H 139 -45.65 -13.65 8.13
N LYS H 140 -45.21 -12.44 8.43
CA LYS H 140 -44.32 -12.22 9.55
C LYS H 140 -45.04 -12.56 10.85
N ALA H 141 -46.33 -12.25 10.89
CA ALA H 141 -47.13 -12.57 12.06
C ALA H 141 -47.20 -14.08 12.30
N CYS H 142 -47.38 -14.81 11.20
CA CYS H 142 -47.44 -16.27 11.28
C CYS H 142 -46.09 -16.85 11.71
N GLN H 143 -45.00 -16.33 11.14
CA GLN H 143 -43.67 -16.79 11.51
C GLN H 143 -43.34 -16.51 12.99
N LEU H 144 -43.72 -15.33 13.48
CA LEU H 144 -43.47 -15.05 14.88
C LEU H 144 -44.34 -15.94 15.74
N SER H 145 -45.55 -16.25 15.29
CA SER H 145 -46.41 -17.12 16.07
C SER H 145 -45.89 -18.55 16.09
N GLN H 146 -45.14 -18.92 15.05
CA GLN H 146 -44.66 -20.29 14.98
C GLN H 146 -43.35 -20.42 15.75
N GLU H 147 -42.61 -19.32 15.80
CA GLU H 147 -41.35 -19.32 16.52
C GLU H 147 -41.62 -19.37 18.01
N ALA H 148 -42.58 -18.58 18.47
CA ALA H 148 -43.08 -18.65 19.83
C ALA H 148 -43.69 -19.99 20.23
N GLY H 149 -43.75 -20.92 19.29
CA GLY H 149 -44.26 -22.25 19.54
C GLY H 149 -45.71 -22.31 19.96
N ALA H 150 -46.61 -21.73 19.17
CA ALA H 150 -48.04 -21.92 19.40
C ALA H 150 -48.50 -22.94 18.39
N ASP H 151 -49.78 -23.32 18.39
CA ASP H 151 -50.18 -24.55 17.74
C ASP H 151 -51.02 -24.25 16.48
N TYR H 152 -51.62 -23.05 16.48
CA TYR H 152 -52.51 -22.57 15.44
C TYR H 152 -52.33 -21.10 15.14
N VAL H 153 -52.75 -20.71 13.95
CA VAL H 153 -52.89 -19.30 13.59
C VAL H 153 -54.32 -19.08 13.10
N LYS H 154 -54.90 -17.96 13.52
CA LYS H 154 -56.29 -17.64 13.23
C LYS H 154 -56.36 -16.36 12.40
N THR H 155 -57.29 -16.28 11.46
CA THR H 155 -57.32 -15.14 10.56
C THR H 155 -57.87 -13.89 11.21
N SER H 156 -58.89 -14.01 12.07
CA SER H 156 -59.67 -12.83 12.44
C SER H 156 -60.38 -12.93 13.79
N THR H 157 -60.70 -11.77 14.36
CA THR H 157 -61.50 -11.76 15.58
C THR H 157 -62.97 -11.75 15.20
N GLY H 158 -63.29 -11.10 14.09
CA GLY H 158 -64.68 -10.87 13.73
C GLY H 158 -65.23 -9.61 14.36
N PHE H 159 -64.33 -8.77 14.87
CA PHE H 159 -64.72 -7.50 15.47
C PHE H 159 -63.99 -6.39 14.75
N SER H 160 -63.42 -6.71 13.59
CA SER H 160 -62.74 -5.72 12.79
C SER H 160 -63.39 -5.58 11.43
N THR H 161 -62.66 -5.00 10.48
CA THR H 161 -63.24 -4.63 9.21
C THR H 161 -63.48 -5.84 8.34
N GLY H 162 -62.66 -6.89 8.50
CA GLY H 162 -62.80 -8.08 7.69
C GLY H 162 -62.57 -9.39 8.39
N GLY H 163 -63.05 -10.48 7.79
CA GLY H 163 -62.86 -11.82 8.32
C GLY H 163 -61.96 -12.66 7.43
N ALA H 164 -62.12 -13.97 7.47
CA ALA H 164 -61.27 -14.85 6.67
C ALA H 164 -61.47 -14.70 5.15
N THR H 165 -60.37 -14.63 4.41
CA THR H 165 -60.45 -14.73 2.96
C THR H 165 -59.65 -15.96 2.57
N VAL H 166 -60.03 -16.60 1.48
CA VAL H 166 -59.34 -17.84 1.08
C VAL H 166 -57.88 -17.57 0.76
N ALA H 167 -57.58 -16.43 0.17
CA ALA H 167 -56.19 -16.10 -0.15
C ALA H 167 -55.34 -15.99 1.13
N ASP H 168 -55.89 -15.38 2.16
CA ASP H 168 -55.22 -15.26 3.43
C ASP H 168 -55.04 -16.63 4.10
N VAL H 169 -56.08 -17.47 4.07
CA VAL H 169 -55.96 -18.80 4.64
C VAL H 169 -54.86 -19.57 3.94
N ALA H 170 -54.85 -19.49 2.61
CA ALA H 170 -53.85 -20.16 1.80
C ALA H 170 -52.45 -19.67 2.13
N LEU H 171 -52.30 -18.36 2.28
CA LEU H 171 -51.00 -17.77 2.60
C LEU H 171 -50.51 -18.24 3.96
N MET H 172 -51.44 -18.26 4.92
CA MET H 172 -51.13 -18.67 6.27
C MET H 172 -50.69 -20.12 6.31
N ARG H 173 -51.40 -20.99 5.60
CA ARG H 173 -51.01 -22.38 5.54
C ARG H 173 -49.66 -22.53 4.85
N LYS H 174 -49.43 -21.74 3.81
CA LYS H 174 -48.15 -21.77 3.13
C LYS H 174 -47.00 -21.42 4.07
N THR H 175 -47.22 -20.42 4.93
CA THR H 175 -46.15 -19.96 5.82
C THR H 175 -45.87 -20.92 6.97
N VAL H 176 -46.90 -21.48 7.56
CA VAL H 176 -46.71 -22.26 8.75
C VAL H 176 -46.48 -23.73 8.51
N GLY H 177 -46.53 -24.15 7.27
CA GLY H 177 -46.26 -25.53 6.97
C GLY H 177 -47.38 -26.38 7.49
N PRO H 178 -47.14 -27.76 7.49
CA PRO H 178 -48.33 -28.55 7.81
C PRO H 178 -48.41 -29.03 9.23
N ASP H 179 -47.52 -28.58 10.09
CA ASP H 179 -47.49 -29.09 11.44
C ASP H 179 -48.19 -28.18 12.42
N MET H 180 -48.56 -26.99 11.97
CA MET H 180 -49.40 -26.12 12.75
C MET H 180 -50.75 -26.09 12.09
N GLY H 181 -51.75 -25.66 12.82
CA GLY H 181 -53.08 -25.57 12.25
C GLY H 181 -53.41 -24.18 11.70
N VAL H 182 -54.54 -24.07 11.01
CA VAL H 182 -54.99 -22.79 10.48
C VAL H 182 -56.49 -22.66 10.67
N LYS H 183 -56.90 -21.65 11.42
CA LYS H 183 -58.32 -21.46 11.69
C LYS H 183 -58.88 -20.25 10.94
N ALA H 184 -59.85 -20.50 10.08
CA ALA H 184 -60.55 -19.44 9.38
C ALA H 184 -61.76 -18.96 10.18
N SER H 185 -61.72 -17.73 10.65
CA SER H 185 -62.85 -17.14 11.38
C SER H 185 -63.17 -15.78 10.77
N GLY H 186 -64.46 -15.43 10.72
CA GLY H 186 -64.87 -14.16 10.18
C GLY H 186 -65.90 -14.57 9.18
N GLY H 187 -67.12 -14.71 9.67
CA GLY H 187 -68.14 -15.39 8.92
C GLY H 187 -67.61 -16.81 9.02
N ALA H 188 -67.61 -17.52 7.91
CA ALA H 188 -68.47 -17.15 6.80
C ALA H 188 -69.71 -18.01 7.01
N ARG H 189 -70.73 -17.91 6.16
CA ARG H 189 -72.09 -18.10 6.63
C ARG H 189 -72.80 -19.27 5.95
N SER H 190 -72.05 -20.18 5.36
CA SER H 190 -72.64 -21.25 4.56
C SER H 190 -71.74 -22.45 4.40
N TYR H 191 -72.32 -23.53 3.90
CA TYR H 191 -71.58 -24.76 3.66
C TYR H 191 -70.43 -24.56 2.68
N GLU H 192 -70.70 -23.86 1.58
CA GLU H 192 -69.66 -23.67 0.58
C GLU H 192 -68.59 -22.68 0.99
N ASP H 193 -68.94 -21.78 1.90
CA ASP H 193 -67.94 -20.88 2.47
C ASP H 193 -66.93 -21.69 3.27
N ALA H 194 -67.47 -22.61 4.07
CA ALA H 194 -66.67 -23.47 4.93
C ALA H 194 -65.79 -24.36 4.09
N ILE H 195 -66.39 -24.95 3.06
CA ILE H 195 -65.63 -25.87 2.23
C ILE H 195 -64.54 -25.10 1.51
N ALA H 196 -64.84 -23.87 1.11
CA ALA H 196 -63.85 -23.00 0.49
C ALA H 196 -62.68 -22.74 1.42
N PHE H 197 -62.96 -22.53 2.69
CA PHE H 197 -61.89 -22.30 3.67
C PHE H 197 -61.08 -23.57 3.93
N ILE H 198 -61.75 -24.72 3.90
CA ILE H 198 -61.05 -25.98 4.13
C ILE H 198 -60.15 -26.31 2.96
N GLU H 199 -60.63 -26.05 1.75
CA GLU H 199 -59.88 -26.32 0.52
C GLU H 199 -58.70 -25.36 0.36
N ALA H 200 -58.70 -24.32 1.16
CA ALA H 200 -57.63 -23.36 1.11
C ALA H 200 -56.56 -23.74 2.08
N GLY H 201 -56.89 -24.62 3.00
CA GLY H 201 -55.90 -25.13 3.93
C GLY H 201 -56.25 -24.96 5.38
N ALA H 202 -57.51 -24.72 5.67
CA ALA H 202 -57.93 -24.49 7.02
C ALA H 202 -58.33 -25.77 7.65
N SER H 203 -57.63 -26.13 8.70
CA SER H 203 -57.97 -27.26 9.56
C SER H 203 -59.12 -26.96 10.52
N ARG H 204 -59.33 -25.69 10.84
CA ARG H 204 -60.47 -25.35 11.68
C ARG H 204 -61.22 -24.09 11.22
N ILE H 205 -62.48 -23.96 11.64
CA ILE H 205 -63.31 -22.82 11.26
C ILE H 205 -64.05 -22.23 12.46
N GLY H 206 -63.96 -20.93 12.67
CA GLY H 206 -64.75 -20.33 13.73
C GLY H 206 -66.01 -19.76 13.12
N ALA H 207 -67.15 -19.96 13.74
CA ALA H 207 -68.33 -19.30 13.24
C ALA H 207 -69.59 -19.50 14.05
N SER H 208 -70.60 -18.73 13.72
CA SER H 208 -71.90 -18.83 14.32
C SER H 208 -72.84 -19.56 13.39
N SER H 209 -72.41 -19.74 12.16
CA SER H 209 -73.19 -20.39 11.14
C SER H 209 -73.29 -21.88 11.33
N GLY H 210 -72.67 -22.43 12.35
CA GLY H 210 -72.78 -23.85 12.65
C GLY H 210 -74.23 -24.22 12.64
N VAL H 211 -74.57 -25.25 11.90
CA VAL H 211 -75.85 -25.44 11.27
C VAL H 211 -75.63 -24.82 9.91
N ALA H 212 -74.37 -24.47 9.66
CA ALA H 212 -73.86 -24.43 8.32
C ALA H 212 -73.53 -25.86 8.04
N ILE H 213 -74.37 -26.75 8.53
CA ILE H 213 -74.07 -28.13 8.38
C ILE H 213 -75.33 -28.69 7.79
N MET H 214 -76.12 -27.78 7.24
CA MET H 214 -77.36 -28.15 6.54
C MET H 214 -78.27 -29.01 7.41
N MET I 4 -0.91 -11.27 5.74
CA MET I 4 -0.46 -12.28 6.69
C MET I 4 -0.98 -11.94 8.07
N LYS I 5 -0.37 -12.51 9.10
CA LYS I 5 -0.52 -12.09 10.48
C LYS I 5 -1.91 -12.09 11.12
N LEU I 6 -1.99 -12.45 12.38
CA LEU I 6 -0.95 -13.13 13.11
C LEU I 6 -1.63 -14.36 13.62
N ASN I 7 -2.85 -14.22 14.05
CA ASN I 7 -3.63 -15.40 14.35
C ASN I 7 -3.67 -16.35 13.16
N LYS I 8 -3.48 -15.84 11.96
CA LYS I 8 -3.50 -16.71 10.81
C LYS I 8 -2.13 -17.36 10.54
N TYR I 9 -1.29 -17.37 11.57
CA TYR I 9 -0.06 -18.17 11.59
C TYR I 9 -0.22 -19.37 12.54
N ILE I 10 -1.40 -19.55 13.12
CA ILE I 10 -1.53 -20.42 14.28
C ILE I 10 -2.35 -21.69 14.08
N ASP I 11 -1.71 -22.82 14.37
CA ASP I 11 -2.41 -24.09 14.53
C ASP I 11 -2.59 -24.35 16.02
N HIS I 12 -3.82 -24.23 16.48
CA HIS I 12 -4.21 -24.35 17.88
C HIS I 12 -4.26 -25.84 18.18
N THR I 13 -3.33 -26.34 19.00
CA THR I 13 -3.06 -27.78 19.05
C THR I 13 -3.41 -28.46 20.37
N ILE I 14 -4.11 -29.59 20.29
CA ILE I 14 -4.30 -30.43 21.47
C ILE I 14 -4.22 -31.90 21.05
N LEU I 15 -3.21 -32.59 21.55
CA LEU I 15 -2.93 -33.97 21.12
C LEU I 15 -2.63 -34.96 22.23
N LYS I 16 -2.71 -34.53 23.49
CA LYS I 16 -2.38 -35.44 24.58
C LYS I 16 -3.35 -36.61 24.52
N PRO I 17 -2.89 -37.81 24.87
CA PRO I 17 -3.70 -39.03 24.72
C PRO I 17 -4.96 -39.03 25.56
N GLU I 18 -4.94 -38.36 26.70
CA GLU I 18 -6.08 -38.41 27.62
C GLU I 18 -7.10 -37.30 27.34
N THR I 19 -6.96 -36.64 26.20
CA THR I 19 -7.83 -35.52 25.85
C THR I 19 -9.27 -35.95 25.61
N THR I 20 -10.19 -35.28 26.31
CA THR I 20 -11.62 -35.56 26.23
C THR I 20 -12.33 -34.64 25.25
N GLN I 21 -13.58 -34.96 24.93
CA GLN I 21 -14.35 -34.19 23.96
C GLN I 21 -14.53 -32.73 24.38
N GLU I 22 -14.73 -32.52 25.69
CA GLU I 22 -14.95 -31.18 26.19
C GLU I 22 -13.73 -30.29 25.97
N GLN I 23 -12.54 -30.86 26.14
CA GLN I 23 -11.30 -30.14 25.89
C GLN I 23 -11.14 -29.75 24.44
N VAL I 24 -11.47 -30.69 23.56
CA VAL I 24 -11.46 -30.43 22.13
C VAL I 24 -12.44 -29.30 21.80
N GLU I 25 -13.62 -29.32 22.39
CA GLU I 25 -14.65 -28.31 22.11
C GLU I 25 -14.22 -26.92 22.62
N LYS I 26 -13.44 -26.88 23.70
CA LYS I 26 -12.94 -25.59 24.11
C LYS I 26 -11.87 -25.14 23.12
N ILE I 27 -11.07 -26.07 22.61
CA ILE I 27 -10.07 -25.70 21.61
C ILE I 27 -10.73 -25.13 20.34
N LEU I 28 -11.82 -25.75 19.91
CA LEU I 28 -12.56 -25.29 18.75
C LEU I 28 -13.20 -23.93 18.98
N ALA I 29 -13.75 -23.75 20.18
CA ALA I 29 -14.32 -22.45 20.52
C ALA I 29 -13.26 -21.35 20.43
N GLU I 30 -12.12 -21.55 21.09
CA GLU I 30 -11.07 -20.54 21.08
C GLU I 30 -10.57 -20.30 19.66
N ALA I 31 -10.53 -21.36 18.86
CA ALA I 31 -10.07 -21.22 17.49
C ALA I 31 -11.00 -20.34 16.68
N LYS I 32 -12.32 -20.55 16.84
CA LYS I 32 -13.28 -19.70 16.14
C LYS I 32 -13.17 -18.27 16.62
N GLU I 33 -12.92 -18.13 17.92
CA GLU I 33 -12.87 -16.81 18.52
C GLU I 33 -11.70 -15.97 18.02
N TYR I 34 -10.49 -16.52 18.02
CA TYR I 34 -9.38 -15.71 17.59
C TYR I 34 -9.05 -15.96 16.12
N ASP I 35 -10.09 -16.36 15.37
CA ASP I 35 -9.97 -16.80 13.98
C ASP I 35 -8.58 -17.34 13.65
N PHE I 36 -8.21 -18.47 14.24
CA PHE I 36 -6.89 -19.04 14.00
C PHE I 36 -6.82 -19.64 12.62
N ALA I 37 -5.60 -19.99 12.21
CA ALA I 37 -5.40 -20.62 10.92
C ALA I 37 -6.09 -21.98 10.96
N SER I 38 -5.81 -22.75 12.01
CA SER I 38 -6.42 -24.08 12.15
C SER I 38 -6.39 -24.65 13.57
N VAL I 39 -7.09 -25.76 13.80
CA VAL I 39 -6.89 -26.58 15.00
C VAL I 39 -6.17 -27.87 14.61
N CYS I 40 -5.32 -28.37 15.50
CA CYS I 40 -4.67 -29.65 15.26
C CYS I 40 -5.10 -30.66 16.32
N VAL I 41 -5.79 -31.69 15.86
CA VAL I 41 -6.26 -32.73 16.77
C VAL I 41 -5.96 -34.11 16.22
N ASN I 42 -5.99 -35.13 17.09
CA ASN I 42 -5.83 -36.51 16.65
C ASN I 42 -7.01 -36.95 15.78
N PRO I 43 -6.81 -37.95 14.90
CA PRO I 43 -7.82 -38.44 13.95
C PRO I 43 -9.22 -38.68 14.52
N THR I 44 -9.26 -39.21 15.74
CA THR I 44 -10.51 -39.60 16.38
C THR I 44 -11.47 -38.41 16.60
N TRP I 45 -10.94 -37.19 16.50
CA TRP I 45 -11.74 -35.99 16.70
C TRP I 45 -12.03 -35.22 15.40
N VAL I 46 -11.45 -35.68 14.29
CA VAL I 46 -11.55 -34.94 13.02
C VAL I 46 -12.98 -34.59 12.65
N ALA I 47 -13.85 -35.61 12.62
CA ALA I 47 -15.26 -35.41 12.31
C ALA I 47 -15.83 -34.29 13.16
N LEU I 48 -15.65 -34.38 14.47
CA LEU I 48 -16.23 -33.40 15.37
C LEU I 48 -15.71 -32.01 14.99
N ALA I 49 -14.40 -31.91 14.78
CA ALA I 49 -13.77 -30.64 14.48
C ALA I 49 -14.32 -30.09 13.17
N ALA I 50 -14.56 -30.98 12.21
CA ALA I 50 -15.11 -30.58 10.92
C ALA I 50 -16.46 -29.92 11.15
N GLU I 51 -17.33 -30.59 11.91
CA GLU I 51 -18.70 -30.14 12.04
C GLU I 51 -18.80 -28.90 12.89
N SER I 52 -17.80 -28.66 13.71
CA SER I 52 -17.74 -27.43 14.49
C SER I 52 -17.16 -26.27 13.69
N LEU I 53 -16.30 -26.57 12.72
CA LEU I 53 -15.53 -25.52 12.06
C LEU I 53 -16.13 -25.27 10.69
N LYS I 54 -17.19 -26.03 10.45
CA LYS I 54 -18.13 -25.80 9.37
C LYS I 54 -18.58 -24.37 9.53
N ASP I 55 -18.69 -23.64 8.42
CA ASP I 55 -19.15 -22.24 8.47
C ASP I 55 -18.07 -21.36 9.10
N SER I 56 -16.80 -21.70 8.91
CA SER I 56 -15.72 -20.87 9.43
C SER I 56 -14.48 -20.83 8.53
N ASP I 57 -13.57 -19.88 8.80
CA ASP I 57 -12.30 -19.82 8.09
C ASP I 57 -11.20 -20.51 8.89
N VAL I 58 -11.60 -21.21 9.94
CA VAL I 58 -10.67 -21.95 10.80
C VAL I 58 -10.71 -23.42 10.43
N LYS I 59 -9.66 -23.91 9.77
CA LYS I 59 -9.66 -25.30 9.30
C LYS I 59 -9.12 -26.42 10.27
N VAL I 60 -9.31 -27.67 9.88
CA VAL I 60 -8.88 -28.80 10.67
C VAL I 60 -7.66 -29.55 10.11
N CYS I 61 -6.71 -29.67 11.03
CA CYS I 61 -5.45 -30.28 10.80
C CYS I 61 -5.40 -31.52 11.66
N THR I 62 -4.89 -32.60 11.09
CA THR I 62 -4.76 -33.81 11.89
C THR I 62 -3.40 -34.45 11.62
N VAL I 63 -3.08 -35.47 12.39
CA VAL I 63 -1.75 -36.05 12.38
C VAL I 63 -1.77 -37.51 11.91
N ILE I 64 -0.77 -37.89 11.13
CA ILE I 64 -0.71 -39.21 10.54
C ILE I 64 0.57 -39.91 11.00
N GLY I 65 0.43 -41.15 11.47
CA GLY I 65 1.56 -41.87 12.02
C GLY I 65 2.20 -41.16 13.22
N PHE I 66 1.34 -40.65 14.11
CA PHE I 66 1.77 -39.73 15.14
C PHE I 66 1.88 -40.42 16.48
N PRO I 67 2.95 -40.15 17.26
CA PRO I 67 4.11 -39.31 16.94
C PRO I 67 5.38 -40.07 16.59
N LEU I 68 5.32 -41.38 16.37
CA LEU I 68 6.56 -42.12 16.16
C LEU I 68 6.90 -42.31 14.68
N GLY I 69 5.89 -42.23 13.82
CA GLY I 69 6.13 -42.35 12.39
C GLY I 69 6.72 -43.68 11.93
N ALA I 70 6.51 -44.73 12.72
CA ALA I 70 7.11 -46.04 12.44
C ALA I 70 6.07 -47.00 11.89
N ASN I 71 5.04 -46.44 11.25
CA ASN I 71 4.03 -47.22 10.58
C ASN I 71 4.44 -47.48 9.12
N THR I 72 3.80 -48.47 8.48
CA THR I 72 4.07 -48.77 7.07
C THR I 72 3.49 -47.70 6.15
N PRO I 73 4.06 -47.56 4.95
CA PRO I 73 3.51 -46.57 4.03
C PRO I 73 2.02 -46.80 3.73
N ALA I 74 1.60 -48.06 3.62
CA ALA I 74 0.20 -48.37 3.32
C ALA I 74 -0.73 -47.78 4.37
N VAL I 75 -0.40 -47.97 5.64
CA VAL I 75 -1.24 -47.48 6.72
C VAL I 75 -1.18 -45.95 6.83
N LYS I 76 -0.02 -45.36 6.59
CA LYS I 76 0.03 -43.90 6.65
C LYS I 76 -0.88 -43.31 5.58
N ALA I 77 -0.85 -43.90 4.38
CA ALA I 77 -1.73 -43.46 3.31
C ALA I 77 -3.22 -43.68 3.62
N PHE I 78 -3.55 -44.86 4.15
CA PHE I 78 -4.93 -45.17 4.45
C PHE I 78 -5.49 -44.25 5.50
N GLU I 79 -4.66 -43.92 6.49
CA GLU I 79 -5.10 -43.03 7.55
C GLU I 79 -5.34 -41.63 6.98
N THR I 80 -4.58 -41.26 5.95
CA THR I 80 -4.75 -39.95 5.30
C THR I 80 -6.06 -39.89 4.51
N LYS I 81 -6.39 -40.97 3.81
CA LYS I 81 -7.63 -40.95 3.01
C LYS I 81 -8.83 -41.03 3.97
N ASP I 82 -8.62 -41.67 5.12
CA ASP I 82 -9.65 -41.73 6.14
C ASP I 82 -9.84 -40.41 6.86
N ALA I 83 -8.74 -39.72 7.10
CA ALA I 83 -8.79 -38.45 7.81
C ALA I 83 -9.45 -37.41 6.95
N ILE I 84 -9.15 -37.46 5.66
CA ILE I 84 -9.76 -36.50 4.73
C ILE I 84 -11.24 -36.80 4.50
N SER I 85 -11.58 -38.09 4.41
CA SER I 85 -12.98 -38.46 4.22
C SER I 85 -13.80 -38.15 5.47
N ASN I 86 -13.12 -37.87 6.58
CA ASN I 86 -13.81 -37.53 7.81
C ASN I 86 -13.98 -36.02 7.99
N GLY I 87 -13.38 -35.23 7.09
CA GLY I 87 -13.37 -33.78 7.23
C GLY I 87 -12.09 -32.96 7.33
N ALA I 88 -10.95 -33.62 7.48
CA ALA I 88 -9.67 -32.92 7.57
C ALA I 88 -9.19 -32.40 6.23
N ASP I 89 -8.59 -31.21 6.17
CA ASP I 89 -7.94 -30.89 4.92
C ASP I 89 -6.46 -30.67 5.16
N GLU I 90 -5.96 -30.79 6.40
CA GLU I 90 -4.49 -30.71 6.47
C GLU I 90 -3.92 -31.91 7.19
N ILE I 91 -2.77 -32.34 6.68
CA ILE I 91 -2.17 -33.59 7.10
C ILE I 91 -0.76 -33.34 7.60
N ASP I 92 -0.49 -33.58 8.88
CA ASP I 92 0.90 -33.56 9.33
C ASP I 92 1.32 -34.98 9.59
N MET I 93 2.16 -35.55 8.73
CA MET I 93 2.62 -36.91 8.96
C MET I 93 3.93 -36.89 9.71
N VAL I 94 4.23 -37.93 10.47
CA VAL I 94 5.57 -38.02 11.05
C VAL I 94 6.47 -38.82 10.12
N ILE I 95 7.64 -38.29 9.81
CA ILE I 95 8.62 -39.00 8.99
C ILE I 95 9.03 -40.31 9.63
N ASN I 96 9.45 -41.28 8.82
CA ASN I 96 9.99 -42.52 9.35
C ASN I 96 11.37 -42.23 9.89
N ILE I 97 11.43 -41.78 11.14
CA ILE I 97 12.67 -41.37 11.77
C ILE I 97 13.69 -42.52 11.74
N GLY I 98 13.22 -43.72 12.04
CA GLY I 98 14.05 -44.91 12.04
C GLY I 98 14.67 -45.23 10.69
N ALA I 99 13.89 -45.11 9.62
CA ALA I 99 14.41 -45.40 8.29
C ALA I 99 15.48 -44.40 7.89
N LEU I 100 15.20 -43.13 8.15
CA LEU I 100 16.12 -42.05 7.82
C LEU I 100 17.40 -42.19 8.62
N LYS I 101 17.28 -42.67 9.85
CA LYS I 101 18.47 -42.82 10.68
C LYS I 101 19.26 -44.07 10.31
N THR I 102 18.57 -45.11 9.82
CA THR I 102 19.25 -46.31 9.33
C THR I 102 20.02 -45.98 8.06
N GLY I 103 19.38 -45.21 7.17
CA GLY I 103 20.00 -44.67 5.98
C GLY I 103 19.17 -45.10 4.78
N ASN I 104 17.95 -45.48 5.08
CA ASN I 104 17.03 -46.12 4.13
C ASN I 104 16.20 -45.09 3.37
N TYR I 105 16.87 -44.06 2.85
CA TYR I 105 16.23 -42.93 2.17
C TYR I 105 15.12 -43.31 1.17
N ASP I 106 15.29 -44.42 0.47
CA ASP I 106 14.27 -44.89 -0.47
C ASP I 106 12.94 -45.13 0.24
N LEU I 107 13.01 -45.75 1.41
CA LEU I 107 11.80 -46.03 2.17
C LEU I 107 11.17 -44.77 2.76
N VAL I 108 12.01 -43.83 3.22
CA VAL I 108 11.52 -42.54 3.72
C VAL I 108 10.72 -41.83 2.63
N LEU I 109 11.33 -41.80 1.45
CA LEU I 109 10.78 -41.11 0.30
C LEU I 109 9.50 -41.81 -0.19
N GLU I 110 9.52 -43.13 -0.21
CA GLU I 110 8.32 -43.90 -0.54
C GLU I 110 7.17 -43.58 0.43
N ASP I 111 7.53 -43.46 1.70
CA ASP I 111 6.60 -43.17 2.79
C ASP I 111 5.86 -41.86 2.53
N ILE I 112 6.66 -40.81 2.37
CA ILE I 112 6.08 -39.51 2.15
C ILE I 112 5.30 -39.47 0.83
N LYS I 113 5.80 -40.11 -0.24
CA LYS I 113 5.04 -40.05 -1.48
C LYS I 113 3.70 -40.79 -1.33
N ALA I 114 3.68 -41.86 -0.54
CA ALA I 114 2.43 -42.60 -0.30
C ALA I 114 1.38 -41.72 0.38
N VAL I 115 1.81 -40.96 1.38
CA VAL I 115 0.83 -40.11 2.06
C VAL I 115 0.42 -38.94 1.14
N VAL I 116 1.37 -38.38 0.38
CA VAL I 116 1.06 -37.30 -0.54
C VAL I 116 0.10 -37.73 -1.64
N ALA I 117 0.26 -38.97 -2.09
CA ALA I 117 -0.64 -39.54 -3.07
C ALA I 117 -2.00 -39.75 -2.43
N ALA I 118 -2.03 -40.00 -1.12
CA ALA I 118 -3.33 -40.22 -0.48
C ALA I 118 -3.96 -38.92 -0.03
N SER I 119 -3.22 -37.83 -0.17
CA SER I 119 -3.73 -36.52 0.16
C SER I 119 -4.84 -36.03 -0.78
N GLY I 120 -5.02 -36.67 -1.93
CA GLY I 120 -5.84 -36.08 -2.99
C GLY I 120 -4.77 -35.08 -3.36
N ASP I 121 -5.08 -33.81 -3.18
CA ASP I 121 -4.07 -32.99 -2.55
C ASP I 121 -4.71 -31.81 -1.83
N LYS I 122 -4.71 -31.97 -0.52
CA LYS I 122 -4.94 -30.95 0.48
C LYS I 122 -3.57 -30.78 1.12
N LEU I 123 -3.35 -29.73 1.90
CA LEU I 123 -2.00 -29.40 2.35
C LEU I 123 -1.37 -30.49 3.25
N VAL I 124 -0.13 -30.86 2.90
CA VAL I 124 0.64 -31.89 3.60
C VAL I 124 1.98 -31.40 4.17
N LYS I 125 2.11 -31.52 5.48
CA LYS I 125 3.32 -31.21 6.22
C LYS I 125 4.08 -32.46 6.67
N VAL I 126 5.40 -32.43 6.61
CA VAL I 126 6.17 -33.56 7.12
C VAL I 126 6.93 -33.18 8.39
N ILE I 127 6.59 -33.85 9.48
CA ILE I 127 7.26 -33.63 10.73
C ILE I 127 8.56 -34.41 10.74
N ILE I 128 9.67 -33.69 10.89
CA ILE I 128 10.98 -34.32 10.83
C ILE I 128 11.42 -34.76 12.21
N GLU I 129 11.05 -34.01 13.25
CA GLU I 129 11.40 -34.33 14.64
C GLU I 129 12.89 -34.04 14.80
N ALA I 130 13.27 -32.82 14.44
CA ALA I 130 14.66 -32.40 14.45
C ALA I 130 15.45 -32.63 15.73
N CYS I 131 14.82 -33.11 16.80
CA CYS I 131 15.56 -33.25 18.05
C CYS I 131 16.28 -34.59 18.06
N LEU I 132 15.84 -35.49 17.20
CA LEU I 132 16.47 -36.80 17.06
C LEU I 132 17.45 -36.78 15.89
N LEU I 133 17.61 -35.62 15.27
CA LEU I 133 18.45 -35.53 14.09
C LEU I 133 19.69 -34.67 14.27
N THR I 134 20.72 -35.01 13.51
CA THR I 134 21.85 -34.12 13.29
C THR I 134 21.41 -33.04 12.31
N ASP I 135 22.20 -31.99 12.16
CA ASP I 135 21.87 -30.96 11.18
C ASP I 135 21.79 -31.55 9.79
N ASP I 136 22.74 -32.43 9.47
CA ASP I 136 22.75 -33.11 8.17
C ASP I 136 21.47 -33.92 7.93
N GLU I 137 20.98 -34.56 8.98
CA GLU I 137 19.76 -35.35 8.85
C GLU I 137 18.54 -34.43 8.75
N LYS I 138 18.63 -33.24 9.36
CA LYS I 138 17.57 -32.24 9.21
C LYS I 138 17.50 -31.85 7.74
N VAL I 139 18.65 -31.50 7.19
CA VAL I 139 18.74 -31.10 5.80
C VAL I 139 18.21 -32.18 4.87
N LYS I 140 18.68 -33.41 5.01
CA LYS I 140 18.20 -34.43 4.09
C LYS I 140 16.73 -34.75 4.29
N ALA I 141 16.25 -34.70 5.53
CA ALA I 141 14.83 -34.94 5.78
C ALA I 141 13.98 -33.92 5.03
N CYS I 142 14.43 -32.67 5.07
CA CYS I 142 13.70 -31.62 4.37
C CYS I 142 13.76 -31.87 2.88
N GLN I 143 14.95 -32.24 2.38
CA GLN I 143 15.13 -32.51 0.96
C GLN I 143 14.26 -33.66 0.47
N LEU I 144 14.17 -34.71 1.26
CA LEU I 144 13.37 -35.87 0.91
C LEU I 144 11.89 -35.52 0.95
N SER I 145 11.50 -34.67 1.88
CA SER I 145 10.10 -34.29 1.95
C SER I 145 9.72 -33.34 0.81
N GLN I 146 10.70 -32.61 0.31
CA GLN I 146 10.39 -31.67 -0.75
C GLN I 146 10.42 -32.38 -2.09
N GLU I 147 11.24 -33.42 -2.18
CA GLU I 147 11.31 -34.22 -3.39
C GLU I 147 10.09 -35.14 -3.52
N ALA I 148 9.66 -35.72 -2.39
CA ALA I 148 8.40 -36.45 -2.36
C ALA I 148 7.20 -35.56 -2.64
N GLY I 149 7.48 -34.27 -2.81
CA GLY I 149 6.48 -33.27 -3.14
C GLY I 149 5.44 -33.11 -2.07
N ALA I 150 5.89 -32.81 -0.85
CA ALA I 150 4.95 -32.47 0.20
C ALA I 150 4.94 -30.96 0.26
N ASP I 151 4.17 -30.36 1.17
CA ASP I 151 3.83 -28.95 1.00
C ASP I 151 4.49 -28.11 2.11
N TYR I 152 4.79 -28.76 3.24
CA TYR I 152 5.38 -28.09 4.40
C TYR I 152 6.39 -29.00 5.09
N VAL I 153 7.27 -28.43 5.91
CA VAL I 153 8.08 -29.21 6.85
C VAL I 153 7.83 -28.68 8.26
N LYS I 154 7.67 -29.59 9.21
CA LYS I 154 7.35 -29.25 10.60
C LYS I 154 8.47 -29.79 11.50
N THR I 155 8.85 -29.02 12.52
CA THR I 155 10.04 -29.37 13.28
C THR I 155 9.89 -30.43 14.35
N SER I 156 8.68 -30.66 14.84
CA SER I 156 8.53 -31.45 16.07
C SER I 156 7.15 -32.04 16.23
N THR I 157 7.07 -33.12 16.98
CA THR I 157 5.77 -33.66 17.34
C THR I 157 5.30 -33.17 18.70
N GLY I 158 6.13 -32.35 19.35
CA GLY I 158 5.94 -32.06 20.76
C GLY I 158 5.82 -33.26 21.69
N PHE I 159 6.21 -34.44 21.22
CA PHE I 159 6.17 -35.66 22.05
C PHE I 159 7.55 -36.29 22.23
N SER I 160 8.60 -35.56 21.88
CA SER I 160 9.95 -36.03 22.05
C SER I 160 10.72 -35.12 22.99
N THR I 161 12.04 -35.21 22.94
CA THR I 161 12.90 -34.54 23.91
C THR I 161 12.99 -33.03 23.70
N GLY I 162 12.80 -32.60 22.46
CA GLY I 162 12.91 -31.19 22.14
C GLY I 162 11.89 -30.67 21.14
N GLY I 163 11.71 -29.35 21.12
CA GLY I 163 10.80 -28.74 20.19
C GLY I 163 11.51 -27.91 19.15
N ALA I 164 10.80 -26.94 18.59
CA ALA I 164 11.37 -26.07 17.58
C ALA I 164 12.46 -25.16 18.18
N THR I 165 13.57 -25.05 17.47
CA THR I 165 14.57 -24.04 17.82
C THR I 165 14.67 -23.11 16.61
N VAL I 166 15.08 -21.88 16.85
CA VAL I 166 15.20 -20.90 15.78
C VAL I 166 16.25 -21.37 14.76
N ALA I 167 17.33 -21.98 15.23
CA ALA I 167 18.37 -22.49 14.34
C ALA I 167 17.81 -23.56 13.40
N ASP I 168 16.98 -24.44 13.96
CA ASP I 168 16.37 -25.49 13.17
C ASP I 168 15.43 -24.89 12.13
N VAL I 169 14.63 -23.92 12.52
CA VAL I 169 13.72 -23.28 11.58
C VAL I 169 14.47 -22.61 10.44
N ALA I 170 15.53 -21.87 10.78
CA ALA I 170 16.33 -21.17 9.78
C ALA I 170 16.95 -22.17 8.82
N LEU I 171 17.53 -23.23 9.36
CA LEU I 171 18.19 -24.26 8.57
C LEU I 171 17.22 -24.94 7.60
N MET I 172 16.04 -25.26 8.11
CA MET I 172 15.00 -25.88 7.31
C MET I 172 14.51 -24.95 6.19
N ARG I 173 14.36 -23.67 6.51
CA ARG I 173 13.94 -22.66 5.52
C ARG I 173 15.00 -22.52 4.44
N LYS I 174 16.26 -22.53 4.88
CA LYS I 174 17.42 -22.44 4.01
C LYS I 174 17.46 -23.61 3.04
N THR I 175 16.99 -24.74 3.49
CA THR I 175 17.07 -25.94 2.71
C THR I 175 15.93 -26.11 1.77
N VAL I 176 14.77 -25.72 2.22
CA VAL I 176 13.57 -26.03 1.47
C VAL I 176 13.27 -24.94 0.48
N GLY I 177 13.70 -23.72 0.77
CA GLY I 177 13.44 -22.62 -0.12
C GLY I 177 12.09 -22.00 0.16
N PRO I 178 11.63 -21.12 -0.82
CA PRO I 178 10.41 -20.40 -0.42
C PRO I 178 9.11 -21.01 -0.85
N ASP I 179 9.12 -22.05 -1.68
CA ASP I 179 7.87 -22.51 -2.28
C ASP I 179 7.23 -23.59 -1.47
N MET I 180 7.78 -23.80 -0.30
CA MET I 180 7.30 -24.82 0.57
C MET I 180 7.20 -24.14 1.89
N GLY I 181 6.40 -24.66 2.79
CA GLY I 181 6.26 -23.94 4.04
C GLY I 181 7.11 -24.51 5.16
N VAL I 182 7.11 -23.83 6.30
CA VAL I 182 7.88 -24.27 7.45
C VAL I 182 7.04 -24.05 8.70
N LYS I 183 6.74 -25.13 9.43
CA LYS I 183 5.96 -24.99 10.65
C LYS I 183 6.81 -25.27 11.89
N ALA I 184 6.91 -24.28 12.76
CA ALA I 184 7.61 -24.43 14.03
C ALA I 184 6.63 -24.92 15.09
N SER I 185 6.88 -26.12 15.62
CA SER I 185 5.99 -26.72 16.61
C SER I 185 6.73 -27.02 17.91
N GLY I 186 6.03 -26.89 19.03
CA GLY I 186 6.60 -27.21 20.34
C GLY I 186 7.66 -26.22 20.77
N GLY I 187 7.53 -25.69 21.99
CA GLY I 187 8.53 -24.73 22.42
C GLY I 187 8.03 -23.30 22.38
N ALA I 188 7.05 -23.02 21.52
CA ALA I 188 6.55 -21.65 21.45
C ALA I 188 5.41 -21.51 22.43
N ARG I 189 5.70 -20.78 23.51
CA ARG I 189 4.85 -20.73 24.68
C ARG I 189 4.67 -19.27 25.08
N SER I 190 4.93 -18.37 24.12
CA SER I 190 4.91 -16.93 24.34
C SER I 190 4.77 -16.15 23.04
N TYR I 191 4.40 -14.86 23.13
CA TYR I 191 4.29 -13.99 21.95
C TYR I 191 5.63 -13.75 21.23
N GLU I 192 6.65 -13.44 22.02
CA GLU I 192 7.97 -13.15 21.47
C GLU I 192 8.63 -14.42 20.98
N ASP I 193 8.21 -15.57 21.51
CA ASP I 193 8.65 -16.86 21.03
C ASP I 193 8.10 -17.09 19.62
N ALA I 194 6.82 -16.79 19.46
CA ALA I 194 6.14 -16.98 18.19
C ALA I 194 6.75 -16.09 17.11
N ILE I 195 6.95 -14.82 17.41
CA ILE I 195 7.56 -13.99 16.37
C ILE I 195 9.02 -14.42 16.18
N ALA I 196 9.68 -14.86 17.24
CA ALA I 196 11.05 -15.39 17.12
C ALA I 196 11.13 -16.56 16.14
N PHE I 197 10.09 -17.37 16.05
CA PHE I 197 10.07 -18.40 15.03
C PHE I 197 9.69 -17.86 13.65
N ILE I 198 8.83 -16.84 13.61
CA ILE I 198 8.36 -16.28 12.33
C ILE I 198 9.47 -15.53 11.55
N GLU I 199 10.33 -14.81 12.26
CA GLU I 199 11.48 -14.13 11.66
C GLU I 199 12.59 -15.10 11.20
N ALA I 200 12.53 -16.35 11.66
CA ALA I 200 13.57 -17.34 11.37
C ALA I 200 13.69 -17.97 9.94
N GLY I 201 12.59 -18.22 9.28
CA GLY I 201 11.32 -17.78 9.77
C GLY I 201 10.30 -18.76 9.32
N ALA I 202 9.41 -19.05 10.23
CA ALA I 202 8.42 -20.07 10.10
C ALA I 202 7.46 -19.74 8.97
N SER I 203 6.17 -19.71 9.26
CA SER I 203 5.14 -19.62 8.26
C SER I 203 3.89 -20.13 8.95
N ARG I 204 4.07 -21.12 9.82
CA ARG I 204 3.02 -21.54 10.72
C ARG I 204 3.65 -21.93 12.05
N ILE I 205 2.89 -21.77 13.11
CA ILE I 205 3.27 -22.06 14.47
C ILE I 205 2.29 -23.08 15.03
N GLY I 206 2.78 -24.18 15.57
CA GLY I 206 1.89 -25.09 16.27
C GLY I 206 2.10 -24.69 17.71
N ALA I 207 1.00 -24.53 18.46
CA ALA I 207 1.10 -24.40 19.91
C ALA I 207 -0.21 -24.54 20.65
N SER I 208 -0.11 -24.88 21.93
CA SER I 208 -1.23 -24.82 22.84
C SER I 208 -1.45 -23.40 23.37
N SER I 209 -0.58 -22.47 22.98
CA SER I 209 -0.68 -21.10 23.49
C SER I 209 -1.23 -20.11 22.48
N GLY I 210 -2.21 -20.54 21.70
CA GLY I 210 -3.11 -19.63 21.00
C GLY I 210 -3.44 -18.29 21.65
N VAL I 211 -4.05 -18.33 22.82
CA VAL I 211 -4.56 -17.13 23.51
C VAL I 211 -3.42 -16.24 24.04
N ALA I 212 -2.19 -16.74 24.01
CA ALA I 212 -0.99 -15.89 24.04
C ALA I 212 -0.86 -14.88 22.87
N ILE I 213 -1.96 -14.54 22.19
CA ILE I 213 -2.01 -13.31 21.38
C ILE I 213 -2.33 -12.17 22.38
N MET I 214 -1.92 -12.37 23.63
CA MET I 214 -2.02 -11.36 24.68
C MET I 214 -3.49 -11.07 24.97
N MET J 4 5.48 -72.31 31.12
CA MET J 4 5.57 -72.07 32.56
C MET J 4 7.02 -71.77 32.97
N LYS J 5 7.85 -71.43 32.00
CA LYS J 5 9.20 -70.92 32.29
C LYS J 5 9.43 -69.55 31.61
N LEU J 6 10.48 -68.87 32.05
CA LEU J 6 10.54 -67.44 32.27
C LEU J 6 10.72 -66.72 30.97
N ASN J 7 11.64 -67.24 30.16
CA ASN J 7 11.95 -66.65 28.88
C ASN J 7 10.69 -66.63 28.04
N LYS J 8 9.81 -67.60 28.27
CA LYS J 8 8.57 -67.62 27.51
C LYS J 8 7.48 -66.77 28.17
N TYR J 9 7.86 -65.87 29.08
CA TYR J 9 6.93 -64.87 29.59
C TYR J 9 7.29 -63.50 29.02
N ILE J 10 8.30 -63.45 28.16
CA ILE J 10 8.88 -62.15 27.81
C ILE J 10 8.66 -61.75 26.36
N ASP J 11 8.09 -60.57 26.18
CA ASP J 11 8.04 -59.95 24.87
C ASP J 11 9.22 -58.97 24.79
N HIS J 12 10.20 -59.35 23.99
CA HIS J 12 11.45 -58.61 23.84
C HIS J 12 11.25 -57.41 22.93
N THR J 13 11.26 -56.21 23.52
CA THR J 13 10.73 -55.01 22.85
C THR J 13 11.74 -53.90 22.52
N ILE J 14 11.57 -53.31 21.34
CA ILE J 14 12.25 -52.07 21.02
C ILE J 14 11.29 -51.18 20.19
N LEU J 15 10.92 -50.03 20.73
CA LEU J 15 9.89 -49.23 20.07
C LEU J 15 10.19 -47.74 19.94
N LYS J 16 11.37 -47.29 20.34
CA LYS J 16 11.68 -45.87 20.24
C LYS J 16 11.71 -45.50 18.79
N PRO J 17 11.27 -44.28 18.46
CA PRO J 17 11.12 -43.82 17.06
C PRO J 17 12.44 -43.78 16.28
N GLU J 18 13.56 -43.60 16.97
CA GLU J 18 14.84 -43.44 16.29
C GLU J 18 15.54 -44.78 16.12
N THR J 19 14.83 -45.87 16.39
CA THR J 19 15.43 -47.19 16.32
C THR J 19 15.85 -47.59 14.90
N THR J 20 17.11 -48.01 14.78
CA THR J 20 17.71 -48.41 13.51
C THR J 20 17.59 -49.92 13.29
N GLN J 21 17.88 -50.34 12.05
CA GLN J 21 17.76 -51.75 11.67
C GLN J 21 18.73 -52.61 12.46
N GLU J 22 19.91 -52.06 12.72
CA GLU J 22 20.95 -52.79 13.44
C GLU J 22 20.47 -53.07 14.86
N GLN J 23 19.78 -52.08 15.44
CA GLN J 23 19.23 -52.22 16.79
C GLN J 23 18.15 -53.28 16.84
N VAL J 24 17.27 -53.31 15.85
CA VAL J 24 16.26 -54.35 15.75
C VAL J 24 16.90 -55.75 15.62
N GLU J 25 17.91 -55.84 14.77
CA GLU J 25 18.56 -57.13 14.49
C GLU J 25 19.29 -57.68 15.70
N LYS J 26 19.83 -56.81 16.55
CA LYS J 26 20.41 -57.30 17.80
C LYS J 26 19.29 -57.81 18.72
N ILE J 27 18.13 -57.15 18.70
CA ILE J 27 16.99 -57.59 19.47
C ILE J 27 16.54 -58.99 19.01
N LEU J 28 16.52 -59.20 17.71
CA LEU J 28 16.14 -60.48 17.14
C LEU J 28 17.14 -61.56 17.51
N ALA J 29 18.42 -61.22 17.44
CA ALA J 29 19.47 -62.14 17.83
C ALA J 29 19.28 -62.58 19.27
N GLU J 30 19.11 -61.62 20.18
CA GLU J 30 18.92 -61.98 21.60
C GLU J 30 17.65 -62.79 21.82
N ALA J 31 16.60 -62.50 21.08
CA ALA J 31 15.36 -63.25 21.21
C ALA J 31 15.58 -64.71 20.79
N LYS J 32 16.31 -64.92 19.69
CA LYS J 32 16.62 -66.29 19.30
C LYS J 32 17.53 -66.95 20.32
N GLU J 33 18.45 -66.19 20.91
CA GLU J 33 19.38 -66.78 21.87
C GLU J 33 18.70 -67.25 23.14
N TYR J 34 17.87 -66.42 23.78
CA TYR J 34 17.25 -66.88 25.02
C TYR J 34 15.83 -67.40 24.87
N ASP J 35 15.54 -67.96 23.70
CA ASP J 35 14.20 -68.39 23.29
C ASP J 35 13.04 -67.65 23.98
N PHE J 36 12.88 -66.37 23.66
CA PHE J 36 11.81 -65.56 24.23
C PHE J 36 10.44 -65.89 23.62
N ALA J 37 9.38 -65.40 24.23
CA ALA J 37 8.02 -65.63 23.74
C ALA J 37 7.82 -64.99 22.38
N SER J 38 8.21 -63.73 22.26
CA SER J 38 8.09 -62.97 21.02
C SER J 38 9.02 -61.75 21.01
N VAL J 39 9.11 -61.08 19.87
CA VAL J 39 9.65 -59.73 19.82
C VAL J 39 8.54 -58.73 19.54
N CYS J 40 8.63 -57.54 20.14
CA CYS J 40 7.67 -56.49 19.85
C CYS J 40 8.36 -55.28 19.22
N VAL J 41 8.01 -55.01 17.97
CA VAL J 41 8.56 -53.89 17.24
C VAL J 41 7.44 -53.14 16.55
N ASN J 42 7.72 -51.92 16.14
CA ASN J 42 6.76 -51.15 15.38
C ASN J 42 6.49 -51.79 14.02
N PRO J 43 5.32 -51.51 13.41
CA PRO J 43 4.93 -52.11 12.13
C PRO J 43 6.03 -52.11 11.08
N THR J 44 6.82 -51.04 11.03
CA THR J 44 7.84 -50.88 9.99
C THR J 44 8.90 -51.98 10.02
N TRP J 45 9.02 -52.70 11.13
CA TRP J 45 10.02 -53.75 11.25
C TRP J 45 9.44 -55.16 11.21
N VAL J 46 8.10 -55.24 11.18
CA VAL J 46 7.43 -56.54 11.24
C VAL J 46 8.00 -57.49 10.20
N ALA J 47 8.03 -57.06 8.94
CA ALA J 47 8.57 -57.88 7.86
C ALA J 47 9.93 -58.43 8.24
N LEU J 48 10.84 -57.54 8.62
CA LEU J 48 12.20 -57.98 8.95
C LEU J 48 12.14 -59.00 10.07
N ALA J 49 11.38 -58.63 11.10
CA ALA J 49 11.28 -59.44 12.30
C ALA J 49 10.71 -60.78 11.92
N ALA J 50 9.78 -60.76 10.97
CA ALA J 50 9.16 -61.99 10.53
C ALA J 50 10.19 -62.95 9.94
N GLU J 51 10.96 -62.50 8.95
CA GLU J 51 11.76 -63.48 8.21
C GLU J 51 13.02 -63.89 8.99
N SER J 52 13.38 -63.08 9.96
CA SER J 52 14.50 -63.43 10.81
C SER J 52 14.05 -64.47 11.83
N LEU J 53 12.74 -64.54 12.05
CA LEU J 53 12.22 -65.39 13.11
C LEU J 53 11.45 -66.63 12.64
N LYS J 54 11.32 -66.82 11.32
CA LYS J 54 10.85 -68.10 10.79
C LYS J 54 11.86 -69.17 11.20
N ASP J 55 11.37 -70.38 11.47
CA ASP J 55 12.23 -71.51 11.84
C ASP J 55 12.71 -71.35 13.27
N SER J 56 11.92 -70.65 14.07
CA SER J 56 12.18 -70.48 15.49
C SER J 56 10.85 -70.45 16.23
N ASP J 57 10.89 -70.58 17.55
CA ASP J 57 9.67 -70.56 18.36
C ASP J 57 9.34 -69.15 18.88
N VAL J 58 10.00 -68.15 18.31
CA VAL J 58 9.83 -66.75 18.67
C VAL J 58 8.86 -66.02 17.72
N LYS J 59 7.69 -65.64 18.24
CA LYS J 59 6.68 -64.98 17.42
C LYS J 59 6.99 -63.51 17.18
N VAL J 60 6.29 -62.90 16.23
CA VAL J 60 6.50 -61.49 15.96
C VAL J 60 5.29 -60.72 16.44
N CYS J 61 5.54 -59.74 17.30
CA CYS J 61 4.48 -58.97 17.91
C CYS J 61 4.64 -57.49 17.51
N THR J 62 3.54 -56.80 17.20
CA THR J 62 3.65 -55.39 16.82
C THR J 62 2.59 -54.55 17.50
N VAL J 63 2.67 -53.24 17.33
CA VAL J 63 1.81 -52.32 18.06
C VAL J 63 0.92 -51.53 17.12
N ILE J 64 -0.33 -51.33 17.57
CA ILE J 64 -1.36 -50.72 16.76
C ILE J 64 -1.95 -49.48 17.39
N GLY J 65 -2.06 -48.41 16.60
CA GLY J 65 -2.55 -47.14 17.09
C GLY J 65 -1.68 -46.67 18.25
N PHE J 66 -0.37 -46.83 18.07
CA PHE J 66 0.60 -46.72 19.15
C PHE J 66 1.33 -45.38 19.08
N PRO J 67 1.56 -44.73 20.24
CA PRO J 67 1.13 -45.09 21.59
C PRO J 67 -0.03 -44.26 22.14
N LEU J 68 -0.66 -43.44 21.30
CA LEU J 68 -1.68 -42.52 21.84
C LEU J 68 -3.07 -43.14 21.70
N GLY J 69 -3.19 -44.12 20.81
CA GLY J 69 -4.45 -44.81 20.63
C GLY J 69 -5.57 -43.91 20.18
N ALA J 70 -5.22 -42.82 19.51
CA ALA J 70 -6.21 -41.83 19.13
C ALA J 70 -6.54 -41.86 17.64
N ASN J 71 -6.38 -43.03 17.03
CA ASN J 71 -6.79 -43.24 15.64
C ASN J 71 -8.23 -43.74 15.52
N THR J 72 -8.80 -43.64 14.33
CA THR J 72 -10.13 -44.16 14.08
C THR J 72 -10.12 -45.69 14.03
N PRO J 73 -11.27 -46.31 14.34
CA PRO J 73 -11.37 -47.78 14.30
C PRO J 73 -11.02 -48.37 12.92
N ALA J 74 -11.43 -47.71 11.85
CA ALA J 74 -11.12 -48.17 10.50
C ALA J 74 -9.61 -48.28 10.30
N VAL J 75 -8.89 -47.27 10.77
CA VAL J 75 -7.44 -47.21 10.66
C VAL J 75 -6.74 -48.26 11.55
N LYS J 76 -7.26 -48.46 12.75
CA LYS J 76 -6.70 -49.48 13.64
C LYS J 76 -6.85 -50.87 13.02
N ALA J 77 -8.02 -51.13 12.45
CA ALA J 77 -8.29 -52.41 11.78
C ALA J 77 -7.38 -52.60 10.56
N PHE J 78 -7.25 -51.55 9.76
CA PHE J 78 -6.39 -51.64 8.57
C PHE J 78 -4.94 -51.89 8.95
N GLU J 79 -4.50 -51.24 10.02
CA GLU J 79 -3.13 -51.41 10.49
C GLU J 79 -2.95 -52.82 11.04
N THR J 80 -4.00 -53.41 11.60
CA THR J 80 -3.86 -54.78 12.09
C THR J 80 -3.74 -55.81 10.95
N LYS J 81 -4.57 -55.70 9.91
CA LYS J 81 -4.44 -56.69 8.82
C LYS J 81 -3.19 -56.42 7.97
N ASP J 82 -2.75 -55.17 7.96
CA ASP J 82 -1.48 -54.88 7.29
C ASP J 82 -0.30 -55.42 8.08
N ALA J 83 -0.38 -55.34 9.40
CA ALA J 83 0.71 -55.84 10.21
C ALA J 83 0.80 -57.35 10.11
N ILE J 84 -0.35 -58.02 10.09
CA ILE J 84 -0.29 -59.48 9.98
C ILE J 84 0.08 -59.95 8.56
N SER J 85 -0.36 -59.24 7.53
CA SER J 85 0.02 -59.63 6.18
C SER J 85 1.52 -59.45 5.97
N ASN J 86 2.18 -58.75 6.88
CA ASN J 86 3.62 -58.59 6.84
C ASN J 86 4.36 -59.61 7.71
N GLY J 87 3.61 -60.43 8.45
CA GLY J 87 4.23 -61.32 9.42
C GLY J 87 3.90 -61.31 10.91
N ALA J 88 3.12 -60.35 11.37
CA ALA J 88 2.83 -60.29 12.81
C ALA J 88 1.92 -61.44 13.24
N ASP J 89 2.18 -62.00 14.41
CA ASP J 89 1.35 -63.06 14.98
C ASP J 89 0.69 -62.65 16.30
N GLU J 90 0.95 -61.41 16.73
CA GLU J 90 0.31 -60.80 17.88
C GLU J 90 0.15 -59.30 17.70
N ILE J 91 -0.93 -58.78 18.25
CA ILE J 91 -1.32 -57.41 18.05
C ILE J 91 -1.53 -56.73 19.40
N ASP J 92 -0.73 -55.72 19.71
CA ASP J 92 -1.00 -54.91 20.89
C ASP J 92 -1.56 -53.57 20.44
N MET J 93 -2.86 -53.39 20.60
CA MET J 93 -3.48 -52.14 20.22
C MET J 93 -3.57 -51.23 21.44
N VAL J 94 -3.57 -49.92 21.21
CA VAL J 94 -3.83 -49.00 22.30
C VAL J 94 -5.31 -48.59 22.29
N ILE J 95 -5.96 -48.75 23.44
CA ILE J 95 -7.34 -48.36 23.61
C ILE J 95 -7.54 -46.87 23.31
N ASN J 96 -8.72 -46.47 22.85
CA ASN J 96 -8.96 -45.04 22.67
C ASN J 96 -9.19 -44.39 24.03
N ILE J 97 -8.07 -44.05 24.67
CA ILE J 97 -8.07 -43.53 26.04
C ILE J 97 -8.93 -42.28 26.17
N GLY J 98 -8.83 -41.38 25.20
CA GLY J 98 -9.59 -40.16 25.22
C GLY J 98 -11.08 -40.44 25.23
N ALA J 99 -11.53 -41.41 24.42
CA ALA J 99 -12.94 -41.75 24.38
C ALA J 99 -13.34 -42.32 25.73
N LEU J 100 -12.44 -43.14 26.28
CA LEU J 100 -12.70 -43.79 27.56
C LEU J 100 -12.88 -42.75 28.66
N LYS J 101 -12.12 -41.67 28.60
CA LYS J 101 -12.24 -40.63 29.61
C LYS J 101 -13.43 -39.73 29.36
N THR J 102 -13.82 -39.54 28.09
CA THR J 102 -15.02 -38.76 27.84
C THR J 102 -16.19 -39.53 28.42
N GLY J 103 -16.22 -40.83 28.15
CA GLY J 103 -17.31 -41.71 28.56
C GLY J 103 -17.93 -42.42 27.37
N ASN J 104 -17.20 -42.47 26.27
CA ASN J 104 -17.75 -42.93 25.01
C ASN J 104 -17.57 -44.42 24.88
N TYR J 105 -18.02 -45.14 25.90
CA TYR J 105 -17.88 -46.58 25.98
C TYR J 105 -18.25 -47.31 24.68
N ASP J 106 -19.26 -46.82 23.99
CA ASP J 106 -19.68 -47.41 22.71
C ASP J 106 -18.54 -47.43 21.70
N LEU J 107 -17.88 -46.29 21.57
CA LEU J 107 -16.77 -46.12 20.64
C LEU J 107 -15.51 -46.86 21.11
N VAL J 108 -15.24 -46.82 22.40
CA VAL J 108 -14.12 -47.58 22.97
C VAL J 108 -14.27 -49.05 22.63
N LEU J 109 -15.49 -49.56 22.80
CA LEU J 109 -15.78 -50.96 22.56
C LEU J 109 -15.74 -51.32 21.08
N GLU J 110 -16.38 -50.48 20.26
CA GLU J 110 -16.39 -50.68 18.81
C GLU J 110 -14.98 -50.66 18.21
N ASP J 111 -14.13 -49.80 18.73
CA ASP J 111 -12.73 -49.64 18.30
C ASP J 111 -12.01 -51.00 18.44
N ILE J 112 -12.04 -51.53 19.66
CA ILE J 112 -11.40 -52.80 19.96
C ILE J 112 -12.04 -53.91 19.12
N LYS J 113 -13.36 -53.84 18.93
CA LYS J 113 -14.06 -54.86 18.17
C LYS J 113 -13.63 -54.85 16.71
N ALA J 114 -13.35 -53.68 16.16
CA ALA J 114 -12.84 -53.55 14.80
C ALA J 114 -11.47 -54.22 14.69
N VAL J 115 -10.66 -54.02 15.72
CA VAL J 115 -9.32 -54.61 15.70
C VAL J 115 -9.37 -56.13 15.84
N VAL J 116 -10.22 -56.62 16.74
CA VAL J 116 -10.39 -58.05 16.94
C VAL J 116 -10.98 -58.66 15.67
N ALA J 117 -11.83 -57.89 15.01
CA ALA J 117 -12.43 -58.34 13.77
C ALA J 117 -11.39 -58.49 12.67
N ALA J 118 -10.35 -57.65 12.66
CA ALA J 118 -9.34 -57.85 11.62
C ALA J 118 -8.23 -58.79 12.11
N SER J 119 -8.32 -59.16 13.38
CA SER J 119 -7.38 -60.10 14.00
C SER J 119 -7.37 -61.47 13.30
N GLY J 120 -8.56 -62.05 13.16
CA GLY J 120 -8.73 -63.43 12.74
C GLY J 120 -8.52 -64.47 13.84
N ASP J 121 -7.65 -65.44 13.61
CA ASP J 121 -7.08 -66.24 14.70
C ASP J 121 -5.72 -65.72 15.13
N LYS J 122 -5.59 -64.40 15.21
CA LYS J 122 -4.38 -63.82 15.79
C LYS J 122 -4.67 -63.23 17.16
N LEU J 123 -3.63 -63.24 18.00
CA LEU J 123 -3.76 -62.84 19.39
C LEU J 123 -3.82 -61.30 19.50
N VAL J 124 -4.78 -60.77 20.24
CA VAL J 124 -4.89 -59.33 20.42
C VAL J 124 -4.79 -58.90 21.86
N LYS J 125 -3.83 -58.04 22.18
CA LYS J 125 -3.78 -57.46 23.52
C LYS J 125 -4.28 -56.03 23.47
N VAL J 126 -5.00 -55.59 24.50
CA VAL J 126 -5.45 -54.21 24.55
C VAL J 126 -4.68 -53.41 25.60
N ILE J 127 -3.94 -52.40 25.15
CA ILE J 127 -3.19 -51.54 26.06
C ILE J 127 -4.11 -50.47 26.63
N ILE J 128 -4.23 -50.46 27.95
CA ILE J 128 -5.11 -49.54 28.64
C ILE J 128 -4.42 -48.26 29.08
N GLU J 129 -3.14 -48.34 29.47
CA GLU J 129 -2.35 -47.19 29.91
C GLU J 129 -2.84 -46.80 31.29
N ALA J 130 -2.83 -47.77 32.19
CA ALA J 130 -3.33 -47.58 33.55
C ALA J 130 -2.76 -46.38 34.33
N CYS J 131 -1.79 -45.68 33.79
CA CYS J 131 -1.19 -44.57 34.53
C CYS J 131 -2.01 -43.30 34.31
N LEU J 132 -2.78 -43.29 33.22
CA LEU J 132 -3.68 -42.18 32.89
C LEU J 132 -5.12 -42.43 33.33
N LEU J 133 -5.37 -43.55 33.99
CA LEU J 133 -6.73 -43.90 34.40
C LEU J 133 -6.91 -44.00 35.89
N THR J 134 -8.13 -43.78 36.35
CA THR J 134 -8.52 -44.16 37.70
C THR J 134 -8.67 -45.68 37.77
N ASP J 135 -8.80 -46.20 38.99
CA ASP J 135 -9.00 -47.62 39.22
C ASP J 135 -10.28 -48.10 38.51
N ASP J 136 -11.34 -47.32 38.62
CA ASP J 136 -12.61 -47.63 37.97
C ASP J 136 -12.44 -47.70 36.46
N GLU J 137 -11.64 -46.79 35.93
CA GLU J 137 -11.40 -46.80 34.50
C GLU J 137 -10.49 -47.97 34.10
N LYS J 138 -9.60 -48.39 35.01
CA LYS J 138 -8.84 -49.60 34.73
C LYS J 138 -9.79 -50.80 34.62
N VAL J 139 -10.63 -50.99 35.62
CA VAL J 139 -11.56 -52.11 35.59
C VAL J 139 -12.47 -52.07 34.34
N LYS J 140 -13.10 -50.94 34.04
CA LYS J 140 -14.00 -50.96 32.88
C LYS J 140 -13.22 -51.08 31.56
N ALA J 141 -12.00 -50.57 31.51
CA ALA J 141 -11.20 -50.72 30.31
C ALA J 141 -11.01 -52.21 30.06
N CYS J 142 -10.71 -52.93 31.14
CA CYS J 142 -10.53 -54.38 31.05
C CYS J 142 -11.82 -55.12 30.67
N GLN J 143 -12.94 -54.75 31.27
CA GLN J 143 -14.22 -55.37 30.95
C GLN J 143 -14.59 -55.16 29.49
N LEU J 144 -14.31 -53.95 28.99
CA LEU J 144 -14.61 -53.61 27.60
C LEU J 144 -13.70 -54.40 26.66
N SER J 145 -12.46 -54.62 27.08
CA SER J 145 -11.57 -55.40 26.23
C SER J 145 -11.99 -56.87 26.26
N GLN J 146 -12.67 -57.28 27.33
CA GLN J 146 -13.05 -58.67 27.45
C GLN J 146 -14.38 -58.91 26.75
N GLU J 147 -15.20 -57.86 26.64
CA GLU J 147 -16.45 -57.97 25.91
C GLU J 147 -16.23 -57.91 24.39
N ALA J 148 -15.37 -57.00 23.95
CA ALA J 148 -14.93 -56.93 22.55
C ALA J 148 -14.21 -58.19 22.08
N GLY J 149 -14.00 -59.12 23.00
CA GLY J 149 -13.33 -60.38 22.73
C GLY J 149 -11.87 -60.21 22.37
N ALA J 150 -11.14 -59.52 23.23
CA ALA J 150 -9.71 -59.47 23.03
C ALA J 150 -9.13 -60.48 23.99
N ASP J 151 -7.82 -60.69 23.92
CA ASP J 151 -7.28 -61.91 24.47
C ASP J 151 -6.43 -61.61 25.69
N TYR J 152 -5.88 -60.39 25.75
CA TYR J 152 -4.99 -59.99 26.85
C TYR J 152 -5.28 -58.52 27.14
N VAL J 153 -4.90 -58.07 28.34
CA VAL J 153 -4.89 -56.64 28.64
C VAL J 153 -3.47 -56.28 29.09
N LYS J 154 -2.97 -55.15 28.60
CA LYS J 154 -1.59 -54.76 28.80
C LYS J 154 -1.56 -53.44 29.56
N THR J 155 -0.62 -53.27 30.49
CA THR J 155 -0.68 -52.12 31.38
C THR J 155 -0.21 -50.79 30.81
N SER J 156 0.60 -50.79 29.76
CA SER J 156 1.29 -49.56 29.38
C SER J 156 1.85 -49.53 27.96
N THR J 157 2.03 -48.34 27.44
CA THR J 157 2.73 -48.19 26.19
C THR J 157 4.21 -47.95 26.46
N GLY J 158 4.59 -47.94 27.73
CA GLY J 158 5.91 -47.45 28.12
C GLY J 158 6.30 -46.07 27.55
N PHE J 159 5.31 -45.36 27.01
CA PHE J 159 5.52 -44.03 26.44
C PHE J 159 4.72 -42.96 27.16
N SER J 160 4.23 -43.27 28.36
CA SER J 160 3.55 -42.28 29.19
C SER J 160 4.30 -42.14 30.52
N THR J 161 3.61 -41.59 31.52
CA THR J 161 4.23 -41.18 32.77
C THR J 161 4.60 -42.34 33.70
N GLY J 162 3.87 -43.45 33.58
CA GLY J 162 4.10 -44.59 34.45
C GLY J 162 3.98 -45.92 33.75
N GLY J 163 4.55 -46.95 34.35
CA GLY J 163 4.49 -48.28 33.79
C GLY J 163 3.63 -49.19 34.64
N ALA J 164 3.92 -50.48 34.61
CA ALA J 164 3.13 -51.46 35.36
C ALA J 164 3.32 -51.29 36.87
N THR J 165 2.24 -51.33 37.62
CA THR J 165 2.34 -51.41 39.06
C THR J 165 1.71 -52.74 39.49
N VAL J 166 2.18 -53.29 40.60
CA VAL J 166 1.67 -54.59 41.04
C VAL J 166 0.18 -54.50 41.36
N ALA J 167 -0.24 -53.38 41.94
CA ALA J 167 -1.66 -53.18 42.23
C ALA J 167 -2.47 -53.15 40.94
N ASP J 168 -1.93 -52.52 39.91
CA ASP J 168 -2.61 -52.45 38.63
C ASP J 168 -2.73 -53.84 37.99
N VAL J 169 -1.65 -54.59 38.01
CA VAL J 169 -1.66 -55.94 37.45
C VAL J 169 -2.69 -56.81 38.18
N ALA J 170 -2.66 -56.75 39.51
CA ALA J 170 -3.58 -57.52 40.33
C ALA J 170 -5.03 -57.15 40.06
N LEU J 171 -5.29 -55.84 40.00
CA LEU J 171 -6.64 -55.35 39.74
C LEU J 171 -7.14 -55.84 38.40
N MET J 172 -6.26 -55.78 37.42
CA MET J 172 -6.60 -56.23 36.08
C MET J 172 -6.90 -57.73 36.03
N ARG J 173 -6.09 -58.55 36.70
CA ARG J 173 -6.31 -60.00 36.70
C ARG J 173 -7.64 -60.32 37.36
N LYS J 174 -7.88 -59.66 38.49
CA LYS J 174 -9.10 -59.85 39.25
C LYS J 174 -10.33 -59.52 38.43
N THR J 175 -10.22 -58.46 37.64
CA THR J 175 -11.33 -58.01 36.82
C THR J 175 -11.57 -58.93 35.65
N VAL J 176 -10.50 -59.32 35.00
CA VAL J 176 -10.61 -60.00 33.74
C VAL J 176 -10.59 -61.50 33.93
N GLY J 177 -10.65 -61.93 35.18
CA GLY J 177 -10.68 -63.35 35.46
C GLY J 177 -9.42 -63.94 34.90
N PRO J 178 -9.32 -65.34 34.88
CA PRO J 178 -8.02 -65.84 34.44
C PRO J 178 -8.13 -66.56 33.13
N ASP J 179 -9.21 -66.39 32.41
CA ASP J 179 -9.36 -67.07 31.15
C ASP J 179 -8.87 -66.19 30.03
N MET J 180 -8.05 -65.22 30.36
CA MET J 180 -7.39 -64.36 29.39
C MET J 180 -6.29 -63.65 30.17
N GLY J 181 -5.21 -63.27 29.49
CA GLY J 181 -4.04 -62.79 30.21
C GLY J 181 -3.92 -61.32 30.52
N VAL J 182 -2.85 -61.00 31.24
CA VAL J 182 -2.54 -59.61 31.60
C VAL J 182 -1.03 -59.49 31.42
N LYS J 183 -0.64 -58.51 30.61
CA LYS J 183 0.76 -58.28 30.32
C LYS J 183 1.26 -57.05 31.06
N ALA J 184 2.30 -57.24 31.86
CA ALA J 184 2.91 -56.12 32.57
C ALA J 184 3.99 -55.50 31.70
N SER J 185 3.77 -54.25 31.31
CA SER J 185 4.70 -53.54 30.44
C SER J 185 5.13 -52.24 31.11
N GLY J 186 6.44 -52.01 31.20
CA GLY J 186 6.92 -50.76 31.74
C GLY J 186 8.01 -50.83 32.78
N GLY J 187 8.78 -51.91 32.77
CA GLY J 187 9.89 -52.05 33.69
C GLY J 187 9.46 -52.41 35.11
N ALA J 188 9.74 -53.63 35.60
CA ALA J 188 10.53 -54.70 34.95
C ALA J 188 11.94 -54.27 34.50
N ARG J 189 12.82 -54.06 35.47
CA ARG J 189 14.19 -53.64 35.20
C ARG J 189 15.14 -54.63 35.88
N SER J 190 14.59 -55.79 36.28
CA SER J 190 15.35 -56.79 37.02
C SER J 190 14.63 -58.13 36.99
N TYR J 191 15.30 -59.18 37.49
CA TYR J 191 14.67 -60.50 37.58
C TYR J 191 13.43 -60.51 38.48
N GLU J 192 13.56 -59.96 39.69
CA GLU J 192 12.47 -59.87 40.65
C GLU J 192 11.46 -58.78 40.31
N ASP J 193 11.80 -57.73 39.56
CA ASP J 193 10.74 -56.79 39.17
C ASP J 193 9.74 -57.61 38.37
N ALA J 194 10.29 -58.45 37.50
CA ALA J 194 9.50 -59.31 36.65
C ALA J 194 8.71 -60.37 37.42
N ILE J 195 9.39 -61.16 38.24
CA ILE J 195 8.70 -62.27 38.92
C ILE J 195 7.69 -61.73 39.93
N ALA J 196 7.95 -60.54 40.48
CA ALA J 196 6.97 -59.87 41.34
C ALA J 196 5.69 -59.59 40.56
N PHE J 197 5.82 -59.16 39.30
CA PHE J 197 4.66 -58.85 38.47
C PHE J 197 3.94 -60.13 38.09
N ILE J 198 4.70 -61.21 37.95
CA ILE J 198 4.14 -62.53 37.59
C ILE J 198 3.27 -63.10 38.71
N GLU J 199 3.72 -62.91 39.94
CA GLU J 199 2.99 -63.41 41.07
C GLU J 199 1.92 -62.44 41.48
N ALA J 200 1.78 -61.36 40.73
CA ALA J 200 0.71 -60.44 40.97
C ALA J 200 -0.42 -60.78 40.04
N GLY J 201 -0.12 -61.44 38.95
CA GLY J 201 -1.16 -61.92 38.09
C GLY J 201 -0.76 -61.92 36.64
N ALA J 202 0.43 -61.43 36.38
CA ALA J 202 0.90 -61.33 35.01
C ALA J 202 1.23 -62.66 34.39
N SER J 203 0.65 -62.94 33.22
CA SER J 203 1.14 -64.03 32.39
C SER J 203 2.34 -63.67 31.52
N ARG J 204 2.31 -62.52 30.86
CA ARG J 204 3.44 -62.03 30.07
C ARG J 204 4.06 -60.74 30.61
N ILE J 205 5.28 -60.45 30.16
CA ILE J 205 6.00 -59.24 30.53
C ILE J 205 6.56 -58.54 29.30
N GLY J 206 6.31 -57.23 29.17
CA GLY J 206 6.97 -56.45 28.15
C GLY J 206 8.15 -55.77 28.83
N ALA J 207 9.30 -55.81 28.18
CA ALA J 207 10.47 -55.18 28.72
C ALA J 207 11.62 -55.20 27.76
N SER J 208 12.63 -54.41 28.04
CA SER J 208 13.82 -54.39 27.24
C SER J 208 14.92 -55.13 27.96
N SER J 209 14.89 -55.06 29.28
CA SER J 209 15.87 -55.71 30.11
C SER J 209 16.04 -57.13 29.66
N GLY J 210 14.99 -57.90 29.78
CA GLY J 210 14.99 -59.25 29.26
C GLY J 210 16.23 -60.05 29.53
N VAL J 211 17.14 -59.47 30.29
CA VAL J 211 18.25 -60.26 30.78
C VAL J 211 18.81 -59.73 32.15
N ALA J 212 18.11 -59.82 33.30
CA ALA J 212 16.75 -60.34 33.65
C ALA J 212 16.54 -61.85 33.51
N ILE J 213 16.75 -62.43 32.34
CA ILE J 213 16.53 -63.86 32.19
C ILE J 213 17.73 -64.65 32.68
N MET J 214 18.88 -64.00 32.73
CA MET J 214 20.07 -64.63 33.26
C MET J 214 20.16 -64.38 34.76
N ASN J 215 19.14 -64.87 35.46
CA ASN J 215 19.09 -64.86 36.92
C ASN J 215 18.36 -66.11 37.40
N GLY J 216 19.14 -67.17 37.57
CA GLY J 216 18.62 -68.50 37.79
C GLY J 216 19.34 -69.42 36.81
N ALA J 217 20.44 -68.93 36.25
CA ALA J 217 21.24 -69.68 35.28
C ALA J 217 22.68 -69.86 35.76
N MET K 4 36.30 41.76 -12.32
CA MET K 4 35.46 42.01 -11.15
C MET K 4 36.17 42.67 -9.95
N LYS K 5 37.17 42.07 -9.33
CA LYS K 5 38.08 42.87 -8.47
C LYS K 5 39.58 42.61 -8.82
N LEU K 6 40.61 42.47 -7.93
CA LEU K 6 40.69 42.27 -6.47
C LEU K 6 42.10 42.44 -5.85
N ASN K 7 42.90 43.32 -6.44
CA ASN K 7 44.25 43.58 -5.97
C ASN K 7 44.34 44.31 -4.61
N LYS K 8 43.40 45.21 -4.33
CA LYS K 8 43.45 45.99 -3.11
C LYS K 8 42.81 45.27 -1.94
N TYR K 9 42.74 43.95 -2.02
CA TYR K 9 42.40 43.12 -0.86
C TYR K 9 43.66 42.45 -0.32
N ILE K 10 44.81 42.76 -0.90
CA ILE K 10 45.98 41.94 -0.71
C ILE K 10 47.17 42.60 -0.02
N ASP K 11 47.64 41.93 1.04
CA ASP K 11 48.92 42.22 1.68
C ASP K 11 49.97 41.19 1.19
N HIS K 12 50.95 41.68 0.44
CA HIS K 12 51.94 40.78 -0.12
C HIS K 12 52.95 40.47 0.99
N THR K 13 53.00 39.23 1.46
CA THR K 13 53.77 38.99 2.67
C THR K 13 54.99 38.10 2.43
N ILE K 14 56.11 38.49 3.03
CA ILE K 14 57.26 37.60 3.13
C ILE K 14 57.83 37.82 4.53
N LEU K 15 57.76 36.81 5.38
CA LEU K 15 58.13 36.98 6.79
C LEU K 15 59.04 35.90 7.36
N LYS K 16 59.47 34.96 6.54
CA LYS K 16 60.32 33.87 7.02
C LYS K 16 61.64 34.45 7.53
N PRO K 17 62.22 33.84 8.56
CA PRO K 17 63.39 34.41 9.24
C PRO K 17 64.61 34.54 8.32
N GLU K 18 64.69 33.69 7.31
CA GLU K 18 65.85 33.63 6.44
C GLU K 18 65.72 34.47 5.16
N THR K 19 64.66 35.27 5.04
CA THR K 19 64.46 36.00 3.79
C THR K 19 65.51 37.06 3.65
N THR K 20 66.12 37.09 2.46
CA THR K 20 67.16 38.04 2.13
C THR K 20 66.61 39.29 1.44
N GLN K 21 67.46 40.30 1.31
CA GLN K 21 67.06 41.57 0.74
C GLN K 21 66.54 41.48 -0.69
N GLU K 22 67.13 40.60 -1.50
CA GLU K 22 66.73 40.44 -2.88
C GLU K 22 65.28 39.95 -2.98
N GLN K 23 64.92 39.04 -2.09
CA GLN K 23 63.55 38.50 -2.00
C GLN K 23 62.54 39.56 -1.58
N VAL K 24 62.92 40.37 -0.60
CA VAL K 24 62.09 41.48 -0.17
C VAL K 24 61.89 42.42 -1.35
N GLU K 25 62.96 42.70 -2.09
CA GLU K 25 62.89 43.62 -3.20
C GLU K 25 61.99 43.08 -4.32
N LYS K 26 61.97 41.76 -4.47
CA LYS K 26 61.08 41.18 -5.46
C LYS K 26 59.64 41.30 -4.98
N ILE K 27 59.43 41.18 -3.67
CA ILE K 27 58.08 41.39 -3.14
C ILE K 27 57.63 42.81 -3.44
N LEU K 28 58.54 43.76 -3.25
CA LEU K 28 58.23 45.17 -3.49
C LEU K 28 57.90 45.43 -4.96
N ALA K 29 58.70 44.85 -5.85
CA ALA K 29 58.49 44.97 -7.29
C ALA K 29 57.12 44.43 -7.69
N GLU K 30 56.80 43.22 -7.22
CA GLU K 30 55.51 42.62 -7.54
C GLU K 30 54.33 43.42 -7.00
N ALA K 31 54.52 44.04 -5.83
CA ALA K 31 53.47 44.87 -5.25
C ALA K 31 53.20 46.09 -6.14
N LYS K 32 54.27 46.72 -6.60
CA LYS K 32 54.10 47.87 -7.49
C LYS K 32 53.47 47.43 -8.81
N GLU K 33 53.85 46.25 -9.28
CA GLU K 33 53.34 45.77 -10.56
C GLU K 33 51.84 45.52 -10.47
N TYR K 34 51.38 44.80 -9.47
CA TYR K 34 49.94 44.53 -9.42
C TYR K 34 49.15 45.46 -8.49
N ASP K 35 49.63 46.69 -8.35
CA ASP K 35 49.11 47.68 -7.40
C ASP K 35 48.36 47.04 -6.20
N PHE K 36 49.11 46.34 -5.35
CA PHE K 36 48.53 45.70 -4.17
C PHE K 36 48.27 46.74 -3.07
N ALA K 37 47.53 46.34 -2.03
CA ALA K 37 47.24 47.23 -0.90
C ALA K 37 48.51 47.58 -0.14
N SER K 38 49.28 46.56 0.21
CA SER K 38 50.53 46.74 0.94
C SER K 38 51.46 45.53 0.82
N VAL K 39 52.69 45.70 1.30
CA VAL K 39 53.59 44.57 1.54
C VAL K 39 53.70 44.39 3.05
N CYS K 40 53.81 43.13 3.49
CA CYS K 40 54.02 42.86 4.90
C CYS K 40 55.36 42.17 5.11
N VAL K 41 56.26 42.86 5.80
CA VAL K 41 57.60 42.32 6.08
C VAL K 41 57.96 42.55 7.54
N ASN K 42 58.97 41.84 8.03
CA ASN K 42 59.46 42.07 9.38
C ASN K 42 60.10 43.46 9.51
N PRO K 43 60.12 44.01 10.75
CA PRO K 43 60.60 45.36 11.07
C PRO K 43 61.94 45.74 10.43
N THR K 44 62.85 44.79 10.34
CA THR K 44 64.19 45.04 9.86
C THR K 44 64.18 45.53 8.39
N TRP K 45 63.09 45.29 7.67
CA TRP K 45 62.96 45.68 6.27
C TRP K 45 62.03 46.88 6.01
N VAL K 46 61.37 47.37 7.05
CA VAL K 46 60.42 48.48 6.88
C VAL K 46 61.03 49.70 6.20
N ALA K 47 62.17 50.19 6.68
CA ALA K 47 62.82 51.35 6.07
C ALA K 47 62.94 51.18 4.54
N LEU K 48 63.54 50.05 4.14
CA LEU K 48 63.74 49.78 2.72
C LEU K 48 62.42 49.76 1.98
N ALA K 49 61.40 49.15 2.58
CA ALA K 49 60.09 49.07 1.95
C ALA K 49 59.51 50.47 1.77
N ALA K 50 59.68 51.31 2.78
CA ALA K 50 59.21 52.70 2.79
C ALA K 50 59.81 53.45 1.62
N GLU K 51 61.13 53.36 1.48
CA GLU K 51 61.83 54.10 0.42
C GLU K 51 61.59 53.52 -0.95
N SER K 52 61.25 52.25 -1.02
CA SER K 52 60.95 51.68 -2.30
C SER K 52 59.50 51.99 -2.70
N LEU K 53 58.67 52.37 -1.75
CA LEU K 53 57.25 52.47 -2.04
C LEU K 53 56.61 53.85 -1.98
N LYS K 54 57.38 54.88 -1.64
CA LYS K 54 56.94 56.25 -1.75
C LYS K 54 56.77 56.40 -3.22
N ASP K 55 55.84 57.21 -3.69
CA ASP K 55 55.55 57.32 -5.12
C ASP K 55 54.70 56.17 -5.63
N SER K 56 53.89 55.59 -4.78
CA SER K 56 53.11 54.45 -5.17
C SER K 56 51.95 54.35 -4.24
N ASP K 57 50.89 53.71 -4.67
CA ASP K 57 49.73 53.66 -3.79
C ASP K 57 49.79 52.43 -2.87
N VAL K 58 50.97 51.81 -2.78
CA VAL K 58 51.17 50.62 -1.97
C VAL K 58 51.74 50.93 -0.58
N LYS K 59 51.05 50.48 0.45
CA LYS K 59 51.45 50.74 1.83
C LYS K 59 52.54 49.79 2.31
N VAL K 60 53.19 50.13 3.43
CA VAL K 60 54.17 49.22 4.02
C VAL K 60 53.60 48.72 5.35
N CYS K 61 53.48 47.40 5.48
CA CYS K 61 52.89 46.80 6.67
C CYS K 61 53.95 45.96 7.39
N THR K 62 53.95 46.00 8.72
CA THR K 62 54.95 45.23 9.47
C THR K 62 54.32 44.50 10.64
N VAL K 63 55.10 43.66 11.32
CA VAL K 63 54.58 42.84 12.40
C VAL K 63 55.30 43.11 13.73
N ILE K 64 54.53 43.16 14.82
CA ILE K 64 55.13 43.46 16.12
C ILE K 64 54.77 42.37 17.14
N GLY K 65 55.77 41.95 17.93
CA GLY K 65 55.61 40.83 18.84
C GLY K 65 55.31 39.59 18.02
N PHE K 66 56.05 39.43 16.92
CA PHE K 66 55.72 38.42 15.94
C PHE K 66 56.70 37.28 16.05
N PRO K 67 56.20 36.03 15.95
CA PRO K 67 54.79 35.67 15.83
C PRO K 67 54.17 35.12 17.12
N LEU K 68 54.87 35.22 18.25
CA LEU K 68 54.39 34.58 19.47
C LEU K 68 53.60 35.54 20.36
N GLY K 69 53.81 36.83 20.19
CA GLY K 69 53.08 37.82 20.94
C GLY K 69 53.31 37.71 22.45
N ALA K 70 54.45 37.17 22.82
CA ALA K 70 54.72 36.89 24.23
C ALA K 70 55.69 37.91 24.82
N ASN K 71 55.70 39.07 24.19
CA ASN K 71 56.47 40.21 24.67
C ASN K 71 55.65 41.05 25.62
N THR K 72 56.34 41.88 26.39
CA THR K 72 55.67 42.82 27.28
C THR K 72 55.02 43.92 26.46
N PRO K 73 53.95 44.54 27.00
CA PRO K 73 53.28 45.64 26.30
C PRO K 73 54.23 46.80 26.00
N ALA K 74 55.16 47.09 26.92
CA ALA K 74 56.12 48.17 26.73
C ALA K 74 56.96 47.93 25.47
N VAL K 75 57.42 46.70 25.32
CA VAL K 75 58.25 46.31 24.20
C VAL K 75 57.43 46.32 22.91
N LYS K 76 56.20 45.84 22.96
CA LYS K 76 55.36 45.85 21.77
C LYS K 76 55.10 47.28 21.31
N ALA K 77 54.84 48.16 22.26
CA ALA K 77 54.64 49.57 21.97
C ALA K 77 55.89 50.22 21.38
N PHE K 78 57.03 49.91 21.96
CA PHE K 78 58.27 50.51 21.48
C PHE K 78 58.56 50.03 20.07
N GLU K 79 58.24 48.77 19.79
CA GLU K 79 58.44 48.20 18.46
C GLU K 79 57.49 48.85 17.47
N THR K 80 56.30 49.22 17.95
CA THR K 80 55.35 49.91 17.09
C THR K 80 55.83 51.33 16.75
N LYS K 81 56.42 52.00 17.75
CA LYS K 81 56.89 53.36 17.52
C LYS K 81 58.15 53.34 16.66
N ASP K 82 58.96 52.30 16.79
CA ASP K 82 60.15 52.17 15.98
C ASP K 82 59.78 51.83 14.55
N ALA K 83 58.75 50.99 14.38
CA ALA K 83 58.32 50.61 13.05
C ALA K 83 57.73 51.80 12.31
N ILE K 84 56.98 52.64 13.02
CA ILE K 84 56.41 53.83 12.40
C ILE K 84 57.50 54.88 12.13
N SER K 85 58.47 54.95 13.05
CA SER K 85 59.60 55.84 12.89
C SER K 85 60.46 55.43 11.69
N ASN K 86 60.22 54.23 11.17
CA ASN K 86 60.96 53.75 10.01
C ASN K 86 60.23 53.90 8.67
N GLY K 87 58.99 54.37 8.71
CA GLY K 87 58.16 54.36 7.51
C GLY K 87 56.87 53.57 7.43
N ALA K 88 56.57 52.74 8.43
CA ALA K 88 55.40 51.87 8.36
C ALA K 88 54.07 52.64 8.39
N ASP K 89 53.08 52.11 7.67
CA ASP K 89 51.75 52.71 7.62
C ASP K 89 50.66 51.83 8.25
N GLU K 90 51.05 50.62 8.65
CA GLU K 90 50.14 49.68 9.29
C GLU K 90 50.89 48.76 10.25
N ILE K 91 50.21 48.36 11.33
CA ILE K 91 50.85 47.56 12.36
C ILE K 91 50.02 46.31 12.58
N ASP K 92 50.58 45.13 12.34
CA ASP K 92 49.90 43.90 12.75
C ASP K 92 50.56 43.27 13.96
N MET K 93 49.90 43.40 15.10
CA MET K 93 50.41 42.85 16.35
C MET K 93 49.86 41.46 16.61
N VAL K 94 50.63 40.67 17.33
CA VAL K 94 50.13 39.39 17.79
C VAL K 94 49.61 39.58 19.19
N ILE K 95 48.37 39.15 19.41
CA ILE K 95 47.74 39.15 20.72
C ILE K 95 48.58 38.31 21.67
N ASN K 96 48.55 38.65 22.96
CA ASN K 96 49.23 37.84 23.97
C ASN K 96 48.42 36.58 24.21
N ILE K 97 48.67 35.59 23.37
CA ILE K 97 47.91 34.33 23.36
C ILE K 97 47.94 33.64 24.72
N GLY K 98 49.12 33.56 25.32
CA GLY K 98 49.28 32.90 26.60
C GLY K 98 48.44 33.59 27.66
N ALA K 99 48.47 34.91 27.63
CA ALA K 99 47.69 35.69 28.59
C ALA K 99 46.23 35.42 28.36
N LEU K 100 45.81 35.36 27.10
CA LEU K 100 44.40 35.13 26.80
C LEU K 100 43.97 33.75 27.29
N LYS K 101 44.87 32.78 27.21
CA LYS K 101 44.53 31.42 27.61
C LYS K 101 44.54 31.25 29.13
N THR K 102 45.36 32.03 29.81
CA THR K 102 45.40 31.98 31.26
C THR K 102 44.05 32.43 31.83
N GLY K 103 43.48 33.48 31.23
CA GLY K 103 42.35 34.16 31.81
C GLY K 103 42.59 35.65 31.93
N ASN K 104 43.87 36.01 31.96
CA ASN K 104 44.35 37.38 32.22
C ASN K 104 43.86 38.43 31.22
N TYR K 105 42.57 38.40 30.86
CA TYR K 105 42.01 39.34 29.90
C TYR K 105 42.45 40.78 30.10
N ASP K 106 42.66 41.18 31.36
CA ASP K 106 43.17 42.52 31.64
C ASP K 106 44.52 42.75 30.98
N LEU K 107 45.44 41.79 31.07
CA LEU K 107 46.77 41.98 30.48
C LEU K 107 46.67 41.98 28.97
N VAL K 108 45.81 41.14 28.42
CA VAL K 108 45.56 41.10 27.00
C VAL K 108 45.14 42.48 26.52
N LEU K 109 44.22 43.09 27.28
CA LEU K 109 43.67 44.37 26.94
C LEU K 109 44.70 45.49 27.08
N GLU K 110 45.46 45.46 28.16
CA GLU K 110 46.52 46.43 28.38
C GLU K 110 47.52 46.36 27.23
N ASP K 111 47.78 45.12 26.83
CA ASP K 111 48.73 44.79 25.78
C ASP K 111 48.31 45.40 24.46
N ILE K 112 47.10 45.08 24.00
CA ILE K 112 46.64 45.64 22.73
C ILE K 112 46.53 47.16 22.81
N LYS K 113 46.07 47.67 23.95
CA LYS K 113 45.90 49.13 24.11
C LYS K 113 47.24 49.87 24.08
N ALA K 114 48.32 49.25 24.56
CA ALA K 114 49.64 49.89 24.46
C ALA K 114 50.03 50.10 22.98
N VAL K 115 49.72 49.10 22.15
CA VAL K 115 50.02 49.18 20.72
C VAL K 115 49.08 50.13 19.96
N VAL K 116 47.78 50.10 20.24
CA VAL K 116 46.86 51.00 19.57
C VAL K 116 47.19 52.44 20.00
N ALA K 117 47.60 52.58 21.25
CA ALA K 117 48.05 53.86 21.77
C ALA K 117 49.33 54.24 21.06
N ALA K 118 50.06 53.25 20.58
CA ALA K 118 51.33 53.55 19.93
C ALA K 118 51.20 53.89 18.45
N SER K 119 50.17 53.38 17.78
CA SER K 119 49.96 53.65 16.36
C SER K 119 49.88 55.13 16.02
N GLY K 120 48.98 55.85 16.71
CA GLY K 120 48.68 57.21 16.32
C GLY K 120 47.77 57.22 15.10
N ASP K 121 48.22 57.91 14.05
CA ASP K 121 47.51 58.02 12.77
C ASP K 121 47.28 56.66 12.11
N LYS K 122 47.86 55.59 12.66
CA LYS K 122 48.06 54.37 11.88
C LYS K 122 47.11 53.25 12.22
N LEU K 123 46.93 52.41 11.22
CA LEU K 123 45.99 51.30 11.29
C LEU K 123 46.60 50.14 12.09
N VAL K 124 45.83 49.58 13.03
CA VAL K 124 46.35 48.45 13.81
C VAL K 124 45.50 47.20 13.62
N LYS K 125 46.14 46.12 13.17
CA LYS K 125 45.47 44.84 13.10
C LYS K 125 45.95 43.97 14.26
N VAL K 126 45.03 43.18 14.83
CA VAL K 126 45.37 42.27 15.91
C VAL K 126 45.29 40.82 15.45
N ILE K 127 46.43 40.13 15.47
CA ILE K 127 46.48 38.72 15.12
C ILE K 127 46.07 37.88 16.32
N ILE K 128 45.01 37.11 16.17
CA ILE K 128 44.48 36.33 17.29
C ILE K 128 45.09 34.93 17.30
N GLU K 129 45.39 34.38 16.12
CA GLU K 129 46.00 33.06 16.00
C GLU K 129 44.92 32.02 16.28
N ALA K 130 43.82 32.11 15.54
CA ALA K 130 42.67 31.23 15.75
C ALA K 130 42.91 29.71 15.72
N CYS K 131 44.11 29.26 15.39
CA CYS K 131 44.35 27.83 15.29
C CYS K 131 44.70 27.28 16.66
N LEU K 132 45.10 28.17 17.56
CA LEU K 132 45.39 27.78 18.93
C LEU K 132 44.21 28.04 19.86
N LEU K 133 43.09 28.52 19.32
CA LEU K 133 41.95 28.88 20.16
C LEU K 133 40.69 28.06 19.92
N THR K 134 39.87 27.96 20.96
CA THR K 134 38.49 27.49 20.85
C THR K 134 37.64 28.57 20.19
N ASP K 135 36.42 28.22 19.79
CA ASP K 135 35.53 29.20 19.19
C ASP K 135 35.25 30.35 20.15
N ASP K 136 34.99 30.02 21.42
CA ASP K 136 34.72 31.04 22.43
C ASP K 136 35.90 32.01 22.59
N GLU K 137 37.10 31.48 22.51
CA GLU K 137 38.29 32.31 22.66
C GLU K 137 38.53 33.16 21.41
N LYS K 138 38.12 32.66 20.25
CA LYS K 138 38.18 33.46 19.05
C LYS K 138 37.26 34.66 19.22
N VAL K 139 36.02 34.38 19.63
CA VAL K 139 35.04 35.42 19.86
C VAL K 139 35.58 36.46 20.84
N LYS K 140 36.08 35.99 21.98
CA LYS K 140 36.56 36.87 23.04
C LYS K 140 37.79 37.66 22.64
N ALA K 141 38.67 37.03 21.87
CA ALA K 141 39.86 37.73 21.39
C ALA K 141 39.45 38.87 20.48
N CYS K 142 38.46 38.62 19.62
CA CYS K 142 37.96 39.67 18.72
C CYS K 142 37.28 40.79 19.51
N GLN K 143 36.44 40.43 20.48
CA GLN K 143 35.77 41.45 21.30
C GLN K 143 36.79 42.30 22.05
N LEU K 144 37.85 41.69 22.56
CA LEU K 144 38.88 42.46 23.26
C LEU K 144 39.66 43.34 22.30
N SER K 145 39.88 42.86 21.07
CA SER K 145 40.60 43.67 20.11
C SER K 145 39.76 44.84 19.61
N GLN K 146 38.44 44.71 19.69
CA GLN K 146 37.60 45.81 19.23
C GLN K 146 37.37 46.75 20.38
N GLU K 147 37.46 46.22 21.60
CA GLU K 147 37.30 47.05 22.78
C GLU K 147 38.51 47.93 22.99
N ALA K 148 39.71 47.37 22.83
CA ALA K 148 40.95 48.15 22.81
C ALA K 148 41.03 49.13 21.63
N GLY K 149 40.03 49.05 20.77
CA GLY K 149 39.91 49.89 19.59
C GLY K 149 40.94 49.65 18.49
N ALA K 150 41.01 48.43 17.99
CA ALA K 150 41.88 48.23 16.84
C ALA K 150 41.00 48.27 15.62
N ASP K 151 41.59 48.18 14.44
CA ASP K 151 40.89 48.60 13.22
C ASP K 151 40.62 47.34 12.41
N TYR K 152 41.40 46.31 12.72
CA TYR K 152 41.32 45.00 12.07
C TYR K 152 41.57 43.86 13.04
N VAL K 153 41.06 42.68 12.70
CA VAL K 153 41.45 41.44 13.37
C VAL K 153 41.92 40.45 12.30
N LYS K 154 43.02 39.74 12.60
CA LYS K 154 43.66 38.87 11.63
C LYS K 154 43.70 37.41 12.11
N THR K 155 43.51 36.44 11.22
CA THR K 155 43.33 35.07 11.70
C THR K 155 44.59 34.36 12.11
N SER K 156 45.74 34.76 11.59
CA SER K 156 46.91 33.91 11.70
C SER K 156 48.24 34.63 11.51
N THR K 157 49.28 34.08 12.11
CA THR K 157 50.63 34.56 11.89
C THR K 157 51.23 33.84 10.70
N GLY K 158 50.74 32.63 10.45
CA GLY K 158 51.33 31.73 9.47
C GLY K 158 52.55 30.99 9.99
N PHE K 159 52.76 31.05 11.29
CA PHE K 159 53.89 30.35 11.88
C PHE K 159 53.43 29.34 12.88
N SER K 160 52.13 29.04 12.87
CA SER K 160 51.58 28.03 13.77
C SER K 160 50.96 26.87 13.00
N THR K 161 50.11 26.10 13.68
CA THR K 161 49.63 24.86 13.12
C THR K 161 48.59 25.07 12.03
N GLY K 162 47.86 26.17 12.09
CA GLY K 162 46.80 26.41 11.12
C GLY K 162 46.67 27.84 10.63
N GLY K 163 46.00 27.99 9.48
CA GLY K 163 45.72 29.31 8.93
C GLY K 163 44.23 29.62 8.91
N ALA K 164 43.82 30.51 8.02
CA ALA K 164 42.43 30.92 7.93
C ALA K 164 41.51 29.81 7.44
N THR K 165 40.38 29.69 8.13
CA THR K 165 39.28 28.84 7.66
C THR K 165 38.14 29.81 7.44
N VAL K 166 37.26 29.50 6.49
CA VAL K 166 36.15 30.40 6.21
C VAL K 166 35.27 30.51 7.45
N ALA K 167 35.14 29.42 8.20
CA ALA K 167 34.33 29.45 9.42
C ALA K 167 34.89 30.44 10.43
N ASP K 168 36.21 30.45 10.60
CA ASP K 168 36.82 31.37 11.53
C ASP K 168 36.62 32.81 11.08
N VAL K 169 36.82 33.06 9.79
CA VAL K 169 36.61 34.40 9.25
C VAL K 169 35.18 34.88 9.46
N ALA K 170 34.23 34.02 9.14
CA ALA K 170 32.81 34.33 9.30
C ALA K 170 32.49 34.64 10.75
N LEU K 171 33.00 33.81 11.66
CA LEU K 171 32.75 33.97 13.08
C LEU K 171 33.31 35.31 13.56
N MET K 172 34.51 35.64 13.09
CA MET K 172 35.16 36.90 13.43
C MET K 172 34.33 38.09 12.93
N ARG K 173 33.80 37.98 11.71
CA ARG K 173 32.92 39.02 11.14
C ARG K 173 31.59 39.17 11.90
N LYS K 174 31.00 38.04 12.28
CA LYS K 174 29.79 38.06 13.09
C LYS K 174 30.06 38.76 14.40
N THR K 175 31.26 38.61 14.91
CA THR K 175 31.57 39.18 16.19
C THR K 175 31.85 40.65 16.13
N VAL K 176 32.65 41.09 15.19
CA VAL K 176 33.12 42.46 15.16
C VAL K 176 32.18 43.36 14.39
N GLY K 177 31.19 42.77 13.76
CA GLY K 177 30.24 43.55 12.99
C GLY K 177 30.92 43.97 11.73
N PRO K 178 30.19 44.84 10.90
CA PRO K 178 30.86 45.14 9.65
C PRO K 178 31.59 46.47 9.63
N ASP K 179 31.64 47.16 10.75
CA ASP K 179 32.43 48.37 10.95
C ASP K 179 33.93 48.07 10.78
N MET K 180 34.39 47.03 11.45
CA MET K 180 35.82 46.74 11.64
C MET K 180 36.28 45.67 10.67
N GLY K 181 37.58 45.60 10.37
CA GLY K 181 38.00 44.69 9.33
C GLY K 181 38.32 43.28 9.78
N VAL K 182 38.44 42.40 8.80
CA VAL K 182 38.73 41.00 9.05
C VAL K 182 39.75 40.56 8.02
N LYS K 183 40.95 40.18 8.49
CA LYS K 183 42.00 39.77 7.57
C LYS K 183 42.26 38.27 7.64
N ALA K 184 42.09 37.59 6.52
CA ALA K 184 42.40 36.18 6.40
C ALA K 184 43.85 36.02 5.98
N SER K 185 44.67 35.43 6.85
CA SER K 185 46.09 35.31 6.57
C SER K 185 46.58 33.87 6.57
N GLY K 186 45.66 32.94 6.41
CA GLY K 186 46.05 31.55 6.32
C GLY K 186 46.53 31.14 4.94
N GLY K 187 45.92 30.09 4.41
CA GLY K 187 46.28 29.58 3.11
C GLY K 187 45.32 29.97 2.01
N ALA K 188 45.54 31.14 1.43
CA ALA K 188 44.95 31.44 0.13
C ALA K 188 45.98 31.15 -0.97
N ARG K 189 45.69 30.17 -1.82
CA ARG K 189 46.73 29.73 -2.73
C ARG K 189 46.13 29.79 -4.12
N SER K 190 45.00 30.50 -4.22
CA SER K 190 44.27 30.63 -5.46
C SER K 190 43.28 31.79 -5.40
N TYR K 191 42.75 32.13 -6.56
CA TYR K 191 41.71 33.14 -6.69
C TYR K 191 40.46 32.66 -5.93
N GLU K 192 40.22 31.37 -6.02
CA GLU K 192 39.03 30.74 -5.43
C GLU K 192 39.04 30.73 -3.91
N ASP K 193 40.23 30.60 -3.35
CA ASP K 193 40.46 30.62 -1.91
C ASP K 193 40.17 32.00 -1.38
N ALA K 194 40.70 32.97 -2.11
CA ALA K 194 40.56 34.37 -1.76
C ALA K 194 39.09 34.76 -1.79
N ILE K 195 38.38 34.38 -2.85
CA ILE K 195 36.98 34.76 -2.94
C ILE K 195 36.18 34.07 -1.84
N ALA K 196 36.59 32.86 -1.46
CA ALA K 196 35.93 32.18 -0.34
C ALA K 196 36.09 32.96 0.98
N PHE K 197 37.29 33.48 1.21
CA PHE K 197 37.54 34.24 2.45
C PHE K 197 36.84 35.59 2.43
N ILE K 198 36.74 36.20 1.26
CA ILE K 198 36.11 37.53 1.15
C ILE K 198 34.60 37.39 1.35
N GLU K 199 34.04 36.36 0.77
CA GLU K 199 32.62 36.10 0.87
C GLU K 199 32.27 35.55 2.21
N ALA K 200 33.22 35.51 3.10
CA ALA K 200 32.97 35.03 4.43
C ALA K 200 33.01 36.21 5.35
N GLY K 201 33.76 37.23 4.97
CA GLY K 201 33.76 38.44 5.74
C GLY K 201 35.06 39.18 5.66
N ALA K 202 35.99 38.63 4.93
CA ALA K 202 37.32 39.16 4.90
C ALA K 202 37.41 40.43 4.12
N SER K 203 37.73 41.51 4.80
CA SER K 203 38.15 42.74 4.15
C SER K 203 39.57 42.75 3.58
N ARG K 204 40.48 42.00 4.17
CA ARG K 204 41.81 41.88 3.59
C ARG K 204 42.33 40.45 3.65
N ILE K 205 43.35 40.16 2.84
CA ILE K 205 43.95 38.85 2.77
C ILE K 205 45.47 38.95 2.85
N GLY K 206 46.10 38.13 3.70
CA GLY K 206 47.54 38.08 3.71
C GLY K 206 47.95 36.92 2.83
N ALA K 207 48.96 37.10 1.96
CA ALA K 207 49.46 35.91 1.25
C ALA K 207 50.81 36.07 0.57
N SER K 208 51.33 34.94 0.13
CA SER K 208 52.49 34.89 -0.71
C SER K 208 52.14 34.90 -2.19
N SER K 209 50.89 35.11 -2.54
CA SER K 209 50.46 35.16 -3.93
C SER K 209 49.85 36.52 -4.22
N GLY K 210 49.46 36.80 -5.47
CA GLY K 210 49.61 35.90 -6.59
C GLY K 210 50.16 36.47 -7.90
N VAL K 211 49.88 35.81 -9.03
CA VAL K 211 49.10 34.59 -9.06
C VAL K 211 47.74 35.01 -8.56
N ALA K 212 46.81 34.09 -8.36
CA ALA K 212 45.53 34.47 -7.74
C ALA K 212 44.89 35.60 -8.50
N ILE K 213 45.60 36.69 -8.62
CA ILE K 213 45.22 37.75 -9.49
C ILE K 213 45.31 37.27 -10.95
N MET K 214 45.38 35.97 -11.15
CA MET K 214 45.08 35.36 -12.43
C MET K 214 43.84 34.56 -12.18
N ASN K 215 43.01 34.36 -13.20
CA ASN K 215 41.80 33.56 -13.00
C ASN K 215 40.95 33.36 -14.24
N MET L 4 82.31 17.52 35.63
CA MET L 4 81.29 17.19 36.61
C MET L 4 79.94 17.87 36.32
N LYS L 5 79.00 17.69 37.24
CA LYS L 5 77.69 18.34 37.18
C LYS L 5 76.69 17.58 36.31
N LEU L 6 75.51 18.16 36.15
CA LEU L 6 74.59 17.82 35.10
C LEU L 6 73.44 18.75 35.27
N ASN L 7 72.67 18.52 36.31
CA ASN L 7 71.58 19.45 36.50
C ASN L 7 71.93 20.90 36.29
N LYS L 8 73.18 21.29 36.46
CA LYS L 8 73.54 22.68 36.18
C LYS L 8 74.04 22.89 34.74
N TYR L 9 73.67 21.98 33.84
CA TYR L 9 73.86 22.25 32.42
C TYR L 9 72.52 22.59 31.75
N ILE L 10 71.44 22.63 32.53
CA ILE L 10 70.10 22.63 31.94
C ILE L 10 69.31 23.91 32.17
N ASP L 11 68.85 24.51 31.07
CA ASP L 11 67.91 25.61 31.15
C ASP L 11 66.50 25.06 30.92
N HIS L 12 65.69 25.06 31.97
CA HIS L 12 64.35 24.51 31.89
C HIS L 12 63.48 25.49 31.14
N THR L 13 63.06 25.10 29.94
CA THR L 13 62.47 26.00 28.95
C THR L 13 61.01 25.74 28.64
N ILE L 14 60.22 26.81 28.60
CA ILE L 14 58.86 26.71 28.11
C ILE L 14 58.58 27.98 27.29
N LEU L 15 58.37 27.81 25.99
CA LEU L 15 58.25 29.00 25.13
C LEU L 15 57.10 29.00 24.13
N LYS L 16 56.24 27.99 24.19
CA LYS L 16 55.16 27.93 23.21
C LYS L 16 54.22 29.12 23.40
N PRO L 17 53.66 29.64 22.31
CA PRO L 17 52.82 30.83 22.38
C PRO L 17 51.57 30.63 23.23
N GLU L 18 51.07 29.39 23.33
CA GLU L 18 49.83 29.12 24.05
C GLU L 18 50.04 28.76 25.52
N THR L 19 51.27 28.89 26.03
CA THR L 19 51.56 28.53 27.42
C THR L 19 50.94 29.46 28.45
N THR L 20 50.31 28.85 29.44
CA THR L 20 49.62 29.52 30.53
C THR L 20 50.48 29.71 31.77
N GLN L 21 49.95 30.48 32.72
CA GLN L 21 50.67 30.76 33.95
C GLN L 21 50.90 29.48 34.76
N GLU L 22 49.94 28.56 34.74
CA GLU L 22 50.11 27.33 35.49
C GLU L 22 51.24 26.45 34.94
N GLN L 23 51.37 26.38 33.62
CA GLN L 23 52.45 25.58 33.01
C GLN L 23 53.80 26.17 33.33
N VAL L 24 53.90 27.49 33.26
CA VAL L 24 55.11 28.21 33.66
C VAL L 24 55.44 27.96 35.13
N GLU L 25 54.42 27.99 35.99
CA GLU L 25 54.62 27.82 37.42
C GLU L 25 55.11 26.42 37.73
N LYS L 26 54.65 25.45 36.95
CA LYS L 26 55.12 24.08 37.13
C LYS L 26 56.57 24.00 36.63
N ILE L 27 56.90 24.77 35.59
CA ILE L 27 58.29 24.83 35.13
C ILE L 27 59.21 25.39 36.24
N LEU L 28 58.73 26.42 36.94
CA LEU L 28 59.49 27.00 38.03
C LEU L 28 59.65 26.01 39.19
N ALA L 29 58.57 25.30 39.50
CA ALA L 29 58.62 24.28 40.55
C ALA L 29 59.66 23.22 40.24
N GLU L 30 59.56 22.61 39.06
CA GLU L 30 60.50 21.55 38.70
C GLU L 30 61.92 22.09 38.64
N ALA L 31 62.08 23.34 38.23
CA ALA L 31 63.40 23.97 38.16
C ALA L 31 64.00 24.07 39.57
N LYS L 32 63.18 24.45 40.55
CA LYS L 32 63.66 24.46 41.94
C LYS L 32 63.98 23.05 42.43
N GLU L 33 63.18 22.07 42.02
CA GLU L 33 63.36 20.73 42.54
C GLU L 33 64.66 20.07 42.10
N TYR L 34 64.95 20.07 40.80
CA TYR L 34 66.16 19.40 40.35
C TYR L 34 67.31 20.37 40.19
N ASP L 35 67.33 21.37 41.06
CA ASP L 35 68.27 22.51 40.98
C ASP L 35 68.89 22.72 39.60
N PHE L 36 68.08 23.12 38.61
CA PHE L 36 68.56 23.32 37.26
C PHE L 36 69.37 24.60 37.14
N ALA L 37 70.04 24.77 36.00
CA ALA L 37 70.84 25.96 35.76
C ALA L 37 69.96 27.21 35.73
N SER L 38 68.89 27.16 34.95
CA SER L 38 67.99 28.31 34.86
C SER L 38 66.59 27.94 34.32
N VAL L 39 65.70 28.91 34.37
CA VAL L 39 64.41 28.83 33.68
C VAL L 39 64.47 29.70 32.42
N CYS L 40 63.87 29.23 31.33
CA CYS L 40 63.79 30.03 30.12
C CYS L 40 62.34 30.32 29.72
N VAL L 41 61.94 31.59 29.77
CA VAL L 41 60.60 31.96 29.37
C VAL L 41 60.58 33.20 28.49
N ASN L 42 59.49 33.38 27.77
CA ASN L 42 59.27 34.58 26.99
C ASN L 42 59.18 35.75 27.94
N PRO L 43 59.50 36.96 27.46
CA PRO L 43 59.55 38.15 28.33
C PRO L 43 58.36 38.31 29.28
N THR L 44 57.15 37.99 28.83
CA THR L 44 55.95 38.25 29.63
C THR L 44 55.89 37.51 30.97
N TRP L 45 56.69 36.45 31.12
CA TRP L 45 56.66 35.68 32.36
C TRP L 45 57.87 35.96 33.25
N VAL L 46 58.77 36.81 32.78
CA VAL L 46 60.02 37.04 33.51
C VAL L 46 59.84 37.41 34.98
N ALA L 47 59.06 38.46 35.27
CA ALA L 47 58.81 38.90 36.65
C ALA L 47 58.35 37.75 37.54
N LEU L 48 57.30 37.06 37.10
CA LEU L 48 56.74 35.96 37.89
C LEU L 48 57.84 34.93 38.14
N ALA L 49 58.63 34.66 37.12
CA ALA L 49 59.70 33.69 37.25
C ALA L 49 60.72 34.20 38.27
N ALA L 50 61.02 35.49 38.19
CA ALA L 50 62.01 36.11 39.05
C ALA L 50 61.64 35.97 40.54
N GLU L 51 60.42 36.40 40.88
CA GLU L 51 60.04 36.42 42.29
C GLU L 51 59.73 35.00 42.75
N SER L 52 59.47 34.11 41.81
CA SER L 52 59.30 32.73 42.19
C SER L 52 60.69 32.11 42.39
N LEU L 53 61.71 32.63 41.73
CA LEU L 53 63.02 31.98 41.76
C LEU L 53 64.06 32.70 42.60
N LYS L 54 63.67 33.81 43.20
CA LYS L 54 64.49 34.38 44.26
C LYS L 54 64.55 33.30 45.34
N ASP L 55 65.66 33.27 46.09
CA ASP L 55 65.90 32.26 47.13
C ASP L 55 66.32 30.93 46.52
N SER L 56 66.88 31.00 45.31
CA SER L 56 67.47 29.82 44.68
C SER L 56 68.65 30.25 43.79
N ASP L 57 69.51 29.29 43.43
CA ASP L 57 70.62 29.59 42.52
C ASP L 57 70.19 29.27 41.08
N VAL L 58 68.89 29.13 40.90
CA VAL L 58 68.30 28.87 39.59
C VAL L 58 67.93 30.22 39.02
N LYS L 59 68.73 30.68 38.06
CA LYS L 59 68.56 32.01 37.49
C LYS L 59 67.43 31.99 36.46
N VAL L 60 66.97 33.16 36.03
CA VAL L 60 65.91 33.21 35.04
C VAL L 60 66.44 33.74 33.70
N CYS L 61 66.13 33.00 32.65
CA CYS L 61 66.60 33.32 31.31
C CYS L 61 65.43 33.71 30.40
N THR L 62 65.62 34.71 29.55
CA THR L 62 64.55 35.08 28.64
C THR L 62 65.09 35.31 27.22
N VAL L 63 64.18 35.51 26.27
CA VAL L 63 64.55 35.59 24.86
C VAL L 63 64.22 36.92 24.22
N ILE L 64 65.08 37.36 23.31
CA ILE L 64 64.98 38.65 22.66
C ILE L 64 64.92 38.49 21.15
N GLY L 65 63.98 39.20 20.52
CA GLY L 65 63.78 39.10 19.08
C GLY L 65 63.43 37.67 18.70
N PHE L 66 62.56 37.07 19.51
CA PHE L 66 62.37 35.64 19.45
C PHE L 66 61.07 35.26 18.72
N PRO L 67 61.12 34.21 17.90
CA PRO L 67 62.32 33.46 17.53
C PRO L 67 62.85 33.74 16.13
N LEU L 68 62.35 34.78 15.47
CA LEU L 68 62.68 34.99 14.06
C LEU L 68 63.88 35.92 13.91
N GLY L 69 64.16 36.71 14.94
CA GLY L 69 65.31 37.60 14.96
C GLY L 69 65.31 38.67 13.90
N ALA L 70 64.13 39.02 13.41
CA ALA L 70 64.03 39.97 12.31
C ALA L 70 63.55 41.32 12.85
N ASN L 71 63.85 41.56 14.12
CA ASN L 71 63.55 42.85 14.72
C ASN L 71 64.74 43.79 14.53
N THR L 72 64.50 45.10 14.64
CA THR L 72 65.56 46.10 14.52
C THR L 72 66.44 46.10 15.78
N PRO L 73 67.71 46.53 15.63
CA PRO L 73 68.60 46.55 16.79
C PRO L 73 68.04 47.38 17.94
N ALA L 74 67.36 48.47 17.62
CA ALA L 74 66.81 49.34 18.65
C ALA L 74 65.82 48.62 19.57
N VAL L 75 64.88 47.91 18.97
CA VAL L 75 63.88 47.20 19.72
C VAL L 75 64.47 46.01 20.46
N LYS L 76 65.47 45.34 19.86
CA LYS L 76 66.11 44.22 20.55
C LYS L 76 66.80 44.69 21.82
N ALA L 77 67.49 45.82 21.71
CA ALA L 77 68.14 46.42 22.87
C ALA L 77 67.10 46.84 23.93
N PHE L 78 66.03 47.48 23.48
CA PHE L 78 65.00 47.94 24.41
C PHE L 78 64.34 46.77 25.13
N GLU L 79 64.13 45.68 24.40
CA GLU L 79 63.52 44.48 24.98
C GLU L 79 64.48 43.82 25.97
N THR L 80 65.78 43.94 25.73
CA THR L 80 66.75 43.40 26.68
C THR L 80 66.74 44.24 27.97
N LYS L 81 66.59 45.55 27.84
CA LYS L 81 66.61 46.44 29.00
C LYS L 81 65.32 46.29 29.78
N ASP L 82 64.24 45.97 29.07
CA ASP L 82 62.94 45.72 29.68
C ASP L 82 62.95 44.40 30.43
N ALA L 83 63.62 43.41 29.83
CA ALA L 83 63.74 42.09 30.42
C ALA L 83 64.60 42.06 31.67
N ILE L 84 65.71 42.80 31.65
CA ILE L 84 66.58 42.84 32.83
C ILE L 84 65.89 43.63 33.93
N SER L 85 65.16 44.68 33.54
CA SER L 85 64.40 45.45 34.52
C SER L 85 63.24 44.63 35.13
N ASN L 86 62.91 43.50 34.53
CA ASN L 86 61.86 42.63 35.08
C ASN L 86 62.38 41.48 35.95
N GLY L 87 63.70 41.34 36.08
CA GLY L 87 64.23 40.16 36.74
C GLY L 87 65.15 39.18 36.03
N ALA L 88 65.34 39.37 34.74
CA ALA L 88 66.14 38.41 33.97
C ALA L 88 67.60 38.43 34.39
N ASP L 89 68.21 37.25 34.42
CA ASP L 89 69.61 37.14 34.77
C ASP L 89 70.42 36.67 33.56
N GLU L 90 69.70 36.27 32.51
CA GLU L 90 70.32 35.83 31.26
C GLU L 90 69.43 36.14 30.06
N ILE L 91 70.07 36.41 28.93
CA ILE L 91 69.41 36.85 27.72
C ILE L 91 69.80 36.00 26.51
N ASP L 92 68.84 35.32 25.89
CA ASP L 92 69.10 34.64 24.61
C ASP L 92 68.45 35.39 23.46
N MET L 93 69.27 36.06 22.67
CA MET L 93 68.77 36.80 21.50
C MET L 93 68.83 35.95 20.24
N VAL L 94 67.97 36.26 19.27
CA VAL L 94 68.09 35.62 17.97
C VAL L 94 68.93 36.53 17.07
N ILE L 95 69.94 35.97 16.42
CA ILE L 95 70.72 36.69 15.43
C ILE L 95 69.80 37.13 14.27
N ASN L 96 70.14 38.20 13.57
CA ASN L 96 69.40 38.59 12.37
C ASN L 96 69.76 37.64 11.23
N ILE L 97 69.02 36.54 11.15
CA ILE L 97 69.27 35.50 10.17
C ILE L 97 69.17 36.03 8.75
N GLY L 98 68.15 36.84 8.50
CA GLY L 98 67.96 37.37 7.17
C GLY L 98 69.13 38.22 6.72
N ALA L 99 69.62 39.08 7.61
CA ALA L 99 70.75 39.94 7.26
C ALA L 99 72.01 39.11 7.05
N LEU L 100 72.23 38.13 7.92
CA LEU L 100 73.42 37.29 7.82
C LEU L 100 73.42 36.49 6.53
N LYS L 101 72.24 36.08 6.10
CA LYS L 101 72.16 35.30 4.89
C LYS L 101 72.29 36.22 3.67
N THR L 102 71.88 37.48 3.81
CA THR L 102 72.06 38.48 2.76
C THR L 102 73.54 38.80 2.53
N GLY L 103 74.28 38.95 3.62
CA GLY L 103 75.71 39.21 3.58
C GLY L 103 76.01 40.51 4.29
N ASN L 104 75.06 40.94 5.13
CA ASN L 104 75.11 42.25 5.77
C ASN L 104 75.74 42.22 7.15
N TYR L 105 76.94 41.62 7.23
CA TYR L 105 77.67 41.45 8.48
C TYR L 105 77.71 42.67 9.41
N ASP L 106 77.75 43.88 8.84
CA ASP L 106 77.73 45.11 9.65
C ASP L 106 76.48 45.19 10.51
N LEU L 107 75.33 44.91 9.90
CA LEU L 107 74.07 44.99 10.62
C LEU L 107 73.96 43.86 11.66
N VAL L 108 74.44 42.66 11.30
CA VAL L 108 74.46 41.55 12.26
C VAL L 108 75.27 41.92 13.50
N LEU L 109 76.45 42.49 13.26
CA LEU L 109 77.34 42.88 14.35
C LEU L 109 76.76 44.02 15.19
N GLU L 110 76.23 45.04 14.52
CA GLU L 110 75.59 46.16 15.21
C GLU L 110 74.45 45.67 16.08
N ASP L 111 73.69 44.72 15.55
CA ASP L 111 72.55 44.13 16.23
C ASP L 111 73.00 43.49 17.56
N ILE L 112 73.94 42.54 17.45
CA ILE L 112 74.40 41.85 18.65
C ILE L 112 75.05 42.83 19.64
N LYS L 113 75.79 43.80 19.10
CA LYS L 113 76.48 44.79 19.91
C LYS L 113 75.49 45.67 20.66
N ALA L 114 74.39 45.97 19.97
CA ALA L 114 73.30 46.75 20.54
C ALA L 114 72.72 46.00 21.72
N VAL L 115 72.61 44.67 21.59
CA VAL L 115 72.08 43.89 22.69
C VAL L 115 73.04 43.80 23.87
N VAL L 116 74.34 43.60 23.61
CA VAL L 116 75.32 43.51 24.70
C VAL L 116 75.46 44.84 25.44
N ALA L 117 75.30 45.94 24.70
CA ALA L 117 75.37 47.26 25.31
C ALA L 117 74.23 47.42 26.32
N ALA L 118 73.13 46.72 26.07
CA ALA L 118 71.99 46.77 26.98
C ALA L 118 72.00 45.63 27.99
N SER L 119 72.93 44.70 27.82
CA SER L 119 73.10 43.59 28.74
C SER L 119 73.43 44.11 30.13
N GLY L 120 74.44 44.97 30.19
CA GLY L 120 75.01 45.34 31.46
C GLY L 120 75.96 44.24 31.90
N ASP L 121 75.68 43.67 33.06
CA ASP L 121 76.56 42.71 33.71
C ASP L 121 76.12 41.29 33.36
N LYS L 122 75.14 41.18 32.47
CA LYS L 122 74.36 39.95 32.38
C LYS L 122 74.78 39.13 31.17
N LEU L 123 74.52 37.83 31.25
CA LEU L 123 74.95 36.88 30.25
C LEU L 123 74.11 37.00 28.95
N VAL L 124 74.77 37.10 27.80
CA VAL L 124 74.05 37.16 26.53
C VAL L 124 74.39 35.99 25.61
N LYS L 125 73.38 35.22 25.25
CA LYS L 125 73.59 34.15 24.29
C LYS L 125 73.00 34.54 22.93
N VAL L 126 73.70 34.18 21.86
CA VAL L 126 73.21 34.46 20.51
C VAL L 126 72.77 33.19 19.82
N ILE L 127 71.49 33.10 19.49
CA ILE L 127 70.96 31.96 18.76
C ILE L 127 71.26 32.13 17.28
N ILE L 128 71.98 31.18 16.71
CA ILE L 128 72.39 31.28 15.32
C ILE L 128 71.33 30.66 14.44
N GLU L 129 70.64 29.62 14.95
CA GLU L 129 69.58 28.92 14.21
C GLU L 129 70.30 28.13 13.13
N ALA L 130 71.25 27.31 13.53
CA ALA L 130 72.06 26.54 12.60
C ALA L 130 71.29 25.66 11.59
N CYS L 131 69.97 25.58 11.69
CA CYS L 131 69.28 24.68 10.78
C CYS L 131 68.98 25.40 9.46
N LEU L 132 69.06 26.72 9.47
CA LEU L 132 68.86 27.53 8.28
C LEU L 132 70.17 27.97 7.61
N LEU L 133 71.30 27.51 8.15
CA LEU L 133 72.60 27.96 7.65
C LEU L 133 73.47 26.86 7.02
N THR L 134 74.36 27.27 6.11
CA THR L 134 75.46 26.41 5.68
C THR L 134 76.49 26.35 6.81
N ASP L 135 77.42 25.40 6.74
CA ASP L 135 78.44 25.27 7.78
C ASP L 135 79.29 26.54 7.89
N ASP L 136 79.65 27.10 6.74
CA ASP L 136 80.44 28.33 6.69
C ASP L 136 79.71 29.47 7.39
N GLU L 137 78.39 29.52 7.21
CA GLU L 137 77.60 30.56 7.83
C GLU L 137 77.46 30.35 9.33
N LYS L 138 77.47 29.09 9.78
CA LYS L 138 77.47 28.81 11.21
C LYS L 138 78.74 29.39 11.78
N VAL L 139 79.86 29.10 11.12
CA VAL L 139 81.14 29.63 11.55
C VAL L 139 81.13 31.15 11.63
N LYS L 140 80.68 31.80 10.56
CA LYS L 140 80.72 33.25 10.55
C LYS L 140 79.78 33.84 11.59
N ALA L 141 78.67 33.14 11.85
CA ALA L 141 77.73 33.58 12.86
C ALA L 141 78.37 33.57 14.24
N CYS L 142 79.10 32.49 14.52
CA CYS L 142 79.75 32.37 15.81
C CYS L 142 80.81 33.46 15.94
N GLN L 143 81.58 33.66 14.87
CA GLN L 143 82.60 34.69 14.88
C GLN L 143 82.02 36.08 15.07
N LEU L 144 80.89 36.35 14.44
CA LEU L 144 80.27 37.65 14.59
C LEU L 144 79.72 37.85 15.99
N SER L 145 79.20 36.78 16.58
CA SER L 145 78.66 36.91 17.92
C SER L 145 79.79 37.07 18.94
N GLN L 146 80.97 36.56 18.61
CA GLN L 146 82.05 36.67 19.57
C GLN L 146 82.77 38.00 19.40
N GLU L 147 82.73 38.52 18.18
CA GLU L 147 83.35 39.78 17.88
C GLU L 147 82.55 40.93 18.46
N ALA L 148 81.23 40.82 18.39
CA ALA L 148 80.35 41.74 19.10
C ALA L 148 80.46 41.61 20.62
N GLY L 149 81.30 40.69 21.08
CA GLY L 149 81.53 40.46 22.50
C GLY L 149 80.36 39.88 23.27
N ALA L 150 79.87 38.72 22.82
CA ALA L 150 78.87 37.97 23.56
C ALA L 150 79.54 36.82 24.32
N ASP L 151 78.74 36.04 25.05
CA ASP L 151 79.31 35.07 25.98
C ASP L 151 78.99 33.62 25.60
N TYR L 152 77.95 33.45 24.80
CA TYR L 152 77.49 32.14 24.34
C TYR L 152 76.99 32.20 22.92
N VAL L 153 76.96 31.03 22.28
CA VAL L 153 76.23 30.83 21.04
C VAL L 153 75.31 29.66 21.30
N LYS L 154 74.07 29.79 20.84
CA LYS L 154 73.04 28.79 21.10
C LYS L 154 72.64 28.26 19.73
N THR L 155 72.37 26.97 19.63
CA THR L 155 72.19 26.37 18.30
C THR L 155 70.84 26.61 17.63
N SER L 156 69.81 26.89 18.41
CA SER L 156 68.46 26.84 17.87
C SER L 156 67.44 27.59 18.69
N THR L 157 66.39 28.06 18.04
CA THR L 157 65.29 28.66 18.76
C THR L 157 64.24 27.63 19.11
N GLY L 158 64.51 26.37 18.75
CA GLY L 158 63.49 25.31 18.73
C GLY L 158 62.19 25.58 17.97
N PHE L 159 62.18 26.61 17.12
CA PHE L 159 60.98 26.97 16.36
C PHE L 159 61.15 26.91 14.84
N SER L 160 62.23 26.28 14.40
CA SER L 160 62.49 26.12 12.97
C SER L 160 62.52 24.62 12.64
N THR L 161 63.15 24.27 11.53
CA THR L 161 63.05 22.91 11.00
C THR L 161 63.87 21.88 11.79
N GLY L 162 64.97 22.31 12.40
CA GLY L 162 65.85 21.41 13.11
C GLY L 162 66.41 21.98 14.40
N GLY L 163 66.94 21.10 15.26
CA GLY L 163 67.55 21.54 16.51
C GLY L 163 69.05 21.31 16.55
N ALA L 164 69.61 21.18 17.75
CA ALA L 164 71.05 21.00 17.90
C ALA L 164 71.51 19.66 17.35
N THR L 165 72.61 19.68 16.60
CA THR L 165 73.27 18.46 16.17
C THR L 165 74.67 18.38 16.75
N VAL L 166 75.17 17.17 16.97
CA VAL L 166 76.49 17.04 17.58
C VAL L 166 77.56 17.63 16.66
N ALA L 167 77.37 17.47 15.35
CA ALA L 167 78.33 18.03 14.39
C ALA L 167 78.37 19.56 14.47
N ASP L 168 77.19 20.16 14.58
CA ASP L 168 77.07 21.62 14.69
C ASP L 168 77.64 22.13 16.02
N VAL L 169 77.34 21.43 17.10
CA VAL L 169 77.88 21.82 18.39
C VAL L 169 79.39 21.76 18.37
N ALA L 170 79.92 20.66 17.84
CA ALA L 170 81.36 20.45 17.74
C ALA L 170 81.98 21.58 16.90
N LEU L 171 81.31 21.92 15.81
CA LEU L 171 81.76 22.99 14.92
C LEU L 171 81.79 24.35 15.62
N MET L 172 80.75 24.64 16.38
CA MET L 172 80.66 25.89 17.11
C MET L 172 81.77 25.98 18.16
N ARG L 173 81.99 24.87 18.86
CA ARG L 173 83.02 24.77 19.90
C ARG L 173 84.39 25.01 19.31
N LYS L 174 84.64 24.38 18.16
CA LYS L 174 85.89 24.58 17.44
C LYS L 174 86.05 26.02 16.97
N THR L 175 84.95 26.64 16.56
CA THR L 175 85.02 27.98 16.00
C THR L 175 85.30 29.06 17.03
N VAL L 176 84.64 28.97 18.17
CA VAL L 176 84.66 30.07 19.11
C VAL L 176 85.61 29.81 20.31
N GLY L 177 86.61 28.98 20.10
CA GLY L 177 87.60 28.76 21.13
C GLY L 177 86.90 28.39 22.41
N PRO L 178 87.71 28.15 23.53
CA PRO L 178 87.00 27.56 24.65
C PRO L 178 86.72 28.50 25.81
N ASP L 179 86.42 29.76 25.54
CA ASP L 179 86.06 30.67 26.62
C ASP L 179 84.60 31.09 26.54
N MET L 180 84.07 31.10 25.33
CA MET L 180 82.69 31.43 25.12
C MET L 180 81.96 30.15 25.38
N GLY L 181 80.69 30.22 25.72
CA GLY L 181 79.99 28.97 25.92
C GLY L 181 79.28 28.59 24.63
N VAL L 182 78.75 27.38 24.61
CA VAL L 182 77.99 26.91 23.46
C VAL L 182 76.82 26.12 24.06
N LYS L 183 75.62 26.56 23.71
CA LYS L 183 74.40 25.96 24.23
C LYS L 183 73.71 25.12 23.17
N ALA L 184 73.53 23.84 23.46
CA ALA L 184 72.79 22.94 22.60
C ALA L 184 71.33 23.00 23.00
N SER L 185 70.50 23.53 22.11
CA SER L 185 69.08 23.70 22.37
C SER L 185 68.24 23.02 21.32
N GLY L 186 67.36 22.13 21.78
CA GLY L 186 66.44 21.47 20.87
C GLY L 186 67.07 20.22 20.31
N GLY L 187 66.56 19.08 20.72
CA GLY L 187 67.09 17.82 20.24
C GLY L 187 67.36 16.91 21.41
N ALA L 188 67.63 17.48 22.59
CA ALA L 188 68.01 16.62 23.69
C ALA L 188 66.75 16.22 24.39
N ARG L 189 66.42 14.94 24.29
CA ARG L 189 65.14 14.43 24.78
C ARG L 189 65.32 13.22 25.64
N SER L 190 66.57 13.03 26.05
CA SER L 190 66.94 11.83 26.79
C SER L 190 68.30 12.05 27.43
N TYR L 191 68.64 11.17 28.36
CA TYR L 191 69.94 11.26 29.01
C TYR L 191 71.09 11.05 28.02
N GLU L 192 70.93 10.10 27.10
CA GLU L 192 72.01 9.78 26.17
C GLU L 192 72.24 10.91 25.16
N ASP L 193 71.18 11.66 24.87
CA ASP L 193 71.26 12.83 23.99
C ASP L 193 72.07 13.95 24.64
N ALA L 194 71.80 14.18 25.92
CA ALA L 194 72.45 15.22 26.68
C ALA L 194 73.94 14.99 26.74
N ILE L 195 74.35 13.78 27.12
CA ILE L 195 75.76 13.48 27.24
C ILE L 195 76.41 13.48 25.86
N ALA L 196 75.66 13.09 24.83
CA ALA L 196 76.21 13.17 23.49
C ALA L 196 76.56 14.62 23.16
N PHE L 197 75.69 15.55 23.53
CA PHE L 197 75.94 16.97 23.28
C PHE L 197 77.05 17.54 24.15
N ILE L 198 77.19 17.03 25.37
CA ILE L 198 78.17 17.56 26.31
C ILE L 198 79.59 17.24 25.83
N GLU L 199 79.75 16.01 25.37
CA GLU L 199 81.03 15.54 24.91
C GLU L 199 81.36 16.21 23.62
N ALA L 200 80.36 16.77 22.96
CA ALA L 200 80.62 17.42 21.70
C ALA L 200 81.19 18.77 21.98
N GLY L 201 80.88 19.32 23.15
CA GLY L 201 81.51 20.55 23.55
C GLY L 201 80.55 21.54 24.13
N ALA L 202 79.44 21.01 24.63
CA ALA L 202 78.35 21.83 25.08
C ALA L 202 78.51 22.23 26.51
N SER L 203 78.44 23.53 26.78
CA SER L 203 78.54 24.00 28.14
C SER L 203 77.16 24.07 28.77
N ARG L 204 76.14 24.23 27.93
CA ARG L 204 74.73 24.25 28.33
C ARG L 204 73.79 23.45 27.41
N ILE L 205 72.62 23.09 27.95
CA ILE L 205 71.59 22.34 27.21
C ILE L 205 70.19 22.97 27.38
N GLY L 206 69.46 23.18 26.29
CA GLY L 206 68.10 23.66 26.39
C GLY L 206 66.89 22.72 26.27
N ALA L 207 65.93 22.75 27.16
CA ALA L 207 65.04 21.64 26.99
C ALA L 207 63.79 21.68 27.74
N SER L 208 62.99 20.67 27.48
CA SER L 208 61.79 20.46 28.20
C SER L 208 62.03 19.07 28.69
N SER L 209 62.96 18.93 29.60
CA SER L 209 63.32 17.62 30.09
C SER L 209 64.04 17.65 31.41
N GLY L 210 63.79 16.62 32.20
CA GLY L 210 64.24 16.56 33.56
C GLY L 210 63.26 15.66 34.24
N VAL L 211 63.38 14.34 34.12
CA VAL L 211 64.22 13.56 33.23
C VAL L 211 65.11 14.23 32.19
N ALA L 212 66.39 13.91 32.17
CA ALA L 212 67.04 13.07 33.15
C ALA L 212 68.52 13.13 32.91
N ILE L 213 69.27 13.46 33.97
CA ILE L 213 68.60 13.76 35.25
C ILE L 213 67.51 12.78 35.75
N MET L 214 67.63 11.53 35.31
CA MET L 214 66.75 10.44 35.70
C MET L 214 67.52 9.16 35.40
N ASN L 215 68.72 9.34 34.85
CA ASN L 215 69.69 8.26 34.53
C ASN L 215 69.37 6.85 35.05
N MET M 4 16.14 7.05 4.18
CA MET M 4 16.20 7.34 5.61
C MET M 4 15.46 8.62 5.88
N LYS M 5 14.27 8.53 6.45
CA LYS M 5 13.51 9.72 6.71
C LYS M 5 13.93 10.30 8.02
N LEU M 6 13.61 11.57 8.20
CA LEU M 6 14.02 12.32 9.35
C LEU M 6 13.93 11.54 10.63
N ASN M 7 12.71 11.18 10.97
CA ASN M 7 12.42 10.44 12.18
C ASN M 7 13.45 9.44 12.58
N LYS M 8 14.28 9.03 11.62
CA LYS M 8 15.29 8.03 11.94
C LYS M 8 16.65 8.66 12.08
N TYR M 9 16.69 9.97 12.00
CA TYR M 9 17.92 10.69 12.16
C TYR M 9 18.02 11.24 13.58
N ILE M 10 17.10 10.87 14.45
CA ILE M 10 16.92 11.60 15.70
C ILE M 10 17.00 10.81 17.00
N ASP M 11 17.79 11.33 17.94
CA ASP M 11 17.83 10.82 19.31
C ASP M 11 17.07 11.79 20.19
N HIS M 12 15.88 11.34 20.60
CA HIS M 12 14.97 12.17 21.36
C HIS M 12 15.45 12.18 22.80
N THR M 13 15.99 13.33 23.19
CA THR M 13 16.82 13.39 24.38
C THR M 13 16.25 14.19 25.53
N ILE M 14 16.36 13.63 26.73
CA ILE M 14 16.10 14.39 27.95
C ILE M 14 17.13 13.96 28.98
N LEU M 15 17.98 14.90 29.38
CA LEU M 15 19.07 14.56 30.29
C LEU M 15 19.26 15.52 31.45
N LYS M 16 18.35 16.48 31.58
CA LYS M 16 18.43 17.45 32.66
C LYS M 16 18.27 16.71 33.99
N PRO M 17 19.01 17.13 35.02
CA PRO M 17 19.09 16.43 36.31
C PRO M 17 17.77 16.34 37.04
N GLU M 18 16.87 17.31 36.83
CA GLU M 18 15.62 17.40 37.58
C GLU M 18 14.49 16.68 36.89
N THR M 19 14.86 15.92 35.86
CA THR M 19 13.92 15.17 35.06
C THR M 19 13.25 14.06 35.84
N THR M 20 11.92 14.07 35.83
CA THR M 20 11.12 13.07 36.52
C THR M 20 10.66 11.97 35.57
N GLN M 21 10.12 10.90 36.17
CA GLN M 21 9.66 9.73 35.43
C GLN M 21 8.55 10.04 34.42
N GLU M 22 7.65 10.96 34.80
CA GLU M 22 6.56 11.35 33.93
C GLU M 22 7.08 12.00 32.65
N GLN M 23 8.13 12.81 32.81
CA GLN M 23 8.75 13.47 31.67
C GLN M 23 9.40 12.45 30.72
N VAL M 24 10.11 11.48 31.29
CA VAL M 24 10.72 10.42 30.51
C VAL M 24 9.64 9.65 29.77
N GLU M 25 8.52 9.38 30.45
CA GLU M 25 7.44 8.62 29.83
C GLU M 25 6.83 9.43 28.68
N LYS M 26 6.84 10.75 28.79
CA LYS M 26 6.36 11.56 27.68
C LYS M 26 7.34 11.51 26.50
N ILE M 27 8.65 11.47 26.80
CA ILE M 27 9.64 11.34 25.74
C ILE M 27 9.47 10.00 25.01
N LEU M 28 9.21 8.95 25.77
CA LEU M 28 8.99 7.62 25.21
C LEU M 28 7.74 7.58 24.36
N ALA M 29 6.68 8.25 24.84
CA ALA M 29 5.45 8.35 24.08
C ALA M 29 5.70 9.01 22.73
N GLU M 30 6.32 10.18 22.72
CA GLU M 30 6.59 10.88 21.46
C GLU M 30 7.51 10.06 20.56
N ALA M 31 8.43 9.33 21.17
CA ALA M 31 9.35 8.50 20.40
C ALA M 31 8.63 7.34 19.69
N LYS M 32 7.75 6.63 20.41
CA LYS M 32 6.99 5.56 19.78
C LYS M 32 6.05 6.14 18.72
N GLU M 33 5.53 7.33 18.99
CA GLU M 33 4.60 7.93 18.07
C GLU M 33 5.27 8.32 16.76
N TYR M 34 6.42 9.00 16.79
CA TYR M 34 7.01 9.44 15.51
C TYR M 34 8.12 8.54 14.98
N ASP M 35 8.03 7.25 15.27
CA ASP M 35 9.10 6.28 15.00
C ASP M 35 10.49 6.92 14.94
N PHE M 36 10.97 7.44 16.08
CA PHE M 36 12.29 8.07 16.12
C PHE M 36 13.36 7.01 16.11
N ALA M 37 14.60 7.43 15.89
CA ALA M 37 15.72 6.51 15.91
C ALA M 37 15.90 5.96 17.32
N SER M 38 15.91 6.84 18.32
CA SER M 38 16.08 6.43 19.73
C SER M 38 15.63 7.43 20.76
N VAL M 39 15.60 7.00 22.03
CA VAL M 39 15.50 7.96 23.11
C VAL M 39 16.84 8.03 23.80
N CYS M 40 17.20 9.22 24.26
CA CYS M 40 18.45 9.37 25.00
C CYS M 40 18.08 9.77 26.42
N VAL M 41 18.36 8.88 27.37
CA VAL M 41 18.04 9.17 28.76
C VAL M 41 19.21 8.82 29.66
N ASN M 42 19.21 9.38 30.86
CA ASN M 42 20.23 9.04 31.83
C ASN M 42 20.12 7.60 32.28
N PRO M 43 21.24 7.03 32.75
CA PRO M 43 21.30 5.64 33.19
C PRO M 43 20.15 5.22 34.09
N THR M 44 19.72 6.10 34.98
CA THR M 44 18.68 5.76 35.95
C THR M 44 17.35 5.41 35.27
N TRP M 45 17.19 5.83 34.02
CA TRP M 45 15.92 5.61 33.29
C TRP M 45 16.01 4.49 32.24
N VAL M 46 17.21 3.92 32.08
CA VAL M 46 17.43 2.89 31.07
C VAL M 46 16.40 1.76 31.15
N ALA M 47 16.26 1.17 32.34
CA ALA M 47 15.30 0.08 32.54
C ALA M 47 13.89 0.40 32.05
N LEU M 48 13.35 1.52 32.54
CA LEU M 48 11.99 1.93 32.19
C LEU M 48 11.87 2.12 30.68
N ALA M 49 12.89 2.75 30.09
CA ALA M 49 12.89 3.06 28.66
C ALA M 49 12.88 1.76 27.86
N ALA M 50 13.71 0.83 28.32
CA ALA M 50 13.84 -0.47 27.71
C ALA M 50 12.48 -1.16 27.70
N GLU M 51 11.79 -1.21 28.84
CA GLU M 51 10.55 -1.96 28.88
C GLU M 51 9.36 -1.30 28.15
N SER M 52 9.34 0.03 28.04
CA SER M 52 8.26 0.67 27.27
C SER M 52 8.59 0.69 25.75
N LEU M 53 9.85 0.46 25.35
CA LEU M 53 10.20 0.57 23.93
C LEU M 53 10.45 -0.78 23.23
N LYS M 54 10.36 -1.87 24.00
CA LYS M 54 10.65 -3.22 23.48
C LYS M 54 9.78 -3.73 22.33
N ASP M 55 8.79 -2.96 21.90
CA ASP M 55 7.96 -3.41 20.78
C ASP M 55 8.03 -2.46 19.59
N SER M 56 9.16 -1.78 19.46
CA SER M 56 9.38 -0.92 18.31
C SER M 56 10.84 -0.92 17.89
N ASP M 57 11.10 -0.30 16.75
CA ASP M 57 12.44 -0.19 16.16
C ASP M 57 13.19 1.02 16.73
N VAL M 58 12.64 1.56 17.82
CA VAL M 58 13.21 2.70 18.54
C VAL M 58 14.06 2.23 19.71
N LYS M 59 15.37 2.37 19.56
CA LYS M 59 16.32 1.91 20.55
C LYS M 59 16.44 2.85 21.75
N VAL M 60 17.09 2.38 22.80
CA VAL M 60 17.30 3.20 23.98
C VAL M 60 18.78 3.60 24.06
N CYS M 61 19.03 4.89 24.20
CA CYS M 61 20.40 5.41 24.27
C CYS M 61 20.69 6.01 25.64
N THR M 62 21.89 5.77 26.14
CA THR M 62 22.26 6.32 27.42
C THR M 62 23.66 6.94 27.37
N VAL M 63 24.05 7.61 28.45
CA VAL M 63 25.29 8.37 28.50
C VAL M 63 26.21 7.86 29.60
N ILE M 64 27.51 7.86 29.30
CA ILE M 64 28.54 7.33 30.20
C ILE M 64 29.58 8.39 30.53
N GLY M 65 29.87 8.57 31.81
CA GLY M 65 30.76 9.64 32.25
C GLY M 65 30.21 11.01 31.87
N PHE M 66 28.92 11.22 32.08
CA PHE M 66 28.22 12.37 31.53
C PHE M 66 27.99 13.44 32.60
N PRO M 67 28.20 14.72 32.26
CA PRO M 67 28.69 15.28 31.01
C PRO M 67 30.15 15.76 31.03
N LEU M 68 30.92 15.41 32.06
CA LEU M 68 32.30 15.93 32.21
C LEU M 68 33.41 14.99 31.73
N GLY M 69 33.10 13.70 31.61
CA GLY M 69 34.09 12.75 31.13
C GLY M 69 35.32 12.68 32.01
N ALA M 70 35.18 13.02 33.29
CA ALA M 70 36.32 13.10 34.22
C ALA M 70 36.39 11.93 35.20
N ASN M 71 35.80 10.81 34.79
CA ASN M 71 35.87 9.56 35.55
C ASN M 71 37.07 8.70 35.15
N THR M 72 37.43 7.74 35.99
CA THR M 72 38.48 6.78 35.63
C THR M 72 37.93 5.82 34.57
N PRO M 73 38.83 5.23 33.76
CA PRO M 73 38.40 4.29 32.72
C PRO M 73 37.61 3.09 33.26
N ALA M 74 38.02 2.60 34.43
CA ALA M 74 37.36 1.46 35.06
C ALA M 74 35.88 1.79 35.32
N VAL M 75 35.64 3.00 35.81
CA VAL M 75 34.29 3.45 36.14
C VAL M 75 33.43 3.59 34.87
N LYS M 76 34.01 4.11 33.79
CA LYS M 76 33.28 4.24 32.55
C LYS M 76 32.90 2.84 32.01
N ALA M 77 33.85 1.92 32.10
CA ALA M 77 33.64 0.55 31.64
C ALA M 77 32.54 -0.16 32.44
N PHE M 78 32.60 -0.04 33.77
CA PHE M 78 31.63 -0.68 34.64
C PHE M 78 30.26 -0.06 34.41
N GLU M 79 30.24 1.25 34.20
CA GLU M 79 28.99 1.96 33.97
C GLU M 79 28.34 1.55 32.66
N THR M 80 29.18 1.23 31.67
CA THR M 80 28.69 0.75 30.37
C THR M 80 28.14 -0.67 30.45
N LYS M 81 28.82 -1.50 31.23
CA LYS M 81 28.43 -2.89 31.35
C LYS M 81 27.13 -2.96 32.14
N ASP M 82 27.01 -2.06 33.12
CA ASP M 82 25.80 -1.97 33.92
C ASP M 82 24.65 -1.37 33.13
N ALA M 83 24.96 -0.41 32.28
CA ALA M 83 23.92 0.21 31.46
C ALA M 83 23.37 -0.78 30.44
N ILE M 84 24.25 -1.62 29.90
CA ILE M 84 23.81 -2.62 28.93
C ILE M 84 23.02 -3.74 29.60
N SER M 85 23.43 -4.12 30.82
CA SER M 85 22.70 -5.13 31.56
C SER M 85 21.31 -4.62 31.94
N ASN M 86 21.10 -3.31 31.79
CA ASN M 86 19.80 -2.73 32.10
C ASN M 86 18.88 -2.57 30.90
N GLY M 87 19.36 -2.89 29.70
CA GLY M 87 18.56 -2.58 28.52
C GLY M 87 19.09 -1.64 27.45
N ALA M 88 20.23 -1.02 27.69
CA ALA M 88 20.75 -0.05 26.75
C ALA M 88 21.16 -0.69 25.43
N ASP M 89 20.89 0.00 24.32
CA ASP M 89 21.26 -0.53 23.01
C ASP M 89 22.38 0.31 22.43
N GLU M 90 22.65 1.45 23.05
CA GLU M 90 23.75 2.34 22.63
C GLU M 90 24.36 3.16 23.76
N ILE M 91 25.65 3.43 23.61
CA ILE M 91 26.41 4.09 24.65
C ILE M 91 27.06 5.35 24.08
N ASP M 92 26.69 6.53 24.57
CA ASP M 92 27.40 7.76 24.21
C ASP M 92 28.25 8.21 25.38
N MET M 93 29.55 7.98 25.28
CA MET M 93 30.47 8.34 26.35
C MET M 93 31.06 9.71 26.13
N VAL M 94 31.45 10.37 27.20
CA VAL M 94 32.16 11.62 27.07
C VAL M 94 33.67 11.39 27.11
N ILE M 95 34.37 11.99 26.16
CA ILE M 95 35.83 11.96 26.11
C ILE M 95 36.41 12.52 27.42
N ASN M 96 37.60 12.08 27.79
CA ASN M 96 38.28 12.69 28.92
C ASN M 96 38.84 14.02 28.44
N ILE M 97 38.02 15.06 28.50
CA ILE M 97 38.38 16.39 27.99
C ILE M 97 39.67 16.91 28.61
N GLY M 98 39.77 16.73 29.92
CA GLY M 98 40.93 17.19 30.68
C GLY M 98 42.22 16.53 30.24
N ALA M 99 42.15 15.22 29.99
CA ALA M 99 43.33 14.50 29.55
C ALA M 99 43.75 14.95 28.17
N LEU M 100 42.78 15.12 27.27
CA LEU M 100 43.07 15.52 25.89
C LEU M 100 43.68 16.92 25.87
N LYS M 101 43.24 17.76 26.78
CA LYS M 101 43.76 19.12 26.83
C LYS M 101 45.12 19.11 27.49
N THR M 102 45.38 18.12 28.36
CA THR M 102 46.70 17.99 28.95
C THR M 102 47.75 17.62 27.88
N GLY M 103 47.39 16.67 27.04
CA GLY M 103 48.29 16.11 26.05
C GLY M 103 48.48 14.62 26.29
N ASN M 104 47.59 14.06 27.09
CA ASN M 104 47.71 12.69 27.56
C ASN M 104 46.94 11.72 26.67
N TYR M 105 47.22 11.77 25.38
CA TYR M 105 46.57 10.91 24.39
C TYR M 105 46.49 9.44 24.81
N ASP M 106 47.50 9.01 25.55
CA ASP M 106 47.61 7.65 26.04
C ASP M 106 46.38 7.29 26.87
N LEU M 107 46.07 8.15 27.84
CA LEU M 107 44.97 7.96 28.76
C LEU M 107 43.61 8.15 28.08
N VAL M 108 43.53 9.10 27.17
CA VAL M 108 42.31 9.30 26.39
C VAL M 108 41.94 8.03 25.62
N LEU M 109 42.96 7.46 24.98
CA LEU M 109 42.77 6.28 24.15
C LEU M 109 42.43 5.07 25.03
N GLU M 110 43.16 4.93 26.14
CA GLU M 110 42.90 3.88 27.12
C GLU M 110 41.46 3.96 27.64
N ASP M 111 41.05 5.19 27.88
CA ASP M 111 39.72 5.54 28.37
C ASP M 111 38.66 5.04 27.40
N ILE M 112 38.74 5.46 26.14
CA ILE M 112 37.74 5.03 25.18
C ILE M 112 37.75 3.51 24.96
N LYS M 113 38.96 2.93 24.92
CA LYS M 113 39.10 1.50 24.69
C LYS M 113 38.48 0.66 25.79
N ALA M 114 38.56 1.13 27.04
CA ALA M 114 37.92 0.41 28.14
C ALA M 114 36.40 0.30 27.90
N VAL M 115 35.81 1.39 27.39
CA VAL M 115 34.39 1.42 27.14
C VAL M 115 33.98 0.58 25.92
N VAL M 116 34.75 0.65 24.84
CA VAL M 116 34.40 -0.16 23.65
C VAL M 116 34.58 -1.64 23.97
N ALA M 117 35.55 -1.95 24.83
CA ALA M 117 35.81 -3.32 25.26
C ALA M 117 34.61 -3.86 26.03
N ALA M 118 33.88 -2.97 26.71
CA ALA M 118 32.67 -3.38 27.43
C ALA M 118 31.40 -3.17 26.61
N SER M 119 31.53 -2.58 25.41
CA SER M 119 30.40 -2.31 24.53
C SER M 119 29.59 -3.57 24.24
N GLY M 120 30.29 -4.66 23.97
CA GLY M 120 29.68 -5.88 23.49
C GLY M 120 29.38 -5.76 22.02
N ASP M 121 28.13 -6.03 21.63
CA ASP M 121 27.74 -5.85 20.24
C ASP M 121 27.02 -4.54 20.03
N LYS M 122 27.26 -3.58 20.92
CA LYS M 122 26.38 -2.41 21.01
C LYS M 122 27.14 -1.17 20.51
N LEU M 123 26.39 -0.22 19.93
CA LEU M 123 26.95 0.96 19.25
C LEU M 123 27.54 1.99 20.23
N VAL M 124 28.75 2.47 19.97
CA VAL M 124 29.39 3.46 20.84
C VAL M 124 29.65 4.81 20.16
N LYS M 125 29.11 5.87 20.75
CA LYS M 125 29.41 7.22 20.31
C LYS M 125 30.37 7.87 21.32
N VAL M 126 31.31 8.66 20.82
CA VAL M 126 32.23 9.39 21.68
C VAL M 126 31.98 10.90 21.59
N ILE M 127 31.63 11.50 22.73
CA ILE M 127 31.41 12.95 22.79
C ILE M 127 32.72 13.67 22.99
N ILE M 128 33.03 14.56 22.06
CA ILE M 128 34.30 15.28 22.06
C ILE M 128 34.18 16.60 22.81
N GLU M 129 33.02 17.24 22.70
CA GLU M 129 32.72 18.50 23.40
C GLU M 129 33.51 19.59 22.68
N ALA M 130 33.27 19.69 21.37
CA ALA M 130 33.96 20.63 20.49
C ALA M 130 34.12 22.06 21.02
N CYS M 131 33.28 22.50 21.93
CA CYS M 131 33.32 23.89 22.34
C CYS M 131 34.46 24.15 23.33
N LEU M 132 34.99 23.09 23.93
CA LEU M 132 36.11 23.26 24.84
C LEU M 132 37.44 23.01 24.12
N LEU M 133 37.38 22.76 22.83
CA LEU M 133 38.56 22.41 22.04
C LEU M 133 38.93 23.39 20.94
N THR M 134 40.22 23.40 20.58
CA THR M 134 40.65 23.97 19.31
C THR M 134 40.26 23.02 18.17
N ASP M 135 40.33 23.50 16.93
CA ASP M 135 40.04 22.64 15.78
C ASP M 135 41.00 21.43 15.73
N ASP M 136 42.27 21.68 16.00
CA ASP M 136 43.27 20.61 16.04
C ASP M 136 42.93 19.56 17.10
N GLU M 137 42.42 20.00 18.25
CA GLU M 137 42.04 19.07 19.30
C GLU M 137 40.76 18.34 18.94
N LYS M 138 39.90 18.97 18.12
CA LYS M 138 38.74 18.27 17.61
C LYS M 138 39.16 17.12 16.71
N VAL M 139 40.00 17.42 15.73
CA VAL M 139 40.45 16.36 14.83
C VAL M 139 41.14 15.28 15.68
N LYS M 140 41.98 15.67 16.64
CA LYS M 140 42.67 14.66 17.44
C LYS M 140 41.73 13.81 18.27
N ALA M 141 40.66 14.43 18.78
CA ALA M 141 39.67 13.70 19.56
C ALA M 141 39.04 12.66 18.68
N CYS M 142 38.73 13.06 17.45
CA CYS M 142 38.12 12.16 16.47
C CYS M 142 39.04 11.01 16.04
N GLN M 143 40.31 11.32 15.74
CA GLN M 143 41.25 10.29 15.32
C GLN M 143 41.39 9.28 16.43
N LEU M 144 41.49 9.78 17.66
CA LEU M 144 41.64 8.88 18.79
C LEU M 144 40.37 8.06 19.00
N SER M 145 39.21 8.65 18.75
CA SER M 145 37.99 7.89 18.93
C SER M 145 37.78 6.83 17.86
N GLN M 146 38.35 7.03 16.68
CA GLN M 146 38.14 6.05 15.63
C GLN M 146 39.15 4.95 15.75
N GLU M 147 40.32 5.29 16.29
CA GLU M 147 41.35 4.28 16.50
C GLU M 147 41.00 3.35 17.65
N ALA M 148 40.49 3.90 18.74
CA ALA M 148 39.93 3.11 19.82
C ALA M 148 38.76 2.24 19.36
N GLY M 149 38.40 2.38 18.10
CA GLY M 149 37.34 1.58 17.51
C GLY M 149 35.95 1.86 18.04
N ALA M 150 35.51 3.11 17.94
CA ALA M 150 34.13 3.46 18.25
C ALA M 150 33.39 3.61 16.93
N ASP M 151 32.09 3.91 16.98
CA ASP M 151 31.22 3.79 15.81
C ASP M 151 30.70 5.18 15.40
N TYR M 152 30.74 6.11 16.34
CA TYR M 152 30.28 7.47 16.15
C TYR M 152 31.14 8.48 16.90
N VAL M 153 31.05 9.72 16.47
CA VAL M 153 31.55 10.84 17.25
C VAL M 153 30.37 11.79 17.42
N LYS M 154 30.24 12.33 18.63
CA LYS M 154 29.11 13.20 18.95
C LYS M 154 29.73 14.54 19.31
N THR M 155 29.07 15.63 18.92
CA THR M 155 29.68 16.93 19.03
C THR M 155 29.64 17.59 20.41
N SER M 156 28.68 17.20 21.25
CA SER M 156 28.39 17.98 22.44
C SER M 156 27.62 17.22 23.52
N THR M 157 27.82 17.64 24.77
CA THR M 157 27.02 17.11 25.86
C THR M 157 25.80 17.99 26.18
N GLY M 158 25.62 19.06 25.43
CA GLY M 158 24.66 20.09 25.80
C GLY M 158 24.71 20.64 27.22
N PHE M 159 25.81 20.42 27.93
CA PHE M 159 25.92 20.97 29.28
C PHE M 159 27.10 21.92 29.40
N SER M 160 27.66 22.31 28.25
CA SER M 160 28.75 23.26 28.23
C SER M 160 28.34 24.52 27.47
N THR M 161 29.32 25.32 27.06
CA THR M 161 29.03 26.65 26.54
C THR M 161 28.42 26.66 25.14
N GLY M 162 28.72 25.65 24.33
CA GLY M 162 28.22 25.60 22.96
C GLY M 162 27.81 24.21 22.52
N GLY M 163 26.99 24.15 21.48
CA GLY M 163 26.54 22.89 20.92
C GLY M 163 27.09 22.64 19.53
N ALA M 164 26.37 21.87 18.73
CA ALA M 164 26.82 21.54 17.38
C ALA M 164 26.83 22.75 16.46
N THR M 165 27.91 22.90 15.70
CA THR M 165 27.98 23.89 14.63
C THR M 165 28.21 23.18 13.30
N VAL M 166 27.77 23.78 12.21
CA VAL M 166 27.91 23.14 10.90
C VAL M 166 29.38 22.92 10.51
N ALA M 167 30.23 23.89 10.84
CA ALA M 167 31.66 23.75 10.57
C ALA M 167 32.26 22.59 11.34
N ASP M 168 31.86 22.43 12.60
CA ASP M 168 32.36 21.34 13.43
C ASP M 168 31.87 20.00 12.91
N VAL M 169 30.59 19.91 12.54
CA VAL M 169 30.07 18.67 11.99
C VAL M 169 30.86 18.30 10.74
N ALA M 170 31.07 19.28 9.87
CA ALA M 170 31.83 19.05 8.64
C ALA M 170 33.26 18.58 8.93
N LEU M 171 33.93 19.25 9.85
CA LEU M 171 35.31 18.93 10.23
C LEU M 171 35.41 17.52 10.79
N MET M 172 34.46 17.17 11.63
CA MET M 172 34.45 15.85 12.21
C MET M 172 34.29 14.82 11.11
N ARG M 173 33.37 15.09 10.17
CA ARG M 173 33.16 14.19 9.06
C ARG M 173 34.37 14.04 8.13
N LYS M 174 35.03 15.15 7.83
CA LYS M 174 36.24 15.14 7.02
C LYS M 174 37.36 14.34 7.68
N THR M 175 37.44 14.45 9.00
CA THR M 175 38.49 13.79 9.78
C THR M 175 38.24 12.30 9.82
N VAL M 176 37.00 11.92 10.02
CA VAL M 176 36.69 10.51 10.23
C VAL M 176 36.31 9.81 8.94
N GLY M 177 35.93 10.59 7.94
CA GLY M 177 35.54 10.00 6.68
C GLY M 177 34.31 9.18 6.89
N PRO M 178 33.70 8.69 5.73
CA PRO M 178 32.44 7.99 5.99
C PRO M 178 32.72 6.70 6.70
N ASP M 179 31.67 5.94 6.97
CA ASP M 179 31.78 4.66 7.62
C ASP M 179 31.83 4.75 9.14
N MET M 180 32.09 5.94 9.66
CA MET M 180 31.95 6.15 11.07
C MET M 180 30.91 7.20 11.15
N GLY M 181 30.09 7.16 12.18
CA GLY M 181 29.01 8.13 12.20
C GLY M 181 29.40 9.45 12.85
N VAL M 182 28.56 10.45 12.66
CA VAL M 182 28.81 11.75 13.26
C VAL M 182 27.47 12.28 13.73
N LYS M 183 27.35 12.53 15.03
CA LYS M 183 26.10 13.01 15.58
C LYS M 183 26.16 14.47 15.96
N ALA M 184 25.28 15.26 15.38
CA ALA M 184 25.16 16.67 15.74
C ALA M 184 24.18 16.76 16.91
N SER M 185 24.69 17.20 18.05
CA SER M 185 23.91 17.29 19.28
C SER M 185 23.85 18.69 19.83
N GLY M 186 22.64 19.18 20.05
CA GLY M 186 22.42 20.47 20.68
C GLY M 186 22.50 21.62 19.71
N GLY M 187 21.95 22.75 20.11
CA GLY M 187 21.97 23.93 19.26
C GLY M 187 20.82 23.95 18.28
N ALA M 188 20.28 22.78 17.95
CA ALA M 188 19.26 22.71 16.91
C ALA M 188 18.24 21.58 17.10
N ARG M 189 16.90 21.78 17.22
CA ARG M 189 16.03 22.94 17.60
C ARG M 189 15.07 23.39 16.48
N SER M 190 15.31 22.99 15.23
CA SER M 190 14.42 23.38 14.13
C SER M 190 14.61 22.46 12.92
N TYR M 191 13.63 22.45 12.01
CA TYR M 191 13.76 21.62 10.81
C TYR M 191 14.93 21.98 9.89
N GLU M 192 15.08 23.26 9.60
CA GLU M 192 16.11 23.67 8.67
C GLU M 192 17.48 23.64 9.35
N ASP M 193 17.47 23.72 10.68
CA ASP M 193 18.66 23.52 11.47
C ASP M 193 19.12 22.06 11.32
N ALA M 194 18.15 21.16 11.40
CA ALA M 194 18.42 19.74 11.28
C ALA M 194 18.99 19.39 9.91
N ILE M 195 18.34 19.86 8.86
CA ILE M 195 18.84 19.56 7.51
C ILE M 195 20.20 20.22 7.31
N ALA M 196 20.42 21.37 7.96
CA ALA M 196 21.72 22.02 7.92
C ALA M 196 22.82 21.11 8.49
N PHE M 197 22.51 20.43 9.59
CA PHE M 197 23.47 19.47 10.15
C PHE M 197 23.64 18.24 9.28
N ILE M 198 22.56 17.84 8.61
CA ILE M 198 22.57 16.64 7.79
C ILE M 198 23.45 16.85 6.57
N GLU M 199 23.35 18.04 6.01
CA GLU M 199 24.14 18.46 4.86
C GLU M 199 25.60 18.70 5.19
N ALA M 200 25.86 18.93 6.46
CA ALA M 200 27.19 19.19 6.95
C ALA M 200 27.92 17.90 7.11
N GLY M 201 27.18 16.81 7.22
CA GLY M 201 27.75 15.49 7.26
C GLY M 201 27.30 14.67 8.42
N ALA M 202 26.18 15.04 9.00
CA ALA M 202 25.73 14.40 10.21
C ALA M 202 24.89 13.20 9.94
N SER M 203 25.30 12.04 10.44
CA SER M 203 24.48 10.84 10.43
C SER M 203 23.38 10.81 11.46
N ARG M 204 23.57 11.48 12.59
CA ARG M 204 22.52 11.58 13.62
C ARG M 204 22.40 12.98 14.21
N ILE M 205 21.24 13.22 14.81
CA ILE M 205 20.95 14.49 15.47
C ILE M 205 20.44 14.17 16.86
N GLY M 206 21.03 14.77 17.89
CA GLY M 206 20.50 14.64 19.23
C GLY M 206 19.68 15.88 19.48
N ALA M 207 18.48 15.74 20.04
CA ALA M 207 17.76 16.97 20.37
C ALA M 207 16.63 16.87 21.38
N SER M 208 16.36 18.04 21.95
CA SER M 208 15.16 18.30 22.71
C SER M 208 14.06 18.57 21.71
N SER M 209 14.50 18.99 20.54
CA SER M 209 13.60 19.42 19.50
C SER M 209 12.74 18.27 19.07
N GLY M 210 11.59 18.62 18.55
CA GLY M 210 10.50 17.68 18.56
C GLY M 210 10.52 16.57 17.54
N VAL M 211 9.36 16.22 16.95
CA VAL M 211 8.09 16.98 16.95
C VAL M 211 8.42 18.31 16.26
N ALA M 212 9.40 18.21 15.38
CA ALA M 212 9.92 19.29 14.58
C ALA M 212 10.11 18.56 13.28
N ILE M 213 9.48 17.40 13.22
CA ILE M 213 9.24 16.67 12.00
C ILE M 213 7.88 17.20 11.46
N MET M 214 7.49 18.41 11.86
CA MET M 214 6.27 18.95 11.30
C MET M 214 6.61 19.94 10.19
N ASN M 215 7.71 19.64 9.49
CA ASN M 215 8.00 20.10 8.13
C ASN M 215 8.30 18.90 7.22
#